data_7XY4
#
_entry.id   7XY4
#
_cell.length_a   1.00
_cell.length_b   1.00
_cell.length_c   1.00
_cell.angle_alpha   90.00
_cell.angle_beta   90.00
_cell.angle_gamma   90.00
#
_symmetry.space_group_name_H-M   'P 1'
#
loop_
_entity.id
_entity.type
_entity.pdbx_description
1 polymer 'Spike glycoprotein'
2 polymer VHH21
3 non-polymer 2-acetamido-2-deoxy-beta-D-glucopyranose
#
loop_
_entity_poly.entity_id
_entity_poly.type
_entity_poly.pdbx_seq_one_letter_code
_entity_poly.pdbx_strand_id
1 'polypeptide(L)'
;QCVNLTTRTQLPPAYTNSFTRGVYYPDKVFRSSVLHSTQDLFLPFFSNVTWFHAIHVSGTNGTKRFDNPVLPFNDGVYFA
STEKSNIIRGWIFGTTLDSKTQSLLIVNNATNVVIKVCEFQFCNDPFLGVYYHKNNKSWMESEFRVYSSANNCTFEYVSQ
PFLMDLEGKQGNFKNLREFVFKNIDGYFKIYSKHTPINLVRDLPQGFSALEPLVDLPIGINITRFQTLLALHRSYLTPGD
SSSGWTAGAAAYYVGYLQPRTFLLKYNENGTITDAVDCALDPLSETKCTLKSFTVEKGIYQTSNFRVQPTESIVRFPNIT
NLCPFGEVFNATRFASVYAWNRKRISNCVADYSVLYNSASFSTFKCYGVSPTKLNDLCFTNVYADSFVIRGDEVRQIAPG
QTGKIADYNYKLPDDFTGCVIAWNSNNLDSKVGGNYNYLYRLFRKSNLKPFERDISTEIYQAGSTPCNGVEGFNCYFPLQ
SYGFQPTNGVGYQPYRVVVLSFELLHAPATVCGPKKSTNLVKNKCVNFNFNGLTGTGVLTESNKKFLPFQQFGRDIADTT
DAVRDPQTLEILDITPCSFGGVSVITPGTNTSNQVAVLYQDVNCTEVPVAIHADQLTPTWRVYSTGSNVFQTRAGCLIGA
EHVNNSYECDIPIGAGICASYQTQTNSPRRARSVASQSIIAYTMSLGAENSVAYSNNSIAIPTNFTISVTTEILPVSMTK
TSVDCTMYICGDSTECSNLLLQYGSFCTQLNRALTGIAVEQDKNTQEVFAQVKQIYKTPPIKDFGGFNFSQILPDPSKPS
KRSFIEDLLFNKVTLADAGFIKQYGDCLGDIAARDLICAQKFNGLTVLPPLLTDEMIAQYTSALLAGTITSGWTFGAGAA
LQIPFAMQMAYRFNGIGVTQNVLYENQKLIANQFNSAIGKIQDSLSSTASALGKLQDVVNQNAQALNTLVKQLSSNFGAI
SSVLNDILSRLDKVEAEVQIDRLITGRLQSLQTYVTQQLIRAAEIRASANLAATKMSECVLGQSKRVDFCGKGYHLMSFP
QSAPHGVVFLHVTYVPAQEKNFTTAPAICHDGKAHFPREGVFVSNGTHWFVTQRNFYEPQIITTDNTFVSGNCDVVIGIV
NNTVYDPLQPEL
;
A,B,C
2 'polypeptide(L)'
;QLQLVESGGGLVQPGGSLRLSCAASGFTFDSHDMAWVRQPHGKGLEYIATITSVGSNTYYSDSVKGRFTISRDNAKNTLY
LQMNSLKPEDTAMYYCAADLSTADWRANWAKGQGTQVTVSSGTNEVCKGQAGQHHHHHHGAYPYDVPDYAS
;
D,E
#
# COMPACT_ATOMS: atom_id res chain seq x y z
N GLN A 1 2.89 -47.27 -46.48
CA GLN A 1 3.11 -47.29 -47.92
C GLN A 1 2.03 -46.53 -48.69
N CYS A 2 1.95 -46.79 -49.99
CA CYS A 2 0.95 -46.23 -50.87
C CYS A 2 -0.28 -47.12 -50.97
N VAL A 3 -0.52 -47.97 -49.98
CA VAL A 3 -1.57 -48.99 -50.06
C VAL A 3 -2.92 -48.33 -49.86
N ASN A 4 -3.80 -48.46 -50.86
CA ASN A 4 -5.14 -47.91 -50.77
C ASN A 4 -6.03 -48.82 -49.92
N LEU A 5 -6.91 -48.21 -49.14
CA LEU A 5 -7.79 -48.94 -48.25
C LEU A 5 -8.96 -49.54 -49.04
N THR A 6 -9.05 -50.87 -49.04
CA THR A 6 -10.12 -51.54 -49.78
C THR A 6 -11.45 -51.41 -49.05
N THR A 7 -11.43 -51.42 -47.72
CA THR A 7 -12.63 -51.29 -46.90
C THR A 7 -12.88 -49.85 -46.48
N ARG A 8 -12.59 -48.91 -47.37
CA ARG A 8 -12.70 -47.48 -47.10
C ARG A 8 -14.11 -47.01 -47.37
N THR A 9 -14.91 -46.92 -46.31
CA THR A 9 -16.20 -46.24 -46.35
C THR A 9 -16.17 -45.12 -45.32
N GLN A 10 -16.56 -43.92 -45.73
CA GLN A 10 -16.59 -42.79 -44.81
C GLN A 10 -17.73 -42.95 -43.81
N LEU A 11 -17.43 -43.54 -42.66
CA LEU A 11 -18.41 -43.57 -41.58
C LEU A 11 -18.51 -42.18 -40.95
N PRO A 12 -19.71 -41.74 -40.59
CA PRO A 12 -19.89 -40.34 -40.20
C PRO A 12 -19.31 -40.08 -38.82
N PRO A 13 -18.81 -38.86 -38.58
CA PRO A 13 -18.23 -38.53 -37.25
C PRO A 13 -19.30 -38.34 -36.18
N ALA A 14 -19.71 -39.47 -35.60
CA ALA A 14 -20.74 -39.47 -34.56
C ALA A 14 -20.20 -38.83 -33.29
N TYR A 15 -20.76 -37.70 -32.91
CA TYR A 15 -20.30 -36.94 -31.74
C TYR A 15 -20.92 -37.51 -30.48
N THR A 16 -20.18 -38.34 -29.78
CA THR A 16 -20.61 -38.79 -28.46
C THR A 16 -20.09 -37.79 -27.42
N ASN A 17 -20.21 -38.14 -26.13
CA ASN A 17 -19.91 -37.19 -25.07
C ASN A 17 -19.07 -37.85 -23.99
N SER A 18 -17.93 -37.24 -23.68
CA SER A 18 -17.14 -37.64 -22.52
C SER A 18 -17.78 -37.02 -21.29
N PHE A 19 -18.18 -37.87 -20.33
CA PHE A 19 -19.03 -37.39 -19.25
C PHE A 19 -18.20 -36.60 -18.23
N THR A 20 -17.34 -37.31 -17.50
CA THR A 20 -16.48 -36.70 -16.50
C THR A 20 -15.02 -37.09 -16.70
N ARG A 21 -14.69 -37.64 -17.87
CA ARG A 21 -13.34 -38.07 -18.17
C ARG A 21 -12.45 -36.87 -18.44
N GLY A 22 -11.17 -37.14 -18.66
CA GLY A 22 -10.24 -36.12 -19.11
C GLY A 22 -9.53 -35.37 -18.02
N VAL A 23 -9.56 -35.87 -16.79
CA VAL A 23 -8.94 -35.19 -15.66
C VAL A 23 -7.61 -35.86 -15.37
N TYR A 24 -6.54 -35.07 -15.48
CA TYR A 24 -5.18 -35.53 -15.26
C TYR A 24 -4.57 -34.75 -14.11
N TYR A 25 -3.50 -35.28 -13.57
CA TYR A 25 -2.76 -34.59 -12.52
C TYR A 25 -2.00 -33.43 -13.12
N PRO A 26 -2.24 -32.19 -12.69
CA PRO A 26 -1.56 -31.05 -13.32
C PRO A 26 -0.10 -30.96 -12.96
N ASP A 27 0.31 -31.53 -11.84
CA ASP A 27 1.69 -31.49 -11.40
C ASP A 27 1.95 -32.71 -10.53
N LYS A 28 3.20 -32.87 -10.12
CA LYS A 28 3.64 -34.06 -9.41
C LYS A 28 3.66 -33.84 -7.90
N VAL A 29 2.69 -33.09 -7.39
CA VAL A 29 2.73 -32.56 -6.03
C VAL A 29 1.64 -33.23 -5.21
N PHE A 30 2.02 -33.77 -4.05
CA PHE A 30 1.08 -34.45 -3.16
C PHE A 30 0.32 -33.44 -2.32
N ARG A 31 -0.97 -33.71 -2.12
CA ARG A 31 -1.75 -32.99 -1.12
C ARG A 31 -2.71 -34.00 -0.48
N SER A 32 -3.56 -33.51 0.43
CA SER A 32 -4.45 -34.39 1.17
C SER A 32 -5.60 -33.58 1.72
N SER A 33 -6.84 -33.95 1.33
CA SER A 33 -8.08 -33.38 1.85
C SER A 33 -8.17 -31.87 1.60
N VAL A 34 -7.71 -31.44 0.44
CA VAL A 34 -7.78 -30.04 0.04
C VAL A 34 -8.56 -29.97 -1.26
N LEU A 35 -8.84 -28.76 -1.70
CA LEU A 35 -9.47 -28.51 -3.00
C LEU A 35 -8.67 -27.44 -3.70
N HIS A 36 -7.90 -27.82 -4.71
CA HIS A 36 -6.97 -26.94 -5.38
C HIS A 36 -7.57 -26.43 -6.69
N SER A 37 -7.58 -25.11 -6.86
CA SER A 37 -8.18 -24.48 -8.03
C SER A 37 -7.08 -24.24 -9.04
N THR A 38 -6.78 -25.27 -9.82
CA THR A 38 -5.75 -25.20 -10.84
C THR A 38 -6.33 -24.76 -12.17
N GLN A 39 -5.44 -24.34 -13.08
CA GLN A 39 -5.80 -23.90 -14.41
C GLN A 39 -4.86 -24.55 -15.40
N ASP A 40 -5.42 -25.30 -16.35
CA ASP A 40 -4.62 -26.03 -17.32
C ASP A 40 -5.52 -26.37 -18.50
N LEU A 41 -4.91 -26.84 -19.58
CA LEU A 41 -5.64 -27.29 -20.76
C LEU A 41 -6.34 -28.59 -20.43
N PHE A 42 -7.62 -28.49 -20.07
CA PHE A 42 -8.40 -29.61 -19.57
C PHE A 42 -9.42 -30.02 -20.62
N LEU A 43 -9.96 -31.22 -20.44
CA LEU A 43 -11.09 -31.64 -21.25
C LEU A 43 -12.37 -31.12 -20.63
N PRO A 44 -13.12 -30.25 -21.31
CA PRO A 44 -14.34 -29.71 -20.71
C PRO A 44 -15.39 -30.79 -20.55
N PHE A 45 -16.07 -30.76 -19.40
CA PHE A 45 -17.06 -31.79 -19.10
C PHE A 45 -18.25 -31.69 -20.05
N PHE A 46 -18.81 -32.85 -20.38
CA PHE A 46 -20.03 -32.99 -21.18
C PHE A 46 -19.86 -32.37 -22.56
N SER A 47 -18.70 -32.59 -23.15
CA SER A 47 -18.35 -32.05 -24.46
C SER A 47 -18.28 -33.16 -25.49
N ASN A 48 -18.28 -32.76 -26.76
CA ASN A 48 -18.27 -33.71 -27.86
C ASN A 48 -16.91 -34.33 -28.06
N VAL A 49 -16.88 -35.66 -28.13
CA VAL A 49 -15.74 -36.40 -28.64
C VAL A 49 -16.19 -37.19 -29.85
N THR A 50 -15.28 -37.43 -30.78
CA THR A 50 -15.64 -38.08 -32.04
C THR A 50 -15.49 -39.59 -31.88
N TRP A 51 -16.57 -40.31 -32.19
CA TRP A 51 -16.59 -41.76 -32.03
C TRP A 51 -16.05 -42.41 -33.29
N PHE A 52 -15.04 -43.25 -33.12
CA PHE A 52 -14.28 -43.86 -34.20
C PHE A 52 -14.16 -45.35 -33.99
N HIS A 53 -14.54 -46.12 -35.01
CA HIS A 53 -14.40 -47.58 -34.98
C HIS A 53 -14.23 -48.05 -36.42
N ALA A 54 -14.31 -49.36 -36.63
CA ALA A 54 -14.19 -49.95 -37.96
C ALA A 54 -15.01 -51.23 -38.00
N ILE A 55 -14.99 -51.91 -39.15
CA ILE A 55 -15.70 -53.17 -39.35
C ILE A 55 -14.96 -53.94 -40.43
N HIS A 56 -15.27 -55.23 -40.57
CA HIS A 56 -14.74 -56.10 -41.63
C HIS A 56 -14.93 -55.53 -43.03
N LYS A 64 -17.40 -53.10 -44.53
CA LYS A 64 -16.29 -52.48 -45.23
C LYS A 64 -16.12 -51.01 -44.86
N ARG A 65 -16.02 -50.73 -43.56
CA ARG A 65 -15.91 -49.37 -43.03
C ARG A 65 -14.60 -49.24 -42.27
N PHE A 66 -13.75 -48.31 -42.71
CA PHE A 66 -12.42 -48.13 -42.10
C PHE A 66 -11.92 -46.75 -42.46
N ASP A 67 -11.73 -45.90 -41.45
CA ASP A 67 -11.32 -44.52 -41.65
C ASP A 67 -10.18 -44.16 -40.69
N ASN A 68 -9.22 -43.40 -41.20
CA ASN A 68 -8.10 -42.91 -40.38
C ASN A 68 -7.63 -41.59 -40.95
N PRO A 69 -8.28 -40.49 -40.59
CA PRO A 69 -7.94 -39.19 -41.15
C PRO A 69 -6.71 -38.58 -40.45
N VAL A 70 -6.35 -37.38 -40.92
CA VAL A 70 -5.32 -36.58 -40.30
C VAL A 70 -6.04 -35.64 -39.33
N LEU A 71 -6.02 -35.98 -38.05
CA LEU A 71 -6.81 -35.20 -37.11
C LEU A 71 -6.02 -33.99 -36.63
N PRO A 72 -6.64 -32.82 -36.54
CA PRO A 72 -5.90 -31.62 -36.13
C PRO A 72 -5.63 -31.57 -34.64
N PHE A 73 -4.63 -30.78 -34.28
CA PHE A 73 -3.98 -30.79 -32.97
C PHE A 73 -4.00 -29.36 -32.43
N ASN A 74 -5.21 -28.81 -32.30
CA ASN A 74 -5.43 -27.41 -31.95
C ASN A 74 -4.64 -26.95 -30.73
N ASP A 75 -4.87 -27.59 -29.60
CA ASP A 75 -4.13 -27.23 -28.40
C ASP A 75 -3.47 -28.43 -27.74
N GLY A 76 -4.13 -29.58 -27.74
CA GLY A 76 -3.70 -30.78 -27.06
C GLY A 76 -4.88 -31.72 -27.12
N VAL A 77 -4.67 -33.03 -27.11
CA VAL A 77 -5.76 -33.95 -27.39
C VAL A 77 -5.93 -34.96 -26.27
N TYR A 78 -7.12 -35.56 -26.27
CA TYR A 78 -7.47 -36.69 -25.42
C TYR A 78 -7.64 -37.91 -26.30
N PHE A 79 -7.38 -39.09 -25.73
CA PHE A 79 -7.47 -40.32 -26.49
C PHE A 79 -7.83 -41.46 -25.56
N ALA A 80 -8.88 -42.19 -25.91
CA ALA A 80 -9.26 -43.41 -25.21
C ALA A 80 -9.24 -44.57 -26.18
N SER A 81 -9.47 -45.78 -25.65
CA SER A 81 -9.49 -46.96 -26.49
C SER A 81 -10.26 -48.07 -25.78
N THR A 82 -11.07 -48.81 -26.54
CA THR A 82 -11.74 -49.99 -26.04
C THR A 82 -10.95 -51.21 -26.51
N GLU A 83 -9.83 -51.46 -25.83
CA GLU A 83 -8.94 -52.53 -26.24
C GLU A 83 -9.52 -53.89 -25.89
N LYS A 84 -9.49 -54.79 -26.85
CA LYS A 84 -9.78 -56.22 -26.71
C LYS A 84 -8.65 -57.06 -27.27
N SER A 85 -8.00 -56.60 -28.35
CA SER A 85 -6.93 -57.33 -29.01
C SER A 85 -5.82 -56.40 -29.44
N ASN A 86 -5.67 -55.26 -28.74
CA ASN A 86 -4.66 -54.23 -28.99
C ASN A 86 -4.77 -53.68 -30.43
N ILE A 87 -5.90 -53.02 -30.67
CA ILE A 87 -6.18 -52.42 -31.98
C ILE A 87 -5.51 -51.07 -32.14
N ILE A 88 -4.99 -50.49 -31.06
CA ILE A 88 -4.29 -49.22 -31.11
C ILE A 88 -2.82 -49.47 -30.77
N ARG A 89 -1.94 -49.03 -31.67
CA ARG A 89 -0.51 -49.29 -31.54
C ARG A 89 0.32 -48.04 -31.40
N GLY A 90 0.16 -47.07 -32.30
CA GLY A 90 1.08 -45.96 -32.35
C GLY A 90 0.47 -44.68 -32.85
N TRP A 91 1.29 -43.62 -32.82
CA TRP A 91 0.87 -42.28 -33.20
C TRP A 91 2.01 -41.61 -33.95
N ILE A 92 1.64 -40.73 -34.88
CA ILE A 92 2.60 -39.99 -35.70
C ILE A 92 2.33 -38.51 -35.49
N PHE A 93 3.27 -37.82 -34.87
CA PHE A 93 3.07 -36.43 -34.45
C PHE A 93 3.87 -35.53 -35.39
N GLY A 94 3.20 -34.95 -36.39
CA GLY A 94 3.89 -34.14 -37.39
C GLY A 94 3.43 -32.70 -37.43
N THR A 95 4.27 -31.82 -38.00
CA THR A 95 3.96 -30.40 -38.08
C THR A 95 3.34 -30.02 -39.43
N THR A 96 4.09 -30.22 -40.51
CA THR A 96 3.62 -29.96 -41.86
C THR A 96 3.55 -31.21 -42.72
N LEU A 97 3.88 -32.37 -42.14
CA LEU A 97 3.67 -33.70 -42.72
C LEU A 97 4.46 -33.88 -44.03
N ASP A 98 5.78 -33.78 -43.92
CA ASP A 98 6.65 -33.91 -45.07
C ASP A 98 7.98 -34.49 -44.60
N SER A 99 8.80 -34.92 -45.55
CA SER A 99 10.15 -35.38 -45.22
C SER A 99 11.07 -34.24 -44.82
N LYS A 100 10.73 -33.00 -45.18
CA LYS A 100 11.58 -31.86 -44.88
C LYS A 100 11.57 -31.53 -43.40
N THR A 101 10.48 -31.81 -42.70
CA THR A 101 10.34 -31.50 -41.29
C THR A 101 10.59 -32.73 -40.43
N GLN A 102 10.60 -32.51 -39.12
CA GLN A 102 10.80 -33.57 -38.14
C GLN A 102 9.46 -33.96 -37.54
N SER A 103 9.04 -35.20 -37.75
CA SER A 103 7.82 -35.72 -37.16
C SER A 103 8.14 -36.38 -35.83
N LEU A 104 7.19 -37.13 -35.29
CA LEU A 104 7.41 -37.91 -34.07
C LEU A 104 6.57 -39.17 -34.13
N LEU A 105 7.24 -40.31 -34.26
CA LEU A 105 6.58 -41.61 -34.23
C LEU A 105 6.72 -42.20 -32.83
N ILE A 106 5.60 -42.31 -32.13
CA ILE A 106 5.57 -43.05 -30.88
C ILE A 106 4.86 -44.35 -31.18
N VAL A 107 5.61 -45.36 -31.58
CA VAL A 107 5.04 -46.63 -32.02
C VAL A 107 5.23 -47.67 -30.94
N ASN A 108 4.21 -48.51 -30.75
CA ASN A 108 4.26 -49.62 -29.81
C ASN A 108 3.71 -50.83 -30.54
N ASN A 109 4.61 -51.72 -30.97
CA ASN A 109 4.25 -52.93 -31.72
C ASN A 109 4.30 -54.18 -30.85
N ALA A 110 3.82 -54.05 -29.61
CA ALA A 110 3.85 -55.08 -28.55
C ALA A 110 5.25 -55.53 -28.18
N THR A 111 6.27 -54.75 -28.55
CA THR A 111 7.65 -55.04 -28.19
C THR A 111 8.23 -53.95 -27.30
N ASN A 112 8.26 -52.71 -27.78
CA ASN A 112 8.88 -51.61 -27.07
C ASN A 112 8.12 -50.33 -27.40
N VAL A 113 8.48 -49.26 -26.72
CA VAL A 113 7.96 -47.93 -27.00
C VAL A 113 9.07 -47.16 -27.70
N VAL A 114 8.97 -47.05 -29.02
CA VAL A 114 9.98 -46.38 -29.83
C VAL A 114 9.53 -44.95 -30.03
N ILE A 115 10.37 -44.01 -29.63
CA ILE A 115 10.07 -42.58 -29.71
C ILE A 115 11.23 -41.93 -30.46
N LYS A 116 10.94 -41.37 -31.64
CA LYS A 116 11.99 -40.81 -32.49
C LYS A 116 11.53 -39.47 -33.07
N VAL A 117 12.34 -38.44 -32.91
CA VAL A 117 12.12 -37.19 -33.63
C VAL A 117 13.15 -37.12 -34.75
N CYS A 118 12.77 -37.56 -35.93
CA CYS A 118 13.67 -37.56 -37.08
C CYS A 118 12.92 -36.99 -38.27
N GLU A 119 13.67 -36.63 -39.31
CA GLU A 119 13.03 -36.21 -40.55
C GLU A 119 12.42 -37.43 -41.24
N PHE A 120 11.16 -37.69 -40.95
CA PHE A 120 10.47 -38.89 -41.41
C PHE A 120 9.88 -38.67 -42.79
N GLN A 121 10.10 -39.64 -43.68
CA GLN A 121 9.39 -39.65 -44.96
C GLN A 121 7.92 -39.93 -44.71
N PHE A 122 7.09 -38.89 -44.82
CA PHE A 122 5.69 -38.98 -44.46
C PHE A 122 4.93 -39.68 -45.59
N CYS A 123 4.32 -40.82 -45.28
CA CYS A 123 3.52 -41.57 -46.24
C CYS A 123 2.04 -41.25 -46.07
N ASN A 124 1.27 -41.48 -47.13
CA ASN A 124 -0.15 -41.20 -47.11
C ASN A 124 -0.95 -42.21 -46.29
N ASP A 125 -0.45 -43.43 -46.10
CA ASP A 125 -1.20 -44.45 -45.38
C ASP A 125 -0.23 -45.44 -44.74
N PRO A 126 0.14 -45.21 -43.49
CA PRO A 126 0.81 -46.26 -42.70
C PRO A 126 -0.20 -47.08 -41.90
N PHE A 127 0.14 -48.35 -41.70
CA PHE A 127 -0.76 -49.25 -41.00
C PHE A 127 0.02 -50.42 -40.40
N LEU A 128 -0.41 -50.87 -39.23
CA LEU A 128 0.09 -52.08 -38.59
C LEU A 128 -1.10 -53.03 -38.37
N GLY A 129 -0.82 -54.15 -37.69
CA GLY A 129 -1.87 -55.07 -37.32
C GLY A 129 -1.38 -56.51 -37.37
N VAL A 130 -2.35 -57.43 -37.25
CA VAL A 130 -2.10 -58.87 -37.26
C VAL A 130 -3.19 -59.56 -38.06
N TYR A 131 -2.88 -60.76 -38.56
CA TYR A 131 -3.86 -61.61 -39.22
C TYR A 131 -3.40 -63.07 -39.15
N TYR A 132 -4.11 -63.95 -39.87
CA TYR A 132 -3.80 -65.37 -40.03
C TYR A 132 -3.77 -66.10 -38.68
N HIS A 133 -4.95 -66.18 -38.08
CA HIS A 133 -5.11 -66.71 -36.72
C HIS A 133 -6.01 -67.94 -36.69
N LYS A 134 -5.83 -68.86 -37.63
CA LYS A 134 -6.65 -70.07 -37.67
C LYS A 134 -5.79 -71.33 -37.74
N ASN A 135 -4.59 -71.22 -38.32
CA ASN A 135 -3.63 -72.33 -38.35
C ASN A 135 -2.23 -71.75 -38.15
N ASN A 136 -1.62 -72.06 -37.01
CA ASN A 136 -0.22 -71.71 -36.68
C ASN A 136 0.01 -70.20 -36.76
N LYS A 137 -0.65 -69.48 -35.86
CA LYS A 137 -0.69 -68.03 -35.97
C LYS A 137 0.61 -67.38 -35.54
N SER A 138 1.24 -67.91 -34.49
CA SER A 138 2.50 -67.45 -33.89
C SER A 138 2.47 -66.01 -33.39
N TRP A 139 1.27 -65.38 -33.35
CA TRP A 139 1.05 -63.98 -32.96
C TRP A 139 1.94 -63.01 -33.75
N MET A 140 2.12 -63.29 -35.04
CA MET A 140 2.95 -62.44 -35.88
C MET A 140 2.16 -61.23 -36.38
N GLU A 141 2.89 -60.16 -36.67
CA GLU A 141 2.26 -58.92 -37.11
C GLU A 141 1.95 -58.98 -38.62
N SER A 142 1.40 -57.90 -39.15
CA SER A 142 0.99 -57.89 -40.55
C SER A 142 2.07 -57.31 -41.47
N GLU A 143 2.39 -56.03 -41.31
CA GLU A 143 3.28 -55.34 -42.24
C GLU A 143 4.11 -54.32 -41.48
N PHE A 144 5.43 -54.48 -41.49
CA PHE A 144 6.35 -53.52 -40.91
C PHE A 144 6.81 -52.48 -41.93
N ARG A 145 5.85 -51.86 -42.61
CA ARG A 145 6.11 -51.01 -43.76
C ARG A 145 5.41 -49.67 -43.62
N VAL A 146 5.58 -49.02 -42.47
CA VAL A 146 4.91 -47.75 -42.22
C VAL A 146 5.76 -46.53 -42.59
N TYR A 147 7.08 -46.66 -42.61
CA TYR A 147 7.97 -45.53 -42.85
C TYR A 147 8.96 -45.89 -43.96
N SER A 148 9.61 -44.86 -44.50
CA SER A 148 10.61 -45.05 -45.54
C SER A 148 12.00 -44.62 -45.12
N SER A 149 12.19 -43.38 -44.67
CA SER A 149 13.52 -42.89 -44.32
C SER A 149 13.45 -42.10 -43.02
N ALA A 150 14.63 -41.87 -42.44
CA ALA A 150 14.75 -41.16 -41.17
C ALA A 150 16.16 -40.64 -41.04
N ASN A 151 16.31 -39.32 -40.90
CA ASN A 151 17.59 -38.71 -40.58
C ASN A 151 17.35 -37.46 -39.75
N ASN A 152 18.46 -36.81 -39.36
CA ASN A 152 18.49 -35.66 -38.44
C ASN A 152 17.77 -36.01 -37.13
N CYS A 153 18.14 -37.16 -36.57
CA CYS A 153 17.50 -37.68 -35.36
C CYS A 153 18.05 -36.93 -34.15
N THR A 154 17.45 -35.77 -33.90
CA THR A 154 17.85 -34.98 -32.74
C THR A 154 17.33 -35.57 -31.44
N PHE A 155 16.32 -36.43 -31.50
CA PHE A 155 15.77 -37.04 -30.29
C PHE A 155 15.39 -38.49 -30.56
N GLU A 156 15.83 -39.38 -29.69
CA GLU A 156 15.38 -40.76 -29.70
C GLU A 156 15.34 -41.27 -28.27
N TYR A 157 14.23 -41.90 -27.91
CA TYR A 157 14.02 -42.41 -26.56
C TYR A 157 13.39 -43.79 -26.65
N VAL A 158 13.95 -44.75 -25.91
CA VAL A 158 13.40 -46.09 -25.82
C VAL A 158 13.15 -46.39 -24.34
N SER A 159 11.93 -46.77 -24.02
CA SER A 159 11.59 -47.09 -22.64
C SER A 159 11.98 -48.53 -22.33
N GLN A 160 11.62 -48.99 -21.15
CA GLN A 160 11.92 -50.34 -20.70
C GLN A 160 10.97 -51.35 -21.34
N PRO A 161 11.35 -52.63 -21.38
CA PRO A 161 10.39 -53.67 -21.76
C PRO A 161 9.27 -53.79 -20.73
N PHE A 162 8.07 -54.05 -21.22
CA PHE A 162 6.86 -53.99 -20.41
C PHE A 162 6.01 -55.25 -20.62
N LEU A 163 4.78 -55.25 -20.12
CA LEU A 163 3.85 -56.37 -20.29
C LEU A 163 2.67 -55.94 -21.14
N MET A 164 2.66 -56.35 -22.41
CA MET A 164 1.53 -56.10 -23.29
C MET A 164 0.46 -57.17 -23.08
N ASP A 165 -0.80 -56.74 -23.13
CA ASP A 165 -1.93 -57.65 -22.95
C ASP A 165 -2.09 -58.54 -24.18
N LEU A 166 -1.35 -59.64 -24.21
CA LEU A 166 -1.52 -60.67 -25.23
C LEU A 166 -2.59 -61.69 -24.85
N GLU A 167 -3.23 -61.52 -23.70
CA GLU A 167 -4.30 -62.40 -23.26
C GLU A 167 -5.62 -61.83 -23.77
N GLY A 168 -6.27 -62.53 -24.69
CA GLY A 168 -7.44 -62.01 -25.35
C GLY A 168 -8.65 -62.00 -24.44
N LYS A 169 -9.19 -60.82 -24.16
CA LYS A 169 -10.40 -60.66 -23.35
C LYS A 169 -11.47 -60.04 -24.23
N GLN A 170 -12.33 -60.88 -24.79
CA GLN A 170 -13.33 -60.47 -25.76
C GLN A 170 -14.69 -60.35 -25.08
N GLY A 171 -15.74 -60.15 -25.88
CA GLY A 171 -17.07 -59.94 -25.34
C GLY A 171 -17.32 -58.48 -25.06
N ASN A 172 -17.11 -58.07 -23.82
CA ASN A 172 -17.20 -56.67 -23.43
C ASN A 172 -15.98 -55.91 -23.91
N PHE A 173 -15.97 -54.60 -23.66
CA PHE A 173 -14.83 -53.75 -23.99
C PHE A 173 -13.98 -53.55 -22.74
N LYS A 174 -13.28 -54.62 -22.37
CA LYS A 174 -12.78 -54.77 -21.01
C LYS A 174 -11.62 -53.84 -20.70
N ASN A 175 -10.61 -53.80 -21.57
CA ASN A 175 -9.48 -52.93 -21.30
C ASN A 175 -9.85 -51.48 -21.61
N LEU A 176 -9.12 -50.56 -20.98
CA LEU A 176 -9.45 -49.14 -21.07
C LEU A 176 -8.18 -48.34 -20.79
N ARG A 177 -7.57 -47.81 -21.85
CA ARG A 177 -6.41 -46.94 -21.75
C ARG A 177 -6.84 -45.53 -22.16
N GLU A 178 -6.59 -44.57 -21.28
CA GLU A 178 -6.97 -43.18 -21.51
C GLU A 178 -5.70 -42.35 -21.57
N PHE A 179 -5.48 -41.67 -22.69
CA PHE A 179 -4.23 -40.97 -22.96
C PHE A 179 -4.49 -39.50 -23.19
N VAL A 180 -3.59 -38.66 -22.67
CA VAL A 180 -3.61 -37.23 -22.92
C VAL A 180 -2.29 -36.86 -23.57
N PHE A 181 -2.35 -36.25 -24.75
CA PHE A 181 -1.16 -35.91 -25.52
C PHE A 181 -1.15 -34.38 -25.61
N LYS A 182 -0.53 -33.73 -24.64
CA LYS A 182 -0.53 -32.28 -24.60
C LYS A 182 0.89 -31.75 -24.77
N ASN A 183 0.98 -30.44 -24.96
CA ASN A 183 2.22 -29.78 -25.33
C ASN A 183 2.41 -28.54 -24.45
N ILE A 184 3.49 -28.53 -23.68
CA ILE A 184 3.87 -27.37 -22.88
C ILE A 184 5.33 -27.07 -23.20
N ASP A 185 5.57 -25.91 -23.83
CA ASP A 185 6.90 -25.38 -24.13
C ASP A 185 7.72 -26.35 -24.98
N GLY A 186 7.07 -27.04 -25.89
CA GLY A 186 7.74 -28.03 -26.71
C GLY A 186 8.01 -29.35 -26.04
N TYR A 187 7.70 -29.49 -24.76
CA TYR A 187 7.89 -30.74 -24.04
C TYR A 187 6.58 -31.50 -24.09
N PHE A 188 6.61 -32.72 -24.61
CA PHE A 188 5.40 -33.52 -24.61
C PHE A 188 5.22 -34.24 -23.28
N LYS A 189 3.97 -34.33 -22.85
CA LYS A 189 3.59 -34.86 -21.55
C LYS A 189 2.48 -35.87 -21.78
N ILE A 190 2.85 -37.14 -21.97
CA ILE A 190 1.87 -38.20 -22.17
C ILE A 190 1.38 -38.68 -20.82
N TYR A 191 0.07 -38.57 -20.60
CA TYR A 191 -0.54 -38.91 -19.32
C TYR A 191 -1.47 -40.10 -19.55
N SER A 192 -1.32 -41.15 -18.74
CA SER A 192 -2.03 -42.39 -18.97
C SER A 192 -2.77 -42.87 -17.72
N LYS A 193 -3.82 -43.65 -17.96
CA LYS A 193 -4.48 -44.37 -16.88
C LYS A 193 -5.10 -45.64 -17.46
N HIS A 194 -4.53 -46.78 -17.10
CA HIS A 194 -5.13 -48.06 -17.42
C HIS A 194 -6.20 -48.39 -16.40
N THR A 195 -7.32 -48.93 -16.86
CA THR A 195 -8.41 -49.23 -15.93
C THR A 195 -9.12 -50.52 -16.33
N PRO A 196 -8.97 -51.59 -15.56
CA PRO A 196 -9.83 -52.76 -15.74
C PRO A 196 -11.26 -52.44 -15.33
N ILE A 197 -12.17 -52.42 -16.29
CA ILE A 197 -13.49 -51.86 -16.08
C ILE A 197 -14.36 -52.83 -15.29
N ASN A 198 -15.50 -52.34 -14.82
CA ASN A 198 -16.51 -53.16 -14.18
C ASN A 198 -17.70 -53.28 -15.13
N LEU A 199 -18.42 -54.39 -15.01
CA LEU A 199 -19.58 -54.67 -15.85
C LEU A 199 -20.84 -54.32 -15.04
N VAL A 200 -21.40 -53.14 -15.28
CA VAL A 200 -22.62 -52.73 -14.61
C VAL A 200 -23.79 -52.82 -15.59
N ARG A 201 -23.77 -51.98 -16.63
CA ARG A 201 -24.64 -52.16 -17.80
C ARG A 201 -23.78 -51.91 -19.04
N ASP A 202 -23.05 -52.96 -19.44
CA ASP A 202 -22.47 -53.14 -20.78
C ASP A 202 -21.36 -52.16 -21.16
N LEU A 203 -21.09 -51.15 -20.34
CA LEU A 203 -20.10 -50.12 -20.63
C LEU A 203 -19.60 -49.54 -19.31
N PRO A 204 -18.35 -49.09 -19.25
CA PRO A 204 -17.85 -48.45 -18.03
C PRO A 204 -18.28 -47.00 -17.90
N GLN A 205 -18.32 -46.54 -16.64
CA GLN A 205 -18.83 -45.22 -16.30
C GLN A 205 -18.27 -44.81 -14.94
N GLY A 206 -17.98 -43.53 -14.78
CA GLY A 206 -17.57 -43.01 -13.49
C GLY A 206 -16.57 -41.88 -13.66
N PHE A 207 -15.68 -41.77 -12.67
CA PHE A 207 -14.62 -40.77 -12.67
C PHE A 207 -13.30 -41.41 -12.27
N SER A 208 -12.24 -41.04 -12.97
CA SER A 208 -10.90 -41.51 -12.65
C SER A 208 -9.89 -40.46 -13.12
N ALA A 209 -8.74 -40.43 -12.45
CA ALA A 209 -7.69 -39.48 -12.76
C ALA A 209 -6.60 -40.13 -13.60
N LEU A 210 -5.93 -39.31 -14.41
CA LEU A 210 -4.95 -39.80 -15.39
C LEU A 210 -3.55 -39.38 -14.94
N GLU A 211 -2.82 -40.33 -14.37
CA GLU A 211 -1.52 -40.05 -13.80
C GLU A 211 -0.46 -39.88 -14.88
N PRO A 212 0.57 -39.07 -14.63
CA PRO A 212 1.59 -38.84 -15.65
C PRO A 212 2.55 -40.01 -15.83
N LEU A 213 3.04 -40.13 -17.07
CA LEU A 213 4.05 -41.13 -17.41
C LEU A 213 5.37 -40.50 -17.83
N VAL A 214 5.40 -39.69 -18.89
CA VAL A 214 6.67 -39.22 -19.45
C VAL A 214 6.61 -37.73 -19.76
N ASP A 215 7.70 -37.05 -19.46
CA ASP A 215 7.98 -35.70 -19.95
C ASP A 215 9.18 -35.81 -20.88
N LEU A 216 8.97 -35.50 -22.16
CA LEU A 216 10.02 -35.67 -23.14
C LEU A 216 10.56 -34.32 -23.58
N PRO A 217 11.84 -34.03 -23.37
CA PRO A 217 12.40 -32.76 -23.83
C PRO A 217 12.63 -32.73 -25.33
N ILE A 218 11.58 -32.39 -26.09
CA ILE A 218 11.64 -32.39 -27.55
C ILE A 218 11.84 -30.98 -28.07
N GLY A 219 10.92 -30.07 -27.72
CA GLY A 219 11.13 -28.66 -27.98
C GLY A 219 10.85 -28.17 -29.39
N ILE A 220 9.91 -28.79 -30.09
CA ILE A 220 9.53 -28.35 -31.43
C ILE A 220 8.05 -28.02 -31.45
N ASN A 221 7.53 -27.65 -32.63
CA ASN A 221 6.11 -27.42 -32.81
C ASN A 221 5.52 -28.56 -33.60
N ILE A 222 4.41 -29.13 -33.11
CA ILE A 222 3.68 -30.21 -33.78
C ILE A 222 2.21 -29.85 -33.78
N THR A 223 1.61 -29.75 -34.97
CA THR A 223 0.22 -29.31 -35.11
C THR A 223 -0.66 -30.31 -35.83
N ARG A 224 -0.18 -31.51 -36.14
CA ARG A 224 -1.00 -32.55 -36.73
C ARG A 224 -0.67 -33.87 -36.05
N PHE A 225 -1.60 -34.81 -36.13
CA PHE A 225 -1.34 -36.15 -35.61
C PHE A 225 -2.21 -37.16 -36.32
N GLN A 226 -1.83 -38.43 -36.19
CA GLN A 226 -2.61 -39.55 -36.71
C GLN A 226 -2.75 -40.64 -35.66
N THR A 227 -3.29 -41.79 -36.09
CA THR A 227 -3.48 -42.94 -35.21
C THR A 227 -3.23 -44.20 -36.01
N LEU A 228 -2.26 -45.00 -35.59
CA LEU A 228 -1.90 -46.22 -36.31
C LEU A 228 -2.90 -47.30 -35.96
N LEU A 229 -3.90 -47.47 -36.82
CA LEU A 229 -4.93 -48.47 -36.58
C LEU A 229 -4.40 -49.86 -36.87
N ALA A 230 -4.36 -50.71 -35.84
CA ALA A 230 -4.01 -52.10 -36.07
C ALA A 230 -5.17 -52.82 -36.74
N LEU A 231 -4.86 -53.67 -37.70
CA LEU A 231 -5.84 -54.48 -38.38
C LEU A 231 -5.93 -55.86 -37.74
N HIS A 232 -7.14 -56.40 -37.69
CA HIS A 232 -7.35 -57.78 -37.28
C HIS A 232 -8.64 -58.26 -37.91
N ARG A 233 -8.60 -59.47 -38.48
CA ARG A 233 -9.74 -60.03 -39.19
C ARG A 233 -10.07 -61.37 -38.55
N SER A 234 -10.98 -61.36 -37.57
CA SER A 234 -11.41 -62.57 -36.90
C SER A 234 -12.31 -63.39 -37.81
N SER A 242 -4.70 -53.50 -46.25
CA SER A 242 -5.77 -54.32 -45.70
C SER A 242 -6.73 -54.74 -46.80
N SER A 243 -6.19 -55.19 -47.93
CA SER A 243 -7.00 -55.64 -49.05
C SER A 243 -7.46 -57.08 -48.90
N GLY A 244 -6.90 -57.83 -47.94
CA GLY A 244 -7.32 -59.19 -47.71
C GLY A 244 -7.53 -59.50 -46.24
N TRP A 245 -7.12 -58.58 -45.37
CA TRP A 245 -7.21 -58.79 -43.92
C TRP A 245 -7.61 -57.46 -43.28
N THR A 246 -8.87 -57.36 -42.85
CA THR A 246 -9.49 -56.10 -42.47
C THR A 246 -9.19 -55.78 -41.01
N ALA A 247 -9.92 -54.81 -40.46
CA ALA A 247 -9.81 -54.38 -39.07
C ALA A 247 -11.18 -54.41 -38.43
N GLY A 248 -11.28 -55.02 -37.25
CA GLY A 248 -12.56 -55.26 -36.61
C GLY A 248 -13.16 -54.04 -35.95
N ALA A 249 -14.02 -54.29 -34.96
CA ALA A 249 -14.80 -53.25 -34.30
C ALA A 249 -14.25 -53.00 -32.91
N ALA A 250 -13.74 -51.77 -32.69
CA ALA A 250 -13.30 -51.34 -31.37
C ALA A 250 -13.30 -49.82 -31.36
N ALA A 251 -13.91 -49.24 -30.33
CA ALA A 251 -14.09 -47.79 -30.27
C ALA A 251 -12.85 -47.10 -29.71
N TYR A 252 -12.63 -45.88 -30.18
CA TYR A 252 -11.57 -45.02 -29.66
C TYR A 252 -11.96 -43.57 -29.94
N TYR A 253 -11.67 -42.71 -28.97
CA TYR A 253 -12.27 -41.38 -28.89
C TYR A 253 -11.19 -40.32 -29.05
N VAL A 254 -11.60 -39.14 -29.50
CA VAL A 254 -10.73 -37.97 -29.61
C VAL A 254 -11.44 -36.77 -29.02
N GLY A 255 -10.84 -36.19 -27.97
CA GLY A 255 -11.34 -34.94 -27.42
C GLY A 255 -10.23 -33.93 -27.34
N TYR A 256 -10.61 -32.66 -27.45
CA TYR A 256 -9.64 -31.58 -27.46
C TYR A 256 -9.62 -30.84 -26.13
N LEU A 257 -8.48 -30.22 -25.84
CA LEU A 257 -8.24 -29.60 -24.55
C LEU A 257 -8.28 -28.09 -24.72
N GLN A 258 -9.02 -27.41 -23.86
CA GLN A 258 -9.14 -25.96 -23.86
C GLN A 258 -8.73 -25.42 -22.50
N PRO A 259 -8.31 -24.14 -22.41
CA PRO A 259 -7.87 -23.62 -21.11
C PRO A 259 -9.01 -23.41 -20.12
N ARG A 260 -9.42 -24.49 -19.47
CA ARG A 260 -10.44 -24.43 -18.45
C ARG A 260 -9.81 -24.15 -17.09
N THR A 261 -10.65 -24.13 -16.06
CA THR A 261 -10.21 -23.99 -14.67
C THR A 261 -10.97 -25.02 -13.87
N PHE A 262 -10.27 -25.93 -13.21
CA PHE A 262 -10.96 -26.93 -12.42
C PHE A 262 -10.76 -26.68 -10.93
N LEU A 263 -11.56 -27.40 -10.15
CA LEU A 263 -11.43 -27.47 -8.70
C LEU A 263 -11.28 -28.95 -8.38
N LEU A 264 -10.05 -29.37 -8.14
CA LEU A 264 -9.75 -30.78 -7.96
C LEU A 264 -9.82 -31.14 -6.48
N LYS A 265 -10.63 -32.13 -6.14
CA LYS A 265 -10.75 -32.61 -4.78
C LYS A 265 -9.85 -33.81 -4.56
N TYR A 266 -8.96 -33.72 -3.58
CA TYR A 266 -8.02 -34.79 -3.28
C TYR A 266 -8.46 -35.45 -1.97
N ASN A 267 -8.31 -36.77 -1.88
CA ASN A 267 -8.69 -37.47 -0.68
C ASN A 267 -7.52 -37.54 0.29
N GLU A 268 -7.64 -38.38 1.33
CA GLU A 268 -6.60 -38.48 2.33
C GLU A 268 -5.39 -39.25 1.84
N ASN A 269 -5.51 -39.98 0.73
CA ASN A 269 -4.36 -40.70 0.17
C ASN A 269 -4.10 -40.29 -1.27
N GLY A 270 -4.18 -38.99 -1.55
CA GLY A 270 -3.59 -38.39 -2.72
C GLY A 270 -4.42 -38.39 -3.99
N THR A 271 -5.25 -39.41 -4.20
CA THR A 271 -5.94 -39.56 -5.47
C THR A 271 -7.09 -38.57 -5.60
N ILE A 272 -7.34 -38.14 -6.84
CA ILE A 272 -8.45 -37.22 -7.09
C ILE A 272 -9.75 -38.00 -7.02
N THR A 273 -10.59 -37.65 -6.05
CA THR A 273 -11.89 -38.29 -5.95
C THR A 273 -12.91 -37.64 -6.87
N ASP A 274 -12.85 -36.31 -7.02
CA ASP A 274 -13.84 -35.60 -7.81
C ASP A 274 -13.23 -34.30 -8.32
N ALA A 275 -13.85 -33.73 -9.34
CA ALA A 275 -13.41 -32.48 -9.93
C ALA A 275 -14.61 -31.63 -10.29
N VAL A 276 -14.40 -30.32 -10.40
CA VAL A 276 -15.47 -29.38 -10.70
C VAL A 276 -15.03 -28.50 -11.87
N ASP A 277 -15.73 -28.59 -12.99
CA ASP A 277 -15.52 -27.68 -14.11
C ASP A 277 -16.24 -26.38 -13.82
N CYS A 278 -15.50 -25.28 -13.76
CA CYS A 278 -16.08 -24.02 -13.30
C CYS A 278 -17.09 -23.46 -14.29
N ALA A 279 -16.67 -23.20 -15.53
CA ALA A 279 -17.56 -22.56 -16.49
C ALA A 279 -18.38 -23.58 -17.28
N LEU A 280 -19.03 -24.49 -16.56
CA LEU A 280 -19.92 -25.48 -17.14
C LEU A 280 -21.38 -25.11 -17.00
N ASP A 281 -21.75 -24.59 -15.83
CA ASP A 281 -23.12 -24.26 -15.44
C ASP A 281 -23.04 -23.41 -14.17
N PRO A 282 -24.08 -22.65 -13.84
CA PRO A 282 -23.97 -21.71 -12.69
C PRO A 282 -23.77 -22.37 -11.33
N LEU A 283 -24.21 -23.61 -11.15
CA LEU A 283 -24.01 -24.30 -9.89
C LEU A 283 -22.54 -24.58 -9.63
N SER A 284 -21.83 -25.05 -10.65
CA SER A 284 -20.41 -25.29 -10.47
C SER A 284 -19.59 -24.00 -10.49
N GLU A 285 -20.12 -22.94 -11.11
CA GLU A 285 -19.56 -21.61 -10.90
C GLU A 285 -19.61 -21.21 -9.43
N THR A 286 -20.75 -21.47 -8.79
CA THR A 286 -20.89 -21.22 -7.35
C THR A 286 -19.95 -22.10 -6.55
N LYS A 287 -19.78 -23.36 -6.96
CA LYS A 287 -18.86 -24.26 -6.27
C LYS A 287 -17.42 -23.79 -6.38
N CYS A 288 -17.04 -23.23 -7.54
CA CYS A 288 -15.69 -22.70 -7.70
C CYS A 288 -15.50 -21.41 -6.93
N THR A 289 -16.56 -20.62 -6.78
CA THR A 289 -16.43 -19.38 -6.02
C THR A 289 -16.33 -19.67 -4.53
N LEU A 290 -17.15 -20.59 -4.01
CA LEU A 290 -17.13 -20.91 -2.60
C LEU A 290 -15.93 -21.75 -2.19
N LYS A 291 -15.18 -22.30 -3.16
CA LYS A 291 -14.02 -23.17 -2.95
C LYS A 291 -14.37 -24.39 -2.10
N SER A 292 -15.54 -24.97 -2.37
CA SER A 292 -15.97 -26.18 -1.68
C SER A 292 -16.96 -26.92 -2.57
N PHE A 293 -16.98 -28.25 -2.42
CA PHE A 293 -17.79 -29.12 -3.25
C PHE A 293 -19.18 -29.36 -2.67
N THR A 294 -19.62 -28.51 -1.75
CA THR A 294 -20.98 -28.55 -1.21
C THR A 294 -21.45 -27.13 -0.99
N VAL A 295 -22.61 -26.80 -1.54
CA VAL A 295 -23.16 -25.45 -1.51
C VAL A 295 -24.42 -25.46 -0.67
N GLU A 296 -24.46 -24.61 0.35
CA GLU A 296 -25.61 -24.51 1.22
C GLU A 296 -26.61 -23.50 0.67
N LYS A 297 -27.66 -23.23 1.40
CA LYS A 297 -28.78 -22.43 0.91
C LYS A 297 -28.42 -20.95 0.91
N GLY A 298 -28.85 -20.23 -0.13
CA GLY A 298 -28.64 -18.80 -0.18
C GLY A 298 -28.27 -18.28 -1.55
N ILE A 299 -28.22 -16.97 -1.70
CA ILE A 299 -27.79 -16.36 -2.95
C ILE A 299 -26.29 -16.17 -2.87
N TYR A 300 -25.61 -16.18 -4.02
CA TYR A 300 -24.16 -16.02 -4.07
C TYR A 300 -23.81 -15.23 -5.30
N GLN A 301 -23.07 -14.14 -5.12
CA GLN A 301 -22.62 -13.33 -6.24
C GLN A 301 -21.37 -13.98 -6.81
N THR A 302 -21.55 -14.72 -7.91
CA THR A 302 -20.48 -15.51 -8.49
C THR A 302 -19.54 -14.67 -9.33
N SER A 303 -20.07 -14.06 -10.39
CA SER A 303 -19.28 -13.35 -11.37
C SER A 303 -20.15 -12.20 -11.85
N ASN A 304 -19.80 -11.61 -12.99
CA ASN A 304 -20.55 -10.48 -13.47
C ASN A 304 -20.74 -10.52 -14.98
N PHE A 305 -21.96 -10.20 -15.39
CA PHE A 305 -22.33 -10.25 -16.80
C PHE A 305 -21.73 -9.07 -17.55
N ARG A 306 -21.40 -9.31 -18.81
CA ARG A 306 -20.56 -8.37 -19.55
C ARG A 306 -20.81 -8.60 -21.04
N VAL A 307 -21.50 -7.65 -21.68
CA VAL A 307 -21.91 -7.84 -23.06
C VAL A 307 -20.71 -7.73 -23.98
N GLN A 308 -20.57 -8.69 -24.89
CA GLN A 308 -19.50 -8.64 -25.87
C GLN A 308 -19.77 -7.57 -26.91
N PRO A 309 -18.74 -6.94 -27.45
CA PRO A 309 -18.95 -5.97 -28.53
C PRO A 309 -19.27 -6.67 -29.84
N THR A 310 -20.14 -6.02 -30.63
CA THR A 310 -20.57 -6.59 -31.91
C THR A 310 -19.43 -6.62 -32.91
N GLU A 311 -18.89 -5.45 -33.27
CA GLU A 311 -17.83 -5.38 -34.24
C GLU A 311 -16.99 -4.14 -33.96
N SER A 312 -16.00 -3.90 -34.81
CA SER A 312 -15.06 -2.79 -34.66
C SER A 312 -15.41 -1.68 -35.65
N ILE A 313 -15.29 -0.44 -35.18
CA ILE A 313 -15.53 0.75 -36.00
C ILE A 313 -14.26 1.58 -35.98
N VAL A 314 -13.78 1.96 -37.15
CA VAL A 314 -12.69 2.92 -37.29
C VAL A 314 -13.24 4.10 -38.07
N ARG A 315 -13.04 5.32 -37.54
CA ARG A 315 -13.54 6.54 -38.19
C ARG A 315 -12.43 7.59 -38.19
N PHE A 316 -11.61 7.58 -39.21
CA PHE A 316 -10.66 8.65 -39.47
C PHE A 316 -11.21 9.57 -40.55
N PRO A 317 -10.82 10.84 -40.60
CA PRO A 317 -11.35 11.74 -41.64
C PRO A 317 -10.84 11.39 -43.03
N ASN A 318 -11.59 11.85 -44.02
CA ASN A 318 -11.29 11.65 -45.43
C ASN A 318 -10.26 12.66 -45.91
N ILE A 319 -9.00 12.24 -45.94
CA ILE A 319 -7.90 13.02 -46.51
C ILE A 319 -7.10 12.09 -47.40
N THR A 320 -6.86 12.51 -48.64
CA THR A 320 -6.04 11.75 -49.57
C THR A 320 -4.61 12.24 -49.65
N ASN A 321 -4.28 13.34 -48.98
CA ASN A 321 -2.96 13.94 -49.12
C ASN A 321 -1.94 13.19 -48.30
N LEU A 322 -0.81 12.87 -48.91
CA LEU A 322 0.32 12.34 -48.17
C LEU A 322 1.18 13.49 -47.68
N CYS A 323 1.75 13.33 -46.48
CA CYS A 323 2.45 14.43 -45.84
C CYS A 323 3.79 14.69 -46.54
N PRO A 324 4.22 15.94 -46.63
CA PRO A 324 5.50 16.24 -47.30
C PRO A 324 6.71 15.93 -46.44
N PHE A 325 6.92 14.64 -46.16
CA PHE A 325 8.10 14.24 -45.43
C PHE A 325 9.33 14.20 -46.31
N GLY A 326 9.13 14.06 -47.63
CA GLY A 326 10.25 14.16 -48.54
C GLY A 326 10.84 15.55 -48.59
N GLU A 327 9.99 16.57 -48.59
CA GLU A 327 10.43 17.95 -48.57
C GLU A 327 11.12 18.32 -47.27
N VAL A 328 10.85 17.60 -46.19
CA VAL A 328 11.52 17.84 -44.92
C VAL A 328 12.83 17.07 -44.86
N PHE A 329 12.82 15.77 -45.14
CA PHE A 329 14.02 14.98 -44.92
C PHE A 329 15.00 15.09 -46.07
N ASN A 330 14.56 14.85 -47.30
CA ASN A 330 15.48 14.80 -48.41
C ASN A 330 15.77 16.18 -49.01
N ALA A 331 15.51 17.26 -48.27
CA ALA A 331 15.86 18.59 -48.75
C ALA A 331 17.37 18.79 -48.68
N THR A 332 17.85 19.70 -49.51
CA THR A 332 19.29 19.90 -49.67
C THR A 332 19.82 21.11 -48.90
N ARG A 333 18.95 21.99 -48.41
CA ARG A 333 19.35 23.10 -47.55
C ARG A 333 18.69 22.96 -46.19
N PHE A 334 19.41 22.36 -45.25
CA PHE A 334 19.01 22.50 -43.86
C PHE A 334 19.58 23.77 -43.28
N ALA A 335 18.89 24.30 -42.27
CA ALA A 335 19.42 25.39 -41.48
C ALA A 335 20.39 24.83 -40.45
N SER A 336 21.03 25.71 -39.72
CA SER A 336 21.89 25.30 -38.63
C SER A 336 21.15 25.46 -37.31
N VAL A 337 21.75 24.94 -36.23
CA VAL A 337 21.11 24.90 -34.92
C VAL A 337 20.95 26.29 -34.31
N TYR A 338 21.59 27.30 -34.89
CA TYR A 338 21.35 28.68 -34.51
C TYR A 338 19.92 29.09 -34.79
N ALA A 339 19.51 29.05 -36.05
CA ALA A 339 18.18 29.48 -36.47
C ALA A 339 17.54 28.35 -37.26
N TRP A 340 16.89 27.42 -36.57
CA TRP A 340 16.37 26.23 -37.23
C TRP A 340 15.05 26.54 -37.92
N ASN A 341 14.70 25.70 -38.89
CA ASN A 341 13.43 25.85 -39.56
C ASN A 341 12.32 25.21 -38.75
N ARG A 342 11.09 25.63 -39.02
CA ARG A 342 9.91 24.96 -38.48
C ARG A 342 8.89 24.81 -39.60
N LYS A 343 8.55 23.56 -39.90
CA LYS A 343 7.53 23.26 -40.91
C LYS A 343 6.25 22.87 -40.19
N ARG A 344 5.18 23.61 -40.46
CA ARG A 344 3.86 23.25 -39.96
C ARG A 344 3.27 22.19 -40.89
N ILE A 345 3.20 20.96 -40.41
CA ILE A 345 2.69 19.85 -41.19
C ILE A 345 1.24 19.64 -40.81
N SER A 346 0.32 19.93 -41.73
CA SER A 346 -1.09 19.76 -41.45
C SER A 346 -1.81 19.30 -42.71
N ASN A 347 -3.05 18.80 -42.49
CA ASN A 347 -4.00 18.44 -43.54
C ASN A 347 -3.43 17.36 -44.47
N CYS A 348 -2.93 16.27 -43.88
CA CYS A 348 -2.30 15.23 -44.68
C CYS A 348 -2.29 13.92 -43.90
N VAL A 349 -1.91 12.85 -44.61
CA VAL A 349 -1.81 11.51 -44.05
C VAL A 349 -0.34 11.11 -44.02
N ALA A 350 0.13 10.69 -42.84
CA ALA A 350 1.54 10.48 -42.60
C ALA A 350 1.84 8.99 -42.49
N ASP A 351 2.60 8.46 -43.46
CA ASP A 351 3.07 7.08 -43.40
C ASP A 351 4.34 7.07 -42.56
N TYR A 352 4.15 6.91 -41.25
CA TYR A 352 5.26 6.88 -40.32
C TYR A 352 6.07 5.59 -40.40
N SER A 353 5.53 4.54 -41.03
CA SER A 353 6.23 3.27 -41.08
C SER A 353 7.41 3.33 -42.04
N VAL A 354 7.22 3.94 -43.22
CA VAL A 354 8.30 4.04 -44.20
C VAL A 354 9.35 5.04 -43.73
N LEU A 355 8.98 5.96 -42.84
CA LEU A 355 9.94 6.83 -42.19
C LEU A 355 10.69 6.10 -41.08
N TYR A 356 10.21 4.95 -40.64
CA TYR A 356 10.76 4.26 -39.49
C TYR A 356 11.57 3.02 -39.84
N ASN A 357 11.06 2.18 -40.75
CA ASN A 357 11.77 0.94 -41.03
C ASN A 357 13.00 1.12 -41.92
N SER A 358 13.19 2.32 -42.48
CA SER A 358 14.44 2.65 -43.13
C SER A 358 15.56 2.70 -42.11
N ALA A 359 16.64 1.96 -42.38
CA ALA A 359 17.77 1.84 -41.49
C ALA A 359 18.79 2.96 -41.65
N SER A 360 18.45 4.00 -42.42
CA SER A 360 19.38 5.09 -42.69
C SER A 360 19.60 5.99 -41.49
N PHE A 361 18.77 5.90 -40.46
CA PHE A 361 18.75 6.86 -39.37
C PHE A 361 19.58 6.33 -38.22
N SER A 362 20.48 7.18 -37.70
CA SER A 362 21.32 6.77 -36.59
C SER A 362 20.52 6.70 -35.30
N THR A 363 19.65 7.67 -35.06
CA THR A 363 18.95 7.83 -33.80
C THR A 363 17.48 8.09 -34.09
N PHE A 364 16.62 7.15 -33.68
CA PHE A 364 15.18 7.29 -33.82
C PHE A 364 14.62 7.01 -32.44
N LYS A 365 14.58 8.03 -31.58
CA LYS A 365 14.18 7.86 -30.19
C LYS A 365 12.92 8.67 -29.95
N CYS A 366 11.81 7.98 -29.71
CA CYS A 366 10.53 8.63 -29.46
C CYS A 366 10.29 8.75 -27.97
N TYR A 367 9.57 9.81 -27.59
CA TYR A 367 9.51 10.24 -26.20
C TYR A 367 8.12 10.14 -25.59
N GLY A 368 7.12 10.80 -26.18
CA GLY A 368 5.80 10.71 -25.62
C GLY A 368 5.07 9.45 -26.00
N VAL A 369 5.40 8.88 -27.16
CA VAL A 369 4.74 7.70 -27.70
C VAL A 369 5.80 6.64 -27.97
N SER A 370 5.34 5.51 -28.46
CA SER A 370 6.09 4.44 -29.09
C SER A 370 6.11 4.65 -30.60
N PRO A 371 7.23 4.36 -31.27
CA PRO A 371 7.31 4.60 -32.72
C PRO A 371 6.56 3.60 -33.58
N THR A 372 5.92 2.59 -33.00
CA THR A 372 5.16 1.65 -33.79
C THR A 372 3.67 1.96 -33.83
N LYS A 373 3.14 2.67 -32.84
CA LYS A 373 1.74 3.07 -32.82
C LYS A 373 1.54 4.44 -33.43
N LEU A 374 2.58 5.02 -34.00
CA LEU A 374 2.44 6.25 -34.77
C LEU A 374 1.56 6.06 -36.00
N ASN A 375 1.55 4.85 -36.53
CA ASN A 375 0.83 4.58 -37.76
C ASN A 375 -0.68 4.47 -37.53
N ASP A 376 -1.12 4.42 -36.29
CA ASP A 376 -2.52 4.31 -35.91
C ASP A 376 -3.01 5.50 -35.11
N LEU A 377 -2.23 5.95 -34.13
CA LEU A 377 -2.52 7.14 -33.35
C LEU A 377 -2.45 8.37 -34.25
N CYS A 378 -3.31 9.35 -33.94
CA CYS A 378 -3.49 10.59 -34.71
C CYS A 378 -3.07 11.83 -33.94
N PHE A 379 -2.88 12.95 -34.64
CA PHE A 379 -2.38 14.14 -33.96
C PHE A 379 -3.19 15.37 -34.36
N THR A 380 -2.79 16.51 -33.80
CA THR A 380 -3.44 17.79 -34.07
C THR A 380 -2.53 18.74 -34.84
N ASN A 381 -1.34 19.01 -34.31
CA ASN A 381 -0.34 19.84 -34.96
C ASN A 381 0.98 19.10 -34.95
N VAL A 382 1.59 18.94 -36.11
CA VAL A 382 2.87 18.25 -36.24
C VAL A 382 3.90 19.26 -36.76
N TYR A 383 4.99 19.42 -36.03
CA TYR A 383 6.05 20.34 -36.38
C TYR A 383 7.35 19.59 -36.61
N ALA A 384 8.05 19.95 -37.68
CA ALA A 384 9.37 19.41 -37.97
C ALA A 384 10.39 20.51 -37.80
N ASP A 385 11.50 20.21 -37.14
CA ASP A 385 12.52 21.20 -36.82
C ASP A 385 13.86 20.71 -37.35
N SER A 386 14.24 21.20 -38.52
CA SER A 386 15.47 20.77 -39.17
C SER A 386 16.63 21.66 -38.76
N PHE A 387 17.77 21.04 -38.45
CA PHE A 387 19.01 21.71 -38.10
C PHE A 387 20.15 20.71 -38.13
N VAL A 388 21.35 21.21 -38.40
CA VAL A 388 22.56 20.40 -38.51
C VAL A 388 23.43 20.68 -37.29
N ILE A 389 23.89 19.62 -36.63
CA ILE A 389 24.73 19.78 -35.45
C ILE A 389 26.01 18.98 -35.59
N ARG A 390 26.78 18.97 -34.51
CA ARG A 390 28.03 18.22 -34.44
C ARG A 390 27.69 16.76 -34.12
N GLY A 391 28.70 15.91 -34.07
CA GLY A 391 28.49 14.47 -33.97
C GLY A 391 27.88 13.98 -32.67
N ASP A 392 28.57 14.16 -31.55
CA ASP A 392 28.06 13.67 -30.28
C ASP A 392 26.97 14.55 -29.69
N GLU A 393 26.63 15.67 -30.34
CA GLU A 393 25.64 16.60 -29.81
C GLU A 393 24.21 16.10 -29.95
N VAL A 394 23.99 14.94 -30.58
CA VAL A 394 22.67 14.32 -30.61
C VAL A 394 22.25 13.89 -29.21
N ARG A 395 23.22 13.66 -28.32
CA ARG A 395 22.94 13.44 -26.89
C ARG A 395 22.21 14.62 -26.27
N GLN A 396 22.49 15.84 -26.73
CA GLN A 396 21.89 17.04 -26.15
C GLN A 396 20.59 17.44 -26.82
N ILE A 397 19.87 16.49 -27.39
CA ILE A 397 18.52 16.73 -27.92
C ILE A 397 17.62 15.69 -27.27
N ALA A 398 17.06 16.04 -26.12
CA ALA A 398 16.14 15.22 -25.35
C ALA A 398 15.47 16.12 -24.34
N PRO A 399 14.29 15.75 -23.83
CA PRO A 399 13.70 16.56 -22.75
C PRO A 399 14.49 16.46 -21.46
N GLY A 400 15.18 17.54 -21.12
CA GLY A 400 15.89 17.63 -19.86
C GLY A 400 17.40 17.67 -19.97
N GLN A 401 17.97 17.62 -21.16
CA GLN A 401 19.42 17.63 -21.26
C GLN A 401 19.94 19.05 -21.14
N THR A 402 21.24 19.14 -20.87
CA THR A 402 21.94 20.41 -20.78
C THR A 402 23.15 20.39 -21.70
N GLY A 403 24.00 21.41 -21.59
CA GLY A 403 25.20 21.44 -22.40
C GLY A 403 25.40 22.74 -23.15
N LYS A 404 25.51 22.67 -24.47
CA LYS A 404 25.82 23.86 -25.24
C LYS A 404 24.82 23.98 -26.39
N ILE A 405 24.27 22.86 -26.81
CA ILE A 405 23.13 22.86 -27.72
C ILE A 405 21.81 22.91 -26.96
N ALA A 406 21.69 22.10 -25.92
CA ALA A 406 20.45 22.05 -25.15
C ALA A 406 20.26 23.27 -24.27
N ASP A 407 21.32 23.99 -23.94
CA ASP A 407 21.20 25.10 -23.00
C ASP A 407 21.00 26.43 -23.70
N TYR A 408 21.86 26.76 -24.66
CA TYR A 408 21.89 28.13 -25.14
C TYR A 408 21.02 28.38 -26.36
N ASN A 409 20.94 27.43 -27.30
CA ASN A 409 20.31 27.74 -28.58
C ASN A 409 19.19 26.82 -29.05
N TYR A 410 18.94 25.68 -28.40
CA TYR A 410 17.81 24.84 -28.79
C TYR A 410 17.40 23.98 -27.60
N LYS A 411 16.27 24.29 -26.98
CA LYS A 411 15.79 23.53 -25.83
C LYS A 411 14.47 22.86 -26.15
N LEU A 412 14.31 21.62 -25.67
CA LEU A 412 13.08 20.85 -25.66
C LEU A 412 12.43 20.94 -24.30
N PRO A 413 11.12 21.11 -24.21
CA PRO A 413 10.47 21.18 -22.89
C PRO A 413 10.46 19.83 -22.20
N ASP A 414 10.22 19.87 -20.89
CA ASP A 414 10.25 18.64 -20.11
C ASP A 414 9.01 17.77 -20.32
N ASP A 415 7.93 18.33 -20.86
CA ASP A 415 6.73 17.57 -21.17
C ASP A 415 6.67 17.20 -22.64
N PHE A 416 7.81 16.86 -23.22
CA PHE A 416 7.93 16.71 -24.66
C PHE A 416 7.29 15.40 -25.13
N THR A 417 6.55 15.50 -26.23
CA THR A 417 5.87 14.36 -26.84
C THR A 417 6.16 14.34 -28.34
N GLY A 418 7.26 13.70 -28.72
CA GLY A 418 7.61 13.63 -30.11
C GLY A 418 8.71 12.63 -30.34
N CYS A 419 9.28 12.68 -31.54
CA CYS A 419 10.36 11.79 -31.94
C CYS A 419 11.51 12.62 -32.52
N VAL A 420 12.72 12.12 -32.33
CA VAL A 420 13.94 12.78 -32.79
C VAL A 420 14.60 11.87 -33.82
N ILE A 421 14.82 12.40 -35.01
CA ILE A 421 15.45 11.68 -36.11
C ILE A 421 16.83 12.31 -36.33
N ALA A 422 17.85 11.47 -36.46
CA ALA A 422 19.19 11.97 -36.76
C ALA A 422 19.95 10.94 -37.58
N TRP A 423 20.65 11.40 -38.62
CA TRP A 423 21.40 10.51 -39.48
C TRP A 423 22.68 11.18 -39.94
N ASN A 424 23.68 10.37 -40.23
CA ASN A 424 25.00 10.89 -40.64
C ASN A 424 24.93 11.42 -42.06
N SER A 425 25.23 12.70 -42.23
CA SER A 425 25.25 13.35 -43.53
C SER A 425 26.66 13.82 -43.86
N ASN A 426 27.65 12.98 -43.57
CA ASN A 426 29.04 13.35 -43.80
C ASN A 426 29.35 13.47 -45.28
N ASN A 427 28.71 12.64 -46.09
CA ASN A 427 28.95 12.64 -47.53
C ASN A 427 28.18 13.74 -48.24
N LEU A 428 27.43 14.57 -47.52
CA LEU A 428 26.63 15.61 -48.14
C LEU A 428 26.73 16.96 -47.47
N ASP A 429 27.50 17.10 -46.40
CA ASP A 429 27.64 18.39 -45.74
C ASP A 429 29.09 18.83 -45.62
N SER A 430 30.01 17.87 -45.52
CA SER A 430 31.40 18.21 -45.24
C SER A 430 32.11 18.75 -46.47
N LYS A 431 33.05 19.66 -46.25
CA LYS A 431 33.82 20.29 -47.31
C LYS A 431 35.30 20.19 -46.99
N VAL A 432 36.13 20.39 -48.02
CA VAL A 432 37.56 20.15 -47.90
C VAL A 432 38.25 21.20 -47.06
N GLY A 433 37.69 22.41 -46.97
CA GLY A 433 38.18 23.42 -46.05
C GLY A 433 37.29 23.65 -44.85
N GLY A 434 36.35 22.75 -44.58
CA GLY A 434 35.38 22.97 -43.52
C GLY A 434 34.21 23.78 -44.04
N ASN A 435 32.99 23.30 -43.83
CA ASN A 435 31.82 24.00 -44.33
C ASN A 435 31.52 25.16 -43.39
N TYR A 436 31.85 26.37 -43.81
CA TYR A 436 31.61 27.54 -43.00
C TYR A 436 30.17 28.04 -43.05
N ASN A 437 29.31 27.41 -43.83
CA ASN A 437 27.93 27.86 -43.96
C ASN A 437 27.04 27.42 -42.80
N TYR A 438 27.55 26.63 -41.86
CA TYR A 438 26.80 26.14 -40.72
C TYR A 438 27.42 26.69 -39.45
N LEU A 439 26.58 27.23 -38.57
CA LEU A 439 27.01 28.06 -37.45
C LEU A 439 26.29 27.62 -36.19
N TYR A 440 26.71 28.16 -35.04
CA TYR A 440 26.03 27.90 -33.78
C TYR A 440 26.38 28.99 -32.77
N ARG A 441 25.43 29.26 -31.89
CA ARG A 441 25.61 30.27 -30.85
C ARG A 441 26.38 29.68 -29.69
N LEU A 442 27.62 30.13 -29.50
CA LEU A 442 28.43 29.64 -28.39
C LEU A 442 28.09 30.35 -27.09
N PHE A 443 27.71 31.62 -27.15
CA PHE A 443 27.58 32.46 -25.97
C PHE A 443 26.17 33.02 -25.86
N ARG A 444 25.57 32.85 -24.70
CA ARG A 444 24.22 33.31 -24.40
C ARG A 444 24.21 33.83 -22.97
N LYS A 445 23.35 34.83 -22.72
CA LYS A 445 23.32 35.49 -21.42
C LYS A 445 22.89 34.56 -20.30
N SER A 446 21.94 33.67 -20.59
CA SER A 446 21.38 32.77 -19.60
C SER A 446 21.00 31.48 -20.31
N ASN A 447 20.10 30.71 -19.71
CA ASN A 447 19.49 29.62 -20.46
C ASN A 447 18.47 30.20 -21.44
N LEU A 448 18.02 29.35 -22.36
CA LEU A 448 17.03 29.73 -23.35
C LEU A 448 15.73 28.99 -23.08
N LYS A 449 14.61 29.69 -23.25
CA LYS A 449 13.31 29.04 -23.16
C LYS A 449 13.14 28.05 -24.31
N PRO A 450 12.39 26.97 -24.10
CA PRO A 450 12.27 25.96 -25.15
C PRO A 450 11.43 26.42 -26.32
N PHE A 451 11.78 25.92 -27.51
CA PHE A 451 11.13 26.22 -28.79
C PHE A 451 11.20 27.70 -29.12
N GLU A 452 12.36 28.32 -28.90
CA GLU A 452 12.54 29.76 -29.04
C GLU A 452 13.75 30.04 -29.92
N ARG A 453 13.51 30.51 -31.14
CA ARG A 453 14.61 30.86 -32.03
C ARG A 453 15.31 32.13 -31.57
N ASP A 454 16.61 32.20 -31.85
CA ASP A 454 17.44 33.33 -31.42
C ASP A 454 18.29 33.75 -32.61
N ILE A 455 17.91 34.86 -33.25
CA ILE A 455 18.66 35.35 -34.40
C ILE A 455 19.34 36.66 -34.03
N SER A 456 19.70 36.80 -32.76
CA SER A 456 20.39 37.99 -32.28
C SER A 456 21.87 37.93 -32.60
N THR A 457 22.44 39.08 -32.97
CA THR A 457 23.86 39.20 -33.31
C THR A 457 24.59 40.16 -32.38
N GLU A 458 24.03 40.43 -31.21
CA GLU A 458 24.63 41.34 -30.24
C GLU A 458 25.90 40.73 -29.65
N ILE A 459 26.94 41.55 -29.54
CA ILE A 459 28.26 41.07 -29.13
C ILE A 459 28.24 40.73 -27.65
N TYR A 460 28.66 39.52 -27.31
CA TYR A 460 28.58 39.05 -25.93
C TYR A 460 29.67 39.70 -25.10
N GLN A 461 29.26 40.62 -24.24
CA GLN A 461 30.17 41.39 -23.37
C GLN A 461 30.74 40.45 -22.31
N ALA A 462 32.00 40.06 -22.48
CA ALA A 462 32.60 39.06 -21.59
C ALA A 462 32.94 39.67 -20.23
N GLY A 463 33.72 40.75 -20.22
CA GLY A 463 34.13 41.37 -18.97
C GLY A 463 33.19 42.46 -18.51
N SER A 464 33.67 43.70 -18.50
CA SER A 464 32.85 44.84 -18.13
C SER A 464 32.79 45.93 -19.20
N THR A 465 33.72 45.94 -20.15
CA THR A 465 33.78 47.03 -21.11
C THR A 465 32.69 46.88 -22.18
N PRO A 466 31.86 47.90 -22.40
CA PRO A 466 30.88 47.84 -23.49
C PRO A 466 31.57 47.89 -24.84
N CYS A 467 31.22 46.93 -25.70
CA CYS A 467 32.00 46.68 -26.91
C CYS A 467 31.72 47.66 -28.03
N ASN A 468 30.56 48.33 -28.01
CA ASN A 468 30.16 49.35 -28.98
C ASN A 468 30.13 48.82 -30.43
N GLY A 469 29.86 47.53 -30.59
CA GLY A 469 29.66 46.99 -31.92
C GLY A 469 30.87 46.41 -32.61
N VAL A 470 31.94 46.09 -31.87
CA VAL A 470 33.10 45.40 -32.44
C VAL A 470 33.42 44.19 -31.57
N GLU A 471 34.33 43.37 -32.09
CA GLU A 471 34.87 42.23 -31.38
C GLU A 471 36.17 42.65 -30.70
N GLY A 472 36.79 41.72 -29.99
CA GLY A 472 38.08 42.02 -29.40
C GLY A 472 38.26 41.59 -27.96
N PHE A 473 38.97 42.42 -27.19
CA PHE A 473 39.37 42.08 -25.83
C PHE A 473 38.15 42.14 -24.93
N ASN A 474 37.76 40.98 -24.38
CA ASN A 474 36.50 40.77 -23.65
C ASN A 474 35.29 41.17 -24.48
N CYS A 475 35.39 40.99 -25.80
CA CYS A 475 34.30 41.24 -26.74
C CYS A 475 34.26 40.02 -27.64
N TYR A 476 33.54 39.00 -27.19
CA TYR A 476 33.53 37.71 -27.85
C TYR A 476 32.32 37.63 -28.76
N PHE A 477 32.54 37.27 -30.01
CA PHE A 477 31.44 37.07 -30.92
C PHE A 477 30.75 35.75 -30.59
N PRO A 478 29.44 35.76 -30.29
CA PRO A 478 28.81 34.54 -29.75
C PRO A 478 28.60 33.46 -30.77
N LEU A 479 28.55 33.80 -32.05
CA LEU A 479 28.18 32.87 -33.11
C LEU A 479 29.46 32.31 -33.73
N GLN A 480 29.86 31.12 -33.28
CA GLN A 480 31.04 30.47 -33.83
C GLN A 480 30.69 29.80 -35.16
N SER A 481 31.60 28.99 -35.67
CA SER A 481 31.36 28.27 -36.91
C SER A 481 31.67 26.79 -36.70
N TYR A 482 31.28 26.00 -37.69
CA TYR A 482 31.56 24.57 -37.73
C TYR A 482 32.66 24.32 -38.75
N GLY A 483 33.68 23.59 -38.36
CA GLY A 483 34.63 23.11 -39.33
C GLY A 483 34.23 21.73 -39.78
N PHE A 484 33.51 21.66 -40.89
CA PHE A 484 32.99 20.39 -41.38
C PHE A 484 33.86 19.91 -42.53
N GLN A 485 34.90 19.17 -42.19
CA GLN A 485 35.81 18.41 -43.02
C GLN A 485 35.44 16.93 -42.97
N PRO A 486 35.45 16.23 -44.10
CA PRO A 486 35.12 14.82 -44.10
C PRO A 486 36.20 13.94 -43.50
N THR A 487 37.39 14.49 -43.26
CA THR A 487 38.48 13.78 -42.61
C THR A 487 38.40 13.83 -41.10
N ASN A 488 37.36 14.45 -40.54
CA ASN A 488 37.26 14.62 -39.10
C ASN A 488 36.93 13.31 -38.41
N GLY A 489 37.05 13.31 -37.10
CA GLY A 489 36.54 12.21 -36.30
C GLY A 489 35.03 12.21 -36.29
N VAL A 490 34.47 11.05 -35.93
CA VAL A 490 33.03 10.86 -35.99
C VAL A 490 32.28 11.70 -34.97
N GLY A 491 32.95 12.14 -33.91
CA GLY A 491 32.32 13.06 -32.98
C GLY A 491 32.20 14.48 -33.49
N TYR A 492 32.86 14.81 -34.60
CA TYR A 492 32.78 16.12 -35.20
C TYR A 492 32.13 16.10 -36.58
N GLN A 493 31.69 14.93 -37.04
CA GLN A 493 31.05 14.84 -38.34
C GLN A 493 29.64 15.40 -38.28
N PRO A 494 29.17 16.02 -39.36
CA PRO A 494 27.85 16.66 -39.33
C PRO A 494 26.71 15.65 -39.39
N TYR A 495 25.83 15.72 -38.39
CA TYR A 495 24.60 14.96 -38.38
C TYR A 495 23.43 15.90 -38.64
N ARG A 496 22.50 15.48 -39.50
CA ARG A 496 21.30 16.25 -39.76
C ARG A 496 20.19 15.73 -38.86
N VAL A 497 19.56 16.63 -38.12
CA VAL A 497 18.59 16.26 -37.09
C VAL A 497 17.26 16.91 -37.41
N VAL A 498 16.19 16.12 -37.34
CA VAL A 498 14.83 16.63 -37.41
C VAL A 498 14.14 16.26 -36.11
N VAL A 499 13.68 17.27 -35.37
CA VAL A 499 12.89 17.05 -34.17
C VAL A 499 11.42 17.10 -34.58
N LEU A 500 10.76 15.96 -34.51
CA LEU A 500 9.41 15.82 -35.03
C LEU A 500 8.45 15.86 -33.84
N SER A 501 8.15 17.06 -33.38
CA SER A 501 7.22 17.23 -32.29
C SER A 501 5.81 17.25 -32.81
N PHE A 502 4.91 16.59 -32.10
CA PHE A 502 3.50 16.62 -32.45
C PHE A 502 2.66 16.95 -31.24
N GLU A 503 1.62 17.74 -31.47
CA GLU A 503 0.73 18.23 -30.42
C GLU A 503 -0.41 17.23 -30.28
N LEU A 504 -0.47 16.58 -29.13
CA LEU A 504 -1.27 15.37 -28.95
C LEU A 504 -2.31 15.56 -27.85
N LEU A 505 -3.55 15.17 -28.15
CA LEU A 505 -4.71 15.24 -27.25
C LEU A 505 -4.96 16.68 -26.75
N HIS A 506 -5.24 17.56 -27.70
CA HIS A 506 -5.65 18.92 -27.39
C HIS A 506 -6.81 19.44 -28.22
N ALA A 507 -7.16 18.82 -29.34
CA ALA A 507 -7.86 19.56 -30.38
C ALA A 507 -8.49 18.61 -31.40
N PRO A 508 -9.32 19.10 -32.34
CA PRO A 508 -9.61 18.28 -33.52
C PRO A 508 -8.37 18.00 -34.35
N ALA A 509 -8.41 16.85 -35.02
CA ALA A 509 -7.23 16.30 -35.66
C ALA A 509 -7.11 16.79 -37.10
N THR A 510 -5.88 17.06 -37.52
CA THR A 510 -5.60 17.47 -38.88
C THR A 510 -4.67 16.51 -39.62
N VAL A 511 -3.84 15.76 -38.91
CA VAL A 511 -2.91 14.81 -39.50
C VAL A 511 -3.24 13.44 -38.94
N CYS A 512 -3.72 12.54 -39.79
CA CYS A 512 -3.96 11.19 -39.32
C CYS A 512 -3.42 10.16 -40.28
N GLY A 513 -2.83 9.11 -39.72
CA GLY A 513 -2.12 8.12 -40.48
C GLY A 513 -3.05 7.23 -41.30
N PRO A 514 -2.45 6.33 -42.07
CA PRO A 514 -3.25 5.51 -42.99
C PRO A 514 -4.01 4.38 -42.33
N LYS A 515 -5.22 4.67 -41.86
CA LYS A 515 -6.20 3.62 -41.57
C LYS A 515 -7.47 3.96 -42.31
N LYS A 516 -8.06 2.96 -42.97
CA LYS A 516 -9.32 3.16 -43.66
C LYS A 516 -10.45 3.27 -42.66
N SER A 517 -11.34 4.22 -42.89
CA SER A 517 -12.53 4.32 -42.06
C SER A 517 -13.53 3.24 -42.45
N THR A 518 -14.46 2.98 -41.53
CA THR A 518 -15.55 2.04 -41.75
C THR A 518 -16.88 2.79 -41.67
N ASN A 519 -17.97 2.06 -41.88
CA ASN A 519 -19.27 2.69 -41.73
C ASN A 519 -19.62 2.84 -40.26
N LEU A 520 -20.56 3.73 -40.01
CA LEU A 520 -20.97 4.06 -38.65
C LEU A 520 -22.12 3.15 -38.23
N VAL A 521 -22.03 2.61 -37.02
CA VAL A 521 -23.04 1.69 -36.48
C VAL A 521 -23.58 2.29 -35.21
N LYS A 522 -24.88 2.57 -35.19
CA LYS A 522 -25.52 3.16 -34.04
C LYS A 522 -26.34 2.11 -33.30
N ASN A 523 -26.59 2.40 -32.02
CA ASN A 523 -27.47 1.64 -31.12
C ASN A 523 -27.00 0.21 -30.88
N LYS A 524 -25.73 -0.08 -31.10
CA LYS A 524 -25.18 -1.42 -30.92
C LYS A 524 -23.87 -1.33 -30.16
N CYS A 525 -23.61 -2.35 -29.33
CA CYS A 525 -22.39 -2.38 -28.53
C CYS A 525 -21.20 -2.63 -29.44
N VAL A 526 -20.40 -1.60 -29.69
CA VAL A 526 -19.33 -1.67 -30.67
C VAL A 526 -17.98 -1.45 -30.01
N ASN A 527 -16.92 -1.52 -30.80
CA ASN A 527 -15.54 -1.38 -30.34
C ASN A 527 -14.91 -0.31 -31.23
N PHE A 528 -15.13 0.95 -30.86
CA PHE A 528 -14.97 2.07 -31.77
C PHE A 528 -13.57 2.68 -31.68
N ASN A 529 -13.22 3.45 -32.71
CA ASN A 529 -11.94 4.15 -32.81
C ASN A 529 -12.24 5.48 -33.50
N PHE A 530 -12.53 6.50 -32.70
CA PHE A 530 -12.92 7.83 -33.19
C PHE A 530 -11.71 8.74 -33.20
N ASN A 531 -11.00 8.73 -34.32
CA ASN A 531 -9.94 9.69 -34.65
C ASN A 531 -8.77 9.60 -33.67
N GLY A 532 -8.53 8.41 -33.12
CA GLY A 532 -7.41 8.24 -32.23
C GLY A 532 -7.74 7.53 -30.93
N LEU A 533 -8.91 7.77 -30.36
CA LEU A 533 -9.26 7.16 -29.09
C LEU A 533 -9.99 5.85 -29.30
N THR A 534 -9.61 4.85 -28.52
CA THR A 534 -10.24 3.54 -28.55
C THR A 534 -11.21 3.41 -27.39
N GLY A 535 -12.40 2.89 -27.67
CA GLY A 535 -13.36 2.65 -26.61
C GLY A 535 -14.21 1.43 -26.88
N THR A 536 -15.25 1.24 -26.07
CA THR A 536 -16.19 0.14 -26.28
C THR A 536 -17.51 0.57 -25.65
N GLY A 537 -18.49 0.87 -26.48
CA GLY A 537 -19.74 1.34 -25.97
C GLY A 537 -20.84 1.27 -27.00
N VAL A 538 -21.92 1.99 -26.72
CA VAL A 538 -23.10 2.04 -27.57
C VAL A 538 -23.25 3.47 -28.07
N LEU A 539 -23.29 3.63 -29.38
CA LEU A 539 -23.32 4.95 -30.01
C LEU A 539 -24.77 5.33 -30.32
N THR A 540 -25.25 6.40 -29.70
CA THR A 540 -26.56 6.95 -30.02
C THR A 540 -26.39 8.39 -30.49
N GLU A 541 -27.40 8.89 -31.19
CA GLU A 541 -27.39 10.28 -31.62
C GLU A 541 -27.74 11.18 -30.44
N SER A 542 -26.90 12.19 -30.21
CA SER A 542 -26.95 12.95 -28.97
C SER A 542 -27.67 14.27 -29.15
N ASN A 543 -28.00 14.89 -28.02
CA ASN A 543 -28.57 16.22 -27.98
C ASN A 543 -27.56 17.26 -27.51
N LYS A 544 -26.36 16.85 -27.15
CA LYS A 544 -25.31 17.79 -26.76
C LYS A 544 -24.87 18.58 -27.98
N LYS A 545 -24.66 19.88 -27.78
CA LYS A 545 -24.32 20.78 -28.87
C LYS A 545 -22.90 21.28 -28.63
N PHE A 546 -22.00 20.96 -29.55
CA PHE A 546 -20.59 21.30 -29.40
C PHE A 546 -20.29 22.61 -30.10
N LEU A 547 -19.48 23.42 -29.45
CA LEU A 547 -18.87 24.53 -30.15
C LEU A 547 -17.79 23.98 -31.08
N PRO A 548 -17.66 24.51 -32.29
CA PRO A 548 -16.91 23.81 -33.34
C PRO A 548 -15.42 23.69 -33.13
N PHE A 549 -14.85 24.26 -32.07
CA PHE A 549 -13.47 23.97 -31.72
C PHE A 549 -13.34 22.78 -30.79
N GLN A 550 -14.45 22.09 -30.49
CA GLN A 550 -14.46 20.98 -29.55
C GLN A 550 -14.76 19.67 -30.27
N GLN A 551 -14.28 18.59 -29.67
CA GLN A 551 -14.55 17.25 -30.15
C GLN A 551 -15.12 16.33 -29.09
N PHE A 552 -14.61 16.39 -27.87
CA PHE A 552 -14.76 15.30 -26.90
C PHE A 552 -15.54 15.82 -25.70
N GLY A 553 -16.68 15.20 -25.40
CA GLY A 553 -17.38 15.48 -24.17
C GLY A 553 -16.92 14.52 -23.09
N ARG A 554 -16.66 15.05 -21.90
CA ARG A 554 -16.19 14.22 -20.80
C ARG A 554 -17.13 14.30 -19.61
N ASP A 555 -17.23 13.19 -18.90
CA ASP A 555 -18.05 13.08 -17.70
C ASP A 555 -17.22 13.41 -16.47
N ILE A 556 -17.76 13.09 -15.29
CA ILE A 556 -17.16 13.52 -14.03
C ILE A 556 -15.91 12.71 -13.72
N ALA A 557 -15.84 11.47 -14.22
CA ALA A 557 -14.61 10.69 -14.12
C ALA A 557 -13.60 11.01 -15.22
N ASP A 558 -13.89 12.01 -16.06
CA ASP A 558 -13.07 12.42 -17.20
C ASP A 558 -12.78 11.27 -18.15
N THR A 559 -13.83 10.55 -18.53
CA THR A 559 -13.79 9.63 -19.65
C THR A 559 -14.59 10.22 -20.79
N THR A 560 -14.22 9.86 -22.02
CA THR A 560 -14.84 10.45 -23.20
C THR A 560 -16.28 9.98 -23.32
N ASP A 561 -17.20 10.88 -23.03
CA ASP A 561 -18.62 10.57 -22.96
C ASP A 561 -19.35 10.82 -24.28
N ALA A 562 -19.01 11.89 -24.98
CA ALA A 562 -19.64 12.21 -26.25
C ALA A 562 -18.56 12.70 -27.20
N VAL A 563 -18.71 12.36 -28.48
CA VAL A 563 -17.70 12.68 -29.49
C VAL A 563 -18.35 13.42 -30.64
N ARG A 564 -17.50 13.88 -31.54
CA ARG A 564 -17.89 14.34 -32.86
C ARG A 564 -17.29 13.39 -33.88
N ASP A 565 -18.14 12.85 -34.75
CA ASP A 565 -17.69 12.00 -35.84
C ASP A 565 -16.89 12.85 -36.82
N PRO A 566 -15.61 12.56 -37.06
CA PRO A 566 -14.83 13.40 -37.97
C PRO A 566 -15.20 13.24 -39.43
N GLN A 567 -15.82 12.11 -39.80
CA GLN A 567 -16.20 11.90 -41.19
C GLN A 567 -17.35 12.82 -41.55
N THR A 568 -18.50 12.62 -40.91
CA THR A 568 -19.63 13.53 -40.99
C THR A 568 -19.79 14.20 -39.63
N LEU A 569 -19.68 15.52 -39.61
CA LEU A 569 -19.51 16.25 -38.36
C LEU A 569 -20.77 16.32 -37.52
N GLU A 570 -21.24 15.16 -37.03
CA GLU A 570 -22.35 15.07 -36.10
C GLU A 570 -21.83 14.62 -34.74
N ILE A 571 -22.71 14.68 -33.74
CA ILE A 571 -22.32 14.48 -32.35
C ILE A 571 -22.98 13.22 -31.84
N LEU A 572 -22.17 12.30 -31.32
CA LEU A 572 -22.65 11.01 -30.86
C LEU A 572 -22.68 10.98 -29.33
N ASP A 573 -23.01 9.82 -28.77
CA ASP A 573 -23.22 9.71 -27.33
C ASP A 573 -22.82 8.30 -26.92
N ILE A 574 -21.70 8.19 -26.21
CA ILE A 574 -21.08 6.89 -25.91
C ILE A 574 -21.65 6.39 -24.60
N THR A 575 -22.48 5.34 -24.68
CA THR A 575 -23.05 4.70 -23.51
C THR A 575 -22.42 3.33 -23.34
N PRO A 576 -21.97 2.96 -22.15
CA PRO A 576 -21.30 1.66 -21.98
C PRO A 576 -22.28 0.50 -22.05
N CYS A 577 -21.71 -0.68 -22.25
CA CYS A 577 -22.43 -1.93 -22.26
C CYS A 577 -22.40 -2.51 -20.85
N SER A 578 -22.74 -3.80 -20.71
CA SER A 578 -22.27 -4.67 -19.64
C SER A 578 -22.71 -4.28 -18.24
N PHE A 579 -24.01 -4.17 -18.03
CA PHE A 579 -24.49 -3.75 -16.72
C PHE A 579 -24.45 -4.92 -15.74
N GLY A 580 -24.25 -4.58 -14.47
CA GLY A 580 -24.57 -5.46 -13.36
C GLY A 580 -23.71 -6.71 -13.22
N GLY A 581 -24.17 -7.56 -12.30
CA GLY A 581 -23.50 -8.81 -12.00
C GLY A 581 -24.47 -9.98 -12.00
N VAL A 582 -23.92 -11.15 -11.72
CA VAL A 582 -24.64 -12.42 -11.77
C VAL A 582 -24.71 -12.98 -10.36
N SER A 583 -25.91 -13.35 -9.92
CA SER A 583 -26.09 -13.96 -8.61
C SER A 583 -26.88 -15.24 -8.77
N VAL A 584 -26.43 -16.30 -8.12
CA VAL A 584 -26.93 -17.65 -8.34
C VAL A 584 -27.77 -18.04 -7.13
N ILE A 585 -29.08 -18.12 -7.33
CA ILE A 585 -29.99 -18.52 -6.27
C ILE A 585 -30.06 -20.02 -6.22
N THR A 586 -29.79 -20.60 -5.05
CA THR A 586 -29.77 -22.05 -4.96
C THR A 586 -30.40 -22.52 -3.66
N PRO A 587 -31.05 -23.67 -3.68
CA PRO A 587 -31.28 -24.40 -2.43
C PRO A 587 -30.03 -25.15 -2.03
N GLY A 588 -30.09 -25.97 -0.99
CA GLY A 588 -28.95 -26.77 -0.62
C GLY A 588 -28.60 -27.80 -1.68
N THR A 589 -27.30 -28.10 -1.78
CA THR A 589 -26.85 -29.16 -2.67
C THR A 589 -27.41 -30.51 -2.22
N ASN A 590 -27.54 -30.70 -0.91
CA ASN A 590 -28.18 -31.87 -0.33
C ASN A 590 -29.69 -31.93 -0.59
N THR A 591 -30.28 -30.87 -1.13
CA THR A 591 -31.68 -30.87 -1.52
C THR A 591 -31.86 -31.05 -3.03
N SER A 592 -31.19 -30.22 -3.83
CA SER A 592 -31.33 -30.29 -5.27
C SER A 592 -30.09 -29.70 -5.93
N ASN A 593 -29.99 -29.90 -7.23
CA ASN A 593 -29.01 -29.22 -8.06
C ASN A 593 -29.67 -28.22 -9.01
N GLN A 594 -30.97 -27.98 -8.84
CA GLN A 594 -31.64 -26.94 -9.60
C GLN A 594 -31.21 -25.58 -9.08
N VAL A 595 -30.97 -24.63 -9.99
CA VAL A 595 -30.54 -23.30 -9.62
C VAL A 595 -31.42 -22.27 -10.29
N ALA A 596 -31.29 -21.04 -9.84
CA ALA A 596 -31.82 -19.87 -10.52
C ALA A 596 -30.71 -18.84 -10.60
N VAL A 597 -30.79 -17.97 -11.59
CA VAL A 597 -29.72 -17.02 -11.87
C VAL A 597 -30.32 -15.64 -11.91
N LEU A 598 -29.85 -14.76 -11.03
CA LEU A 598 -30.30 -13.38 -10.98
C LEU A 598 -29.25 -12.52 -11.66
N TYR A 599 -29.62 -11.93 -12.78
CA TYR A 599 -28.81 -10.90 -13.42
C TYR A 599 -29.19 -9.56 -12.80
N GLN A 600 -28.25 -8.92 -12.12
CA GLN A 600 -28.57 -7.79 -11.26
C GLN A 600 -28.73 -6.51 -12.07
N ASP A 601 -29.94 -5.93 -12.02
CA ASP A 601 -30.26 -4.60 -12.53
C ASP A 601 -29.99 -4.45 -14.01
N VAL A 602 -30.27 -5.50 -14.77
CA VAL A 602 -30.26 -5.40 -16.21
C VAL A 602 -31.69 -5.60 -16.70
N ASN A 603 -31.94 -5.13 -17.91
CA ASN A 603 -33.19 -5.48 -18.57
C ASN A 603 -33.02 -6.88 -19.13
N CYS A 604 -34.13 -7.58 -19.36
CA CYS A 604 -33.99 -8.94 -19.85
C CYS A 604 -33.51 -8.95 -21.30
N THR A 605 -32.20 -8.86 -21.45
CA THR A 605 -31.49 -8.72 -22.72
C THR A 605 -30.91 -10.03 -23.22
N GLU A 606 -30.31 -10.81 -22.32
CA GLU A 606 -29.73 -12.09 -22.70
C GLU A 606 -30.81 -13.10 -23.10
N VAL A 607 -31.72 -13.39 -22.18
CA VAL A 607 -32.80 -14.40 -22.24
C VAL A 607 -32.45 -15.71 -22.95
N ASN A 628 -38.27 -19.77 -15.73
CA ASN A 628 -38.67 -18.78 -16.72
C ASN A 628 -37.87 -17.50 -16.58
N VAL A 629 -38.24 -16.48 -17.35
CA VAL A 629 -37.49 -15.22 -17.42
C VAL A 629 -38.43 -14.09 -17.04
N PHE A 630 -38.19 -13.49 -15.88
CA PHE A 630 -39.10 -12.54 -15.25
C PHE A 630 -38.33 -11.33 -14.74
N GLN A 631 -38.90 -10.14 -14.89
CA GLN A 631 -38.23 -8.89 -14.55
C GLN A 631 -38.51 -8.55 -13.09
N THR A 632 -37.69 -9.08 -12.20
CA THR A 632 -37.72 -8.61 -10.83
C THR A 632 -37.14 -7.22 -10.75
N ARG A 633 -37.50 -6.51 -9.68
CA ARG A 633 -37.03 -5.14 -9.51
C ARG A 633 -35.56 -5.07 -9.13
N ALA A 634 -34.95 -6.20 -8.78
CA ALA A 634 -33.51 -6.30 -8.64
C ALA A 634 -32.80 -6.59 -9.95
N GLY A 635 -33.52 -7.04 -10.96
CA GLY A 635 -32.95 -7.34 -12.26
C GLY A 635 -33.61 -8.57 -12.86
N CYS A 636 -33.08 -9.02 -13.98
CA CYS A 636 -33.68 -10.12 -14.72
C CYS A 636 -33.33 -11.45 -14.05
N LEU A 637 -34.36 -12.28 -13.82
CA LEU A 637 -34.22 -13.52 -13.05
C LEU A 637 -34.56 -14.70 -13.96
N ILE A 638 -33.55 -15.45 -14.35
CA ILE A 638 -33.70 -16.57 -15.27
C ILE A 638 -33.77 -17.86 -14.49
N GLY A 639 -34.84 -18.62 -14.68
CA GLY A 639 -34.92 -19.97 -14.21
C GLY A 639 -35.69 -20.19 -12.92
N ALA A 640 -36.60 -19.30 -12.55
CA ALA A 640 -37.38 -19.44 -11.33
C ALA A 640 -38.81 -19.07 -11.60
N GLU A 641 -39.73 -19.94 -11.21
CA GLU A 641 -41.13 -19.81 -11.56
C GLU A 641 -41.83 -18.82 -10.64
N HIS A 642 -42.50 -17.83 -11.23
CA HIS A 642 -43.22 -16.85 -10.42
C HIS A 642 -44.53 -17.42 -9.92
N VAL A 643 -44.89 -17.06 -8.68
CA VAL A 643 -46.11 -17.52 -8.03
C VAL A 643 -46.87 -16.29 -7.55
N ASN A 644 -48.19 -16.33 -7.62
CA ASN A 644 -49.01 -15.28 -7.02
C ASN A 644 -49.25 -15.47 -5.53
N ASN A 645 -48.58 -16.42 -4.88
CA ASN A 645 -48.76 -16.59 -3.44
C ASN A 645 -47.87 -15.61 -2.70
N SER A 646 -47.83 -15.72 -1.38
CA SER A 646 -46.99 -14.86 -0.55
C SER A 646 -46.63 -15.66 0.69
N TYR A 647 -45.42 -16.16 0.73
CA TYR A 647 -44.99 -17.04 1.80
C TYR A 647 -44.01 -16.31 2.71
N GLU A 648 -43.48 -17.04 3.68
CA GLU A 648 -42.35 -16.55 4.45
C GLU A 648 -41.10 -16.52 3.55
N CYS A 649 -40.20 -15.60 3.82
CA CYS A 649 -38.98 -15.49 3.05
C CYS A 649 -37.99 -16.57 3.44
N ASP A 650 -37.38 -17.21 2.43
CA ASP A 650 -36.30 -18.15 2.67
C ASP A 650 -34.98 -17.68 2.08
N ILE A 651 -34.93 -17.38 0.78
CA ILE A 651 -33.72 -16.87 0.17
C ILE A 651 -34.02 -15.46 -0.33
N PRO A 652 -33.43 -14.43 0.29
CA PRO A 652 -33.78 -13.05 -0.04
C PRO A 652 -33.17 -12.61 -1.37
N ILE A 653 -34.03 -12.18 -2.28
CA ILE A 653 -33.57 -11.67 -3.57
C ILE A 653 -33.43 -10.15 -3.55
N GLY A 654 -34.44 -9.45 -3.10
CA GLY A 654 -34.40 -8.01 -3.03
C GLY A 654 -35.71 -7.42 -3.51
N ALA A 655 -36.00 -6.20 -3.04
CA ALA A 655 -37.19 -5.43 -3.35
C ALA A 655 -38.48 -6.18 -3.01
N GLY A 656 -38.45 -6.92 -1.91
CA GLY A 656 -39.64 -7.61 -1.45
C GLY A 656 -39.94 -8.89 -2.19
N ILE A 657 -38.92 -9.54 -2.74
CA ILE A 657 -39.07 -10.78 -3.48
C ILE A 657 -38.14 -11.81 -2.84
N CYS A 658 -38.65 -13.01 -2.59
CA CYS A 658 -37.86 -14.08 -2.01
C CYS A 658 -38.08 -15.35 -2.80
N ALA A 659 -37.09 -16.24 -2.75
CA ALA A 659 -37.14 -17.51 -3.45
C ALA A 659 -37.00 -18.66 -2.47
N SER A 660 -37.57 -19.80 -2.84
CA SER A 660 -37.43 -21.02 -2.07
C SER A 660 -37.67 -22.20 -2.99
N TYR A 661 -37.60 -23.41 -2.43
CA TYR A 661 -37.70 -24.64 -3.20
C TYR A 661 -38.94 -25.39 -2.73
N GLN A 662 -40.01 -25.29 -3.50
CA GLN A 662 -41.25 -25.99 -3.20
C GLN A 662 -41.74 -26.73 -4.43
N THR A 663 -42.95 -27.28 -4.36
CA THR A 663 -43.52 -28.02 -5.49
C THR A 663 -44.38 -27.12 -6.36
N SER A 676 -43.86 -30.14 -10.68
CA SER A 676 -42.96 -30.83 -9.75
C SER A 676 -42.13 -29.81 -8.96
N GLN A 677 -41.13 -30.32 -8.24
CA GLN A 677 -40.36 -29.48 -7.32
C GLN A 677 -39.38 -28.62 -8.11
N SER A 678 -39.68 -27.33 -8.21
CA SER A 678 -38.84 -26.34 -8.87
C SER A 678 -38.54 -25.22 -7.90
N ILE A 679 -37.93 -24.16 -8.41
CA ILE A 679 -37.58 -22.99 -7.62
C ILE A 679 -38.60 -21.90 -7.88
N ILE A 680 -39.26 -21.44 -6.83
CA ILE A 680 -40.34 -20.49 -6.92
C ILE A 680 -39.82 -19.10 -6.58
N ALA A 681 -40.59 -18.09 -6.96
CA ALA A 681 -40.24 -16.70 -6.68
C ALA A 681 -41.52 -15.91 -6.46
N TYR A 682 -41.58 -15.19 -5.35
CA TYR A 682 -42.86 -14.70 -4.84
C TYR A 682 -42.68 -13.41 -4.06
N THR A 683 -43.74 -12.61 -4.01
CA THR A 683 -43.77 -11.43 -3.18
C THR A 683 -43.81 -11.84 -1.72
N MET A 684 -42.85 -11.34 -0.94
CA MET A 684 -42.65 -11.77 0.44
C MET A 684 -43.82 -11.35 1.32
N SER A 685 -44.37 -12.32 2.05
CA SER A 685 -45.38 -12.00 3.05
C SER A 685 -44.71 -11.63 4.36
N LEU A 686 -45.48 -10.99 5.23
CA LEU A 686 -44.94 -10.42 6.45
C LEU A 686 -45.47 -11.02 7.74
N GLY A 687 -46.59 -11.73 7.68
CA GLY A 687 -47.12 -12.37 8.87
C GLY A 687 -48.59 -12.63 8.75
N ALA A 688 -49.07 -13.48 9.64
CA ALA A 688 -50.48 -13.87 9.65
C ALA A 688 -51.33 -12.70 10.13
N GLU A 689 -52.18 -12.19 9.25
CA GLU A 689 -52.88 -10.94 9.52
C GLU A 689 -53.98 -11.13 10.55
N ASN A 690 -54.03 -10.23 11.54
CA ASN A 690 -54.87 -10.41 12.72
C ASN A 690 -55.54 -9.08 13.04
N SER A 691 -56.74 -8.87 12.54
CA SER A 691 -57.51 -7.70 12.95
C SER A 691 -58.02 -7.92 14.37
N VAL A 692 -57.47 -7.16 15.32
CA VAL A 692 -57.79 -7.35 16.73
C VAL A 692 -59.19 -6.80 17.00
N ALA A 693 -59.96 -7.53 17.80
CA ALA A 693 -61.22 -6.99 18.30
C ALA A 693 -60.93 -5.82 19.23
N TYR A 694 -61.86 -4.87 19.25
CA TYR A 694 -61.70 -3.71 20.11
C TYR A 694 -63.07 -3.12 20.36
N SER A 695 -63.33 -2.74 21.60
CA SER A 695 -64.54 -2.03 21.97
C SER A 695 -64.28 -1.27 23.25
N ASN A 696 -65.28 -0.52 23.71
CA ASN A 696 -65.17 0.18 24.97
C ASN A 696 -65.31 -0.73 26.18
N ASN A 697 -65.65 -2.00 25.98
CA ASN A 697 -65.99 -2.87 27.08
C ASN A 697 -65.26 -4.19 27.07
N SER A 698 -64.43 -4.48 26.09
CA SER A 698 -63.80 -5.79 26.01
C SER A 698 -62.38 -5.70 26.56
N ILE A 699 -62.12 -6.42 27.64
CA ILE A 699 -60.77 -6.69 28.10
C ILE A 699 -60.61 -8.20 28.10
N ALA A 700 -59.38 -8.66 27.92
CA ALA A 700 -59.10 -10.09 27.84
C ALA A 700 -58.06 -10.44 28.89
N ILE A 701 -58.51 -10.81 30.08
CA ILE A 701 -57.58 -11.21 31.13
C ILE A 701 -57.13 -12.64 30.85
N PRO A 702 -55.83 -12.94 30.95
CA PRO A 702 -55.38 -14.32 30.80
C PRO A 702 -55.86 -15.21 31.93
N THR A 703 -56.05 -16.49 31.59
CA THR A 703 -56.52 -17.47 32.55
C THR A 703 -55.47 -18.49 32.95
N ASN A 704 -54.45 -18.67 32.12
CA ASN A 704 -53.42 -19.68 32.35
C ASN A 704 -52.15 -19.14 31.70
N PHE A 705 -51.02 -19.76 32.01
CA PHE A 705 -49.75 -19.20 31.60
C PHE A 705 -48.87 -20.29 31.02
N THR A 706 -47.62 -19.93 30.74
CA THR A 706 -46.66 -20.84 30.14
C THR A 706 -45.26 -20.37 30.53
N ILE A 707 -44.54 -21.18 31.28
CA ILE A 707 -43.15 -20.87 31.58
C ILE A 707 -42.31 -21.23 30.38
N SER A 708 -41.56 -20.27 29.85
CA SER A 708 -40.82 -20.43 28.62
C SER A 708 -39.35 -20.13 28.87
N VAL A 709 -38.48 -21.01 28.38
CA VAL A 709 -37.04 -20.84 28.52
C VAL A 709 -36.47 -20.63 27.13
N THR A 710 -36.11 -19.39 26.81
CA THR A 710 -35.59 -19.01 25.52
C THR A 710 -34.06 -19.08 25.61
N THR A 711 -33.35 -18.72 24.55
CA THR A 711 -31.90 -18.80 24.53
C THR A 711 -31.30 -17.73 23.64
N GLU A 712 -30.39 -16.93 24.19
CA GLU A 712 -29.64 -15.96 23.42
C GLU A 712 -28.16 -16.30 23.49
N ILE A 713 -27.50 -16.10 22.35
CA ILE A 713 -26.08 -16.41 22.21
C ILE A 713 -25.37 -15.13 21.82
N LEU A 714 -24.31 -14.79 22.56
CA LEU A 714 -23.55 -13.58 22.32
C LEU A 714 -22.08 -13.94 22.27
N PRO A 715 -21.36 -13.60 21.21
CA PRO A 715 -19.91 -13.81 21.23
C PRO A 715 -19.21 -12.79 22.12
N VAL A 716 -18.24 -13.26 22.88
CA VAL A 716 -17.56 -12.46 23.88
C VAL A 716 -16.12 -12.16 23.49
N SER A 717 -15.35 -13.16 23.09
CA SER A 717 -13.95 -12.99 22.80
C SER A 717 -13.67 -13.29 21.34
N MET A 718 -12.39 -13.27 21.01
CA MET A 718 -11.92 -13.47 19.64
C MET A 718 -10.53 -14.09 19.76
N THR A 719 -10.09 -14.72 18.68
CA THR A 719 -8.80 -15.40 18.70
C THR A 719 -7.67 -14.39 18.80
N LYS A 720 -6.75 -14.62 19.72
CA LYS A 720 -5.65 -13.69 20.00
C LYS A 720 -4.51 -13.99 19.05
N THR A 721 -4.41 -13.22 17.98
CA THR A 721 -3.37 -13.41 16.97
C THR A 721 -2.35 -12.30 17.11
N SER A 722 -1.07 -12.68 17.07
CA SER A 722 0.00 -11.71 16.89
C SER A 722 0.92 -12.21 15.80
N VAL A 723 1.39 -11.29 14.97
CA VAL A 723 2.10 -11.63 13.74
C VAL A 723 3.48 -11.02 13.79
N ASP A 724 4.51 -11.88 13.72
CA ASP A 724 5.86 -11.42 13.40
C ASP A 724 5.85 -10.89 11.98
N CYS A 725 6.10 -9.59 11.82
CA CYS A 725 6.04 -8.99 10.51
C CYS A 725 7.24 -9.38 9.67
N THR A 726 8.41 -9.50 10.30
CA THR A 726 9.65 -9.68 9.55
C THR A 726 9.73 -11.08 8.96
N MET A 727 9.32 -12.09 9.72
CA MET A 727 9.27 -13.44 9.15
C MET A 727 8.15 -13.57 8.14
N TYR A 728 7.10 -12.75 8.25
CA TYR A 728 6.05 -12.73 7.24
C TYR A 728 6.57 -12.18 5.91
N ILE A 729 7.10 -10.96 5.96
CA ILE A 729 7.49 -10.27 4.74
C ILE A 729 8.79 -10.85 4.19
N CYS A 730 9.77 -11.08 5.05
CA CYS A 730 11.12 -11.47 4.64
C CYS A 730 11.52 -12.74 5.37
N GLY A 731 11.13 -13.89 4.84
CA GLY A 731 11.52 -15.15 5.45
C GLY A 731 12.89 -15.60 5.00
N ASP A 732 13.86 -15.55 5.92
CA ASP A 732 15.27 -15.93 5.70
C ASP A 732 15.88 -15.14 4.54
N SER A 733 15.98 -13.82 4.74
CA SER A 733 16.60 -12.96 3.74
C SER A 733 17.14 -11.72 4.44
N THR A 734 18.44 -11.46 4.30
CA THR A 734 19.05 -10.31 4.95
C THR A 734 18.86 -9.05 4.11
N GLU A 735 18.89 -9.19 2.78
CA GLU A 735 18.64 -8.07 1.89
C GLU A 735 17.22 -7.53 2.07
N CYS A 736 16.25 -8.45 2.12
CA CYS A 736 14.87 -8.08 2.40
C CYS A 736 14.73 -7.49 3.79
N SER A 737 15.54 -7.97 4.74
CA SER A 737 15.50 -7.44 6.10
C SER A 737 15.95 -5.99 6.14
N ASN A 738 17.02 -5.65 5.41
CA ASN A 738 17.49 -4.27 5.41
C ASN A 738 16.53 -3.34 4.66
N LEU A 739 15.98 -3.82 3.55
CA LEU A 739 15.00 -3.02 2.81
C LEU A 739 13.71 -2.85 3.61
N LEU A 740 13.42 -3.77 4.52
CA LEU A 740 12.29 -3.61 5.42
C LEU A 740 12.64 -2.67 6.57
N LEU A 741 13.92 -2.63 6.96
CA LEU A 741 14.37 -1.65 7.94
C LEU A 741 14.28 -0.23 7.43
N GLN A 742 14.35 -0.04 6.12
CA GLN A 742 14.23 1.31 5.58
C GLN A 742 12.80 1.84 5.52
N TYR A 743 11.80 1.20 6.12
CA TYR A 743 10.45 1.76 6.16
C TYR A 743 10.07 2.25 7.54
N GLY A 744 11.04 2.46 8.41
CA GLY A 744 10.73 3.02 9.72
C GLY A 744 10.17 1.98 10.66
N SER A 745 8.98 2.25 11.19
CA SER A 745 8.41 1.49 12.27
C SER A 745 6.97 1.09 11.95
N PHE A 746 6.76 0.50 10.78
CA PHE A 746 5.46 -0.08 10.48
C PHE A 746 5.21 -1.33 11.29
N CYS A 747 6.25 -2.16 11.47
CA CYS A 747 6.10 -3.43 12.17
C CYS A 747 5.77 -3.24 13.64
N THR A 748 6.42 -2.26 14.28
CA THR A 748 6.14 -1.95 15.68
C THR A 748 4.71 -1.46 15.84
N GLN A 749 4.21 -0.70 14.87
CA GLN A 749 2.85 -0.20 14.95
C GLN A 749 1.82 -1.30 14.77
N LEU A 750 2.08 -2.25 13.86
CA LEU A 750 1.18 -3.37 13.68
C LEU A 750 1.17 -4.28 14.91
N ASN A 751 2.33 -4.45 15.55
CA ASN A 751 2.34 -5.25 16.78
C ASN A 751 1.67 -4.53 17.95
N ARG A 752 1.75 -3.20 17.99
CA ARG A 752 0.99 -2.44 18.98
C ARG A 752 -0.50 -2.65 18.81
N ALA A 753 -0.98 -2.63 17.57
CA ALA A 753 -2.40 -2.81 17.30
C ALA A 753 -2.87 -4.20 17.72
N LEU A 754 -2.12 -5.24 17.31
CA LEU A 754 -2.56 -6.59 17.64
C LEU A 754 -2.43 -6.90 19.13
N THR A 755 -1.46 -6.30 19.82
CA THR A 755 -1.37 -6.46 21.26
C THR A 755 -2.53 -5.78 21.98
N GLY A 756 -2.92 -4.58 21.51
CA GLY A 756 -4.09 -3.92 22.09
C GLY A 756 -5.36 -4.71 21.90
N ILE A 757 -5.48 -5.38 20.76
CA ILE A 757 -6.62 -6.28 20.53
C ILE A 757 -6.61 -7.44 21.50
N ALA A 758 -5.46 -8.06 21.72
CA ALA A 758 -5.38 -9.23 22.60
C ALA A 758 -5.71 -8.88 24.05
N VAL A 759 -5.18 -7.75 24.54
CA VAL A 759 -5.51 -7.29 25.87
C VAL A 759 -7.01 -6.97 25.98
N GLU A 760 -7.60 -6.41 24.91
CA GLU A 760 -9.04 -6.17 24.96
C GLU A 760 -9.85 -7.45 24.95
N GLN A 761 -9.34 -8.53 24.36
CA GLN A 761 -10.12 -9.78 24.41
C GLN A 761 -10.13 -10.36 25.81
N ASP A 762 -9.00 -10.24 26.53
CA ASP A 762 -9.02 -10.66 27.93
C ASP A 762 -9.89 -9.75 28.79
N LYS A 763 -9.93 -8.44 28.49
CA LYS A 763 -10.84 -7.56 29.19
C LYS A 763 -12.29 -7.90 28.91
N ASN A 764 -12.60 -8.34 27.69
CA ASN A 764 -13.98 -8.71 27.37
C ASN A 764 -14.43 -9.93 28.16
N THR A 765 -13.60 -10.98 28.19
CA THR A 765 -14.04 -12.18 28.91
C THR A 765 -14.05 -11.97 30.41
N GLN A 766 -13.22 -11.06 30.95
CA GLN A 766 -13.27 -10.82 32.38
C GLN A 766 -14.40 -9.86 32.76
N GLU A 767 -14.78 -8.93 31.87
CA GLU A 767 -15.95 -8.11 32.16
C GLU A 767 -17.24 -8.90 32.08
N VAL A 768 -17.32 -9.89 31.18
CA VAL A 768 -18.53 -10.70 31.14
C VAL A 768 -18.58 -11.64 32.33
N PHE A 769 -17.59 -12.53 32.46
CA PHE A 769 -17.78 -13.62 33.40
C PHE A 769 -17.40 -13.29 34.84
N ALA A 770 -16.33 -12.54 35.08
CA ALA A 770 -15.89 -12.26 36.45
C ALA A 770 -16.73 -11.16 37.10
N GLN A 771 -18.01 -11.45 37.29
CA GLN A 771 -18.91 -10.52 37.95
C GLN A 771 -18.85 -10.65 39.45
N VAL A 772 -18.60 -11.86 39.95
CA VAL A 772 -18.59 -12.14 41.37
C VAL A 772 -17.17 -12.36 41.83
N LYS A 773 -16.96 -12.20 43.14
CA LYS A 773 -15.64 -12.38 43.73
C LYS A 773 -15.66 -13.39 44.87
N GLN A 774 -16.77 -14.09 45.07
CA GLN A 774 -16.82 -15.25 45.94
C GLN A 774 -17.47 -16.38 45.19
N ILE A 775 -16.74 -17.47 45.00
CA ILE A 775 -17.22 -18.61 44.23
C ILE A 775 -18.12 -19.46 45.10
N TYR A 776 -19.30 -19.77 44.60
CA TYR A 776 -20.36 -20.44 45.35
C TYR A 776 -20.47 -21.89 44.90
N LYS A 777 -21.06 -22.71 45.77
CA LYS A 777 -21.32 -24.11 45.45
C LYS A 777 -22.69 -24.48 45.99
N THR A 778 -23.45 -25.23 45.19
CA THR A 778 -24.75 -25.70 45.63
C THR A 778 -24.58 -26.77 46.70
N PRO A 779 -25.55 -26.89 47.62
CA PRO A 779 -25.51 -28.02 48.54
C PRO A 779 -25.81 -29.31 47.81
N PRO A 780 -25.32 -30.44 48.31
CA PRO A 780 -25.54 -31.71 47.60
C PRO A 780 -26.98 -32.20 47.65
N ILE A 781 -27.76 -31.76 48.63
CA ILE A 781 -29.19 -32.06 48.66
C ILE A 781 -29.90 -30.98 47.86
N LYS A 782 -30.44 -31.37 46.71
CA LYS A 782 -31.03 -30.41 45.77
C LYS A 782 -32.55 -30.40 45.93
N ASP A 783 -33.00 -29.78 47.01
CA ASP A 783 -34.43 -29.59 47.26
C ASP A 783 -34.78 -28.18 46.85
N PHE A 784 -34.96 -27.99 45.54
CA PHE A 784 -35.18 -26.68 44.94
C PHE A 784 -36.64 -26.47 44.59
N GLY A 785 -37.55 -26.96 45.42
CA GLY A 785 -38.97 -26.81 45.18
C GLY A 785 -39.54 -27.72 44.12
N GLY A 786 -38.73 -28.57 43.51
CA GLY A 786 -39.17 -29.41 42.43
C GLY A 786 -38.65 -29.04 41.07
N PHE A 787 -37.71 -28.10 40.98
CA PHE A 787 -37.17 -27.71 39.69
C PHE A 787 -35.89 -28.51 39.50
N ASN A 788 -35.72 -29.09 38.33
CA ASN A 788 -34.59 -29.97 38.06
C ASN A 788 -33.51 -29.15 37.38
N PHE A 789 -32.45 -28.87 38.11
CA PHE A 789 -31.32 -28.08 37.64
C PHE A 789 -30.13 -28.92 37.24
N SER A 790 -30.33 -30.23 37.06
CA SER A 790 -29.19 -31.13 36.90
C SER A 790 -28.51 -30.99 35.56
N GLN A 791 -29.18 -30.40 34.57
CA GLN A 791 -28.61 -30.28 33.24
C GLN A 791 -27.88 -28.96 33.04
N ILE A 792 -27.83 -28.10 34.05
CA ILE A 792 -27.12 -26.83 33.95
C ILE A 792 -26.10 -26.71 35.07
N LEU A 793 -26.33 -27.41 36.18
CA LEU A 793 -25.33 -27.43 37.24
C LEU A 793 -24.18 -28.34 36.84
N PRO A 794 -22.97 -28.04 37.30
CA PRO A 794 -21.80 -28.82 36.87
C PRO A 794 -21.81 -30.24 37.40
N ASP A 795 -21.48 -31.18 36.52
CA ASP A 795 -21.44 -32.58 36.87
C ASP A 795 -19.99 -33.00 37.11
N PRO A 796 -19.64 -33.47 38.31
CA PRO A 796 -18.27 -33.96 38.52
C PRO A 796 -17.96 -35.28 37.82
N SER A 797 -18.96 -35.96 37.25
CA SER A 797 -18.72 -37.21 36.53
C SER A 797 -18.00 -37.00 35.22
N LYS A 798 -18.00 -35.79 34.68
CA LYS A 798 -17.19 -35.48 33.51
C LYS A 798 -15.74 -35.21 33.92
N PRO A 799 -14.78 -35.54 33.04
CA PRO A 799 -13.40 -35.15 33.32
C PRO A 799 -13.16 -33.66 33.21
N SER A 800 -13.97 -32.96 32.42
CA SER A 800 -13.96 -31.51 32.38
C SER A 800 -15.13 -31.01 33.21
N LYS A 801 -14.82 -30.24 34.25
CA LYS A 801 -15.82 -29.86 35.25
C LYS A 801 -16.71 -28.78 34.65
N ARG A 802 -17.69 -29.22 33.87
CA ARG A 802 -18.76 -28.35 33.37
C ARG A 802 -20.03 -29.18 33.31
N SER A 803 -21.05 -28.66 32.64
CA SER A 803 -22.37 -29.25 32.68
C SER A 803 -22.74 -29.87 31.34
N PHE A 804 -23.96 -30.41 31.28
CA PHE A 804 -24.38 -31.15 30.09
C PHE A 804 -24.63 -30.21 28.93
N ILE A 805 -25.33 -29.10 29.19
CA ILE A 805 -25.61 -28.15 28.13
C ILE A 805 -24.34 -27.42 27.70
N GLU A 806 -23.42 -27.16 28.65
CA GLU A 806 -22.14 -26.59 28.23
C GLU A 806 -21.31 -27.57 27.43
N ASP A 807 -21.45 -28.87 27.70
CA ASP A 807 -20.76 -29.87 26.90
C ASP A 807 -21.32 -29.90 25.48
N LEU A 808 -22.64 -29.81 25.35
CA LEU A 808 -23.27 -29.68 24.04
C LEU A 808 -22.79 -28.44 23.30
N LEU A 809 -22.64 -27.32 24.01
CA LEU A 809 -22.25 -26.08 23.35
C LEU A 809 -20.78 -26.10 22.95
N PHE A 810 -19.92 -26.73 23.75
CA PHE A 810 -18.52 -26.88 23.34
C PHE A 810 -18.32 -27.94 22.28
N ASN A 811 -19.25 -28.88 22.10
CA ASN A 811 -19.06 -29.90 21.10
C ASN A 811 -19.93 -29.75 19.86
N LYS A 812 -20.79 -28.72 19.77
CA LYS A 812 -21.47 -28.42 18.52
C LYS A 812 -20.84 -27.28 17.76
N VAL A 813 -19.81 -26.64 18.30
CA VAL A 813 -19.02 -25.65 17.57
C VAL A 813 -17.66 -26.26 17.33
N THR A 814 -17.35 -26.52 16.07
CA THR A 814 -16.10 -27.19 15.70
C THR A 814 -15.13 -26.22 15.04
N LYS A 841 0.24 -20.65 7.60
CA LYS A 841 0.05 -21.24 8.91
C LYS A 841 1.10 -20.74 9.89
N PHE A 842 2.34 -21.19 9.67
CA PHE A 842 3.46 -20.87 10.55
C PHE A 842 4.43 -19.92 9.87
N ASN A 843 3.89 -18.91 9.20
CA ASN A 843 4.68 -17.88 8.56
C ASN A 843 4.85 -16.64 9.44
N GLY A 844 4.90 -16.84 10.75
CA GLY A 844 4.99 -15.75 11.70
C GLY A 844 3.71 -15.48 12.45
N LEU A 845 2.66 -16.25 12.20
CA LEU A 845 1.32 -15.93 12.65
C LEU A 845 1.02 -16.81 13.86
N THR A 846 1.34 -16.29 15.04
CA THR A 846 1.26 -17.04 16.29
C THR A 846 -0.06 -16.75 16.99
N VAL A 847 -0.80 -17.79 17.33
CA VAL A 847 -2.05 -17.66 18.08
C VAL A 847 -1.75 -17.78 19.56
N LEU A 848 -2.06 -16.74 20.31
CA LEU A 848 -1.83 -16.68 21.74
C LEU A 848 -2.99 -17.37 22.48
N PRO A 849 -2.73 -17.96 23.63
CA PRO A 849 -3.81 -18.54 24.41
C PRO A 849 -4.57 -17.46 25.15
N PRO A 850 -5.82 -17.70 25.53
CA PRO A 850 -6.52 -16.75 26.39
C PRO A 850 -5.99 -16.82 27.81
N LEU A 851 -6.28 -15.78 28.58
CA LEU A 851 -5.90 -15.77 29.98
C LEU A 851 -6.76 -16.69 30.81
N LEU A 852 -8.07 -16.43 30.84
CA LEU A 852 -8.98 -17.35 31.50
C LEU A 852 -9.16 -18.59 30.63
N THR A 853 -8.79 -19.75 31.14
CA THR A 853 -9.04 -20.99 30.44
C THR A 853 -10.52 -21.33 30.45
N ASP A 854 -10.88 -22.42 29.76
CA ASP A 854 -12.28 -22.80 29.72
C ASP A 854 -12.76 -23.39 31.05
N GLU A 855 -11.85 -23.97 31.83
CA GLU A 855 -12.21 -24.41 33.17
C GLU A 855 -12.49 -23.23 34.08
N MET A 856 -11.79 -22.12 33.90
CA MET A 856 -12.01 -20.98 34.78
C MET A 856 -13.32 -20.29 34.46
N ILE A 857 -13.67 -20.18 33.18
CA ILE A 857 -14.96 -19.57 32.86
C ILE A 857 -16.08 -20.54 33.22
N ALA A 858 -15.82 -21.85 33.21
CA ALA A 858 -16.85 -22.79 33.67
C ALA A 858 -17.04 -22.73 35.17
N GLN A 859 -15.96 -22.49 35.94
CA GLN A 859 -16.13 -22.30 37.38
C GLN A 859 -16.81 -20.99 37.71
N TYR A 860 -16.57 -19.96 36.90
CA TYR A 860 -17.30 -18.70 37.06
C TYR A 860 -18.78 -18.87 36.82
N THR A 861 -19.17 -19.56 35.74
CA THR A 861 -20.59 -19.75 35.51
C THR A 861 -21.22 -20.71 36.52
N SER A 862 -20.42 -21.63 37.06
CA SER A 862 -20.85 -22.45 38.20
C SER A 862 -21.17 -21.60 39.41
N ALA A 863 -20.29 -20.65 39.72
CA ALA A 863 -20.51 -19.76 40.85
C ALA A 863 -21.73 -18.88 40.64
N LEU A 864 -21.93 -18.43 39.40
CA LEU A 864 -23.11 -17.61 39.09
C LEU A 864 -24.40 -18.41 39.25
N LEU A 865 -24.43 -19.66 38.79
CA LEU A 865 -25.64 -20.46 38.93
C LEU A 865 -25.93 -20.82 40.38
N ALA A 866 -24.89 -21.18 41.14
CA ALA A 866 -25.10 -21.46 42.55
C ALA A 866 -25.51 -20.23 43.33
N GLY A 867 -25.05 -19.05 42.91
CA GLY A 867 -25.51 -17.83 43.53
C GLY A 867 -26.96 -17.52 43.22
N THR A 868 -27.36 -17.65 41.96
CA THR A 868 -28.73 -17.30 41.60
C THR A 868 -29.72 -18.31 42.15
N ILE A 869 -29.31 -19.56 42.34
CA ILE A 869 -30.22 -20.55 42.87
C ILE A 869 -30.30 -20.45 44.39
N THR A 870 -29.16 -20.40 45.07
CA THR A 870 -29.20 -20.39 46.52
C THR A 870 -29.56 -19.04 47.12
N SER A 871 -29.20 -17.93 46.48
CA SER A 871 -29.48 -16.61 47.00
C SER A 871 -30.54 -15.87 46.19
N GLY A 872 -30.32 -15.74 44.89
CA GLY A 872 -31.28 -15.09 44.02
C GLY A 872 -30.74 -13.84 43.38
N TRP A 873 -31.30 -12.70 43.77
CA TRP A 873 -30.91 -11.40 43.27
C TRP A 873 -30.02 -10.65 44.25
N THR A 874 -29.64 -11.27 45.35
CA THR A 874 -29.02 -10.58 46.47
C THR A 874 -27.52 -10.70 46.51
N PHE A 875 -26.94 -11.65 45.78
CA PHE A 875 -25.50 -11.84 45.86
C PHE A 875 -24.75 -10.86 44.98
N GLY A 876 -25.42 -10.17 44.08
CA GLY A 876 -24.80 -9.14 43.29
C GLY A 876 -24.81 -7.78 43.93
N ALA A 877 -25.41 -7.67 45.10
CA ALA A 877 -25.58 -6.42 45.83
C ALA A 877 -25.04 -6.57 47.24
N GLY A 878 -23.84 -7.11 47.37
CA GLY A 878 -23.27 -7.37 48.67
C GLY A 878 -23.10 -8.84 48.94
N ALA A 879 -23.41 -9.27 50.15
CA ALA A 879 -23.23 -10.65 50.53
C ALA A 879 -24.37 -11.51 49.98
N ALA A 880 -24.17 -12.82 50.01
CA ALA A 880 -25.17 -13.76 49.54
C ALA A 880 -26.15 -14.06 50.67
N LEU A 881 -27.44 -13.95 50.38
CA LEU A 881 -28.48 -14.14 51.37
C LEU A 881 -29.33 -15.33 50.96
N GLN A 882 -29.30 -16.40 51.74
CA GLN A 882 -30.03 -17.62 51.43
C GLN A 882 -31.54 -17.40 51.42
N ILE A 883 -32.19 -17.95 50.41
CA ILE A 883 -33.64 -17.88 50.22
C ILE A 883 -34.09 -19.23 49.67
N PRO A 884 -35.09 -19.89 50.25
CA PRO A 884 -35.63 -21.11 49.63
C PRO A 884 -36.26 -20.78 48.29
N PHE A 885 -36.08 -21.70 47.33
CA PHE A 885 -36.22 -21.33 45.92
C PHE A 885 -37.67 -21.05 45.52
N ALA A 886 -38.63 -21.63 46.22
CA ALA A 886 -40.01 -21.27 46.00
C ALA A 886 -40.26 -19.82 46.39
N MET A 887 -39.51 -19.29 47.35
CA MET A 887 -39.69 -17.88 47.65
C MET A 887 -39.01 -16.99 46.63
N GLN A 888 -37.94 -17.45 45.98
CA GLN A 888 -37.42 -16.69 44.85
C GLN A 888 -38.44 -16.63 43.73
N MET A 889 -39.10 -17.75 43.43
CA MET A 889 -40.07 -17.69 42.34
C MET A 889 -41.33 -16.91 42.74
N ALA A 890 -41.67 -16.88 44.03
CA ALA A 890 -42.79 -16.06 44.44
C ALA A 890 -42.46 -14.58 44.37
N TYR A 891 -41.25 -14.21 44.78
CA TYR A 891 -40.86 -12.81 44.77
C TYR A 891 -40.37 -12.35 43.41
N ARG A 892 -40.24 -13.27 42.46
CA ARG A 892 -40.12 -12.90 41.06
C ARG A 892 -41.45 -12.87 40.34
N PHE A 893 -42.47 -13.58 40.86
CA PHE A 893 -43.81 -13.35 40.35
C PHE A 893 -44.38 -12.02 40.83
N ASN A 894 -44.07 -11.60 42.06
CA ASN A 894 -44.45 -10.25 42.48
C ASN A 894 -43.79 -9.17 41.65
N GLY A 895 -42.61 -9.45 41.10
CA GLY A 895 -41.94 -8.46 40.29
C GLY A 895 -42.56 -8.22 38.94
N ILE A 896 -43.45 -9.09 38.48
CA ILE A 896 -44.12 -8.90 37.20
C ILE A 896 -45.59 -8.58 37.37
N GLY A 897 -46.07 -8.40 38.60
CA GLY A 897 -47.43 -8.02 38.83
C GLY A 897 -48.36 -9.15 39.16
N VAL A 898 -47.95 -10.40 38.91
CA VAL A 898 -48.75 -11.55 39.29
C VAL A 898 -48.69 -11.70 40.80
N THR A 899 -49.84 -11.89 41.43
CA THR A 899 -49.89 -12.13 42.86
C THR A 899 -49.21 -13.46 43.17
N GLN A 900 -48.46 -13.51 44.28
CA GLN A 900 -47.66 -14.68 44.63
C GLN A 900 -48.47 -15.89 45.03
N ASN A 901 -49.79 -15.78 45.16
CA ASN A 901 -50.60 -16.99 45.38
C ASN A 901 -50.60 -17.88 44.16
N VAL A 902 -50.39 -17.30 42.97
CA VAL A 902 -50.40 -18.07 41.73
C VAL A 902 -49.23 -19.04 41.71
N LEU A 903 -48.08 -18.65 42.27
CA LEU A 903 -46.94 -19.55 42.31
C LEU A 903 -47.19 -20.74 43.24
N TYR A 904 -47.45 -20.46 44.51
CA TYR A 904 -47.64 -21.48 45.53
C TYR A 904 -48.83 -22.39 45.24
N GLU A 905 -49.85 -21.87 44.59
CA GLU A 905 -51.00 -22.67 44.25
C GLU A 905 -50.87 -23.33 42.88
N ASN A 906 -49.73 -23.16 42.21
CA ASN A 906 -49.45 -23.88 40.97
C ASN A 906 -48.01 -24.35 40.88
N GLN A 907 -47.38 -24.69 42.00
CA GLN A 907 -45.93 -24.90 42.02
C GLN A 907 -45.51 -26.12 41.22
N LYS A 908 -46.34 -27.16 41.21
CA LYS A 908 -45.99 -28.39 40.49
C LYS A 908 -46.09 -28.19 38.99
N LEU A 909 -47.11 -27.46 38.52
CA LEU A 909 -47.23 -27.21 37.08
C LEU A 909 -46.11 -26.31 36.57
N ILE A 910 -45.69 -25.35 37.38
CA ILE A 910 -44.58 -24.48 37.00
C ILE A 910 -43.28 -25.28 36.98
N ALA A 911 -43.12 -26.22 37.92
CA ALA A 911 -41.95 -27.09 37.90
C ALA A 911 -41.92 -27.96 36.67
N ASN A 912 -43.09 -28.47 36.25
CA ASN A 912 -43.12 -29.35 35.10
C ASN A 912 -42.90 -28.59 33.81
N GLN A 913 -43.45 -27.38 33.69
CA GLN A 913 -43.21 -26.56 32.51
C GLN A 913 -41.76 -26.13 32.42
N PHE A 914 -41.13 -25.83 33.56
CA PHE A 914 -39.73 -25.47 33.55
C PHE A 914 -38.85 -26.64 33.12
N ASN A 915 -39.12 -27.84 33.66
CA ASN A 915 -38.28 -28.97 33.33
C ASN A 915 -38.49 -29.43 31.89
N SER A 916 -39.73 -29.34 31.40
CA SER A 916 -39.97 -29.68 30.00
C SER A 916 -39.33 -28.66 29.06
N ALA A 917 -39.28 -27.38 29.46
CA ALA A 917 -38.61 -26.39 28.63
C ALA A 917 -37.10 -26.58 28.61
N ILE A 918 -36.52 -27.01 29.74
CA ILE A 918 -35.10 -27.36 29.77
C ILE A 918 -34.81 -28.56 28.87
N GLY A 919 -35.71 -29.54 28.86
CA GLY A 919 -35.54 -30.67 27.96
C GLY A 919 -35.64 -30.29 26.49
N LYS A 920 -36.57 -29.40 26.16
CA LYS A 920 -36.68 -28.90 24.79
C LYS A 920 -35.47 -28.10 24.37
N ILE A 921 -34.86 -27.35 25.30
CA ILE A 921 -33.69 -26.57 24.89
C ILE A 921 -32.48 -27.48 24.75
N GLN A 922 -32.46 -28.60 25.48
CA GLN A 922 -31.41 -29.60 25.26
C GLN A 922 -31.57 -30.27 23.91
N ASP A 923 -32.82 -30.53 23.50
CA ASP A 923 -33.05 -31.10 22.18
C ASP A 923 -32.67 -30.12 21.07
N SER A 924 -33.00 -28.84 21.23
CA SER A 924 -32.66 -27.85 20.21
C SER A 924 -31.17 -27.55 20.15
N LEU A 925 -30.41 -27.84 21.20
CA LEU A 925 -28.96 -27.73 21.09
C LEU A 925 -28.29 -29.05 20.74
N SER A 926 -28.98 -30.18 20.87
CA SER A 926 -28.37 -31.46 20.59
C SER A 926 -28.63 -31.96 19.18
N SER A 927 -29.76 -31.57 18.57
CA SER A 927 -30.09 -31.98 17.21
C SER A 927 -29.91 -30.89 16.18
N THR A 928 -29.66 -29.65 16.61
CA THR A 928 -29.60 -28.51 15.71
C THR A 928 -28.50 -27.58 16.18
N ALA A 929 -27.65 -27.15 15.24
CA ALA A 929 -26.61 -26.17 15.56
C ALA A 929 -26.80 -24.93 14.71
N SER A 930 -28.04 -24.43 14.63
CA SER A 930 -28.36 -23.27 13.81
C SER A 930 -28.14 -21.95 14.53
N ALA A 931 -28.59 -21.84 15.78
CA ALA A 931 -28.40 -20.61 16.55
C ALA A 931 -26.95 -20.41 16.97
N LEU A 932 -26.18 -21.49 17.11
CA LEU A 932 -24.77 -21.41 17.44
C LEU A 932 -23.91 -20.88 16.31
N GLY A 933 -24.47 -20.73 15.11
CA GLY A 933 -23.76 -20.12 13.99
C GLY A 933 -23.32 -18.70 14.26
N LYS A 934 -24.07 -17.98 15.12
CA LYS A 934 -23.67 -16.68 15.65
C LYS A 934 -22.27 -16.71 16.25
N LEU A 935 -21.87 -17.82 16.86
CA LEU A 935 -20.49 -18.03 17.27
C LEU A 935 -19.60 -18.52 16.15
N GLN A 936 -20.10 -19.45 15.32
CA GLN A 936 -19.30 -19.99 14.23
C GLN A 936 -18.99 -18.93 13.20
N ASP A 937 -19.90 -17.99 12.99
CA ASP A 937 -19.64 -16.87 12.09
C ASP A 937 -18.61 -15.90 12.64
N VAL A 938 -18.14 -16.09 13.87
CA VAL A 938 -16.91 -15.45 14.31
C VAL A 938 -15.70 -16.25 13.87
N VAL A 939 -15.71 -17.55 14.20
CA VAL A 939 -14.51 -18.39 14.07
C VAL A 939 -14.07 -18.49 12.63
N ASN A 940 -14.99 -18.94 11.76
CA ASN A 940 -14.85 -18.89 10.31
C ASN A 940 -14.33 -17.56 9.82
N GLN A 941 -14.93 -16.47 10.32
CA GLN A 941 -14.53 -15.10 9.99
C GLN A 941 -13.05 -14.90 10.21
N ASN A 942 -12.57 -15.19 11.43
CA ASN A 942 -11.17 -15.01 11.75
C ASN A 942 -10.30 -15.93 10.94
N ALA A 943 -10.78 -17.16 10.70
CA ALA A 943 -10.03 -18.13 9.92
C ALA A 943 -9.82 -17.63 8.52
N GLN A 944 -10.86 -17.02 7.92
CA GLN A 944 -10.75 -16.51 6.56
C GLN A 944 -9.67 -15.45 6.46
N ALA A 945 -9.58 -14.60 7.50
CA ALA A 945 -8.60 -13.53 7.52
C ALA A 945 -7.20 -14.11 7.46
N LEU A 946 -6.94 -15.12 8.29
CA LEU A 946 -5.61 -15.72 8.34
C LEU A 946 -5.30 -16.40 7.02
N ASN A 947 -6.31 -17.04 6.42
CA ASN A 947 -6.10 -17.75 5.17
C ASN A 947 -5.74 -16.77 4.08
N THR A 948 -6.43 -15.63 4.05
CA THR A 948 -6.20 -14.65 3.01
C THR A 948 -4.82 -14.05 3.17
N LEU A 949 -4.36 -13.92 4.41
CA LEU A 949 -3.07 -13.34 4.66
C LEU A 949 -1.97 -14.25 4.14
N VAL A 950 -2.13 -15.56 4.31
CA VAL A 950 -1.10 -16.47 3.83
C VAL A 950 -1.19 -16.57 2.32
N LYS A 951 -2.37 -16.34 1.75
CA LYS A 951 -2.46 -16.36 0.31
C LYS A 951 -1.92 -15.08 -0.31
N GLN A 952 -1.48 -14.11 0.48
CA GLN A 952 -0.75 -13.01 -0.11
C GLN A 952 0.73 -13.30 -0.21
N LEU A 953 1.18 -14.46 0.28
CA LEU A 953 2.59 -14.79 0.14
C LEU A 953 2.91 -15.41 -1.21
N SER A 954 1.94 -16.08 -1.82
CA SER A 954 2.11 -16.66 -3.15
C SER A 954 1.69 -15.72 -4.26
N SER A 955 1.77 -14.41 -4.03
CA SER A 955 1.35 -13.41 -5.00
C SER A 955 2.56 -12.61 -5.45
N ASN A 956 2.58 -12.27 -6.74
CA ASN A 956 3.77 -11.68 -7.33
C ASN A 956 3.92 -10.21 -6.96
N PHE A 957 2.79 -9.50 -6.79
CA PHE A 957 2.75 -8.07 -6.46
C PHE A 957 3.48 -7.22 -7.50
N GLY A 958 3.35 -7.63 -8.76
CA GLY A 958 3.98 -6.93 -9.85
C GLY A 958 5.45 -7.23 -10.05
N ALA A 959 6.04 -8.06 -9.21
CA ALA A 959 7.43 -8.43 -9.35
C ALA A 959 7.53 -9.70 -10.22
N ILE A 960 8.71 -10.32 -10.22
CA ILE A 960 8.95 -11.42 -11.14
C ILE A 960 8.37 -12.72 -10.59
N SER A 961 8.65 -13.04 -9.33
CA SER A 961 8.18 -14.29 -8.77
C SER A 961 7.89 -14.10 -7.28
N SER A 962 6.96 -14.91 -6.76
CA SER A 962 6.57 -14.78 -5.37
C SER A 962 7.64 -15.33 -4.44
N VAL A 963 8.33 -16.39 -4.84
CA VAL A 963 9.35 -17.01 -4.00
C VAL A 963 10.59 -16.12 -3.98
N LEU A 964 11.03 -15.76 -2.77
CA LEU A 964 11.97 -14.67 -2.63
C LEU A 964 13.40 -15.07 -2.96
N ASN A 965 13.72 -16.36 -2.80
CA ASN A 965 15.08 -16.83 -3.06
C ASN A 965 15.41 -16.78 -4.54
N ASP A 966 14.39 -16.91 -5.40
CA ASP A 966 14.61 -16.81 -6.83
C ASP A 966 15.09 -15.42 -7.22
N ILE A 967 14.41 -14.39 -6.73
CA ILE A 967 14.85 -13.02 -6.96
C ILE A 967 16.19 -12.77 -6.27
N LEU A 968 16.45 -13.45 -5.17
CA LEU A 968 17.75 -13.34 -4.51
C LEU A 968 18.88 -13.93 -5.36
N SER A 969 18.59 -14.92 -6.21
CA SER A 969 19.65 -15.57 -6.98
C SER A 969 19.24 -15.76 -8.45
N ARG A 970 18.70 -14.71 -9.08
CA ARG A 970 18.59 -14.70 -10.53
C ARG A 970 19.16 -13.41 -11.11
N LEU A 971 18.98 -12.30 -10.41
CA LEU A 971 19.23 -10.99 -10.96
C LEU A 971 20.41 -10.31 -10.26
N ASP A 972 20.66 -9.07 -10.66
CA ASP A 972 21.69 -8.24 -10.06
C ASP A 972 21.13 -7.55 -8.82
N LYS A 973 22.04 -6.99 -8.01
CA LYS A 973 21.66 -6.54 -6.66
C LYS A 973 20.74 -5.33 -6.70
N VAL A 974 20.92 -4.42 -7.65
CA VAL A 974 20.01 -3.29 -7.76
C VAL A 974 18.66 -3.75 -8.29
N GLU A 975 18.68 -4.64 -9.29
CA GLU A 975 17.45 -5.22 -9.82
C GLU A 975 16.76 -6.10 -8.78
N ALA A 976 17.55 -6.83 -7.97
CA ALA A 976 16.98 -7.59 -6.86
C ALA A 976 16.33 -6.68 -5.84
N GLU A 977 16.96 -5.53 -5.55
CA GLU A 977 16.34 -4.59 -4.62
C GLU A 977 15.05 -4.02 -5.17
N VAL A 978 14.96 -3.81 -6.49
CA VAL A 978 13.72 -3.32 -7.09
C VAL A 978 12.59 -4.33 -6.94
N GLN A 979 12.86 -5.60 -7.30
CA GLN A 979 11.80 -6.60 -7.28
C GLN A 979 11.41 -6.97 -5.85
N ILE A 980 12.40 -7.05 -4.95
CA ILE A 980 12.13 -7.27 -3.54
C ILE A 980 11.38 -6.09 -2.94
N ASP A 981 11.63 -4.86 -3.41
CA ASP A 981 10.86 -3.73 -2.92
C ASP A 981 9.40 -3.79 -3.35
N ARG A 982 9.14 -4.30 -4.56
CA ARG A 982 7.74 -4.53 -4.98
C ARG A 982 7.06 -5.54 -4.08
N LEU A 983 7.75 -6.65 -3.77
CA LEU A 983 7.17 -7.66 -2.87
C LEU A 983 6.99 -7.13 -1.45
N ILE A 984 7.91 -6.30 -0.97
CA ILE A 984 7.79 -5.75 0.39
C ILE A 984 6.62 -4.79 0.48
N THR A 985 6.43 -3.95 -0.53
CA THR A 985 5.30 -3.03 -0.52
C THR A 985 3.98 -3.77 -0.58
N GLY A 986 3.89 -4.81 -1.42
CA GLY A 986 2.67 -5.59 -1.47
C GLY A 986 2.36 -6.35 -0.19
N ARG A 987 3.38 -7.01 0.37
CA ARG A 987 3.16 -7.79 1.60
C ARG A 987 2.86 -6.90 2.79
N LEU A 988 3.41 -5.69 2.79
CA LEU A 988 3.13 -4.77 3.88
C LEU A 988 1.71 -4.24 3.78
N GLN A 989 1.22 -3.98 2.56
CA GLN A 989 -0.19 -3.61 2.39
C GLN A 989 -1.11 -4.74 2.81
N SER A 990 -0.71 -6.00 2.54
CA SER A 990 -1.51 -7.15 2.93
C SER A 990 -1.61 -7.26 4.45
N LEU A 991 -0.49 -7.10 5.14
CA LEU A 991 -0.48 -7.22 6.59
C LEU A 991 -1.23 -6.06 7.23
N GLN A 992 -1.12 -4.87 6.67
CA GLN A 992 -1.85 -3.72 7.22
C GLN A 992 -3.35 -3.81 6.97
N THR A 993 -3.77 -4.42 5.86
CA THR A 993 -5.19 -4.66 5.62
C THR A 993 -5.75 -5.67 6.62
N TYR A 994 -4.98 -6.73 6.89
CA TYR A 994 -5.35 -7.68 7.94
C TYR A 994 -5.51 -7.00 9.29
N VAL A 995 -4.59 -6.11 9.64
CA VAL A 995 -4.65 -5.43 10.92
C VAL A 995 -5.87 -4.52 11.01
N THR A 996 -6.19 -3.80 9.93
CA THR A 996 -7.35 -2.91 9.94
C THR A 996 -8.66 -3.66 10.11
N GLN A 997 -8.81 -4.79 9.40
CA GLN A 997 -10.04 -5.55 9.60
C GLN A 997 -10.08 -6.24 10.95
N GLN A 998 -8.94 -6.58 11.54
CA GLN A 998 -8.98 -7.11 12.89
C GLN A 998 -9.37 -6.05 13.91
N LEU A 999 -8.97 -4.79 13.71
CA LEU A 999 -9.42 -3.73 14.62
C LEU A 999 -10.92 -3.50 14.53
N ILE A 1000 -11.47 -3.52 13.31
CA ILE A 1000 -12.91 -3.32 13.16
C ILE A 1000 -13.70 -4.48 13.76
N ARG A 1001 -13.26 -5.73 13.52
CA ARG A 1001 -13.97 -6.87 14.07
C ARG A 1001 -13.81 -6.96 15.59
N ALA A 1002 -12.67 -6.51 16.12
CA ALA A 1002 -12.51 -6.46 17.56
C ALA A 1002 -13.44 -5.44 18.19
N ALA A 1003 -13.70 -4.32 17.50
CA ALA A 1003 -14.67 -3.36 18.02
C ALA A 1003 -16.08 -3.92 18.04
N GLU A 1004 -16.45 -4.67 16.99
CA GLU A 1004 -17.77 -5.33 16.96
C GLU A 1004 -17.93 -6.35 18.07
N ILE A 1005 -16.89 -7.14 18.32
CA ILE A 1005 -16.89 -8.10 19.42
C ILE A 1005 -16.98 -7.39 20.77
N ARG A 1006 -16.32 -6.23 20.91
CA ARG A 1006 -16.43 -5.47 22.16
C ARG A 1006 -17.83 -4.97 22.42
N ALA A 1007 -18.53 -4.53 21.37
CA ALA A 1007 -19.92 -4.11 21.55
C ALA A 1007 -20.80 -5.27 22.01
N SER A 1008 -20.63 -6.45 21.40
CA SER A 1008 -21.44 -7.58 21.82
C SER A 1008 -21.05 -8.09 23.20
N ALA A 1009 -19.79 -7.95 23.60
CA ALA A 1009 -19.41 -8.34 24.94
C ALA A 1009 -19.86 -7.35 25.99
N ASN A 1010 -20.07 -6.08 25.62
CA ASN A 1010 -20.72 -5.16 26.55
C ASN A 1010 -22.20 -5.49 26.71
N LEU A 1011 -22.85 -5.93 25.64
CA LEU A 1011 -24.18 -6.56 25.81
C LEU A 1011 -24.14 -7.74 26.75
N ALA A 1012 -23.11 -8.59 26.64
CA ALA A 1012 -23.07 -9.80 27.46
C ALA A 1012 -22.82 -9.47 28.92
N ALA A 1013 -21.96 -8.48 29.19
CA ALA A 1013 -21.71 -8.07 30.57
C ALA A 1013 -22.93 -7.39 31.17
N THR A 1014 -23.64 -6.58 30.37
CA THR A 1014 -24.88 -5.97 30.83
C THR A 1014 -25.96 -7.01 31.08
N LYS A 1015 -26.02 -8.07 30.26
CA LYS A 1015 -27.03 -9.08 30.50
C LYS A 1015 -26.68 -10.01 31.64
N MET A 1016 -25.40 -10.19 31.99
CA MET A 1016 -25.14 -10.84 33.27
C MET A 1016 -25.49 -9.94 34.44
N SER A 1017 -25.21 -8.65 34.31
CA SER A 1017 -25.48 -7.76 35.42
C SER A 1017 -26.97 -7.53 35.63
N GLU A 1018 -27.80 -7.73 34.62
CA GLU A 1018 -29.20 -7.38 34.72
C GLU A 1018 -30.14 -8.56 34.59
N CYS A 1019 -29.95 -9.44 33.60
CA CYS A 1019 -30.82 -10.60 33.50
C CYS A 1019 -30.50 -11.63 34.56
N VAL A 1020 -29.20 -11.85 34.82
CA VAL A 1020 -28.76 -12.93 35.71
C VAL A 1020 -28.78 -12.50 37.16
N LEU A 1021 -28.05 -11.44 37.49
CA LEU A 1021 -27.91 -11.03 38.88
C LEU A 1021 -29.16 -10.33 39.40
N GLY A 1022 -30.03 -9.86 38.53
CA GLY A 1022 -31.25 -9.20 38.95
C GLY A 1022 -32.46 -9.73 38.23
N GLN A 1023 -33.57 -8.99 38.28
CA GLN A 1023 -34.81 -9.39 37.63
C GLN A 1023 -35.30 -8.20 36.82
N SER A 1024 -35.15 -8.26 35.50
CA SER A 1024 -35.25 -7.09 34.66
C SER A 1024 -36.69 -6.70 34.38
N LYS A 1025 -36.93 -5.40 34.34
CA LYS A 1025 -38.21 -4.86 33.87
C LYS A 1025 -38.15 -4.39 32.44
N ARG A 1026 -36.98 -4.39 31.82
CA ARG A 1026 -36.84 -3.94 30.45
C ARG A 1026 -37.48 -4.95 29.51
N VAL A 1027 -38.30 -4.45 28.60
CA VAL A 1027 -39.12 -5.32 27.77
C VAL A 1027 -38.26 -5.88 26.64
N ASP A 1028 -38.34 -7.21 26.45
CA ASP A 1028 -37.66 -7.96 25.40
C ASP A 1028 -36.15 -7.84 25.44
N PHE A 1029 -35.59 -7.46 26.58
CA PHE A 1029 -34.15 -7.44 26.76
C PHE A 1029 -33.67 -8.79 27.26
N CYS A 1030 -34.45 -9.40 28.14
CA CYS A 1030 -34.06 -10.67 28.71
C CYS A 1030 -35.03 -11.75 28.26
N GLY A 1031 -35.35 -11.78 26.97
CA GLY A 1031 -36.23 -12.78 26.41
C GLY A 1031 -37.61 -12.22 26.13
N LYS A 1032 -38.38 -13.02 25.39
CA LYS A 1032 -39.71 -12.61 24.95
C LYS A 1032 -40.74 -12.98 26.01
N GLY A 1033 -41.25 -11.99 26.70
CA GLY A 1033 -42.28 -12.18 27.68
C GLY A 1033 -41.98 -11.38 28.92
N TYR A 1034 -42.55 -11.81 30.02
CA TYR A 1034 -42.28 -11.19 31.31
C TYR A 1034 -41.12 -11.94 31.94
N HIS A 1035 -40.03 -11.25 32.21
CA HIS A 1035 -38.81 -11.90 32.65
C HIS A 1035 -38.92 -12.36 34.09
N LEU A 1036 -38.45 -13.58 34.36
CA LEU A 1036 -38.39 -14.11 35.71
C LEU A 1036 -36.96 -14.29 36.19
N MET A 1037 -36.15 -15.09 35.49
CA MET A 1037 -34.80 -15.34 35.93
C MET A 1037 -34.01 -15.85 34.73
N SER A 1038 -32.70 -15.75 34.84
CA SER A 1038 -31.84 -16.09 33.71
C SER A 1038 -30.68 -16.93 34.21
N PHE A 1039 -30.13 -17.74 33.31
CA PHE A 1039 -29.18 -18.78 33.66
C PHE A 1039 -27.99 -18.67 32.71
N PRO A 1040 -26.81 -18.37 33.18
CA PRO A 1040 -25.66 -18.29 32.29
C PRO A 1040 -25.07 -19.66 32.02
N GLN A 1041 -24.55 -19.83 30.81
CA GLN A 1041 -23.72 -20.97 30.46
C GLN A 1041 -22.47 -20.46 29.76
N SER A 1042 -21.61 -21.36 29.36
CA SER A 1042 -20.44 -21.02 28.58
C SER A 1042 -20.62 -21.50 27.15
N ALA A 1043 -19.63 -21.20 26.33
CA ALA A 1043 -19.59 -21.60 24.93
C ALA A 1043 -18.16 -21.35 24.44
N PRO A 1044 -17.77 -21.95 23.31
CA PRO A 1044 -16.52 -21.52 22.68
C PRO A 1044 -16.60 -20.07 22.24
N HIS A 1045 -15.77 -19.24 22.86
CA HIS A 1045 -15.63 -17.81 22.61
C HIS A 1045 -16.91 -17.02 22.85
N GLY A 1046 -17.83 -17.54 23.66
CA GLY A 1046 -19.09 -16.86 23.79
C GLY A 1046 -19.75 -17.04 25.15
N VAL A 1047 -21.04 -16.76 25.22
CA VAL A 1047 -21.84 -16.97 26.40
C VAL A 1047 -23.26 -17.24 25.95
N VAL A 1048 -23.97 -18.10 26.67
CA VAL A 1048 -25.32 -18.49 26.31
C VAL A 1048 -26.21 -18.31 27.53
N PHE A 1049 -27.21 -17.46 27.41
CA PHE A 1049 -28.16 -17.20 28.49
C PHE A 1049 -29.42 -18.01 28.25
N LEU A 1050 -30.03 -18.50 29.32
CA LEU A 1050 -31.25 -19.28 29.24
C LEU A 1050 -32.33 -18.49 29.96
N HIS A 1051 -33.13 -17.74 29.22
CA HIS A 1051 -34.03 -16.76 29.82
C HIS A 1051 -35.36 -17.41 30.15
N VAL A 1052 -35.64 -17.57 31.44
CA VAL A 1052 -36.92 -18.09 31.90
C VAL A 1052 -37.91 -16.94 31.91
N THR A 1053 -38.94 -17.01 31.06
CA THR A 1053 -39.93 -15.95 30.95
C THR A 1053 -41.31 -16.48 31.33
N TYR A 1054 -42.13 -15.58 31.86
CA TYR A 1054 -43.55 -15.81 32.06
C TYR A 1054 -44.27 -15.42 30.79
N VAL A 1055 -45.12 -16.29 30.26
CA VAL A 1055 -45.87 -16.02 29.06
C VAL A 1055 -47.34 -16.30 29.32
N PRO A 1056 -48.23 -15.31 29.24
CA PRO A 1056 -49.66 -15.57 29.42
C PRO A 1056 -50.23 -16.32 28.24
N ALA A 1057 -51.00 -17.37 28.51
CA ALA A 1057 -51.28 -18.38 27.51
C ALA A 1057 -52.67 -18.26 26.88
N GLN A 1058 -53.71 -18.33 27.69
CA GLN A 1058 -55.05 -18.41 27.14
C GLN A 1058 -55.99 -17.53 27.95
N GLU A 1059 -56.91 -16.87 27.26
CA GLU A 1059 -57.66 -15.79 27.85
C GLU A 1059 -59.13 -15.97 27.48
N LYS A 1060 -59.93 -14.96 27.82
CA LYS A 1060 -61.37 -15.03 27.64
C LYS A 1060 -61.90 -13.61 27.59
N ASN A 1061 -62.84 -13.36 26.70
CA ASN A 1061 -63.48 -12.04 26.62
C ASN A 1061 -64.26 -11.73 27.89
N PHE A 1062 -64.07 -10.54 28.41
CA PHE A 1062 -64.72 -10.06 29.62
C PHE A 1062 -65.31 -8.68 29.35
N THR A 1063 -66.44 -8.40 30.00
CA THR A 1063 -67.02 -7.07 29.95
C THR A 1063 -66.43 -6.25 31.07
N THR A 1064 -65.93 -5.06 30.75
CA THR A 1064 -65.21 -4.25 31.71
C THR A 1064 -65.72 -2.82 31.70
N ALA A 1065 -65.33 -2.09 32.75
CA ALA A 1065 -65.76 -0.72 32.96
C ALA A 1065 -64.73 -0.07 33.87
N PRO A 1066 -64.40 1.21 33.67
CA PRO A 1066 -63.31 1.82 34.45
C PRO A 1066 -63.63 2.08 35.91
N ALA A 1067 -64.88 1.97 36.32
CA ALA A 1067 -65.25 2.40 37.67
C ALA A 1067 -66.55 1.74 38.09
N ILE A 1068 -66.85 1.85 39.38
CA ILE A 1068 -68.13 1.49 39.96
C ILE A 1068 -68.64 2.72 40.70
N CYS A 1069 -69.91 3.07 40.49
CA CYS A 1069 -70.55 4.12 41.28
C CYS A 1069 -71.57 3.46 42.20
N HIS A 1070 -71.29 3.47 43.51
CA HIS A 1070 -72.16 2.80 44.46
C HIS A 1070 -73.27 3.72 44.97
N ASP A 1071 -72.91 4.81 45.62
CA ASP A 1071 -73.89 5.70 46.23
C ASP A 1071 -73.50 7.15 46.00
N GLY A 1072 -73.13 7.47 44.77
CA GLY A 1072 -72.55 8.79 44.51
C GLY A 1072 -71.09 8.83 44.87
N LYS A 1073 -70.37 7.74 44.63
CA LYS A 1073 -68.94 7.63 44.92
C LYS A 1073 -68.29 6.89 43.77
N ALA A 1074 -67.31 7.50 43.13
CA ALA A 1074 -66.58 6.82 42.07
C ALA A 1074 -65.58 5.87 42.71
N HIS A 1075 -65.85 4.58 42.64
CA HIS A 1075 -64.92 3.57 43.11
C HIS A 1075 -63.99 3.17 41.97
N PHE A 1076 -62.70 3.15 42.26
CA PHE A 1076 -61.61 2.87 41.36
C PHE A 1076 -60.79 1.71 41.92
N PRO A 1077 -60.36 0.77 41.09
CA PRO A 1077 -59.62 -0.38 41.61
C PRO A 1077 -58.22 0.03 42.05
N ARG A 1078 -57.82 -0.46 43.23
CA ARG A 1078 -56.47 -0.17 43.72
C ARG A 1078 -55.43 -0.85 42.86
N GLU A 1079 -55.59 -2.14 42.64
CA GLU A 1079 -54.60 -2.97 41.97
C GLU A 1079 -55.38 -3.97 41.10
N GLY A 1080 -55.61 -3.61 39.85
CA GLY A 1080 -56.23 -4.52 38.93
C GLY A 1080 -57.29 -3.85 38.10
N VAL A 1081 -58.03 -4.67 37.36
CA VAL A 1081 -59.09 -4.20 36.49
C VAL A 1081 -60.43 -4.55 37.12
N PHE A 1082 -61.49 -4.00 36.56
CA PHE A 1082 -62.85 -4.44 36.86
C PHE A 1082 -63.32 -5.34 35.73
N VAL A 1083 -63.89 -6.48 36.06
CA VAL A 1083 -64.43 -7.41 35.06
C VAL A 1083 -65.81 -7.86 35.51
N SER A 1084 -66.51 -8.50 34.58
CA SER A 1084 -67.84 -9.02 34.83
C SER A 1084 -67.97 -10.36 34.13
N ASN A 1085 -68.60 -11.32 34.83
CA ASN A 1085 -68.94 -12.60 34.23
C ASN A 1085 -69.96 -12.45 33.10
N GLY A 1086 -70.71 -11.36 33.09
CA GLY A 1086 -71.80 -11.13 32.18
C GLY A 1086 -72.92 -10.43 32.91
N THR A 1087 -73.05 -10.71 34.21
CA THR A 1087 -74.05 -10.08 35.07
C THR A 1087 -73.48 -9.47 36.33
N HIS A 1088 -72.45 -10.09 36.93
CA HIS A 1088 -71.99 -9.76 38.26
C HIS A 1088 -70.55 -9.28 38.19
N TRP A 1089 -70.25 -8.17 38.86
CA TRP A 1089 -68.95 -7.50 38.68
C TRP A 1089 -67.91 -7.97 39.67
N PHE A 1090 -66.70 -8.14 39.16
CA PHE A 1090 -65.54 -8.63 39.89
C PHE A 1090 -64.37 -7.70 39.68
N VAL A 1091 -63.39 -7.78 40.56
CA VAL A 1091 -62.11 -7.07 40.41
C VAL A 1091 -61.01 -8.12 40.40
N THR A 1092 -60.07 -8.00 39.45
CA THR A 1092 -59.07 -9.03 39.26
C THR A 1092 -57.79 -8.42 38.75
N GLN A 1093 -56.70 -9.18 38.86
CA GLN A 1093 -55.39 -8.73 38.41
C GLN A 1093 -55.36 -8.68 36.89
N ARG A 1094 -54.35 -8.00 36.36
CA ARG A 1094 -54.31 -7.76 34.93
C ARG A 1094 -53.68 -8.91 34.14
N ASN A 1095 -52.99 -9.82 34.81
CA ASN A 1095 -52.24 -10.86 34.12
C ASN A 1095 -52.65 -12.27 34.47
N PHE A 1096 -53.61 -12.45 35.37
CA PHE A 1096 -54.07 -13.78 35.71
C PHE A 1096 -55.48 -13.63 36.27
N TYR A 1097 -56.41 -14.39 35.73
CA TYR A 1097 -57.82 -14.19 36.07
C TYR A 1097 -58.08 -14.74 37.46
N GLU A 1098 -58.19 -13.82 38.43
CA GLU A 1098 -58.30 -14.15 39.84
C GLU A 1098 -59.45 -13.31 40.39
N PRO A 1099 -60.69 -13.80 40.31
CA PRO A 1099 -61.83 -12.97 40.67
C PRO A 1099 -61.93 -12.79 42.18
N GLN A 1100 -62.22 -11.57 42.59
CA GLN A 1100 -62.47 -11.26 44.00
C GLN A 1100 -63.73 -10.42 44.08
N ILE A 1101 -64.43 -10.54 45.20
CA ILE A 1101 -65.61 -9.72 45.42
C ILE A 1101 -65.16 -8.29 45.70
N ILE A 1102 -65.80 -7.33 45.05
CA ILE A 1102 -65.42 -5.92 45.14
C ILE A 1102 -65.74 -5.43 46.56
N THR A 1103 -64.70 -5.11 47.31
CA THR A 1103 -64.85 -4.61 48.66
C THR A 1103 -64.29 -3.20 48.75
N THR A 1104 -64.22 -2.68 49.95
CA THR A 1104 -63.54 -1.42 50.20
C THR A 1104 -62.05 -1.59 50.41
N ASP A 1105 -61.56 -2.84 50.38
CA ASP A 1105 -60.14 -3.11 50.41
C ASP A 1105 -59.58 -3.38 49.01
N ASN A 1106 -60.45 -3.69 48.05
CA ASN A 1106 -60.03 -3.79 46.66
C ASN A 1106 -59.98 -2.43 45.99
N THR A 1107 -60.82 -1.50 46.42
CA THR A 1107 -61.05 -0.25 45.70
C THR A 1107 -60.72 0.95 46.57
N PHE A 1108 -61.02 2.13 46.03
CA PHE A 1108 -60.93 3.40 46.76
C PHE A 1108 -61.83 4.40 46.07
N VAL A 1109 -62.17 5.46 46.79
CA VAL A 1109 -63.21 6.41 46.41
C VAL A 1109 -62.56 7.74 46.05
N SER A 1110 -62.96 8.32 44.91
CA SER A 1110 -62.49 9.65 44.50
C SER A 1110 -63.63 10.41 43.84
N GLY A 1111 -64.36 11.18 44.64
CA GLY A 1111 -65.32 12.13 44.10
C GLY A 1111 -66.63 11.51 43.69
N ASN A 1112 -67.44 12.33 43.01
CA ASN A 1112 -68.76 11.92 42.57
C ASN A 1112 -68.66 11.15 41.26
N CYS A 1113 -69.80 10.90 40.62
CA CYS A 1113 -69.89 9.92 39.55
C CYS A 1113 -70.18 10.52 38.19
N ASP A 1114 -70.39 11.84 38.09
CA ASP A 1114 -70.77 12.46 36.83
C ASP A 1114 -69.58 12.92 36.00
N VAL A 1115 -68.40 12.32 36.18
CA VAL A 1115 -67.19 12.72 35.49
C VAL A 1115 -66.62 11.60 34.64
N VAL A 1116 -66.57 10.39 35.19
CA VAL A 1116 -65.87 9.26 34.58
C VAL A 1116 -66.70 8.70 33.43
N ILE A 1117 -66.11 8.64 32.25
CA ILE A 1117 -66.80 8.13 31.06
C ILE A 1117 -66.80 6.61 31.11
N GLY A 1118 -67.98 6.01 31.13
CA GLY A 1118 -68.11 4.57 31.17
C GLY A 1118 -68.32 3.98 32.53
N ILE A 1119 -68.64 4.80 33.53
CA ILE A 1119 -68.85 4.30 34.89
C ILE A 1119 -70.16 3.53 34.94
N VAL A 1120 -70.15 2.40 35.65
CA VAL A 1120 -71.34 1.58 35.75
C VAL A 1120 -71.78 1.56 37.20
N ASN A 1121 -73.08 1.29 37.40
CA ASN A 1121 -73.71 1.42 38.69
C ASN A 1121 -73.91 0.03 39.28
N ASN A 1122 -73.10 -0.31 40.29
CA ASN A 1122 -73.22 -1.59 40.98
C ASN A 1122 -72.95 -1.37 42.47
N THR A 1123 -73.44 -2.32 43.27
CA THR A 1123 -73.22 -2.33 44.70
C THR A 1123 -71.81 -2.79 45.02
N VAL A 1124 -71.16 -2.10 45.95
CA VAL A 1124 -69.86 -2.49 46.49
C VAL A 1124 -70.06 -3.10 47.86
N TYR A 1125 -69.50 -4.29 48.05
CA TYR A 1125 -69.62 -4.99 49.32
C TYR A 1125 -68.79 -4.29 50.39
N ASP A 1126 -69.28 -4.36 51.64
CA ASP A 1126 -68.66 -3.71 52.78
C ASP A 1126 -68.22 -4.78 53.77
N PRO A 1127 -66.92 -4.86 54.11
CA PRO A 1127 -66.48 -5.88 55.07
C PRO A 1127 -66.57 -5.43 56.53
N LEU A 1128 -67.33 -4.37 56.80
CA LEU A 1128 -67.55 -3.91 58.17
C LEU A 1128 -68.92 -4.31 58.71
N GLN A 1129 -69.95 -4.27 57.87
CA GLN A 1129 -71.31 -4.51 58.33
C GLN A 1129 -71.65 -5.95 58.75
N PRO A 1130 -71.18 -7.02 58.09
CA PRO A 1130 -71.44 -8.36 58.67
C PRO A 1130 -70.63 -8.65 59.91
N GLU A 1131 -69.58 -7.87 60.21
CA GLU A 1131 -68.87 -8.02 61.46
C GLU A 1131 -69.51 -7.24 62.60
N LEU A 1132 -70.39 -6.28 62.29
CA LEU A 1132 -71.15 -5.57 63.32
C LEU A 1132 -72.19 -6.49 63.95
N GLN B 1 5.72 56.77 -43.00
CA GLN B 1 5.64 58.17 -42.60
C GLN B 1 6.11 58.37 -41.17
N CYS B 2 7.29 58.99 -41.02
CA CYS B 2 7.92 59.24 -39.73
C CYS B 2 7.42 60.53 -39.08
N VAL B 3 6.29 61.07 -39.53
CA VAL B 3 5.68 62.25 -38.92
C VAL B 3 4.81 61.77 -37.77
N ASN B 4 5.05 62.34 -36.59
CA ASN B 4 4.34 61.95 -35.38
C ASN B 4 2.96 62.62 -35.34
N LEU B 5 2.30 62.56 -34.19
CA LEU B 5 1.03 63.25 -34.06
C LEU B 5 1.22 64.75 -33.92
N THR B 6 0.26 65.50 -34.46
CA THR B 6 0.24 66.96 -34.36
C THR B 6 -0.45 67.41 -33.08
N THR B 7 -1.48 66.68 -32.64
CA THR B 7 -2.30 67.07 -31.50
C THR B 7 -2.29 66.00 -30.42
N ARG B 8 -1.10 65.53 -30.05
CA ARG B 8 -0.96 64.54 -28.98
C ARG B 8 -0.76 65.22 -27.64
N THR B 9 -1.45 64.73 -26.61
CA THR B 9 -1.46 65.36 -25.31
C THR B 9 -1.23 64.28 -24.24
N GLN B 10 -0.44 64.61 -23.22
CA GLN B 10 -0.19 63.68 -22.14
C GLN B 10 -1.32 63.74 -21.12
N LEU B 11 -1.96 62.60 -20.88
CA LEU B 11 -3.06 62.44 -19.95
C LEU B 11 -2.75 61.32 -18.97
N PRO B 12 -3.28 61.38 -17.75
CA PRO B 12 -2.95 60.35 -16.74
C PRO B 12 -3.66 59.03 -17.01
N PRO B 13 -3.09 57.90 -16.52
CA PRO B 13 -3.70 56.59 -16.76
C PRO B 13 -4.93 56.29 -15.90
N ALA B 14 -6.10 56.69 -16.37
CA ALA B 14 -7.33 56.45 -15.64
C ALA B 14 -7.67 54.96 -15.58
N TYR B 15 -8.27 54.55 -14.47
CA TYR B 15 -8.55 53.15 -14.19
C TYR B 15 -10.05 52.91 -14.14
N THR B 16 -10.44 51.65 -14.36
CA THR B 16 -11.77 51.14 -14.07
C THR B 16 -11.63 49.80 -13.36
N ASN B 17 -12.76 49.18 -13.05
CA ASN B 17 -12.79 47.87 -12.39
C ASN B 17 -13.31 46.83 -13.37
N SER B 18 -12.48 45.84 -13.67
CA SER B 18 -12.92 44.67 -14.40
C SER B 18 -13.75 43.82 -13.47
N PHE B 19 -15.05 43.70 -13.74
CA PHE B 19 -15.94 43.09 -12.76
C PHE B 19 -15.76 41.59 -12.69
N THR B 20 -16.12 40.88 -13.75
CA THR B 20 -15.87 39.45 -13.85
C THR B 20 -15.35 39.08 -15.23
N ARG B 21 -14.99 40.05 -16.05
CA ARG B 21 -14.69 39.81 -17.45
C ARG B 21 -13.34 39.12 -17.61
N GLY B 22 -13.16 38.46 -18.75
CA GLY B 22 -11.89 37.86 -19.09
C GLY B 22 -11.71 36.43 -18.66
N VAL B 23 -12.72 35.60 -18.89
CA VAL B 23 -12.67 34.18 -18.56
C VAL B 23 -12.77 33.40 -19.86
N TYR B 24 -11.76 32.59 -20.15
CA TYR B 24 -11.72 31.87 -21.40
C TYR B 24 -11.94 30.38 -21.18
N TYR B 25 -12.42 29.71 -22.22
CA TYR B 25 -12.51 28.27 -22.24
C TYR B 25 -11.11 27.68 -22.18
N PRO B 26 -10.76 26.93 -21.14
CA PRO B 26 -9.36 26.56 -20.93
C PRO B 26 -8.86 25.50 -21.89
N ASP B 27 -9.74 24.65 -22.41
CA ASP B 27 -9.35 23.58 -23.31
C ASP B 27 -10.53 23.26 -24.23
N LYS B 28 -10.32 22.28 -25.10
CA LYS B 28 -11.27 21.97 -26.17
C LYS B 28 -12.11 20.75 -25.85
N VAL B 29 -12.51 20.62 -24.58
CA VAL B 29 -13.30 19.52 -24.08
C VAL B 29 -14.69 20.05 -23.75
N PHE B 30 -15.72 19.28 -24.07
CA PHE B 30 -17.08 19.68 -23.74
C PHE B 30 -17.45 19.16 -22.35
N ARG B 31 -17.95 20.06 -21.52
CA ARG B 31 -18.47 19.71 -20.21
C ARG B 31 -19.93 20.16 -20.15
N SER B 32 -20.65 19.64 -19.15
CA SER B 32 -22.07 19.90 -19.07
C SER B 32 -22.53 19.75 -17.63
N SER B 33 -23.04 20.85 -17.07
CA SER B 33 -23.63 20.91 -15.72
C SER B 33 -22.65 20.47 -14.63
N VAL B 34 -21.37 20.76 -14.82
CA VAL B 34 -20.37 20.46 -13.81
C VAL B 34 -19.73 21.76 -13.36
N LEU B 35 -19.01 21.68 -12.25
CA LEU B 35 -18.18 22.77 -11.75
C LEU B 35 -16.75 22.31 -11.88
N HIS B 36 -16.06 22.81 -12.90
CA HIS B 36 -14.70 22.37 -13.20
C HIS B 36 -13.71 23.35 -12.63
N SER B 37 -12.69 22.84 -11.95
CA SER B 37 -11.67 23.65 -11.31
C SER B 37 -10.37 23.57 -12.10
N THR B 38 -9.94 24.70 -12.63
CA THR B 38 -8.74 24.78 -13.45
C THR B 38 -7.80 25.85 -12.92
N GLN B 39 -6.55 25.77 -13.36
CA GLN B 39 -5.49 26.66 -12.90
C GLN B 39 -4.62 27.05 -14.07
N ASP B 40 -4.71 28.30 -14.50
CA ASP B 40 -3.89 28.80 -15.59
C ASP B 40 -3.76 30.31 -15.44
N LEU B 41 -3.26 30.98 -16.47
CA LEU B 41 -3.12 32.43 -16.46
C LEU B 41 -4.48 33.07 -16.69
N PHE B 42 -5.00 33.75 -15.68
CA PHE B 42 -6.35 34.27 -15.69
C PHE B 42 -6.35 35.75 -15.38
N LEU B 43 -7.42 36.44 -15.78
CA LEU B 43 -7.60 37.82 -15.37
C LEU B 43 -8.28 37.84 -14.01
N PRO B 44 -7.61 38.33 -12.97
CA PRO B 44 -8.21 38.30 -11.63
C PRO B 44 -9.37 39.27 -11.54
N PHE B 45 -10.38 38.87 -10.77
CA PHE B 45 -11.59 39.66 -10.67
C PHE B 45 -11.32 40.93 -9.87
N PHE B 46 -12.12 41.97 -10.17
CA PHE B 46 -12.19 43.22 -9.41
C PHE B 46 -10.83 43.91 -9.35
N SER B 47 -10.14 43.93 -10.48
CA SER B 47 -8.83 44.54 -10.60
C SER B 47 -8.89 45.78 -11.47
N ASN B 48 -7.85 46.58 -11.37
CA ASN B 48 -7.74 47.80 -12.17
C ASN B 48 -7.28 47.45 -13.58
N VAL B 49 -8.08 47.81 -14.56
CA VAL B 49 -7.67 47.77 -15.95
C VAL B 49 -7.55 49.21 -16.44
N THR B 50 -6.56 49.46 -17.27
CA THR B 50 -6.28 50.82 -17.71
C THR B 50 -7.29 51.23 -18.77
N TRP B 51 -7.96 52.36 -18.53
CA TRP B 51 -8.97 52.89 -19.44
C TRP B 51 -8.28 53.82 -20.43
N PHE B 52 -7.83 53.26 -21.54
CA PHE B 52 -7.26 54.02 -22.65
C PHE B 52 -8.38 54.39 -23.60
N HIS B 53 -8.72 55.66 -23.67
CA HIS B 53 -9.77 56.14 -24.55
C HIS B 53 -9.19 57.16 -25.52
N ALA B 54 -9.73 57.17 -26.73
CA ALA B 54 -9.33 58.11 -27.77
C ALA B 54 -10.48 59.11 -27.96
N ILE B 55 -10.20 60.38 -27.72
CA ILE B 55 -11.22 61.41 -27.59
C ILE B 55 -10.70 62.67 -28.29
N HIS B 56 -11.63 63.60 -28.55
CA HIS B 56 -11.31 64.92 -29.09
C HIS B 56 -10.36 65.70 -28.21
N LYS B 64 -7.64 64.87 -29.76
CA LYS B 64 -6.66 65.83 -29.28
C LYS B 64 -6.00 65.34 -27.99
N ARG B 65 -6.63 64.36 -27.34
CA ARG B 65 -6.18 63.84 -26.05
C ARG B 65 -6.07 62.33 -26.17
N PHE B 66 -4.91 61.85 -26.62
CA PHE B 66 -4.66 60.42 -26.70
C PHE B 66 -3.17 60.13 -26.68
N ASP B 67 -2.80 59.05 -25.99
CA ASP B 67 -1.47 58.46 -26.04
C ASP B 67 -1.60 56.97 -26.36
N ASN B 68 -0.61 56.45 -27.08
CA ASN B 68 -0.55 55.04 -27.47
C ASN B 68 0.76 54.45 -26.95
N PRO B 69 0.83 54.13 -25.67
CA PRO B 69 2.12 53.81 -25.06
C PRO B 69 2.59 52.41 -25.38
N VAL B 70 3.81 52.13 -24.93
CA VAL B 70 4.45 50.83 -25.09
C VAL B 70 4.23 50.08 -23.78
N LEU B 71 3.30 49.15 -23.80
CA LEU B 71 2.80 48.45 -22.62
C LEU B 71 3.53 47.13 -22.44
N PRO B 72 4.00 46.80 -21.24
CA PRO B 72 4.71 45.53 -21.05
C PRO B 72 3.76 44.34 -21.08
N PHE B 73 4.38 43.15 -21.11
CA PHE B 73 3.73 41.90 -21.45
C PHE B 73 4.17 40.84 -20.45
N ASN B 74 3.90 41.11 -19.16
CA ASN B 74 4.44 40.33 -18.04
C ASN B 74 4.13 38.84 -18.15
N ASP B 75 2.86 38.48 -18.22
CA ASP B 75 2.47 37.08 -18.37
C ASP B 75 1.42 36.85 -19.44
N GLY B 76 1.00 37.89 -20.14
CA GLY B 76 -0.11 37.78 -21.06
C GLY B 76 -1.01 38.95 -20.81
N VAL B 77 -1.80 39.38 -21.80
CA VAL B 77 -2.64 40.56 -21.61
C VAL B 77 -4.07 40.27 -22.05
N TYR B 78 -5.00 40.88 -21.33
CA TYR B 78 -6.37 41.04 -21.74
C TYR B 78 -6.46 42.19 -22.73
N PHE B 79 -7.56 42.23 -23.48
CA PHE B 79 -7.83 43.39 -24.33
C PHE B 79 -9.34 43.51 -24.50
N ALA B 80 -9.82 44.74 -24.59
CA ALA B 80 -11.22 45.01 -24.91
C ALA B 80 -11.27 46.22 -25.81
N SER B 81 -12.43 46.44 -26.42
CA SER B 81 -12.52 47.50 -27.43
C SER B 81 -13.98 47.97 -27.51
N THR B 82 -14.25 49.17 -26.99
CA THR B 82 -15.60 49.70 -26.94
C THR B 82 -15.79 50.63 -28.13
N GLU B 83 -15.95 50.04 -29.30
CA GLU B 83 -16.01 50.78 -30.54
C GLU B 83 -17.43 50.93 -31.06
N LYS B 84 -17.56 51.82 -32.03
CA LYS B 84 -18.69 51.87 -32.96
C LYS B 84 -18.21 52.10 -34.38
N SER B 85 -16.89 52.18 -34.59
CA SER B 85 -16.33 52.77 -35.80
C SER B 85 -15.15 52.03 -36.39
N ASN B 86 -14.68 50.94 -35.77
CA ASN B 86 -13.59 50.08 -36.25
C ASN B 86 -12.29 50.85 -36.41
N ILE B 87 -11.74 51.28 -35.29
CA ILE B 87 -10.51 52.07 -35.28
C ILE B 87 -9.30 51.30 -34.74
N ILE B 88 -9.48 50.38 -33.78
CA ILE B 88 -8.37 49.54 -33.33
C ILE B 88 -8.14 48.45 -34.36
N ARG B 89 -6.90 48.30 -34.80
CA ARG B 89 -6.58 47.31 -35.82
C ARG B 89 -5.69 46.20 -35.30
N GLY B 90 -4.49 46.51 -34.83
CA GLY B 90 -3.53 45.46 -34.61
C GLY B 90 -2.60 45.65 -33.44
N TRP B 91 -1.62 44.78 -33.31
CA TRP B 91 -0.75 44.75 -32.14
C TRP B 91 0.67 44.49 -32.59
N ILE B 92 1.51 45.51 -32.54
CA ILE B 92 2.95 45.25 -32.61
C ILE B 92 3.40 44.60 -31.32
N PHE B 93 4.07 43.47 -31.42
CA PHE B 93 4.62 42.72 -30.31
C PHE B 93 6.14 42.86 -30.32
N GLY B 94 6.80 42.26 -29.34
CA GLY B 94 8.25 42.17 -29.40
C GLY B 94 8.91 42.52 -28.10
N THR B 95 10.24 42.64 -28.15
CA THR B 95 11.05 42.97 -26.99
C THR B 95 11.65 44.37 -27.10
N THR B 96 12.40 44.63 -28.17
CA THR B 96 13.00 45.95 -28.39
C THR B 96 12.35 46.68 -29.56
N LEU B 97 11.30 46.09 -30.14
CA LEU B 97 10.45 46.70 -31.17
C LEU B 97 11.25 47.07 -32.42
N ASP B 98 11.71 46.03 -33.09
CA ASP B 98 12.57 46.16 -34.27
C ASP B 98 12.05 45.15 -35.30
N SER B 99 12.85 44.86 -36.33
CA SER B 99 12.57 43.78 -37.26
C SER B 99 12.87 42.40 -36.68
N LYS B 100 13.28 42.33 -35.42
CA LYS B 100 13.62 41.11 -34.70
C LYS B 100 12.40 40.37 -34.16
N THR B 101 11.20 40.83 -34.48
CA THR B 101 9.97 40.30 -33.92
C THR B 101 8.86 40.29 -34.96
N GLN B 102 7.76 39.65 -34.59
CA GLN B 102 6.60 39.50 -35.46
C GLN B 102 5.38 40.10 -34.77
N SER B 103 4.44 40.57 -35.59
CA SER B 103 3.38 41.43 -35.08
C SER B 103 2.06 41.11 -35.74
N LEU B 104 1.04 40.90 -34.93
CA LEU B 104 -0.32 40.66 -35.41
C LEU B 104 -0.96 41.97 -35.86
N LEU B 105 -1.51 41.95 -37.06
CA LEU B 105 -2.25 43.07 -37.63
C LEU B 105 -3.56 42.57 -38.18
N ILE B 106 -4.65 43.24 -37.82
CA ILE B 106 -5.95 42.98 -38.43
C ILE B 106 -6.34 44.28 -39.12
N VAL B 107 -5.98 44.42 -40.39
CA VAL B 107 -6.38 45.60 -41.16
C VAL B 107 -7.77 45.28 -41.72
N ASN B 108 -8.77 45.51 -40.87
CA ASN B 108 -10.16 45.19 -41.19
C ASN B 108 -10.76 46.43 -41.85
N ASN B 109 -10.54 46.53 -43.16
CA ASN B 109 -10.80 47.75 -43.92
C ASN B 109 -12.22 47.84 -44.46
N ALA B 110 -13.20 47.27 -43.74
CA ALA B 110 -14.62 47.21 -44.08
C ALA B 110 -14.89 46.45 -45.39
N THR B 111 -13.93 45.65 -45.85
CA THR B 111 -14.11 44.77 -46.99
C THR B 111 -13.92 43.30 -46.63
N ASN B 112 -12.78 42.97 -46.02
CA ASN B 112 -12.50 41.61 -45.58
C ASN B 112 -11.82 41.67 -44.23
N VAL B 113 -11.63 40.51 -43.62
CA VAL B 113 -10.84 40.40 -42.39
C VAL B 113 -9.41 40.11 -42.85
N VAL B 114 -8.71 41.17 -43.24
CA VAL B 114 -7.39 41.05 -43.83
C VAL B 114 -6.38 41.05 -42.68
N ILE B 115 -5.76 39.91 -42.44
CA ILE B 115 -4.84 39.73 -41.33
C ILE B 115 -3.46 39.44 -41.91
N LYS B 116 -2.45 40.15 -41.44
CA LYS B 116 -1.08 39.95 -41.91
C LYS B 116 -0.18 39.76 -40.70
N VAL B 117 0.45 38.60 -40.60
CA VAL B 117 1.29 38.25 -39.46
C VAL B 117 2.69 38.03 -40.01
N CYS B 118 3.47 39.10 -40.11
CA CYS B 118 4.79 39.03 -40.73
C CYS B 118 5.84 39.60 -39.80
N GLU B 119 7.04 39.85 -40.31
CA GLU B 119 7.96 40.80 -39.69
C GLU B 119 7.78 42.13 -40.41
N PHE B 120 7.21 43.11 -39.71
CA PHE B 120 6.84 44.38 -40.31
C PHE B 120 8.05 45.29 -40.46
N GLN B 121 7.97 46.18 -41.45
CA GLN B 121 8.92 47.28 -41.54
C GLN B 121 8.51 48.32 -40.50
N PHE B 122 9.40 48.58 -39.55
CA PHE B 122 9.00 49.10 -38.25
C PHE B 122 8.59 50.56 -38.32
N CYS B 123 7.53 50.90 -37.59
CA CYS B 123 6.96 52.23 -37.55
C CYS B 123 7.03 52.78 -36.12
N ASN B 124 6.96 54.09 -35.99
CA ASN B 124 7.09 54.74 -34.69
C ASN B 124 5.78 55.31 -34.16
N ASP B 125 5.02 56.03 -35.00
CA ASP B 125 3.71 56.55 -34.63
C ASP B 125 2.73 56.12 -35.72
N PRO B 126 2.29 54.87 -35.71
CA PRO B 126 1.52 54.34 -36.84
C PRO B 126 0.03 54.58 -36.74
N PHE B 127 -0.60 54.71 -37.91
CA PHE B 127 -2.01 55.07 -37.98
C PHE B 127 -2.57 54.70 -39.36
N LEU B 128 -3.81 54.25 -39.37
CA LEU B 128 -4.65 54.22 -40.56
C LEU B 128 -5.55 55.45 -40.58
N GLY B 129 -6.54 55.46 -41.46
CA GLY B 129 -7.53 56.52 -41.37
C GLY B 129 -8.57 56.60 -42.47
N VAL B 130 -9.82 56.84 -42.08
CA VAL B 130 -10.87 57.24 -42.99
C VAL B 130 -10.92 58.76 -43.04
N TYR B 131 -11.38 59.31 -44.17
CA TYR B 131 -11.35 60.75 -44.37
C TYR B 131 -12.46 61.15 -45.32
N TYR B 132 -12.63 62.48 -45.47
CA TYR B 132 -13.56 63.13 -46.39
C TYR B 132 -15.01 62.69 -46.09
N HIS B 133 -15.47 63.11 -44.92
CA HIS B 133 -16.73 62.63 -44.34
C HIS B 133 -17.86 63.64 -44.38
N LYS B 134 -17.63 64.87 -44.83
CA LYS B 134 -18.72 65.85 -44.90
C LYS B 134 -19.71 65.48 -45.99
N ASN B 135 -19.22 65.01 -47.14
CA ASN B 135 -20.02 64.38 -48.17
C ASN B 135 -19.18 63.28 -48.82
N ASN B 136 -19.85 62.21 -49.25
CA ASN B 136 -19.29 61.13 -50.07
C ASN B 136 -18.11 60.44 -49.36
N LYS B 137 -18.41 59.83 -48.22
CA LYS B 137 -17.35 59.23 -47.41
C LYS B 137 -17.05 57.79 -47.79
N SER B 138 -18.08 56.93 -47.83
CA SER B 138 -18.00 55.50 -48.18
C SER B 138 -17.02 54.68 -47.31
N TRP B 139 -16.61 55.25 -46.16
CA TRP B 139 -15.67 54.64 -45.21
C TRP B 139 -14.38 54.17 -45.88
N MET B 140 -13.83 55.02 -46.75
CA MET B 140 -12.65 54.67 -47.52
C MET B 140 -11.38 55.13 -46.81
N GLU B 141 -10.30 54.38 -47.03
CA GLU B 141 -9.02 54.65 -46.37
C GLU B 141 -7.94 54.81 -47.44
N SER B 142 -6.94 55.63 -47.13
CA SER B 142 -5.75 55.73 -47.97
C SER B 142 -4.44 55.64 -47.19
N GLU B 143 -4.41 56.19 -45.97
CA GLU B 143 -3.17 56.27 -45.19
C GLU B 143 -2.84 54.90 -44.62
N PHE B 144 -2.16 54.09 -45.44
CA PHE B 144 -1.86 52.69 -45.09
C PHE B 144 -0.47 52.56 -44.48
N ARG B 145 -0.16 53.35 -43.45
CA ARG B 145 1.22 53.48 -43.00
C ARG B 145 1.56 52.60 -41.82
N VAL B 146 0.62 51.77 -41.36
CA VAL B 146 0.93 50.79 -40.32
C VAL B 146 1.71 49.61 -40.89
N TYR B 147 1.65 49.40 -42.20
CA TYR B 147 2.41 48.34 -42.86
C TYR B 147 2.81 48.83 -44.24
N SER B 148 4.09 48.71 -44.57
CA SER B 148 4.57 49.06 -45.90
C SER B 148 5.21 47.88 -46.62
N SER B 149 6.19 47.25 -45.99
CA SER B 149 6.89 46.10 -46.55
C SER B 149 7.14 45.10 -45.44
N ALA B 150 7.39 43.84 -45.82
CA ALA B 150 7.46 42.78 -44.83
C ALA B 150 8.32 41.63 -45.37
N ASN B 151 9.57 41.58 -44.93
CA ASN B 151 10.38 40.40 -45.16
C ASN B 151 10.07 39.32 -44.12
N ASN B 152 10.30 38.07 -44.52
CA ASN B 152 10.11 36.87 -43.68
C ASN B 152 8.66 36.75 -43.20
N CYS B 153 7.72 36.79 -44.13
CA CYS B 153 6.33 36.58 -43.77
C CYS B 153 6.06 35.13 -43.45
N THR B 154 6.21 34.75 -42.18
CA THR B 154 6.01 33.36 -41.80
C THR B 154 4.56 32.94 -41.78
N PHE B 155 3.61 33.87 -41.84
CA PHE B 155 2.22 33.50 -41.72
C PHE B 155 1.36 34.57 -42.36
N GLU B 156 0.17 34.17 -42.80
CA GLU B 156 -0.92 35.06 -43.19
C GLU B 156 -2.22 34.26 -43.25
N TYR B 157 -3.28 34.79 -42.69
CA TYR B 157 -4.57 34.12 -42.68
C TYR B 157 -5.66 35.11 -43.06
N VAL B 158 -6.67 34.62 -43.77
CA VAL B 158 -7.86 35.41 -44.08
C VAL B 158 -9.05 34.61 -43.60
N SER B 159 -9.67 35.04 -42.51
CA SER B 159 -10.89 34.40 -42.05
C SER B 159 -12.06 34.81 -42.93
N GLN B 160 -13.18 34.11 -42.75
CA GLN B 160 -14.39 34.45 -43.48
C GLN B 160 -14.98 35.76 -42.98
N PRO B 161 -15.64 36.53 -43.85
CA PRO B 161 -16.24 37.80 -43.41
C PRO B 161 -17.39 37.59 -42.44
N PHE B 162 -17.64 38.62 -41.65
CA PHE B 162 -18.63 38.59 -40.58
C PHE B 162 -19.73 39.60 -40.85
N LEU B 163 -20.60 39.79 -39.87
CA LEU B 163 -21.69 40.77 -39.95
C LEU B 163 -21.11 42.16 -39.78
N MET B 164 -20.98 42.88 -40.90
CA MET B 164 -20.33 44.19 -40.91
C MET B 164 -21.24 45.22 -40.22
N ASP B 165 -21.04 45.39 -38.92
CA ASP B 165 -21.89 46.25 -38.10
C ASP B 165 -21.35 47.67 -38.19
N LEU B 166 -21.64 48.32 -39.31
CA LEU B 166 -21.31 49.74 -39.46
C LEU B 166 -22.21 50.62 -38.59
N GLU B 167 -23.39 50.13 -38.22
CA GLU B 167 -24.34 50.90 -37.43
C GLU B 167 -23.92 50.85 -35.97
N GLY B 168 -23.19 51.87 -35.53
CA GLY B 168 -22.92 52.08 -34.12
C GLY B 168 -23.78 53.20 -33.59
N LYS B 169 -24.77 52.84 -32.77
CA LYS B 169 -25.75 53.82 -32.30
C LYS B 169 -25.14 54.72 -31.25
N GLN B 170 -25.30 56.04 -31.45
CA GLN B 170 -24.64 57.03 -30.61
C GLN B 170 -25.22 57.02 -29.20
N GLY B 171 -24.35 57.29 -28.22
CA GLY B 171 -24.80 57.22 -26.84
C GLY B 171 -24.51 55.89 -26.18
N ASN B 172 -25.52 55.01 -26.23
CA ASN B 172 -25.55 53.77 -25.46
C ASN B 172 -24.43 52.81 -25.87
N PHE B 173 -24.07 51.93 -24.93
CA PHE B 173 -22.89 51.08 -25.06
C PHE B 173 -23.33 49.67 -25.46
N LYS B 174 -23.12 49.31 -26.73
CA LYS B 174 -23.48 47.99 -27.22
C LYS B 174 -22.29 47.21 -27.79
N ASN B 175 -21.56 47.78 -28.74
CA ASN B 175 -20.60 47.01 -29.54
C ASN B 175 -19.29 46.85 -28.78
N LEU B 176 -18.85 45.61 -28.60
CA LEU B 176 -17.73 45.32 -27.72
C LEU B 176 -17.06 44.01 -28.15
N ARG B 177 -15.76 43.92 -27.94
CA ARG B 177 -14.96 42.73 -28.24
C ARG B 177 -14.03 42.44 -27.07
N GLU B 178 -13.68 41.16 -26.89
CA GLU B 178 -12.79 40.77 -25.80
C GLU B 178 -11.78 39.75 -26.31
N PHE B 179 -10.50 40.07 -26.15
CA PHE B 179 -9.40 39.24 -26.63
C PHE B 179 -8.48 38.89 -25.47
N VAL B 180 -7.75 37.79 -25.59
CA VAL B 180 -6.74 37.38 -24.62
C VAL B 180 -5.48 36.95 -25.37
N PHE B 181 -4.36 37.58 -25.06
CA PHE B 181 -3.11 37.40 -25.79
C PHE B 181 -2.08 36.85 -24.81
N LYS B 182 -1.79 35.55 -24.89
CA LYS B 182 -0.73 35.00 -24.05
C LYS B 182 0.19 34.13 -24.88
N ASN B 183 1.30 33.73 -24.25
CA ASN B 183 2.42 33.12 -24.97
C ASN B 183 3.06 32.09 -24.03
N ILE B 184 2.81 30.82 -24.30
CA ILE B 184 3.41 29.72 -23.54
C ILE B 184 4.10 28.79 -24.53
N ASP B 185 5.44 28.75 -24.44
CA ASP B 185 6.30 27.89 -25.26
C ASP B 185 6.09 28.13 -26.75
N GLY B 186 6.29 29.39 -27.14
CA GLY B 186 6.21 29.78 -28.53
C GLY B 186 4.84 29.73 -29.15
N TYR B 187 3.78 29.80 -28.34
CA TYR B 187 2.41 29.57 -28.82
C TYR B 187 1.52 30.74 -28.43
N PHE B 188 1.08 31.52 -29.42
CA PHE B 188 0.03 32.49 -29.18
C PHE B 188 -1.34 31.86 -29.05
N LYS B 189 -1.76 31.56 -27.83
CA LYS B 189 -3.09 31.01 -27.63
C LYS B 189 -4.07 32.19 -27.55
N ILE B 190 -4.37 32.76 -28.71
CA ILE B 190 -5.17 33.96 -28.79
C ILE B 190 -6.64 33.58 -28.62
N TYR B 191 -7.20 33.92 -27.46
CA TYR B 191 -8.58 33.67 -27.09
C TYR B 191 -9.40 34.89 -27.48
N SER B 192 -10.63 34.68 -27.93
CA SER B 192 -11.39 35.79 -28.49
C SER B 192 -12.88 35.57 -28.26
N LYS B 193 -13.62 36.68 -28.23
CA LYS B 193 -15.07 36.65 -28.04
C LYS B 193 -15.65 37.96 -28.55
N HIS B 194 -16.55 37.88 -29.50
CA HIS B 194 -17.18 39.05 -30.10
C HIS B 194 -18.59 39.18 -29.53
N THR B 195 -18.74 40.02 -28.51
CA THR B 195 -20.02 40.20 -27.84
C THR B 195 -20.51 41.62 -27.98
N PRO B 196 -21.36 41.91 -28.95
CA PRO B 196 -22.15 43.14 -28.87
C PRO B 196 -23.21 43.01 -27.79
N ILE B 197 -23.01 43.67 -26.67
CA ILE B 197 -23.89 43.49 -25.53
C ILE B 197 -25.20 44.23 -25.78
N ASN B 198 -26.29 43.61 -25.33
CA ASN B 198 -27.56 44.32 -25.28
C ASN B 198 -27.50 45.35 -24.17
N LEU B 199 -28.26 46.43 -24.34
CA LEU B 199 -28.30 47.48 -23.32
C LEU B 199 -29.14 47.00 -22.16
N VAL B 200 -28.49 46.45 -21.13
CA VAL B 200 -29.22 46.01 -19.94
C VAL B 200 -29.20 47.16 -18.94
N ARG B 201 -28.00 47.50 -18.39
CA ARG B 201 -27.78 48.78 -17.71
C ARG B 201 -26.37 49.27 -18.05
N ASP B 202 -26.23 49.87 -19.24
CA ASP B 202 -25.23 50.90 -19.56
C ASP B 202 -23.75 50.55 -19.45
N LEU B 203 -23.39 49.34 -19.01
CA LEU B 203 -22.02 49.05 -18.60
C LEU B 203 -21.74 47.57 -18.80
N PRO B 204 -20.46 47.18 -18.94
CA PRO B 204 -20.14 45.75 -18.95
C PRO B 204 -20.30 45.14 -17.57
N GLN B 205 -21.41 44.43 -17.37
CA GLN B 205 -21.66 43.76 -16.09
C GLN B 205 -22.58 42.58 -16.36
N GLY B 206 -22.21 41.42 -15.84
CA GLY B 206 -22.88 40.17 -16.16
C GLY B 206 -21.82 39.09 -16.28
N PHE B 207 -21.94 38.23 -17.28
CA PHE B 207 -20.86 37.28 -17.55
C PHE B 207 -20.88 36.92 -19.02
N SER B 208 -19.69 36.74 -19.59
CA SER B 208 -19.51 36.23 -20.94
C SER B 208 -18.15 35.59 -21.04
N ALA B 209 -18.10 34.35 -21.51
CA ALA B 209 -16.86 33.59 -21.55
C ALA B 209 -16.19 33.72 -22.91
N LEU B 210 -14.89 33.43 -22.92
CA LEU B 210 -14.08 33.54 -24.13
C LEU B 210 -13.72 32.15 -24.64
N GLU B 211 -13.20 32.12 -25.87
CA GLU B 211 -12.99 30.87 -26.59
C GLU B 211 -11.82 31.06 -27.55
N PRO B 212 -11.11 30.00 -27.90
CA PRO B 212 -9.95 30.15 -28.79
C PRO B 212 -10.30 30.32 -30.25
N LEU B 213 -9.42 31.04 -30.95
CA LEU B 213 -9.50 31.15 -32.40
C LEU B 213 -8.25 30.61 -33.09
N VAL B 214 -7.06 31.10 -32.75
CA VAL B 214 -5.85 30.74 -33.47
C VAL B 214 -4.77 30.29 -32.50
N ASP B 215 -3.72 29.72 -33.05
CA ASP B 215 -2.50 29.38 -32.32
C ASP B 215 -1.34 29.47 -33.31
N LEU B 216 -0.27 30.15 -32.90
CA LEU B 216 0.79 30.40 -33.85
C LEU B 216 2.11 29.83 -33.36
N PRO B 217 2.91 29.22 -34.24
CA PRO B 217 4.21 28.67 -33.84
C PRO B 217 5.33 29.70 -33.99
N ILE B 218 5.31 30.74 -33.16
CA ILE B 218 6.20 31.86 -33.39
C ILE B 218 7.56 31.62 -32.73
N GLY B 219 7.58 31.50 -31.41
CA GLY B 219 8.82 31.26 -30.70
C GLY B 219 9.72 32.48 -30.65
N ILE B 220 9.24 33.55 -30.01
CA ILE B 220 10.02 34.77 -29.77
C ILE B 220 9.85 35.17 -28.31
N ASN B 221 10.75 36.03 -27.86
CA ASN B 221 10.67 36.59 -26.51
C ASN B 221 9.95 37.93 -26.58
N ILE B 222 8.89 38.07 -25.79
CA ILE B 222 8.07 39.27 -25.80
C ILE B 222 8.04 39.86 -24.40
N THR B 223 8.43 41.13 -24.29
CA THR B 223 8.28 41.89 -23.05
C THR B 223 7.59 43.23 -23.25
N ARG B 224 7.19 43.57 -24.48
CA ARG B 224 6.48 44.81 -24.75
C ARG B 224 5.41 44.53 -25.79
N PHE B 225 4.44 45.43 -25.89
CA PHE B 225 3.59 45.49 -27.07
C PHE B 225 3.05 46.90 -27.24
N GLN B 226 2.39 47.12 -28.37
CA GLN B 226 1.71 48.38 -28.65
C GLN B 226 0.35 48.06 -29.22
N THR B 227 -0.33 49.09 -29.73
CA THR B 227 -1.64 48.89 -30.34
C THR B 227 -1.76 49.85 -31.51
N LEU B 228 -2.20 49.34 -32.65
CA LEU B 228 -2.27 50.14 -33.86
C LEU B 228 -3.58 50.94 -33.88
N LEU B 229 -3.60 51.99 -34.69
CA LEU B 229 -4.61 53.03 -34.60
C LEU B 229 -5.16 53.39 -35.98
N ALA B 230 -6.25 54.14 -35.97
CA ALA B 230 -6.80 54.76 -37.16
C ALA B 230 -7.33 56.14 -36.74
N LEU B 231 -8.14 56.76 -37.59
CA LEU B 231 -8.71 58.06 -37.27
C LEU B 231 -10.04 58.23 -37.98
N HIS B 232 -11.02 58.79 -37.27
CA HIS B 232 -12.32 59.09 -37.86
C HIS B 232 -12.90 60.32 -37.18
N ARG B 233 -13.62 61.13 -37.95
CA ARG B 233 -14.35 62.29 -37.45
C ARG B 233 -15.36 62.68 -38.52
N SER B 234 -16.53 63.14 -38.08
CA SER B 234 -17.61 63.47 -39.00
C SER B 234 -17.36 64.78 -39.76
N SER B 242 -2.72 63.24 -39.54
CA SER B 242 -3.95 63.78 -38.95
C SER B 242 -3.84 65.29 -38.79
N SER B 243 -3.89 66.01 -39.92
CA SER B 243 -3.72 67.46 -39.88
C SER B 243 -4.96 68.14 -39.31
N GLY B 244 -6.09 68.00 -39.98
CA GLY B 244 -7.36 68.43 -39.44
C GLY B 244 -8.10 67.31 -38.74
N TRP B 245 -7.44 66.19 -38.50
CA TRP B 245 -8.06 65.00 -37.92
C TRP B 245 -7.55 64.78 -36.52
N THR B 246 -8.40 64.20 -35.68
CA THR B 246 -8.06 63.87 -34.31
C THR B 246 -8.22 62.36 -34.11
N ALA B 247 -8.08 61.93 -32.85
CA ALA B 247 -8.34 60.54 -32.51
C ALA B 247 -9.83 60.28 -32.47
N GLY B 248 -10.26 59.18 -33.09
CA GLY B 248 -11.68 58.88 -33.18
C GLY B 248 -12.24 58.35 -31.86
N ALA B 249 -13.55 58.52 -31.70
CA ALA B 249 -14.22 58.26 -30.42
C ALA B 249 -14.37 56.76 -30.20
N ALA B 250 -13.45 56.17 -29.45
CA ALA B 250 -13.54 54.79 -28.96
C ALA B 250 -12.63 54.66 -27.75
N ALA B 251 -12.50 53.44 -27.24
CA ALA B 251 -11.69 53.20 -26.04
C ALA B 251 -11.26 51.74 -26.02
N TYR B 252 -10.10 51.49 -25.41
CA TYR B 252 -9.63 50.12 -25.23
C TYR B 252 -9.05 49.93 -23.84
N TYR B 253 -9.15 48.69 -23.35
CA TYR B 253 -8.80 48.35 -21.98
C TYR B 253 -7.65 47.36 -22.00
N VAL B 254 -6.75 47.46 -21.03
CA VAL B 254 -5.64 46.53 -20.89
C VAL B 254 -5.64 45.96 -19.49
N GLY B 255 -5.80 44.65 -19.37
CA GLY B 255 -5.58 43.96 -18.13
C GLY B 255 -4.51 42.91 -18.31
N TYR B 256 -3.79 42.62 -17.23
CA TYR B 256 -2.75 41.61 -17.26
C TYR B 256 -3.27 40.30 -16.65
N LEU B 257 -2.72 39.19 -17.12
CA LEU B 257 -3.11 37.89 -16.61
C LEU B 257 -2.11 37.40 -15.57
N GLN B 258 -2.62 36.68 -14.58
CA GLN B 258 -1.83 36.14 -13.50
C GLN B 258 -2.21 34.70 -13.27
N PRO B 259 -1.28 33.85 -12.79
CA PRO B 259 -1.60 32.42 -12.61
C PRO B 259 -2.56 32.17 -11.45
N ARG B 260 -3.84 32.39 -11.71
CA ARG B 260 -4.89 32.22 -10.71
C ARG B 260 -5.43 30.79 -10.77
N THR B 261 -6.51 30.55 -10.04
CA THR B 261 -7.24 29.29 -10.06
C THR B 261 -8.72 29.64 -10.09
N PHE B 262 -9.45 29.16 -11.08
CA PHE B 262 -10.88 29.45 -11.11
C PHE B 262 -11.69 28.19 -10.87
N LEU B 263 -12.95 28.41 -10.51
CA LEU B 263 -13.98 27.39 -10.50
C LEU B 263 -15.04 27.85 -11.48
N LEU B 264 -15.52 26.93 -12.33
CA LEU B 264 -16.25 27.31 -13.53
C LEU B 264 -17.52 26.49 -13.60
N LYS B 265 -18.68 27.15 -13.54
CA LYS B 265 -19.94 26.42 -13.65
C LYS B 265 -20.38 26.36 -15.10
N TYR B 266 -20.17 25.22 -15.74
CA TYR B 266 -20.78 24.95 -17.02
C TYR B 266 -22.27 24.73 -16.85
N ASN B 267 -23.05 25.21 -17.80
CA ASN B 267 -24.50 25.11 -17.70
C ASN B 267 -24.97 23.79 -18.31
N GLU B 268 -26.27 23.69 -18.58
CA GLU B 268 -26.80 22.53 -19.31
C GLU B 268 -26.19 22.42 -20.69
N ASN B 269 -26.27 23.50 -21.47
CA ASN B 269 -25.83 23.48 -22.85
C ASN B 269 -24.32 23.47 -23.00
N GLY B 270 -23.58 23.77 -21.93
CA GLY B 270 -22.15 23.62 -21.93
C GLY B 270 -21.35 24.89 -21.85
N THR B 271 -21.99 26.04 -21.69
CA THR B 271 -21.29 27.32 -21.63
C THR B 271 -21.02 27.70 -20.19
N ILE B 272 -19.89 28.36 -19.96
CA ILE B 272 -19.56 28.86 -18.63
C ILE B 272 -20.50 30.02 -18.33
N THR B 273 -21.46 29.78 -17.43
CA THR B 273 -22.42 30.81 -17.08
C THR B 273 -21.96 31.65 -15.90
N ASP B 274 -21.38 31.01 -14.89
CA ASP B 274 -20.86 31.70 -13.73
C ASP B 274 -19.51 31.11 -13.39
N ALA B 275 -18.62 31.95 -12.87
CA ALA B 275 -17.29 31.52 -12.48
C ALA B 275 -16.97 32.02 -11.09
N VAL B 276 -15.99 31.39 -10.47
CA VAL B 276 -15.56 31.72 -9.11
C VAL B 276 -14.05 31.82 -9.13
N ASP B 277 -13.52 33.04 -8.97
CA ASP B 277 -12.11 33.20 -8.69
C ASP B 277 -11.82 32.65 -7.30
N CYS B 278 -10.71 31.96 -7.15
CA CYS B 278 -10.42 31.42 -5.82
C CYS B 278 -9.82 32.49 -4.91
N ALA B 279 -8.63 32.99 -5.25
CA ALA B 279 -7.91 33.86 -4.33
C ALA B 279 -8.30 35.33 -4.48
N LEU B 280 -9.60 35.61 -4.45
CA LEU B 280 -10.08 36.99 -4.36
C LEU B 280 -10.33 37.38 -2.90
N ASP B 281 -11.25 36.68 -2.25
CA ASP B 281 -11.62 36.92 -0.86
C ASP B 281 -11.85 35.55 -0.23
N PRO B 282 -11.82 35.45 1.12
CA PRO B 282 -11.97 34.13 1.75
C PRO B 282 -13.31 33.44 1.52
N LEU B 283 -14.37 34.18 1.20
CA LEU B 283 -15.64 33.54 0.87
C LEU B 283 -15.53 32.73 -0.42
N SER B 284 -14.87 33.29 -1.43
CA SER B 284 -14.68 32.54 -2.66
C SER B 284 -13.62 31.46 -2.54
N GLU B 285 -12.66 31.61 -1.62
CA GLU B 285 -11.78 30.49 -1.32
C GLU B 285 -12.55 29.33 -0.69
N THR B 286 -13.52 29.64 0.16
CA THR B 286 -14.41 28.61 0.70
C THR B 286 -15.23 27.96 -0.41
N LYS B 287 -15.69 28.76 -1.37
CA LYS B 287 -16.42 28.20 -2.50
C LYS B 287 -15.54 27.29 -3.36
N CYS B 288 -14.25 27.61 -3.49
CA CYS B 288 -13.35 26.74 -4.22
C CYS B 288 -13.04 25.47 -3.44
N THR B 289 -12.99 25.55 -2.11
CA THR B 289 -12.71 24.34 -1.32
C THR B 289 -13.91 23.40 -1.31
N LEU B 290 -15.12 23.94 -1.20
CA LEU B 290 -16.31 23.11 -1.18
C LEU B 290 -16.78 22.70 -2.56
N LYS B 291 -16.24 23.35 -3.62
CA LYS B 291 -16.63 23.13 -5.01
C LYS B 291 -18.12 23.37 -5.23
N SER B 292 -18.65 24.44 -4.65
CA SER B 292 -20.04 24.82 -4.89
C SER B 292 -20.18 26.32 -4.70
N PHE B 293 -21.07 26.91 -5.49
CA PHE B 293 -21.28 28.35 -5.46
C PHE B 293 -22.24 28.79 -4.37
N THR B 294 -22.79 27.86 -3.59
CA THR B 294 -23.63 28.17 -2.45
C THR B 294 -23.03 27.53 -1.22
N VAL B 295 -22.74 28.35 -0.21
CA VAL B 295 -22.04 27.92 0.99
C VAL B 295 -22.99 28.06 2.16
N GLU B 296 -23.28 26.96 2.83
CA GLU B 296 -24.21 26.98 3.93
C GLU B 296 -23.52 27.47 5.20
N LYS B 297 -24.34 27.71 6.23
CA LYS B 297 -23.88 28.28 7.49
C LYS B 297 -22.93 27.33 8.21
N GLY B 298 -21.81 27.86 8.67
CA GLY B 298 -20.88 27.03 9.43
C GLY B 298 -19.54 27.73 9.52
N ILE B 299 -18.53 26.93 9.83
CA ILE B 299 -17.14 27.38 9.86
C ILE B 299 -16.31 26.39 9.07
N TYR B 300 -15.51 26.89 8.13
CA TYR B 300 -14.83 26.07 7.15
C TYR B 300 -13.34 26.37 7.20
N GLN B 301 -12.54 25.33 6.99
CA GLN B 301 -11.08 25.47 6.96
C GLN B 301 -10.64 25.53 5.51
N THR B 302 -9.91 26.60 5.17
CA THR B 302 -9.55 26.85 3.77
C THR B 302 -8.15 26.36 3.40
N SER B 303 -7.12 26.90 4.04
CA SER B 303 -5.75 26.66 3.66
C SER B 303 -4.87 26.98 4.85
N ASN B 304 -3.57 27.07 4.61
CA ASN B 304 -2.65 27.42 5.68
C ASN B 304 -2.20 28.87 5.54
N PHE B 305 -1.89 29.47 6.68
CA PHE B 305 -1.28 30.79 6.66
C PHE B 305 0.20 30.62 6.40
N ARG B 306 0.71 31.33 5.40
CA ARG B 306 1.99 31.00 4.78
C ARG B 306 2.81 32.28 4.61
N VAL B 307 3.69 32.54 5.59
CA VAL B 307 4.47 33.77 5.60
C VAL B 307 5.54 33.71 4.52
N GLN B 308 5.69 34.81 3.79
CA GLN B 308 6.54 34.85 2.62
C GLN B 308 8.02 34.74 3.01
N PRO B 309 8.84 34.08 2.19
CA PRO B 309 10.29 34.19 2.37
C PRO B 309 10.84 35.46 1.74
N THR B 310 11.79 36.09 2.43
CA THR B 310 12.31 37.38 1.99
C THR B 310 13.35 37.25 0.89
N GLU B 311 14.48 36.61 1.20
CA GLU B 311 15.61 36.58 0.28
C GLU B 311 16.47 35.36 0.57
N SER B 312 17.42 35.11 -0.33
CA SER B 312 18.33 33.98 -0.24
C SER B 312 19.64 34.39 0.44
N ILE B 313 20.11 33.55 1.35
CA ILE B 313 21.35 33.79 2.08
C ILE B 313 22.27 32.61 1.86
N VAL B 314 23.42 32.86 1.23
CA VAL B 314 24.44 31.85 0.97
C VAL B 314 25.62 32.13 1.88
N ARG B 315 26.01 31.13 2.67
CA ARG B 315 27.10 31.27 3.65
C ARG B 315 28.05 30.09 3.53
N PHE B 316 29.04 30.20 2.65
CA PHE B 316 30.16 29.29 2.48
C PHE B 316 31.39 29.83 3.19
N PRO B 317 32.28 28.97 3.70
CA PRO B 317 33.45 29.48 4.43
C PRO B 317 34.43 30.17 3.49
N ASN B 318 35.07 31.23 4.00
CA ASN B 318 35.94 32.06 3.15
C ASN B 318 37.26 31.33 2.90
N ILE B 319 37.21 30.40 1.95
CA ILE B 319 38.38 29.76 1.38
C ILE B 319 38.50 30.26 -0.05
N THR B 320 39.73 30.56 -0.47
CA THR B 320 39.98 31.17 -1.77
C THR B 320 40.96 30.40 -2.64
N ASN B 321 41.89 29.64 -2.05
CA ASN B 321 42.84 28.88 -2.84
C ASN B 321 42.17 27.69 -3.51
N LEU B 322 42.55 27.41 -4.75
CA LEU B 322 41.91 26.35 -5.50
C LEU B 322 42.34 24.97 -5.01
N CYS B 323 41.70 23.97 -5.55
CA CYS B 323 41.98 22.56 -5.34
C CYS B 323 42.92 22.04 -6.42
N PRO B 324 43.78 21.06 -6.10
CA PRO B 324 44.71 20.54 -7.11
C PRO B 324 44.00 19.74 -8.19
N PHE B 325 43.34 20.43 -9.11
CA PHE B 325 42.67 19.79 -10.23
C PHE B 325 43.55 19.72 -11.46
N GLY B 326 44.48 20.68 -11.64
CA GLY B 326 45.47 20.54 -12.67
C GLY B 326 46.40 19.37 -12.45
N GLU B 327 46.86 19.19 -11.22
CA GLU B 327 47.78 18.12 -10.84
C GLU B 327 47.17 16.73 -10.91
N VAL B 328 45.84 16.62 -10.90
CA VAL B 328 45.15 15.35 -11.02
C VAL B 328 44.64 15.14 -12.45
N PHE B 329 43.90 16.12 -12.97
CA PHE B 329 43.28 16.00 -14.28
C PHE B 329 44.29 16.05 -15.42
N ASN B 330 45.44 16.68 -15.22
CA ASN B 330 46.47 16.78 -16.25
C ASN B 330 47.83 16.43 -15.66
N ALA B 331 47.89 15.29 -14.97
CA ALA B 331 49.15 14.80 -14.43
C ALA B 331 50.05 14.28 -15.55
N THR B 332 51.29 13.98 -15.18
CA THR B 332 52.28 13.47 -16.13
C THR B 332 52.52 11.98 -15.94
N ARG B 333 52.89 11.57 -14.73
CA ARG B 333 53.08 10.16 -14.41
C ARG B 333 51.75 9.59 -13.95
N PHE B 334 51.21 8.66 -14.73
CA PHE B 334 49.87 8.15 -14.52
C PHE B 334 49.91 6.96 -13.56
N ALA B 335 48.80 6.23 -13.47
CA ALA B 335 48.76 4.99 -12.73
C ALA B 335 48.02 3.96 -13.58
N SER B 336 47.76 2.81 -12.99
CA SER B 336 47.00 1.77 -13.65
C SER B 336 46.02 1.19 -12.65
N VAL B 337 45.20 0.25 -13.13
CA VAL B 337 44.14 -0.32 -12.30
C VAL B 337 44.66 -1.34 -11.31
N TYR B 338 45.92 -1.76 -11.44
CA TYR B 338 46.54 -2.59 -10.41
C TYR B 338 46.75 -1.81 -9.13
N ALA B 339 47.11 -0.53 -9.24
CA ALA B 339 47.29 0.32 -8.06
C ALA B 339 46.92 1.74 -8.48
N TRP B 340 45.72 2.16 -8.11
CA TRP B 340 45.23 3.50 -8.45
C TRP B 340 45.65 4.50 -7.40
N ASN B 341 45.87 5.74 -7.85
CA ASN B 341 46.32 6.81 -6.96
C ASN B 341 45.10 7.53 -6.41
N ARG B 342 44.75 7.24 -5.17
CA ARG B 342 43.71 8.00 -4.48
C ARG B 342 44.30 9.35 -4.09
N LYS B 343 43.96 10.38 -4.84
CA LYS B 343 44.36 11.74 -4.51
C LYS B 343 43.34 12.33 -3.54
N ARG B 344 43.86 12.98 -2.51
CA ARG B 344 43.06 13.58 -1.46
C ARG B 344 42.90 15.06 -1.74
N ILE B 345 41.66 15.53 -1.74
CA ILE B 345 41.33 16.91 -2.07
C ILE B 345 40.53 17.47 -0.91
N SER B 346 41.10 18.42 -0.17
CA SER B 346 40.42 18.95 0.99
C SER B 346 40.82 20.39 1.24
N ASN B 347 39.88 21.14 1.83
CA ASN B 347 40.07 22.49 2.35
C ASN B 347 40.53 23.46 1.25
N CYS B 348 39.75 23.52 0.18
CA CYS B 348 40.10 24.29 -1.00
C CYS B 348 38.82 24.61 -1.78
N VAL B 349 38.98 25.25 -2.92
CA VAL B 349 37.87 25.70 -3.77
C VAL B 349 37.89 24.89 -5.04
N ALA B 350 36.80 24.18 -5.30
CA ALA B 350 36.73 23.24 -6.41
C ALA B 350 35.64 23.70 -7.37
N ASP B 351 36.01 24.60 -8.28
CA ASP B 351 35.09 25.03 -9.32
C ASP B 351 34.90 23.89 -10.30
N TYR B 352 33.69 23.36 -10.34
CA TYR B 352 33.35 22.25 -11.21
C TYR B 352 32.87 22.71 -12.57
N SER B 353 32.69 24.01 -12.77
CA SER B 353 32.27 24.53 -14.05
C SER B 353 33.38 24.44 -15.09
N VAL B 354 34.63 24.54 -14.67
CA VAL B 354 35.74 24.38 -15.60
C VAL B 354 35.86 22.92 -16.03
N LEU B 355 35.41 22.00 -15.18
CA LEU B 355 35.21 20.62 -15.61
C LEU B 355 33.96 20.49 -16.46
N TYR B 356 32.99 21.38 -16.27
CA TYR B 356 31.69 21.23 -16.89
C TYR B 356 31.59 21.95 -18.25
N ASN B 357 32.46 22.90 -18.53
CA ASN B 357 32.45 23.58 -19.82
C ASN B 357 33.42 22.96 -20.83
N SER B 358 33.88 21.74 -20.58
CA SER B 358 34.82 21.07 -21.45
C SER B 358 34.12 19.93 -22.19
N ALA B 359 34.51 19.73 -23.45
CA ALA B 359 34.02 18.64 -24.26
C ALA B 359 35.03 17.50 -24.37
N SER B 360 36.07 17.52 -23.53
CA SER B 360 37.13 16.52 -23.61
C SER B 360 36.69 15.15 -23.13
N PHE B 361 35.60 15.06 -22.40
CA PHE B 361 35.24 13.83 -21.71
C PHE B 361 34.55 12.86 -22.66
N SER B 362 34.57 11.59 -22.27
CA SER B 362 33.97 10.52 -23.06
C SER B 362 32.75 9.92 -22.37
N THR B 363 32.90 9.44 -21.14
CA THR B 363 31.78 9.02 -20.30
C THR B 363 31.82 9.84 -19.04
N PHE B 364 30.82 10.71 -18.86
CA PHE B 364 30.73 11.61 -17.73
C PHE B 364 29.41 11.34 -17.02
N LYS B 365 29.45 10.48 -16.01
CA LYS B 365 28.23 10.00 -15.35
C LYS B 365 28.33 10.23 -13.85
N CYS B 366 27.64 11.26 -13.38
CA CYS B 366 27.45 11.48 -11.96
C CYS B 366 26.27 10.64 -11.49
N TYR B 367 26.51 9.76 -10.52
CA TYR B 367 25.52 8.74 -10.19
C TYR B 367 24.47 9.27 -9.21
N GLY B 368 24.91 9.71 -8.04
CA GLY B 368 24.01 10.15 -6.98
C GLY B 368 23.86 11.63 -6.84
N VAL B 369 24.44 12.43 -7.73
CA VAL B 369 24.33 13.88 -7.66
C VAL B 369 23.90 14.42 -9.02
N SER B 370 23.87 15.75 -9.13
CA SER B 370 23.59 16.42 -10.39
C SER B 370 24.81 17.22 -10.80
N PRO B 371 25.39 16.97 -11.98
CA PRO B 371 26.53 17.76 -12.43
C PRO B 371 26.20 19.21 -12.71
N THR B 372 24.94 19.52 -13.00
CA THR B 372 24.52 20.92 -13.09
C THR B 372 24.42 21.57 -11.71
N LYS B 373 24.31 20.79 -10.65
CA LYS B 373 24.17 21.29 -9.29
C LYS B 373 25.38 21.03 -8.42
N LEU B 374 26.47 20.49 -8.99
CA LEU B 374 27.68 20.29 -8.21
C LEU B 374 28.32 21.60 -7.80
N ASN B 375 28.11 22.66 -8.57
CA ASN B 375 28.73 23.93 -8.22
C ASN B 375 27.94 24.64 -7.13
N ASP B 376 26.63 24.38 -7.04
CA ASP B 376 25.83 24.89 -5.93
C ASP B 376 26.10 24.10 -4.66
N LEU B 377 26.07 22.77 -4.77
CA LEU B 377 26.33 21.86 -3.67
C LEU B 377 27.79 21.96 -3.22
N CYS B 378 28.00 21.63 -1.94
CA CYS B 378 29.31 21.70 -1.28
C CYS B 378 29.66 20.34 -0.70
N PHE B 379 30.95 20.09 -0.43
CA PHE B 379 31.32 18.76 0.03
C PHE B 379 32.17 18.80 1.29
N THR B 380 32.21 17.67 1.98
CA THR B 380 33.11 17.56 3.13
C THR B 380 34.53 17.18 2.69
N ASN B 381 34.68 15.99 2.11
CA ASN B 381 35.99 15.45 1.75
C ASN B 381 35.87 14.67 0.45
N VAL B 382 36.67 15.03 -0.54
CA VAL B 382 36.54 14.51 -1.90
C VAL B 382 37.77 13.68 -2.23
N TYR B 383 37.55 12.52 -2.85
CA TYR B 383 38.63 11.65 -3.28
C TYR B 383 38.74 11.69 -4.80
N ALA B 384 39.94 11.40 -5.30
CA ALA B 384 40.21 11.36 -6.74
C ALA B 384 41.07 10.15 -7.03
N ASP B 385 40.55 9.23 -7.84
CA ASP B 385 41.17 7.92 -8.06
C ASP B 385 41.72 7.86 -9.49
N SER B 386 43.02 8.10 -9.62
CA SER B 386 43.67 8.17 -10.92
C SER B 386 44.10 6.77 -11.37
N PHE B 387 43.50 6.28 -12.46
CA PHE B 387 44.02 5.11 -13.15
C PHE B 387 43.63 5.19 -14.61
N VAL B 388 44.50 4.67 -15.47
CA VAL B 388 44.36 4.80 -16.92
C VAL B 388 44.06 3.41 -17.48
N ILE B 389 42.87 3.23 -18.04
CA ILE B 389 42.46 1.99 -18.69
C ILE B 389 41.78 2.32 -20.02
N ARG B 390 41.30 1.28 -20.67
CA ARG B 390 40.94 1.29 -22.08
C ARG B 390 39.49 1.72 -22.25
N GLY B 391 39.18 2.23 -23.45
CA GLY B 391 37.89 2.84 -23.73
C GLY B 391 36.72 1.88 -23.77
N ASP B 392 36.98 0.59 -23.93
CA ASP B 392 35.92 -0.42 -23.80
C ASP B 392 35.94 -1.10 -22.44
N GLU B 393 36.69 -0.56 -21.49
CA GLU B 393 36.61 -0.94 -20.09
C GLU B 393 35.88 0.10 -19.26
N VAL B 394 35.48 1.21 -19.87
CA VAL B 394 34.89 2.34 -19.15
C VAL B 394 33.47 2.01 -18.69
N ARG B 395 32.76 1.18 -19.45
CA ARG B 395 31.38 0.82 -19.12
C ARG B 395 31.27 -0.08 -17.89
N GLN B 396 32.38 -0.56 -17.34
CA GLN B 396 32.36 -1.57 -16.29
C GLN B 396 32.59 -0.99 -14.90
N ILE B 397 32.52 0.33 -14.74
CA ILE B 397 32.84 0.98 -13.47
C ILE B 397 31.58 1.67 -12.96
N ALA B 398 30.83 0.95 -12.14
CA ALA B 398 29.71 1.45 -11.36
C ALA B 398 29.39 0.41 -10.31
N PRO B 399 28.72 0.80 -9.21
CA PRO B 399 28.19 -0.24 -8.31
C PRO B 399 27.03 -0.97 -8.97
N GLY B 400 27.30 -2.18 -9.45
CA GLY B 400 26.34 -2.90 -10.24
C GLY B 400 26.85 -3.22 -11.63
N GLN B 401 28.16 -3.16 -11.81
CA GLN B 401 28.80 -3.60 -13.04
C GLN B 401 29.78 -4.73 -12.73
N THR B 402 30.00 -5.57 -13.74
CA THR B 402 30.98 -6.65 -13.67
C THR B 402 31.88 -6.56 -14.89
N GLY B 403 33.08 -7.11 -14.77
CA GLY B 403 33.98 -7.16 -15.90
C GLY B 403 35.43 -7.28 -15.45
N LYS B 404 36.32 -6.91 -16.38
CA LYS B 404 37.76 -7.03 -16.15
C LYS B 404 38.24 -6.05 -15.09
N ILE B 405 37.55 -4.92 -14.95
CA ILE B 405 37.93 -3.88 -14.02
C ILE B 405 37.19 -4.01 -12.70
N ALA B 406 35.92 -4.41 -12.75
CA ALA B 406 35.04 -4.32 -11.59
C ALA B 406 35.35 -5.40 -10.55
N ASP B 407 35.16 -6.68 -10.93
CA ASP B 407 35.25 -7.74 -9.95
C ASP B 407 36.68 -8.15 -9.63
N TYR B 408 37.67 -7.60 -10.32
CA TYR B 408 39.05 -8.06 -10.18
C TYR B 408 39.85 -7.17 -9.25
N ASN B 409 39.94 -5.88 -9.55
CA ASN B 409 40.83 -5.04 -8.73
C ASN B 409 40.19 -3.76 -8.22
N TYR B 410 39.32 -3.11 -8.99
CA TYR B 410 38.73 -1.84 -8.59
C TYR B 410 37.21 -1.98 -8.53
N LYS B 411 36.66 -2.00 -7.32
CA LYS B 411 35.22 -2.11 -7.09
C LYS B 411 34.72 -0.88 -6.34
N LEU B 412 33.54 -0.41 -6.71
CA LEU B 412 32.82 0.67 -6.06
C LEU B 412 31.81 0.12 -5.06
N PRO B 413 31.66 0.77 -3.91
CA PRO B 413 30.67 0.30 -2.93
C PRO B 413 29.26 0.59 -3.38
N ASP B 414 28.32 -0.17 -2.83
CA ASP B 414 26.94 -0.23 -3.29
C ASP B 414 26.07 0.91 -2.78
N ASP B 415 26.67 1.93 -2.17
CA ASP B 415 26.00 3.16 -1.76
C ASP B 415 26.79 4.37 -2.25
N PHE B 416 27.21 4.31 -3.51
CA PHE B 416 28.18 5.24 -4.05
C PHE B 416 27.53 6.57 -4.42
N THR B 417 28.22 7.66 -4.10
CA THR B 417 27.75 9.01 -4.39
C THR B 417 28.90 9.82 -5.00
N GLY B 418 29.04 9.74 -6.31
CA GLY B 418 30.15 10.41 -6.95
C GLY B 418 30.04 10.36 -8.46
N CYS B 419 31.05 10.92 -9.11
CA CYS B 419 31.08 11.05 -10.56
C CYS B 419 32.27 10.29 -11.11
N VAL B 420 32.04 9.47 -12.13
CA VAL B 420 33.07 8.69 -12.79
C VAL B 420 33.34 9.32 -14.15
N ILE B 421 34.55 9.87 -14.31
CA ILE B 421 34.89 10.70 -15.46
C ILE B 421 36.00 10.01 -16.24
N ALA B 422 35.85 9.92 -17.56
CA ALA B 422 36.83 9.30 -18.43
C ALA B 422 37.09 10.16 -19.66
N TRP B 423 38.35 10.49 -19.90
CA TRP B 423 38.73 11.26 -21.09
C TRP B 423 40.08 10.75 -21.58
N ASN B 424 40.48 11.23 -22.75
CA ASN B 424 41.49 10.54 -23.55
C ASN B 424 42.89 10.72 -23.00
N SER B 425 43.70 9.66 -23.15
CA SER B 425 45.08 9.62 -22.69
C SER B 425 46.05 9.05 -23.69
N ASN B 426 45.58 8.42 -24.77
CA ASN B 426 46.46 7.70 -25.69
C ASN B 426 47.34 8.66 -26.48
N ASN B 427 46.87 9.89 -26.71
CA ASN B 427 47.62 10.83 -27.52
C ASN B 427 48.83 11.41 -26.80
N LEU B 428 49.00 11.11 -25.50
CA LEU B 428 50.23 11.33 -24.78
C LEU B 428 50.90 10.04 -24.32
N ASP B 429 50.13 8.98 -24.13
CA ASP B 429 50.69 7.69 -23.72
C ASP B 429 51.31 6.90 -24.87
N SER B 430 51.06 7.28 -26.12
CA SER B 430 51.49 6.47 -27.25
C SER B 430 53.00 6.55 -27.41
N LYS B 431 53.60 5.41 -27.74
CA LYS B 431 55.05 5.28 -27.87
C LYS B 431 55.34 4.42 -29.08
N VAL B 432 56.43 4.75 -29.78
CA VAL B 432 56.81 4.00 -30.98
C VAL B 432 57.23 2.58 -30.61
N GLY B 433 58.07 2.45 -29.58
CA GLY B 433 58.40 1.14 -29.05
C GLY B 433 57.37 0.57 -28.10
N GLY B 434 56.48 1.40 -27.59
CA GLY B 434 55.43 0.94 -26.69
C GLY B 434 55.80 1.06 -25.23
N ASN B 435 54.95 1.71 -24.45
CA ASN B 435 55.16 1.84 -23.00
C ASN B 435 54.52 0.62 -22.34
N TYR B 436 55.32 -0.43 -22.16
CA TYR B 436 54.88 -1.66 -21.51
C TYR B 436 55.14 -1.64 -20.01
N ASN B 437 55.19 -0.45 -19.40
CA ASN B 437 55.43 -0.35 -17.97
C ASN B 437 54.12 -0.51 -17.19
N TYR B 438 53.07 0.15 -17.65
CA TYR B 438 51.78 0.07 -16.97
C TYR B 438 51.11 -1.27 -17.26
N LEU B 439 50.30 -1.73 -16.31
CA LEU B 439 49.91 -3.13 -16.22
C LEU B 439 48.42 -3.22 -15.93
N TYR B 440 47.89 -4.44 -15.93
CA TYR B 440 46.48 -4.67 -15.63
C TYR B 440 46.34 -6.03 -14.96
N ARG B 441 45.10 -6.51 -14.83
CA ARG B 441 44.82 -7.76 -14.14
C ARG B 441 43.94 -8.65 -15.01
N LEU B 442 44.14 -9.96 -14.91
CA LEU B 442 43.37 -10.92 -15.70
C LEU B 442 42.73 -12.00 -14.83
N PHE B 443 43.31 -12.31 -13.67
CA PHE B 443 42.85 -13.36 -12.78
C PHE B 443 42.42 -12.77 -11.44
N ARG B 444 41.92 -13.62 -10.54
CA ARG B 444 41.43 -13.18 -9.25
C ARG B 444 41.45 -14.34 -8.26
N LYS B 445 41.80 -14.05 -7.00
CA LYS B 445 41.94 -15.06 -5.97
C LYS B 445 40.73 -15.23 -5.07
N SER B 446 40.00 -14.16 -4.76
CA SER B 446 38.93 -14.25 -3.77
C SER B 446 37.90 -13.16 -4.05
N ASN B 447 37.02 -12.94 -3.08
CA ASN B 447 36.03 -11.87 -3.16
C ASN B 447 36.71 -10.52 -3.02
N LEU B 448 36.45 -9.63 -3.98
CA LEU B 448 37.00 -8.29 -3.94
C LEU B 448 36.03 -7.36 -3.22
N LYS B 449 36.50 -6.75 -2.13
CA LYS B 449 35.80 -5.71 -1.39
C LYS B 449 36.11 -4.34 -2.00
N PRO B 450 35.16 -3.41 -1.97
CA PRO B 450 35.34 -2.14 -2.70
C PRO B 450 36.33 -1.21 -2.02
N PHE B 451 36.89 -0.32 -2.86
CA PHE B 451 37.92 0.65 -2.46
C PHE B 451 39.15 -0.02 -1.87
N GLU B 452 39.58 -1.13 -2.46
CA GLU B 452 40.69 -1.92 -1.95
C GLU B 452 41.63 -2.29 -3.08
N ARG B 453 42.89 -1.90 -2.97
CA ARG B 453 43.91 -2.30 -3.94
C ARG B 453 44.49 -3.66 -3.58
N ASP B 454 44.60 -4.54 -4.57
CA ASP B 454 45.21 -5.86 -4.36
C ASP B 454 46.63 -5.79 -4.90
N ILE B 455 47.51 -5.23 -4.09
CA ILE B 455 48.91 -5.04 -4.46
C ILE B 455 49.78 -6.18 -3.93
N SER B 456 49.18 -7.31 -3.59
CA SER B 456 49.92 -8.42 -3.01
C SER B 456 50.81 -9.08 -4.04
N THR B 457 52.07 -9.32 -3.67
CA THR B 457 53.05 -9.98 -4.54
C THR B 457 53.07 -11.48 -4.34
N GLU B 458 51.95 -12.07 -3.96
CA GLU B 458 51.80 -13.52 -3.93
C GLU B 458 51.40 -14.00 -5.32
N ILE B 459 52.07 -15.04 -5.80
CA ILE B 459 51.91 -15.51 -7.16
C ILE B 459 50.63 -16.33 -7.27
N TYR B 460 49.82 -16.06 -8.29
CA TYR B 460 48.55 -16.74 -8.49
C TYR B 460 48.80 -18.18 -8.89
N GLN B 461 48.62 -19.09 -7.93
CA GLN B 461 48.68 -20.53 -8.19
C GLN B 461 47.28 -21.02 -8.50
N ALA B 462 47.07 -21.48 -9.73
CA ALA B 462 45.75 -21.99 -10.12
C ALA B 462 45.65 -23.50 -9.93
N GLY B 463 46.65 -24.25 -10.38
CA GLY B 463 46.58 -25.69 -10.35
C GLY B 463 47.00 -26.27 -9.02
N SER B 464 47.95 -27.22 -9.06
CA SER B 464 48.38 -27.92 -7.85
C SER B 464 49.85 -27.78 -7.55
N THR B 465 50.67 -27.33 -8.50
CA THR B 465 52.10 -27.22 -8.28
C THR B 465 52.40 -25.99 -7.40
N PRO B 466 52.98 -26.16 -6.22
CA PRO B 466 53.28 -25.01 -5.36
C PRO B 466 54.43 -24.19 -5.92
N CYS B 467 54.18 -22.91 -6.13
CA CYS B 467 55.16 -22.02 -6.75
C CYS B 467 55.92 -21.17 -5.73
N ASN B 468 55.20 -20.63 -4.75
CA ASN B 468 55.74 -19.97 -3.56
C ASN B 468 56.57 -18.72 -3.87
N GLY B 469 56.41 -18.14 -5.05
CA GLY B 469 57.10 -16.90 -5.36
C GLY B 469 57.92 -16.88 -6.63
N VAL B 470 57.84 -17.93 -7.45
CA VAL B 470 58.53 -17.99 -8.73
C VAL B 470 57.53 -18.31 -9.82
N GLU B 471 57.97 -18.12 -11.08
CA GLU B 471 57.17 -18.49 -12.24
C GLU B 471 57.70 -19.79 -12.86
N GLY B 472 56.95 -20.28 -13.85
CA GLY B 472 57.34 -21.52 -14.51
C GLY B 472 56.21 -22.49 -14.79
N PHE B 473 56.29 -23.68 -14.19
CA PHE B 473 55.36 -24.77 -14.46
C PHE B 473 54.01 -24.45 -13.84
N ASN B 474 53.06 -23.99 -14.68
CA ASN B 474 51.69 -23.61 -14.32
C ASN B 474 51.63 -22.49 -13.29
N CYS B 475 52.71 -21.72 -13.13
CA CYS B 475 52.76 -20.63 -12.16
C CYS B 475 52.28 -19.39 -12.89
N TYR B 476 50.99 -19.10 -12.76
CA TYR B 476 50.37 -18.04 -13.54
C TYR B 476 50.78 -16.66 -13.03
N PHE B 477 50.49 -15.65 -13.85
CA PHE B 477 50.92 -14.28 -13.57
C PHE B 477 49.95 -13.34 -14.26
N PRO B 478 48.92 -12.88 -13.56
CA PRO B 478 47.84 -12.11 -14.20
C PRO B 478 48.19 -10.67 -14.52
N LEU B 479 49.43 -10.26 -14.32
CA LEU B 479 49.81 -8.85 -14.38
C LEU B 479 50.44 -8.57 -15.75
N GLN B 480 49.61 -8.66 -16.78
CA GLN B 480 50.10 -8.44 -18.14
C GLN B 480 50.20 -6.94 -18.43
N SER B 481 50.83 -6.59 -19.55
CA SER B 481 51.26 -5.23 -19.80
C SER B 481 50.37 -4.52 -20.82
N TYR B 482 50.52 -3.20 -20.85
CA TYR B 482 49.77 -2.33 -21.75
C TYR B 482 50.58 -2.04 -23.00
N GLY B 483 49.99 -2.28 -24.16
CA GLY B 483 50.62 -1.88 -25.40
C GLY B 483 50.25 -0.45 -25.74
N PHE B 484 51.11 0.49 -25.37
CA PHE B 484 50.86 1.91 -25.60
C PHE B 484 51.48 2.36 -26.92
N GLN B 485 51.05 1.71 -27.97
CA GLN B 485 51.38 2.04 -29.34
C GLN B 485 50.19 2.72 -30.01
N PRO B 486 50.44 3.68 -30.90
CA PRO B 486 49.33 4.37 -31.58
C PRO B 486 48.74 3.62 -32.76
N THR B 487 49.02 2.32 -32.90
CA THR B 487 48.60 1.55 -34.06
C THR B 487 47.23 0.91 -33.90
N ASN B 488 46.67 0.89 -32.68
CA ASN B 488 45.47 0.13 -32.42
C ASN B 488 44.23 0.87 -32.92
N GLY B 489 43.08 0.18 -32.85
CA GLY B 489 41.81 0.79 -33.19
C GLY B 489 41.26 1.62 -32.04
N VAL B 490 40.26 2.44 -32.38
CA VAL B 490 39.72 3.40 -31.42
C VAL B 490 38.90 2.74 -30.32
N GLY B 491 38.43 1.51 -30.54
CA GLY B 491 37.83 0.74 -29.47
C GLY B 491 38.82 0.16 -28.49
N TYR B 492 40.11 0.22 -28.81
CA TYR B 492 41.17 -0.29 -27.96
C TYR B 492 42.14 0.80 -27.56
N GLN B 493 41.64 1.95 -27.11
CA GLN B 493 42.56 3.01 -26.75
C GLN B 493 42.39 3.41 -25.28
N PRO B 494 43.49 3.72 -24.59
CA PRO B 494 43.40 4.06 -23.16
C PRO B 494 42.84 5.45 -22.90
N TYR B 495 42.08 5.56 -21.81
CA TYR B 495 41.51 6.81 -21.32
C TYR B 495 41.97 7.07 -19.89
N ARG B 496 42.02 8.35 -19.51
CA ARG B 496 42.22 8.73 -18.12
C ARG B 496 40.91 8.57 -17.36
N VAL B 497 40.83 7.57 -16.50
CA VAL B 497 39.61 7.30 -15.73
C VAL B 497 39.86 7.78 -14.31
N VAL B 498 39.32 8.96 -13.99
CA VAL B 498 39.43 9.53 -12.66
C VAL B 498 38.04 9.50 -12.04
N VAL B 499 37.86 8.62 -11.07
CA VAL B 499 36.60 8.54 -10.32
C VAL B 499 36.64 9.58 -9.22
N LEU B 500 35.61 10.41 -9.16
CA LEU B 500 35.54 11.54 -8.25
C LEU B 500 34.50 11.22 -7.17
N SER B 501 34.93 10.55 -6.12
CA SER B 501 34.07 10.21 -5.00
C SER B 501 34.26 11.23 -3.88
N PHE B 502 33.25 11.31 -3.01
CA PHE B 502 33.27 12.32 -1.96
C PHE B 502 32.35 11.91 -0.82
N GLU B 503 32.81 12.16 0.41
CA GLU B 503 31.97 12.00 1.59
C GLU B 503 31.02 13.19 1.66
N LEU B 504 29.73 12.91 1.70
CA LEU B 504 28.71 13.94 1.49
C LEU B 504 27.86 14.06 2.75
N LEU B 505 28.03 15.20 3.44
CA LEU B 505 27.26 15.57 4.64
C LEU B 505 27.41 14.54 5.75
N HIS B 506 28.67 14.28 6.12
CA HIS B 506 28.99 13.47 7.29
C HIS B 506 30.18 14.05 8.04
N ALA B 507 30.42 15.35 7.91
CA ALA B 507 31.56 16.08 8.45
C ALA B 507 31.28 17.58 8.30
N PRO B 508 32.04 18.46 8.96
CA PRO B 508 32.02 19.87 8.54
C PRO B 508 32.67 20.03 7.18
N ALA B 509 32.00 20.76 6.30
CA ALA B 509 32.41 20.84 4.90
C ALA B 509 33.65 21.70 4.75
N THR B 510 34.66 21.16 4.07
CA THR B 510 35.91 21.87 3.77
C THR B 510 36.02 22.27 2.31
N VAL B 511 35.62 21.40 1.39
CA VAL B 511 35.64 21.70 -0.04
C VAL B 511 34.30 22.34 -0.37
N CYS B 512 34.28 23.66 -0.52
CA CYS B 512 33.07 24.33 -0.99
C CYS B 512 33.38 25.28 -2.12
N GLY B 513 32.69 25.10 -3.23
CA GLY B 513 33.01 25.76 -4.47
C GLY B 513 32.52 27.21 -4.55
N PRO B 514 32.63 27.79 -5.74
CA PRO B 514 32.37 29.23 -5.89
C PRO B 514 30.91 29.62 -5.87
N LYS B 515 30.36 29.81 -4.68
CA LYS B 515 29.21 30.66 -4.46
C LYS B 515 29.63 31.73 -3.47
N LYS B 516 29.26 32.98 -3.74
CA LYS B 516 29.75 34.08 -2.94
C LYS B 516 29.00 34.13 -1.62
N SER B 517 29.74 34.11 -0.53
CA SER B 517 29.16 34.16 0.82
C SER B 517 28.56 35.54 1.04
N THR B 518 27.23 35.63 0.95
CA THR B 518 26.53 36.89 1.10
C THR B 518 26.44 37.26 2.59
N ASN B 519 25.69 38.31 2.89
CA ASN B 519 25.60 38.78 4.26
C ASN B 519 24.70 37.86 5.08
N LEU B 520 24.70 38.09 6.39
CA LEU B 520 23.88 37.34 7.33
C LEU B 520 22.75 38.22 7.83
N VAL B 521 21.52 37.82 7.54
CA VAL B 521 20.32 38.55 7.95
C VAL B 521 19.58 37.71 8.97
N LYS B 522 19.24 38.31 10.10
CA LYS B 522 18.54 37.61 11.16
C LYS B 522 17.14 38.17 11.32
N ASN B 523 16.28 37.35 11.92
CA ASN B 523 14.89 37.67 12.29
C ASN B 523 14.02 38.00 11.09
N LYS B 524 14.42 37.62 9.89
CA LYS B 524 13.59 37.70 8.71
C LYS B 524 13.38 36.29 8.16
N CYS B 525 12.22 36.08 7.54
CA CYS B 525 11.94 34.78 6.95
C CYS B 525 12.78 34.69 5.69
N VAL B 526 13.97 34.11 5.81
CA VAL B 526 14.94 34.09 4.73
C VAL B 526 15.06 32.68 4.18
N ASN B 527 15.29 32.60 2.87
CA ASN B 527 15.40 31.33 2.17
C ASN B 527 16.89 30.97 2.05
N PHE B 528 17.48 30.67 3.20
CA PHE B 528 18.92 30.67 3.33
C PHE B 528 19.56 29.42 2.73
N ASN B 529 20.87 29.33 2.89
CA ASN B 529 21.67 28.20 2.40
C ASN B 529 22.92 28.17 3.26
N PHE B 530 23.04 27.18 4.13
CA PHE B 530 24.17 27.04 5.05
C PHE B 530 24.97 25.82 4.66
N ASN B 531 26.01 26.05 3.85
CA ASN B 531 27.07 25.09 3.55
C ASN B 531 26.56 23.86 2.82
N GLY B 532 25.40 23.97 2.15
CA GLY B 532 24.86 22.86 1.39
C GLY B 532 23.37 22.64 1.58
N LEU B 533 22.84 22.94 2.76
CA LEU B 533 21.44 22.69 3.06
C LEU B 533 20.59 23.89 2.67
N THR B 534 19.45 23.62 2.03
CA THR B 534 18.57 24.68 1.52
C THR B 534 17.42 24.85 2.50
N GLY B 535 17.63 25.70 3.51
CA GLY B 535 16.64 25.91 4.54
C GLY B 535 15.82 27.17 4.31
N THR B 536 14.79 27.33 5.15
CA THR B 536 13.90 28.49 5.09
C THR B 536 13.32 28.73 6.47
N GLY B 537 13.61 29.88 7.06
CA GLY B 537 13.07 30.16 8.37
C GLY B 537 13.59 31.46 8.95
N VAL B 538 13.42 31.59 10.25
CA VAL B 538 13.80 32.78 11.00
C VAL B 538 15.06 32.44 11.79
N LEU B 539 16.17 33.07 11.43
CA LEU B 539 17.45 32.86 12.10
C LEU B 539 17.56 33.82 13.27
N THR B 540 17.89 33.30 14.45
CA THR B 540 18.09 34.12 15.63
C THR B 540 19.47 33.86 16.22
N GLU B 541 19.89 34.77 17.09
CA GLU B 541 21.05 34.57 17.94
C GLU B 541 20.70 33.53 18.99
N SER B 542 21.27 32.34 18.87
CA SER B 542 20.80 31.19 19.64
C SER B 542 21.29 31.25 21.08
N ASN B 543 20.77 30.31 21.88
CA ASN B 543 21.15 30.17 23.27
C ASN B 543 21.69 28.78 23.58
N LYS B 544 21.96 27.98 22.56
CA LYS B 544 22.46 26.63 22.75
C LYS B 544 23.94 26.68 23.08
N LYS B 545 24.38 25.72 23.88
CA LYS B 545 25.79 25.53 24.21
C LYS B 545 26.28 24.31 23.44
N PHE B 546 26.76 24.55 22.21
CA PHE B 546 27.37 23.49 21.44
C PHE B 546 28.67 23.02 22.07
N LEU B 547 29.08 21.90 21.65
CA LEU B 547 30.47 21.49 21.79
C LEU B 547 31.20 21.84 20.50
N PRO B 548 32.49 22.22 20.58
CA PRO B 548 33.15 22.87 19.42
C PRO B 548 33.34 21.98 18.18
N PHE B 549 33.03 20.70 18.26
CA PHE B 549 33.01 19.87 17.05
C PHE B 549 31.62 19.79 16.43
N GLN B 550 30.59 20.11 17.20
CA GLN B 550 29.20 19.91 16.77
C GLN B 550 28.78 21.00 15.79
N GLN B 551 28.50 20.61 14.55
CA GLN B 551 28.04 21.58 13.56
C GLN B 551 26.56 21.86 13.71
N PHE B 552 25.73 20.84 13.56
CA PHE B 552 24.29 21.01 13.39
C PHE B 552 23.54 20.52 14.61
N GLY B 553 22.49 21.22 14.98
CA GLY B 553 21.57 20.77 16.01
C GLY B 553 20.31 20.23 15.38
N ARG B 554 19.73 19.21 16.01
CA ARG B 554 18.52 18.59 15.48
C ARG B 554 17.46 18.46 16.56
N ASP B 555 16.22 18.49 16.10
CA ASP B 555 15.05 18.47 16.96
C ASP B 555 14.61 17.02 17.19
N ILE B 556 13.41 16.86 17.75
CA ILE B 556 12.87 15.53 17.98
C ILE B 556 12.43 14.90 16.65
N ALA B 557 11.96 15.71 15.71
CA ALA B 557 11.51 15.24 14.41
C ALA B 557 12.65 14.97 13.44
N ASP B 558 13.90 15.16 13.88
CA ASP B 558 15.11 14.97 13.08
C ASP B 558 15.09 15.82 11.80
N THR B 559 14.86 17.11 11.99
CA THR B 559 15.14 18.15 11.00
C THR B 559 16.23 19.05 11.56
N THR B 560 16.74 19.93 10.71
CA THR B 560 17.78 20.85 11.13
C THR B 560 17.18 21.92 12.04
N ASP B 561 17.78 22.11 13.21
CA ASP B 561 17.23 23.04 14.19
C ASP B 561 18.16 24.21 14.49
N ALA B 562 19.46 23.96 14.62
CA ALA B 562 20.44 25.01 14.81
C ALA B 562 21.70 24.63 14.06
N VAL B 563 22.47 25.65 13.65
CA VAL B 563 23.61 25.47 12.77
C VAL B 563 24.79 26.24 13.32
N ARG B 564 25.95 25.97 12.73
CA ARG B 564 27.16 26.76 12.94
C ARG B 564 27.56 27.34 11.60
N ASP B 565 27.62 28.66 11.52
CA ASP B 565 27.94 29.35 10.27
C ASP B 565 29.42 29.13 9.97
N PRO B 566 29.79 28.57 8.81
CA PRO B 566 31.22 28.37 8.52
C PRO B 566 31.98 29.65 8.27
N GLN B 567 31.29 30.73 7.92
CA GLN B 567 31.95 32.02 7.76
C GLN B 567 32.23 32.68 9.11
N THR B 568 31.40 32.39 10.12
CA THR B 568 31.54 33.02 11.44
C THR B 568 31.10 32.01 12.49
N LEU B 569 32.02 31.61 13.37
CA LEU B 569 31.79 30.49 14.29
C LEU B 569 30.79 30.88 15.36
N GLU B 570 29.51 30.81 15.00
CA GLU B 570 28.42 31.18 15.91
C GLU B 570 27.22 30.30 15.60
N ILE B 571 26.25 30.34 16.49
CA ILE B 571 25.11 29.43 16.46
C ILE B 571 23.86 30.21 16.08
N LEU B 572 23.16 29.73 15.06
CA LEU B 572 22.00 30.42 14.49
C LEU B 572 20.79 29.51 14.61
N ASP B 573 19.86 29.86 15.48
CA ASP B 573 18.70 29.02 15.76
C ASP B 573 17.68 29.16 14.64
N ILE B 574 17.51 28.11 13.86
CA ILE B 574 16.53 28.08 12.78
C ILE B 574 15.15 27.88 13.41
N THR B 575 14.18 28.67 12.98
CA THR B 575 12.79 28.48 13.36
C THR B 575 11.95 28.79 12.13
N PRO B 576 11.08 27.87 11.72
CA PRO B 576 10.28 28.09 10.51
C PRO B 576 9.23 29.16 10.72
N CYS B 577 8.69 29.64 9.60
CA CYS B 577 7.67 30.67 9.59
C CYS B 577 6.28 30.02 9.61
N SER B 578 5.24 30.84 9.37
CA SER B 578 3.95 30.39 8.84
C SER B 578 3.18 29.47 9.81
N PHE B 579 2.88 30.01 10.99
CA PHE B 579 2.06 29.28 11.93
C PHE B 579 0.62 29.14 11.43
N GLY B 580 -0.05 28.10 11.91
CA GLY B 580 -1.50 28.07 11.94
C GLY B 580 -2.21 27.77 10.63
N GLY B 581 -3.51 28.02 10.66
CA GLY B 581 -4.36 27.78 9.50
C GLY B 581 -5.53 28.75 9.52
N VAL B 582 -6.13 28.92 8.35
CA VAL B 582 -7.18 29.90 8.14
C VAL B 582 -8.53 29.21 8.24
N SER B 583 -9.45 29.80 8.98
CA SER B 583 -10.81 29.31 9.07
C SER B 583 -11.78 30.43 8.75
N VAL B 584 -12.73 30.16 7.87
CA VAL B 584 -13.66 31.18 7.37
C VAL B 584 -15.00 30.97 8.06
N ILE B 585 -15.36 31.87 8.95
CA ILE B 585 -16.66 31.83 9.61
C ILE B 585 -17.64 32.57 8.72
N THR B 586 -18.77 31.95 8.42
CA THR B 586 -19.74 32.62 7.56
C THR B 586 -21.14 32.20 7.96
N PRO B 587 -22.12 33.08 7.78
CA PRO B 587 -23.51 32.61 7.73
C PRO B 587 -23.81 32.10 6.33
N GLY B 588 -25.06 31.75 6.05
CA GLY B 588 -25.37 31.15 4.77
C GLY B 588 -25.24 32.13 3.63
N THR B 589 -24.99 31.58 2.43
CA THR B 589 -24.94 32.41 1.24
C THR B 589 -26.33 32.93 0.88
N ASN B 590 -27.39 32.23 1.30
CA ASN B 590 -28.72 32.82 1.28
C ASN B 590 -28.79 34.04 2.19
N THR B 591 -28.10 34.00 3.32
CA THR B 591 -28.23 35.09 4.27
C THR B 591 -27.36 36.28 3.91
N SER B 592 -26.06 36.07 3.71
CA SER B 592 -25.16 37.17 3.46
C SER B 592 -23.91 36.69 2.75
N ASN B 593 -23.11 37.67 2.31
CA ASN B 593 -21.75 37.43 1.85
C ASN B 593 -20.71 37.96 2.82
N GLN B 594 -21.14 38.60 3.90
CA GLN B 594 -20.23 39.11 4.91
C GLN B 594 -19.67 37.95 5.72
N VAL B 595 -18.34 37.82 5.75
CA VAL B 595 -17.70 36.70 6.44
C VAL B 595 -16.77 37.25 7.50
N ALA B 596 -16.26 36.33 8.33
CA ALA B 596 -15.20 36.61 9.26
C ALA B 596 -14.13 35.55 9.07
N VAL B 597 -12.91 35.85 9.50
CA VAL B 597 -11.76 34.98 9.28
C VAL B 597 -11.14 34.66 10.62
N LEU B 598 -10.94 33.37 10.90
CA LEU B 598 -10.27 32.92 12.11
C LEU B 598 -8.86 32.46 11.76
N TYR B 599 -7.86 33.18 12.24
CA TYR B 599 -6.46 32.79 12.11
C TYR B 599 -6.08 31.96 13.32
N GLN B 600 -5.93 30.66 13.12
CA GLN B 600 -5.83 29.73 14.24
C GLN B 600 -4.43 29.71 14.82
N ASP B 601 -4.36 29.78 16.15
CA ASP B 601 -3.14 29.62 16.94
C ASP B 601 -2.07 30.66 16.60
N VAL B 602 -2.50 31.88 16.32
CA VAL B 602 -1.62 33.04 16.29
C VAL B 602 -2.26 34.14 17.11
N ASN B 603 -1.45 34.87 17.85
CA ASN B 603 -1.91 36.15 18.35
C ASN B 603 -1.92 37.15 17.21
N CYS B 604 -2.64 38.25 17.39
CA CYS B 604 -2.86 39.22 16.32
C CYS B 604 -1.55 39.97 16.08
N THR B 605 -0.68 39.33 15.29
CA THR B 605 0.70 39.76 15.08
C THR B 605 0.97 40.19 13.66
N GLU B 606 0.62 39.35 12.67
CA GLU B 606 0.89 39.68 11.28
C GLU B 606 -0.01 40.80 10.79
N VAL B 607 -1.33 40.58 10.86
CA VAL B 607 -2.44 41.52 10.56
C VAL B 607 -2.24 42.43 9.33
N ASN B 628 -13.41 44.02 13.12
CA ASN B 628 -12.30 44.32 14.01
C ASN B 628 -11.26 43.22 14.04
N VAL B 629 -10.35 43.28 15.03
CA VAL B 629 -9.24 42.34 15.16
C VAL B 629 -9.13 41.98 16.63
N PHE B 630 -9.47 40.74 16.99
CA PHE B 630 -9.63 40.33 18.38
C PHE B 630 -8.90 39.02 18.66
N GLN B 631 -8.40 38.91 19.89
CA GLN B 631 -7.67 37.73 20.34
C GLN B 631 -8.62 36.80 21.09
N THR B 632 -8.81 35.61 20.56
CA THR B 632 -9.51 34.54 21.24
C THR B 632 -8.50 33.51 21.70
N ARG B 633 -8.98 32.50 22.42
CA ARG B 633 -8.09 31.40 22.78
C ARG B 633 -7.92 30.43 21.63
N ALA B 634 -8.79 30.48 20.63
CA ALA B 634 -8.64 29.69 19.42
C ALA B 634 -7.83 30.38 18.34
N GLY B 635 -7.43 31.63 18.56
CA GLY B 635 -6.61 32.35 17.63
C GLY B 635 -7.11 33.77 17.47
N CYS B 636 -6.60 34.45 16.45
CA CYS B 636 -6.97 35.83 16.15
C CYS B 636 -8.17 35.82 15.21
N LEU B 637 -9.17 36.64 15.51
CA LEU B 637 -10.44 36.63 14.81
C LEU B 637 -10.68 37.98 14.15
N ILE B 638 -10.58 38.02 12.83
CA ILE B 638 -10.79 39.24 12.06
C ILE B 638 -12.18 39.21 11.46
N GLY B 639 -12.95 40.28 11.67
CA GLY B 639 -14.21 40.47 10.99
C GLY B 639 -15.42 40.43 11.88
N ALA B 640 -15.29 39.86 13.08
CA ALA B 640 -16.41 39.73 13.99
C ALA B 640 -16.29 40.74 15.11
N GLU B 641 -17.43 41.32 15.50
CA GLU B 641 -17.48 42.33 16.54
C GLU B 641 -17.71 41.64 17.88
N HIS B 642 -16.80 41.84 18.83
CA HIS B 642 -16.94 41.23 20.14
C HIS B 642 -18.03 41.91 20.94
N VAL B 643 -18.90 41.11 21.55
CA VAL B 643 -20.09 41.58 22.24
C VAL B 643 -20.04 41.08 23.68
N ASN B 644 -20.37 41.96 24.64
CA ASN B 644 -20.42 41.56 26.03
C ASN B 644 -21.71 40.83 26.41
N ASN B 645 -22.59 40.55 25.47
CA ASN B 645 -23.72 39.70 25.75
C ASN B 645 -23.30 38.24 25.72
N SER B 646 -24.27 37.36 25.90
CA SER B 646 -24.00 35.92 25.86
C SER B 646 -25.27 35.25 25.37
N TYR B 647 -25.22 34.72 24.17
CA TYR B 647 -26.39 34.12 23.54
C TYR B 647 -26.19 32.62 23.44
N GLU B 648 -27.19 31.94 22.90
CA GLU B 648 -27.03 30.54 22.54
C GLU B 648 -26.00 30.42 21.41
N CYS B 649 -25.25 29.33 21.41
CA CYS B 649 -24.22 29.14 20.40
C CYS B 649 -24.82 28.89 19.03
N ASP B 650 -24.27 29.52 18.00
CA ASP B 650 -24.62 29.21 16.62
C ASP B 650 -23.46 28.62 15.83
N ILE B 651 -22.35 29.33 15.72
CA ILE B 651 -21.23 28.83 14.94
C ILE B 651 -20.03 28.66 15.87
N PRO B 652 -19.64 27.43 16.19
CA PRO B 652 -18.61 27.20 17.21
C PRO B 652 -17.23 27.63 16.76
N ILE B 653 -16.65 28.59 17.45
CA ILE B 653 -15.32 29.07 17.11
C ILE B 653 -14.29 28.26 17.87
N GLY B 654 -14.36 28.29 19.19
CA GLY B 654 -13.47 27.51 20.01
C GLY B 654 -13.30 28.15 21.37
N ALA B 655 -13.13 27.30 22.38
CA ALA B 655 -12.82 27.68 23.76
C ALA B 655 -13.89 28.58 24.36
N GLY B 656 -15.15 28.30 24.06
CA GLY B 656 -16.26 28.97 24.70
C GLY B 656 -16.77 30.19 23.99
N ILE B 657 -16.43 30.35 22.72
CA ILE B 657 -16.82 31.52 21.95
C ILE B 657 -17.56 31.03 20.72
N CYS B 658 -18.69 31.63 20.43
CA CYS B 658 -19.50 31.26 19.28
C CYS B 658 -19.88 32.51 18.51
N ALA B 659 -19.90 32.38 17.19
CA ALA B 659 -20.27 33.49 16.33
C ALA B 659 -21.72 33.34 15.87
N SER B 660 -22.31 34.47 15.50
CA SER B 660 -23.62 34.45 14.85
C SER B 660 -23.71 35.69 13.97
N TYR B 661 -24.89 35.92 13.43
CA TYR B 661 -25.14 37.03 12.50
C TYR B 661 -26.45 37.70 12.91
N GLN B 662 -26.35 38.66 13.83
CA GLN B 662 -27.51 39.33 14.38
C GLN B 662 -27.34 40.83 14.20
N THR B 663 -28.35 41.58 14.64
CA THR B 663 -28.35 43.03 14.52
C THR B 663 -27.46 43.68 15.57
N SER B 676 -25.43 48.06 11.24
CA SER B 676 -26.55 47.17 10.94
C SER B 676 -26.18 45.73 11.26
N GLN B 677 -26.73 44.79 10.50
CA GLN B 677 -26.45 43.37 10.72
C GLN B 677 -25.03 43.03 10.32
N SER B 678 -24.29 42.43 11.25
CA SER B 678 -22.94 41.98 10.99
C SER B 678 -22.67 40.76 11.85
N ILE B 679 -21.50 40.18 11.68
CA ILE B 679 -21.13 39.00 12.44
C ILE B 679 -20.64 39.43 13.82
N ILE B 680 -21.23 38.85 14.85
CA ILE B 680 -20.86 39.14 16.23
C ILE B 680 -20.18 37.91 16.82
N ALA B 681 -19.28 38.16 17.77
CA ALA B 681 -18.55 37.08 18.44
C ALA B 681 -18.70 37.24 19.94
N TYR B 682 -19.41 36.30 20.55
CA TYR B 682 -19.77 36.40 21.96
C TYR B 682 -19.29 35.17 22.72
N THR B 683 -19.05 35.35 24.02
CA THR B 683 -18.75 34.23 24.89
C THR B 683 -20.03 33.47 25.17
N MET B 684 -19.98 32.15 25.00
CA MET B 684 -21.18 31.32 24.92
C MET B 684 -21.91 31.24 26.25
N SER B 685 -23.24 31.38 26.20
CA SER B 685 -24.09 31.28 27.37
C SER B 685 -24.51 29.83 27.57
N LEU B 686 -24.32 29.34 28.79
CA LEU B 686 -24.62 27.94 29.08
C LEU B 686 -26.11 27.73 29.33
N GLY B 687 -26.75 28.70 29.97
CA GLY B 687 -28.17 28.61 30.21
C GLY B 687 -28.61 29.65 31.21
N ALA B 688 -29.92 29.69 31.42
CA ALA B 688 -30.51 30.65 32.33
C ALA B 688 -30.20 30.28 33.77
N GLU B 689 -29.79 31.26 34.56
CA GLU B 689 -29.54 31.04 35.97
C GLU B 689 -30.86 30.85 36.71
N ASN B 690 -30.89 29.91 37.65
CA ASN B 690 -32.13 29.56 38.32
C ASN B 690 -31.79 29.09 39.73
N SER B 691 -31.92 29.98 40.70
CA SER B 691 -31.70 29.60 42.10
C SER B 691 -32.97 28.94 42.62
N VAL B 692 -32.89 27.64 42.93
CA VAL B 692 -34.06 26.92 43.41
C VAL B 692 -34.25 27.23 44.88
N ALA B 693 -35.51 27.51 45.28
CA ALA B 693 -35.81 27.99 46.62
C ALA B 693 -35.79 26.84 47.61
N TYR B 694 -34.59 26.40 47.96
CA TYR B 694 -34.47 25.30 48.92
C TYR B 694 -34.68 25.80 50.34
N SER B 695 -35.34 24.98 51.14
CA SER B 695 -35.49 25.25 52.56
C SER B 695 -35.59 23.91 53.26
N ASN B 696 -36.07 23.93 54.48
CA ASN B 696 -36.20 22.73 55.29
C ASN B 696 -37.64 22.25 55.35
N ASN B 697 -38.58 23.05 54.88
CA ASN B 697 -39.99 22.79 55.08
C ASN B 697 -40.84 22.95 53.84
N SER B 698 -40.30 23.50 52.75
CA SER B 698 -41.10 23.76 51.56
C SER B 698 -40.96 22.60 50.59
N ILE B 699 -42.10 22.15 50.07
CA ILE B 699 -42.14 21.19 48.97
C ILE B 699 -43.01 21.81 47.88
N ALA B 700 -42.74 21.45 46.63
CA ALA B 700 -43.44 22.00 45.49
C ALA B 700 -44.18 20.89 44.79
N ILE B 701 -45.42 20.63 45.20
CA ILE B 701 -46.24 19.63 44.54
C ILE B 701 -46.86 20.25 43.30
N PRO B 702 -46.82 19.59 42.14
CA PRO B 702 -47.51 20.12 40.97
C PRO B 702 -49.01 19.99 41.10
N THR B 703 -49.72 20.91 40.47
CA THR B 703 -51.16 20.97 40.56
C THR B 703 -51.85 20.73 39.24
N ASN B 704 -51.11 20.69 38.14
CA ASN B 704 -51.65 20.56 36.80
C ASN B 704 -50.51 20.06 35.93
N PHE B 705 -50.86 19.45 34.81
CA PHE B 705 -49.83 18.79 34.02
C PHE B 705 -49.89 19.13 32.54
N THR B 706 -49.07 18.43 31.76
CA THR B 706 -48.93 18.71 30.34
C THR B 706 -48.54 17.42 29.65
N ILE B 707 -49.40 16.93 28.77
CA ILE B 707 -49.01 15.82 27.90
C ILE B 707 -48.16 16.39 26.78
N SER B 708 -46.95 15.88 26.63
CA SER B 708 -46.00 16.37 25.64
C SER B 708 -45.57 15.24 24.74
N VAL B 709 -45.42 15.53 23.45
CA VAL B 709 -45.01 14.55 22.46
C VAL B 709 -43.73 15.03 21.82
N THR B 710 -42.63 14.33 22.09
CA THR B 710 -41.30 14.68 21.63
C THR B 710 -41.10 13.96 20.29
N THR B 711 -39.89 13.93 19.75
CA THR B 711 -39.60 13.24 18.50
C THR B 711 -38.12 12.89 18.46
N GLU B 712 -37.80 11.61 18.32
CA GLU B 712 -36.43 11.16 18.16
C GLU B 712 -36.28 10.48 16.80
N ILE B 713 -35.25 10.86 16.06
CA ILE B 713 -34.97 10.32 14.74
C ILE B 713 -33.66 9.56 14.81
N LEU B 714 -33.66 8.33 14.30
CA LEU B 714 -32.50 7.45 14.38
C LEU B 714 -32.29 6.74 13.05
N PRO B 715 -31.12 6.86 12.43
CA PRO B 715 -30.88 6.13 11.19
C PRO B 715 -30.68 4.65 11.44
N VAL B 716 -31.26 3.83 10.55
CA VAL B 716 -31.25 2.38 10.69
C VAL B 716 -30.48 1.71 9.55
N SER B 717 -30.80 2.06 8.32
CA SER B 717 -30.16 1.42 7.19
C SER B 717 -29.08 2.32 6.63
N MET B 718 -28.53 1.89 5.50
CA MET B 718 -27.55 2.63 4.75
C MET B 718 -27.64 2.10 3.33
N THR B 719 -27.12 2.85 2.37
CA THR B 719 -27.25 2.46 0.97
C THR B 719 -26.40 1.22 0.70
N LYS B 720 -27.01 0.20 0.07
CA LYS B 720 -26.38 -1.10 -0.11
C LYS B 720 -25.48 -1.06 -1.34
N THR B 721 -24.37 -0.35 -1.18
CA THR B 721 -23.40 -0.24 -2.26
C THR B 721 -22.63 -1.53 -2.43
N SER B 722 -22.52 -2.00 -3.67
CA SER B 722 -21.59 -3.04 -4.03
C SER B 722 -20.80 -2.54 -5.23
N VAL B 723 -19.47 -2.58 -5.12
CA VAL B 723 -18.59 -2.00 -6.13
C VAL B 723 -17.75 -3.11 -6.74
N ASP B 724 -17.88 -3.28 -8.05
CA ASP B 724 -16.97 -4.15 -8.78
C ASP B 724 -15.57 -3.54 -8.78
N CYS B 725 -14.57 -4.36 -8.53
CA CYS B 725 -13.22 -3.83 -8.49
C CYS B 725 -12.58 -3.82 -9.86
N THR B 726 -12.91 -4.79 -10.70
CA THR B 726 -12.19 -4.94 -11.96
C THR B 726 -12.60 -3.88 -12.97
N MET B 727 -13.89 -3.60 -13.07
CA MET B 727 -14.34 -2.58 -14.02
C MET B 727 -14.03 -1.18 -13.51
N TYR B 728 -13.92 -1.00 -12.20
CA TYR B 728 -13.49 0.28 -11.66
C TYR B 728 -12.03 0.56 -11.99
N ILE B 729 -11.15 -0.38 -11.66
CA ILE B 729 -9.72 -0.16 -11.88
C ILE B 729 -9.38 -0.23 -13.36
N CYS B 730 -9.88 -1.26 -14.05
CA CYS B 730 -9.50 -1.53 -15.43
C CYS B 730 -10.76 -1.65 -16.26
N GLY B 731 -11.29 -0.52 -16.69
CA GLY B 731 -12.55 -0.57 -17.42
C GLY B 731 -12.36 -0.83 -18.90
N ASP B 732 -12.84 -1.99 -19.38
CA ASP B 732 -12.71 -2.45 -20.76
C ASP B 732 -11.24 -2.53 -21.19
N SER B 733 -10.49 -3.38 -20.51
CA SER B 733 -9.08 -3.56 -20.82
C SER B 733 -8.67 -4.95 -20.37
N THR B 734 -7.92 -5.63 -21.22
CA THR B 734 -7.49 -6.99 -20.91
C THR B 734 -6.11 -7.00 -20.27
N GLU B 735 -5.20 -6.14 -20.75
CA GLU B 735 -3.86 -6.09 -20.17
C GLU B 735 -3.88 -5.51 -18.76
N CYS B 736 -4.77 -4.55 -18.51
CA CYS B 736 -4.93 -4.03 -17.17
C CYS B 736 -5.49 -5.08 -16.23
N SER B 737 -6.45 -5.89 -16.72
CA SER B 737 -7.01 -6.97 -15.91
C SER B 737 -5.97 -8.03 -15.60
N ASN B 738 -5.11 -8.33 -16.58
CA ASN B 738 -4.05 -9.31 -16.39
C ASN B 738 -3.00 -8.81 -15.40
N LEU B 739 -2.71 -7.52 -15.42
CA LEU B 739 -1.79 -6.98 -14.43
C LEU B 739 -2.43 -6.89 -13.06
N LEU B 740 -3.76 -6.73 -13.00
CA LEU B 740 -4.44 -6.68 -11.73
C LEU B 740 -4.51 -8.05 -11.07
N LEU B 741 -4.56 -9.12 -11.88
CA LEU B 741 -4.51 -10.47 -11.32
C LEU B 741 -3.17 -10.84 -10.67
N GLN B 742 -2.16 -9.99 -10.69
CA GLN B 742 -0.92 -10.26 -9.96
C GLN B 742 -0.94 -9.71 -8.56
N TYR B 743 -2.04 -9.07 -8.14
CA TYR B 743 -2.13 -8.50 -6.80
C TYR B 743 -2.96 -9.37 -5.85
N GLY B 744 -3.08 -10.65 -6.14
CA GLY B 744 -3.63 -11.59 -5.20
C GLY B 744 -5.12 -11.49 -4.98
N SER B 745 -5.51 -11.56 -3.71
CA SER B 745 -6.91 -11.68 -3.33
C SER B 745 -7.45 -10.37 -2.76
N PHE B 746 -7.04 -9.23 -3.32
CA PHE B 746 -7.58 -7.96 -2.88
C PHE B 746 -9.04 -7.80 -3.28
N CYS B 747 -9.35 -8.10 -4.55
CA CYS B 747 -10.68 -7.80 -5.10
C CYS B 747 -11.78 -8.63 -4.46
N THR B 748 -11.54 -9.92 -4.25
CA THR B 748 -12.53 -10.76 -3.59
C THR B 748 -12.71 -10.34 -2.13
N GLN B 749 -11.64 -9.86 -1.49
CA GLN B 749 -11.75 -9.37 -0.12
C GLN B 749 -12.59 -8.10 -0.04
N LEU B 750 -12.44 -7.22 -1.04
CA LEU B 750 -13.25 -6.00 -1.08
C LEU B 750 -14.72 -6.31 -1.31
N ASN B 751 -15.00 -7.27 -2.19
CA ASN B 751 -16.39 -7.68 -2.40
C ASN B 751 -16.97 -8.40 -1.19
N ARG B 752 -16.15 -9.16 -0.46
CA ARG B 752 -16.60 -9.76 0.79
C ARG B 752 -16.99 -8.72 1.80
N ALA B 753 -16.19 -7.66 1.90
CA ALA B 753 -16.46 -6.60 2.86
C ALA B 753 -17.75 -5.86 2.51
N LEU B 754 -17.94 -5.52 1.24
CA LEU B 754 -19.16 -4.80 0.86
C LEU B 754 -20.40 -5.67 0.95
N THR B 755 -20.29 -6.97 0.64
CA THR B 755 -21.43 -7.85 0.78
C THR B 755 -21.79 -8.06 2.24
N GLY B 756 -20.78 -8.10 3.12
CA GLY B 756 -21.06 -8.18 4.54
C GLY B 756 -21.75 -6.94 5.06
N ILE B 757 -21.38 -5.78 4.53
CA ILE B 757 -22.07 -4.54 4.89
C ILE B 757 -23.53 -4.57 4.47
N ALA B 758 -23.80 -5.03 3.24
CA ALA B 758 -25.17 -5.04 2.74
C ALA B 758 -26.06 -6.01 3.51
N VAL B 759 -25.53 -7.20 3.81
CA VAL B 759 -26.27 -8.17 4.61
C VAL B 759 -26.53 -7.62 6.02
N GLU B 760 -25.56 -6.87 6.58
CA GLU B 760 -25.81 -6.21 7.85
C GLU B 760 -26.89 -5.14 7.77
N GLN B 761 -27.03 -4.48 6.61
CA GLN B 761 -28.07 -3.45 6.52
C GLN B 761 -29.45 -4.06 6.52
N ASP B 762 -29.61 -5.20 5.85
CA ASP B 762 -30.90 -5.88 5.94
C ASP B 762 -31.15 -6.47 7.31
N LYS B 763 -30.09 -6.87 8.02
CA LYS B 763 -30.25 -7.30 9.41
C LYS B 763 -30.70 -6.15 10.30
N ASN B 764 -30.18 -4.95 10.06
CA ASN B 764 -30.57 -3.78 10.86
C ASN B 764 -32.04 -3.45 10.65
N THR B 765 -32.45 -3.30 9.39
CA THR B 765 -33.83 -2.91 9.15
C THR B 765 -34.82 -4.03 9.41
N GLN B 766 -34.36 -5.27 9.54
CA GLN B 766 -35.27 -6.32 9.97
C GLN B 766 -35.38 -6.38 11.48
N GLU B 767 -34.27 -6.23 12.20
CA GLU B 767 -34.32 -6.32 13.65
C GLU B 767 -34.97 -5.11 14.30
N VAL B 768 -34.98 -3.95 13.64
CA VAL B 768 -35.75 -2.83 14.19
C VAL B 768 -37.23 -3.07 13.99
N PHE B 769 -37.67 -3.16 12.75
CA PHE B 769 -39.09 -3.07 12.45
C PHE B 769 -39.83 -4.37 12.70
N ALA B 770 -39.27 -5.50 12.30
CA ALA B 770 -39.97 -6.78 12.43
C ALA B 770 -39.86 -7.29 13.87
N GLN B 771 -40.54 -6.58 14.77
CA GLN B 771 -40.69 -7.00 16.14
C GLN B 771 -41.88 -7.94 16.33
N VAL B 772 -42.83 -7.91 15.42
CA VAL B 772 -44.08 -8.66 15.56
C VAL B 772 -44.26 -9.54 14.33
N LYS B 773 -44.84 -10.72 14.54
CA LYS B 773 -45.04 -11.67 13.46
C LYS B 773 -46.51 -11.82 13.07
N GLN B 774 -47.40 -10.99 13.61
CA GLN B 774 -48.77 -10.92 13.13
C GLN B 774 -49.07 -9.48 12.80
N ILE B 775 -49.45 -9.21 11.55
CA ILE B 775 -49.87 -7.87 11.18
C ILE B 775 -51.24 -7.60 11.79
N TYR B 776 -51.30 -6.59 12.63
CA TYR B 776 -52.51 -6.18 13.33
C TYR B 776 -53.17 -5.04 12.58
N LYS B 777 -54.48 -4.90 12.79
CA LYS B 777 -55.22 -3.79 12.20
C LYS B 777 -56.11 -3.16 13.26
N THR B 778 -56.33 -1.87 13.10
CA THR B 778 -57.31 -1.20 13.92
C THR B 778 -58.71 -1.40 13.33
N PRO B 779 -59.73 -1.53 14.16
CA PRO B 779 -61.09 -1.65 13.64
C PRO B 779 -61.55 -0.35 13.03
N PRO B 780 -62.47 -0.39 12.05
CA PRO B 780 -62.91 0.87 11.41
C PRO B 780 -63.76 1.75 12.30
N ILE B 781 -64.32 1.21 13.38
CA ILE B 781 -65.00 2.02 14.39
C ILE B 781 -63.94 2.50 15.38
N LYS B 782 -63.66 3.79 15.37
CA LYS B 782 -62.56 4.38 16.13
C LYS B 782 -63.13 5.13 17.34
N ASP B 783 -63.40 4.38 18.41
CA ASP B 783 -63.79 4.96 19.69
C ASP B 783 -62.62 4.75 20.63
N PHE B 784 -61.67 5.67 20.57
CA PHE B 784 -60.40 5.56 21.29
C PHE B 784 -60.36 6.46 22.51
N GLY B 785 -61.47 6.58 23.21
CA GLY B 785 -61.53 7.38 24.42
C GLY B 785 -61.47 8.87 24.20
N GLY B 786 -61.54 9.33 22.96
CA GLY B 786 -61.43 10.73 22.64
C GLY B 786 -60.13 11.12 21.98
N PHE B 787 -59.17 10.21 21.87
CA PHE B 787 -57.89 10.59 21.29
C PHE B 787 -58.01 10.44 19.78
N ASN B 788 -57.29 11.26 19.05
CA ASN B 788 -57.40 11.28 17.59
C ASN B 788 -56.08 10.80 16.99
N PHE B 789 -56.14 9.68 16.29
CA PHE B 789 -54.99 8.98 15.76
C PHE B 789 -54.89 9.04 14.24
N SER B 790 -55.57 10.02 13.62
CA SER B 790 -55.76 9.99 12.18
C SER B 790 -54.47 10.27 11.42
N GLN B 791 -53.54 10.99 12.05
CA GLN B 791 -52.33 11.39 11.37
C GLN B 791 -51.18 10.41 11.57
N ILE B 792 -51.39 9.32 12.30
CA ILE B 792 -50.33 8.33 12.46
C ILE B 792 -50.79 6.97 11.93
N LEU B 793 -52.10 6.72 11.95
CA LEU B 793 -52.64 5.53 11.36
C LEU B 793 -52.63 5.67 9.84
N PRO B 794 -52.64 4.55 9.09
CA PRO B 794 -52.59 4.66 7.63
C PRO B 794 -53.85 5.28 7.04
N ASP B 795 -53.64 6.11 6.04
CA ASP B 795 -54.74 6.68 5.26
C ASP B 795 -55.16 5.68 4.20
N PRO B 796 -56.42 5.22 4.21
CA PRO B 796 -56.87 4.30 3.15
C PRO B 796 -57.11 4.98 1.80
N SER B 797 -57.00 6.30 1.71
CA SER B 797 -57.23 7.06 0.50
C SER B 797 -55.93 7.54 -0.13
N LYS B 798 -54.90 6.71 -0.11
CA LYS B 798 -53.61 7.07 -0.67
C LYS B 798 -53.11 5.98 -1.61
N PRO B 799 -52.34 6.36 -2.64
CA PRO B 799 -51.76 5.33 -3.53
C PRO B 799 -50.67 4.51 -2.88
N SER B 800 -50.00 5.06 -1.88
CA SER B 800 -49.09 4.28 -1.04
C SER B 800 -49.64 4.31 0.38
N LYS B 801 -49.79 3.13 0.97
CA LYS B 801 -50.53 2.99 2.23
C LYS B 801 -49.60 3.33 3.40
N ARG B 802 -49.31 4.61 3.54
CA ARG B 802 -48.56 5.11 4.69
C ARG B 802 -49.18 6.42 5.15
N SER B 803 -48.92 6.77 6.40
CA SER B 803 -49.69 7.79 7.11
C SER B 803 -49.31 9.19 6.64
N PHE B 804 -49.96 10.19 7.26
CA PHE B 804 -49.67 11.59 6.92
C PHE B 804 -48.26 11.97 7.32
N ILE B 805 -47.85 11.59 8.53
CA ILE B 805 -46.55 11.98 9.05
C ILE B 805 -45.45 11.21 8.35
N GLU B 806 -45.68 9.94 8.00
CA GLU B 806 -44.70 9.22 7.18
C GLU B 806 -44.60 9.81 5.78
N ASP B 807 -45.70 10.36 5.26
CA ASP B 807 -45.65 11.05 3.97
C ASP B 807 -44.82 12.31 4.06
N LEU B 808 -44.97 13.07 5.15
CA LEU B 808 -44.16 14.26 5.37
C LEU B 808 -42.70 13.92 5.54
N LEU B 809 -42.40 12.83 6.23
CA LEU B 809 -41.01 12.45 6.45
C LEU B 809 -40.37 11.92 5.17
N PHE B 810 -41.15 11.24 4.31
CA PHE B 810 -40.64 10.86 3.01
C PHE B 810 -40.56 12.02 2.03
N ASN B 811 -41.18 13.15 2.33
CA ASN B 811 -41.03 14.31 1.46
C ASN B 811 -39.98 15.31 1.96
N LYS B 812 -39.50 15.19 3.19
CA LYS B 812 -38.49 16.09 3.71
C LYS B 812 -37.07 15.53 3.60
N VAL B 813 -36.89 14.41 2.93
CA VAL B 813 -35.56 13.82 2.74
C VAL B 813 -35.26 13.83 1.26
N THR B 814 -34.20 14.55 0.87
CA THR B 814 -33.85 14.69 -0.53
C THR B 814 -32.55 13.98 -0.87
N LYS B 841 -20.82 5.30 -11.49
CA LYS B 841 -22.20 4.88 -11.66
C LYS B 841 -22.28 3.94 -12.86
N PHE B 842 -21.43 4.24 -13.85
CA PHE B 842 -21.10 3.33 -14.95
C PHE B 842 -19.74 2.68 -14.75
N ASN B 843 -19.09 2.92 -13.62
CA ASN B 843 -17.74 2.44 -13.36
C ASN B 843 -17.73 1.22 -12.47
N GLY B 844 -18.76 0.39 -12.55
CA GLY B 844 -18.83 -0.76 -11.68
C GLY B 844 -19.25 -0.42 -10.28
N LEU B 845 -20.13 0.57 -10.13
CA LEU B 845 -20.62 1.02 -8.83
C LEU B 845 -22.13 0.84 -8.84
N THR B 846 -22.61 -0.14 -8.09
CA THR B 846 -23.99 -0.57 -8.12
C THR B 846 -24.65 -0.30 -6.77
N VAL B 847 -25.89 0.18 -6.80
CA VAL B 847 -26.69 0.30 -5.59
C VAL B 847 -27.66 -0.88 -5.55
N LEU B 848 -27.45 -1.77 -4.61
CA LEU B 848 -28.32 -2.93 -4.49
C LEU B 848 -29.61 -2.51 -3.79
N PRO B 849 -30.76 -3.05 -4.17
CA PRO B 849 -32.02 -2.61 -3.58
C PRO B 849 -32.21 -3.24 -2.21
N PRO B 850 -32.89 -2.54 -1.30
CA PRO B 850 -33.15 -3.11 0.02
C PRO B 850 -34.17 -4.23 -0.06
N LEU B 851 -34.12 -5.08 0.96
CA LEU B 851 -34.95 -6.29 0.95
C LEU B 851 -36.41 -5.96 1.25
N LEU B 852 -36.65 -5.13 2.26
CA LEU B 852 -37.99 -4.67 2.58
C LEU B 852 -38.23 -3.32 1.91
N THR B 853 -39.21 -3.27 1.04
CA THR B 853 -39.57 -2.00 0.41
C THR B 853 -40.27 -1.10 1.43
N ASP B 854 -40.41 0.17 1.04
CA ASP B 854 -40.95 1.17 1.96
C ASP B 854 -42.40 0.89 2.30
N GLU B 855 -43.12 0.24 1.39
CA GLU B 855 -44.47 -0.24 1.70
C GLU B 855 -44.44 -1.28 2.81
N MET B 856 -43.41 -2.11 2.85
CA MET B 856 -43.39 -3.18 3.83
C MET B 856 -42.98 -2.69 5.21
N ILE B 857 -42.02 -1.77 5.28
CA ILE B 857 -41.70 -1.19 6.59
C ILE B 857 -42.84 -0.29 7.06
N ALA B 858 -43.62 0.26 6.12
CA ALA B 858 -44.82 0.98 6.51
C ALA B 858 -45.90 0.04 7.04
N GLN B 859 -46.03 -1.16 6.47
CA GLN B 859 -46.98 -2.13 7.01
C GLN B 859 -46.56 -2.61 8.38
N TYR B 860 -45.25 -2.74 8.61
CA TYR B 860 -44.74 -3.07 9.94
C TYR B 860 -45.07 -1.99 10.97
N THR B 861 -44.83 -0.72 10.63
CA THR B 861 -45.14 0.30 11.62
C THR B 861 -46.63 0.49 11.81
N SER B 862 -47.43 0.18 10.78
CA SER B 862 -48.87 0.14 10.94
C SER B 862 -49.30 -0.96 11.90
N ALA B 863 -48.65 -2.13 11.80
CA ALA B 863 -48.95 -3.24 12.69
C ALA B 863 -48.58 -2.91 14.12
N LEU B 864 -47.44 -2.24 14.31
CA LEU B 864 -47.01 -1.85 15.66
C LEU B 864 -47.94 -0.81 16.24
N LEU B 865 -48.44 0.13 15.43
CA LEU B 865 -49.39 1.10 15.95
C LEU B 865 -50.73 0.45 16.31
N ALA B 866 -51.21 -0.48 15.49
CA ALA B 866 -52.47 -1.15 15.79
C ALA B 866 -52.36 -2.01 17.02
N GLY B 867 -51.21 -2.63 17.22
CA GLY B 867 -50.98 -3.39 18.44
C GLY B 867 -50.88 -2.50 19.68
N THR B 868 -50.13 -1.40 19.59
CA THR B 868 -49.95 -0.57 20.78
C THR B 868 -51.21 0.19 21.15
N ILE B 869 -52.05 0.48 20.17
CA ILE B 869 -53.30 1.18 20.46
C ILE B 869 -54.36 0.22 20.96
N THR B 870 -54.58 -0.89 20.26
CA THR B 870 -55.63 -1.80 20.72
C THR B 870 -55.18 -2.63 21.93
N SER B 871 -54.00 -3.24 21.87
CA SER B 871 -53.58 -4.12 22.94
C SER B 871 -52.74 -3.40 23.99
N GLY B 872 -51.62 -2.82 23.58
CA GLY B 872 -50.86 -1.98 24.49
C GLY B 872 -49.46 -2.45 24.80
N TRP B 873 -49.23 -2.81 26.06
CA TRP B 873 -47.94 -3.31 26.50
C TRP B 873 -47.92 -4.82 26.63
N THR B 874 -48.93 -5.48 26.06
CA THR B 874 -49.14 -6.91 26.26
C THR B 874 -48.88 -7.73 25.03
N PHE B 875 -48.81 -7.11 23.86
CA PHE B 875 -48.59 -7.86 22.63
C PHE B 875 -47.11 -8.00 22.30
N GLY B 876 -46.24 -7.48 23.15
CA GLY B 876 -44.82 -7.77 23.07
C GLY B 876 -44.41 -8.94 23.93
N ALA B 877 -45.31 -9.40 24.80
CA ALA B 877 -45.10 -10.57 25.63
C ALA B 877 -45.79 -11.80 25.09
N GLY B 878 -46.12 -11.81 23.80
CA GLY B 878 -46.79 -12.94 23.21
C GLY B 878 -48.11 -12.60 22.57
N ALA B 879 -49.19 -13.08 23.17
CA ALA B 879 -50.52 -12.88 22.60
C ALA B 879 -50.98 -11.45 22.81
N ALA B 880 -51.77 -10.96 21.87
CA ALA B 880 -52.36 -9.63 21.98
C ALA B 880 -53.61 -9.72 22.83
N LEU B 881 -53.74 -8.78 23.77
CA LEU B 881 -54.86 -8.74 24.70
C LEU B 881 -55.50 -7.38 24.59
N GLN B 882 -56.73 -7.36 24.07
CA GLN B 882 -57.45 -6.10 23.88
C GLN B 882 -57.72 -5.40 25.20
N ILE B 883 -57.43 -4.10 25.24
CA ILE B 883 -57.73 -3.26 26.39
C ILE B 883 -58.39 -2.02 25.79
N PRO B 884 -59.48 -1.51 26.36
CA PRO B 884 -59.96 -0.19 25.94
C PRO B 884 -58.93 0.86 26.29
N PHE B 885 -58.85 1.89 25.44
CA PHE B 885 -57.65 2.72 25.41
C PHE B 885 -57.51 3.60 26.64
N ALA B 886 -58.63 4.04 27.21
CA ALA B 886 -58.58 4.78 28.45
C ALA B 886 -58.04 3.92 29.59
N MET B 887 -58.25 2.60 29.54
CA MET B 887 -57.64 1.78 30.58
C MET B 887 -56.15 1.62 30.36
N GLN B 888 -55.68 1.65 29.10
CA GLN B 888 -54.24 1.68 28.85
C GLN B 888 -53.62 2.94 29.41
N MET B 889 -54.25 4.09 29.15
CA MET B 889 -53.68 5.33 29.67
C MET B 889 -53.79 5.43 31.19
N ALA B 890 -54.79 4.80 31.78
CA ALA B 890 -54.85 4.77 33.24
C ALA B 890 -53.76 3.88 33.82
N TYR B 891 -53.49 2.76 33.16
CA TYR B 891 -52.49 1.83 33.69
C TYR B 891 -51.08 2.25 33.33
N ARG B 892 -50.94 3.25 32.47
CA ARG B 892 -49.67 3.93 32.29
C ARG B 892 -49.48 5.10 33.24
N PHE B 893 -50.57 5.76 33.63
CA PHE B 893 -50.47 6.70 34.74
C PHE B 893 -50.09 6.01 36.03
N ASN B 894 -50.59 4.80 36.27
CA ASN B 894 -50.07 4.01 37.39
C ASN B 894 -48.60 3.69 37.21
N GLY B 895 -48.13 3.59 35.97
CA GLY B 895 -46.73 3.31 35.73
C GLY B 895 -45.84 4.49 36.09
N ILE B 896 -46.27 5.71 35.76
CA ILE B 896 -45.47 6.88 36.12
C ILE B 896 -45.70 7.32 37.55
N GLY B 897 -46.62 6.69 38.28
CA GLY B 897 -46.82 6.97 39.67
C GLY B 897 -47.99 7.84 40.03
N VAL B 898 -48.84 8.16 39.06
CA VAL B 898 -50.00 9.02 39.27
C VAL B 898 -51.22 8.11 39.42
N THR B 899 -52.04 8.39 40.44
CA THR B 899 -53.21 7.57 40.72
C THR B 899 -54.19 7.66 39.56
N GLN B 900 -54.79 6.52 39.21
CA GLN B 900 -55.58 6.39 37.99
C GLN B 900 -56.91 7.13 38.02
N ASN B 901 -57.26 7.80 39.11
CA ASN B 901 -58.41 8.71 39.06
C ASN B 901 -58.11 9.96 38.25
N VAL B 902 -56.82 10.31 38.13
CA VAL B 902 -56.42 11.56 37.51
C VAL B 902 -56.71 11.54 36.01
N LEU B 903 -56.49 10.40 35.36
CA LEU B 903 -56.85 10.25 33.95
C LEU B 903 -58.35 10.36 33.75
N TYR B 904 -59.11 9.55 34.47
CA TYR B 904 -60.56 9.45 34.32
C TYR B 904 -61.27 10.75 34.63
N GLU B 905 -60.72 11.56 35.53
CA GLU B 905 -61.30 12.86 35.83
C GLU B 905 -60.69 13.98 35.01
N ASN B 906 -59.77 13.68 34.10
CA ASN B 906 -59.21 14.67 33.20
C ASN B 906 -59.07 14.13 31.78
N GLN B 907 -59.94 13.23 31.35
CA GLN B 907 -59.72 12.51 30.10
C GLN B 907 -59.88 13.42 28.88
N LYS B 908 -60.78 14.41 28.96
CA LYS B 908 -60.96 15.30 27.81
C LYS B 908 -59.82 16.29 27.68
N LEU B 909 -59.27 16.76 28.80
CA LEU B 909 -58.08 17.61 28.75
C LEU B 909 -56.89 16.87 28.18
N ILE B 910 -56.71 15.61 28.57
CA ILE B 910 -55.58 14.83 28.08
C ILE B 910 -55.74 14.49 26.62
N ALA B 911 -56.98 14.23 26.20
CA ALA B 911 -57.27 14.01 24.78
C ALA B 911 -56.95 15.25 23.95
N ASN B 912 -57.35 16.43 24.44
CA ASN B 912 -57.12 17.65 23.67
C ASN B 912 -55.65 18.04 23.65
N GLN B 913 -54.93 17.80 24.75
CA GLN B 913 -53.50 18.07 24.79
C GLN B 913 -52.75 17.13 23.85
N PHE B 914 -53.13 15.86 23.81
CA PHE B 914 -52.49 14.93 22.89
C PHE B 914 -52.77 15.28 21.44
N ASN B 915 -54.00 15.67 21.12
CA ASN B 915 -54.32 15.98 19.73
C ASN B 915 -53.65 17.26 19.28
N SER B 916 -53.61 18.28 20.14
CA SER B 916 -52.90 19.50 19.81
C SER B 916 -51.40 19.28 19.74
N ALA B 917 -50.86 18.32 20.50
CA ALA B 917 -49.44 18.00 20.38
C ALA B 917 -49.12 17.30 19.07
N ILE B 918 -50.01 16.42 18.61
CA ILE B 918 -49.85 15.81 17.28
C ILE B 918 -49.90 16.89 16.19
N GLY B 919 -50.80 17.87 16.35
CA GLY B 919 -50.84 18.97 15.40
C GLY B 919 -49.57 19.80 15.39
N LYS B 920 -49.01 20.07 16.59
CA LYS B 920 -47.76 20.80 16.68
C LYS B 920 -46.60 20.03 16.08
N ILE B 921 -46.59 18.71 16.20
CA ILE B 921 -45.46 17.98 15.65
C ILE B 921 -45.59 17.84 14.13
N GLN B 922 -46.83 17.86 13.63
CA GLN B 922 -47.04 17.93 12.17
C GLN B 922 -46.53 19.25 11.62
N ASP B 923 -46.81 20.35 12.32
CA ASP B 923 -46.32 21.66 11.88
C ASP B 923 -44.80 21.76 12.00
N SER B 924 -44.23 21.15 13.03
CA SER B 924 -42.78 21.16 13.21
C SER B 924 -42.07 20.37 12.12
N LEU B 925 -42.71 19.32 11.60
CA LEU B 925 -42.10 18.63 10.47
C LEU B 925 -42.33 19.40 9.17
N SER B 926 -43.53 19.92 8.95
CA SER B 926 -43.86 20.56 7.68
C SER B 926 -43.33 22.00 7.58
N SER B 927 -42.73 22.54 8.63
CA SER B 927 -42.18 23.90 8.57
C SER B 927 -40.70 23.90 8.16
N THR B 928 -39.86 23.24 8.93
CA THR B 928 -38.42 23.29 8.74
C THR B 928 -37.89 21.91 8.38
N ALA B 929 -37.12 21.84 7.28
CA ALA B 929 -36.55 20.59 6.80
C ALA B 929 -35.15 20.34 7.32
N SER B 930 -34.82 20.84 8.51
CA SER B 930 -33.57 20.49 9.18
C SER B 930 -33.82 19.70 10.45
N ALA B 931 -35.07 19.33 10.73
CA ALA B 931 -35.35 18.42 11.84
C ALA B 931 -34.94 16.99 11.52
N LEU B 932 -34.85 16.65 10.23
CA LEU B 932 -34.35 15.36 9.77
C LEU B 932 -32.92 15.45 9.31
N GLY B 933 -32.09 16.23 10.01
CA GLY B 933 -30.71 16.36 9.62
C GLY B 933 -29.92 15.09 9.86
N LYS B 934 -30.37 14.26 10.80
CA LYS B 934 -29.66 13.04 11.13
C LYS B 934 -29.74 12.00 10.00
N LEU B 935 -30.77 12.07 9.16
CA LEU B 935 -30.89 11.19 8.01
C LEU B 935 -30.25 11.77 6.75
N GLN B 936 -30.35 13.09 6.58
CA GLN B 936 -29.68 13.74 5.46
C GLN B 936 -28.16 13.69 5.61
N ASP B 937 -27.66 13.61 6.83
CA ASP B 937 -26.22 13.41 7.00
C ASP B 937 -25.79 12.02 6.53
N VAL B 938 -26.64 11.01 6.73
CA VAL B 938 -26.34 9.67 6.24
C VAL B 938 -26.34 9.65 4.72
N VAL B 939 -27.38 10.22 4.11
CA VAL B 939 -27.51 10.23 2.66
C VAL B 939 -26.37 11.02 2.02
N ASN B 940 -26.09 12.21 2.56
CA ASN B 940 -25.01 13.04 2.05
C ASN B 940 -23.66 12.38 2.23
N GLN B 941 -23.45 11.65 3.33
CA GLN B 941 -22.12 11.11 3.56
C GLN B 941 -21.84 9.92 2.66
N ASN B 942 -22.84 9.09 2.41
CA ASN B 942 -22.66 8.03 1.42
C ASN B 942 -22.48 8.60 0.01
N ALA B 943 -23.21 9.66 -0.32
CA ALA B 943 -23.09 10.23 -1.66
C ALA B 943 -21.74 10.89 -1.87
N GLN B 944 -21.22 11.60 -0.86
CA GLN B 944 -19.90 12.19 -0.99
C GLN B 944 -18.81 11.13 -1.02
N ALA B 945 -19.00 10.02 -0.31
CA ALA B 945 -18.02 8.94 -0.38
C ALA B 945 -18.05 8.23 -1.72
N LEU B 946 -19.19 8.24 -2.42
CA LEU B 946 -19.17 7.69 -3.78
C LEU B 946 -18.58 8.67 -4.77
N ASN B 947 -18.87 9.96 -4.61
CA ASN B 947 -18.37 10.93 -5.57
C ASN B 947 -16.86 11.10 -5.45
N THR B 948 -16.31 10.98 -4.24
CA THR B 948 -14.86 10.99 -4.09
C THR B 948 -14.22 9.81 -4.82
N LEU B 949 -14.85 8.64 -4.71
CA LEU B 949 -14.34 7.44 -5.35
C LEU B 949 -14.39 7.56 -6.87
N VAL B 950 -15.44 8.19 -7.39
CA VAL B 950 -15.53 8.38 -8.84
C VAL B 950 -14.50 9.41 -9.30
N LYS B 951 -14.36 10.52 -8.57
CA LYS B 951 -13.41 11.55 -8.97
C LYS B 951 -11.95 11.16 -8.76
N GLN B 952 -11.67 10.07 -8.05
CA GLN B 952 -10.30 9.54 -8.04
C GLN B 952 -9.91 8.86 -9.34
N LEU B 953 -10.83 8.64 -10.28
CA LEU B 953 -10.52 8.04 -11.56
C LEU B 953 -9.92 9.02 -12.55
N SER B 954 -9.99 10.32 -12.27
CA SER B 954 -9.41 11.34 -13.13
C SER B 954 -8.08 11.81 -12.60
N SER B 955 -7.31 10.91 -12.02
CA SER B 955 -6.06 11.24 -11.35
C SER B 955 -4.92 10.48 -12.01
N ASN B 956 -3.79 11.17 -12.23
CA ASN B 956 -2.71 10.56 -12.99
C ASN B 956 -1.95 9.53 -12.18
N PHE B 957 -1.79 9.78 -10.88
CA PHE B 957 -1.10 8.91 -9.94
C PHE B 957 0.35 8.65 -10.33
N GLY B 958 0.97 9.62 -10.99
CA GLY B 958 2.31 9.50 -11.49
C GLY B 958 2.38 9.15 -12.96
N ALA B 959 1.33 8.53 -13.50
CA ALA B 959 1.34 8.08 -14.87
C ALA B 959 1.17 9.26 -15.83
N ILE B 960 1.10 8.95 -17.12
CA ILE B 960 0.97 9.98 -18.14
C ILE B 960 -0.42 10.59 -18.10
N SER B 961 -1.44 9.75 -18.25
CA SER B 961 -2.82 10.21 -18.26
C SER B 961 -3.66 9.32 -17.37
N SER B 962 -4.76 9.88 -16.88
CA SER B 962 -5.76 9.09 -16.17
C SER B 962 -6.56 8.20 -17.10
N VAL B 963 -6.53 8.48 -18.40
CA VAL B 963 -7.27 7.67 -19.37
C VAL B 963 -6.45 6.42 -19.65
N LEU B 964 -7.05 5.26 -19.43
CA LEU B 964 -6.33 4.01 -19.55
C LEU B 964 -6.08 3.66 -21.02
N ASN B 965 -7.03 3.97 -21.88
CA ASN B 965 -6.92 3.62 -23.28
C ASN B 965 -5.98 4.53 -24.06
N ASP B 966 -5.70 5.73 -23.56
CA ASP B 966 -4.68 6.55 -24.20
C ASP B 966 -3.29 6.02 -23.93
N ILE B 967 -3.04 5.53 -22.71
CA ILE B 967 -1.80 4.83 -22.43
C ILE B 967 -1.75 3.53 -23.22
N LEU B 968 -2.89 2.88 -23.40
CA LEU B 968 -2.94 1.63 -24.14
C LEU B 968 -2.73 1.84 -25.64
N SER B 969 -2.86 3.08 -26.13
CA SER B 969 -2.69 3.38 -27.54
C SER B 969 -1.72 4.52 -27.77
N ARG B 970 -0.67 4.60 -26.97
CA ARG B 970 0.49 5.40 -27.31
C ARG B 970 1.78 4.62 -27.18
N LEU B 971 1.87 3.74 -26.20
CA LEU B 971 3.14 3.15 -25.83
C LEU B 971 3.13 1.66 -26.13
N ASP B 972 4.34 1.09 -26.24
CA ASP B 972 4.52 -0.35 -26.28
C ASP B 972 4.12 -0.96 -24.95
N LYS B 973 3.91 -2.28 -24.98
CA LYS B 973 3.40 -2.97 -23.80
C LYS B 973 4.42 -3.00 -22.67
N VAL B 974 5.71 -2.91 -23.01
CA VAL B 974 6.75 -2.96 -21.98
C VAL B 974 6.72 -1.70 -21.12
N GLU B 975 6.25 -0.59 -21.68
CA GLU B 975 6.12 0.65 -20.92
C GLU B 975 4.69 0.93 -20.48
N ALA B 976 3.72 0.40 -21.24
CA ALA B 976 2.34 0.42 -20.79
C ALA B 976 2.16 -0.36 -19.51
N GLU B 977 2.96 -1.42 -19.31
CA GLU B 977 2.97 -2.11 -18.02
C GLU B 977 3.33 -1.19 -16.87
N VAL B 978 4.31 -0.30 -17.08
CA VAL B 978 4.74 0.61 -16.03
C VAL B 978 3.64 1.62 -15.70
N GLN B 979 3.08 2.25 -16.74
CA GLN B 979 2.10 3.31 -16.50
C GLN B 979 0.80 2.74 -15.94
N ILE B 980 0.34 1.62 -16.50
CA ILE B 980 -0.84 0.94 -16.00
C ILE B 980 -0.61 0.39 -14.59
N ASP B 981 0.63 0.02 -14.26
CA ASP B 981 0.89 -0.43 -12.88
C ASP B 981 0.76 0.70 -11.89
N ARG B 982 1.18 1.92 -12.27
CA ARG B 982 0.93 3.08 -11.41
C ARG B 982 -0.55 3.35 -11.23
N LEU B 983 -1.33 3.27 -12.30
CA LEU B 983 -2.77 3.50 -12.19
C LEU B 983 -3.46 2.42 -11.36
N ILE B 984 -3.05 1.16 -11.52
CA ILE B 984 -3.64 0.06 -10.76
C ILE B 984 -3.33 0.22 -9.28
N THR B 985 -2.11 0.63 -8.95
CA THR B 985 -1.73 0.82 -7.56
C THR B 985 -2.52 1.95 -6.91
N GLY B 986 -2.63 3.09 -7.60
CA GLY B 986 -3.37 4.21 -7.05
C GLY B 986 -4.85 3.96 -6.92
N ARG B 987 -5.46 3.36 -7.95
CA ARG B 987 -6.90 3.10 -7.87
C ARG B 987 -7.22 1.98 -6.89
N LEU B 988 -6.26 1.08 -6.64
CA LEU B 988 -6.46 0.08 -5.61
C LEU B 988 -6.39 0.67 -4.22
N GLN B 989 -5.50 1.66 -4.01
CA GLN B 989 -5.50 2.38 -2.74
C GLN B 989 -6.79 3.15 -2.54
N SER B 990 -7.32 3.77 -3.61
CA SER B 990 -8.56 4.52 -3.51
C SER B 990 -9.73 3.60 -3.16
N LEU B 991 -9.75 2.41 -3.77
CA LEU B 991 -10.83 1.47 -3.51
C LEU B 991 -10.75 0.89 -2.10
N GLN B 992 -9.52 0.67 -1.61
CA GLN B 992 -9.36 0.15 -0.26
C GLN B 992 -9.74 1.18 0.80
N THR B 993 -9.36 2.45 0.58
CA THR B 993 -9.77 3.55 1.45
C THR B 993 -11.28 3.68 1.51
N TYR B 994 -11.94 3.55 0.35
CA TYR B 994 -13.40 3.58 0.30
C TYR B 994 -14.03 2.48 1.13
N VAL B 995 -13.54 1.25 0.96
CA VAL B 995 -14.12 0.11 1.67
C VAL B 995 -13.91 0.24 3.17
N THR B 996 -12.75 0.73 3.59
CA THR B 996 -12.47 0.87 5.02
C THR B 996 -13.37 1.91 5.68
N GLN B 997 -13.55 3.07 5.04
CA GLN B 997 -14.45 4.05 5.64
C GLN B 997 -15.90 3.63 5.55
N GLN B 998 -16.27 2.80 4.57
CA GLN B 998 -17.63 2.26 4.60
C GLN B 998 -17.84 1.26 5.71
N LEU B 999 -16.81 0.49 6.07
CA LEU B 999 -16.95 -0.41 7.22
C LEU B 999 -17.11 0.37 8.52
N ILE B 1000 -16.41 1.49 8.65
CA ILE B 1000 -16.54 2.27 9.88
C ILE B 1000 -17.90 2.97 9.95
N ARG B 1001 -18.38 3.50 8.82
CA ARG B 1001 -19.73 4.06 8.78
C ARG B 1001 -20.79 3.01 9.03
N ALA B 1002 -20.56 1.77 8.58
CA ALA B 1002 -21.51 0.70 8.84
C ALA B 1002 -21.56 0.35 10.31
N ALA B 1003 -20.41 0.39 11.01
CA ALA B 1003 -20.42 0.15 12.45
C ALA B 1003 -21.19 1.22 13.20
N GLU B 1004 -21.07 2.47 12.77
CA GLU B 1004 -21.85 3.55 13.39
C GLU B 1004 -23.35 3.37 13.14
N ILE B 1005 -23.73 3.01 11.92
CA ILE B 1005 -25.14 2.80 11.61
C ILE B 1005 -25.69 1.60 12.37
N ARG B 1006 -24.86 0.58 12.63
CA ARG B 1006 -25.32 -0.55 13.42
C ARG B 1006 -25.52 -0.18 14.88
N ALA B 1007 -24.68 0.69 15.42
CA ALA B 1007 -24.91 1.18 16.78
C ALA B 1007 -26.23 1.94 16.88
N SER B 1008 -26.52 2.78 15.90
CA SER B 1008 -27.81 3.49 15.91
C SER B 1008 -28.98 2.56 15.65
N ALA B 1009 -28.80 1.49 14.88
CA ALA B 1009 -29.88 0.54 14.66
C ALA B 1009 -30.14 -0.32 15.88
N ASN B 1010 -29.10 -0.56 16.70
CA ASN B 1010 -29.32 -1.24 17.96
C ASN B 1010 -30.05 -0.35 18.96
N LEU B 1011 -29.74 0.95 18.98
CA LEU B 1011 -30.57 1.89 19.73
C LEU B 1011 -32.02 1.88 19.28
N ALA B 1012 -32.25 1.87 17.97
CA ALA B 1012 -33.61 1.91 17.47
C ALA B 1012 -34.37 0.64 17.78
N ALA B 1013 -33.69 -0.52 17.77
CA ALA B 1013 -34.34 -1.75 18.15
C ALA B 1013 -34.66 -1.78 19.63
N THR B 1014 -33.75 -1.27 20.48
CA THR B 1014 -34.03 -1.19 21.91
C THR B 1014 -35.17 -0.21 22.19
N LYS B 1015 -35.25 0.88 21.43
CA LYS B 1015 -36.35 1.82 21.63
C LYS B 1015 -37.67 1.29 21.09
N MET B 1016 -37.68 0.38 20.12
CA MET B 1016 -38.97 -0.24 19.85
C MET B 1016 -39.32 -1.27 20.90
N SER B 1017 -38.34 -1.97 21.45
CA SER B 1017 -38.64 -3.00 22.43
C SER B 1017 -39.10 -2.39 23.76
N GLU B 1018 -38.49 -1.28 24.18
CA GLU B 1018 -38.73 -0.75 25.51
C GLU B 1018 -39.66 0.45 25.55
N CYS B 1019 -39.63 1.33 24.54
CA CYS B 1019 -40.56 2.45 24.54
C CYS B 1019 -41.89 2.04 23.92
N VAL B 1020 -41.85 1.48 22.71
CA VAL B 1020 -43.07 1.25 21.96
C VAL B 1020 -43.83 0.03 22.47
N LEU B 1021 -43.15 -1.12 22.56
CA LEU B 1021 -43.82 -2.33 23.01
C LEU B 1021 -44.06 -2.36 24.51
N GLY B 1022 -43.49 -1.43 25.26
CA GLY B 1022 -43.66 -1.43 26.69
C GLY B 1022 -43.87 -0.04 27.24
N GLN B 1023 -43.36 0.22 28.44
CA GLN B 1023 -43.53 1.52 29.08
C GLN B 1023 -42.36 1.68 30.05
N SER B 1024 -41.36 2.45 29.64
CA SER B 1024 -40.04 2.38 30.24
C SER B 1024 -39.87 3.30 31.44
N LYS B 1025 -39.13 2.81 32.43
CA LYS B 1025 -38.76 3.59 33.61
C LYS B 1025 -37.37 4.18 33.52
N ARG B 1026 -36.64 3.95 32.44
CA ARG B 1026 -35.33 4.54 32.24
C ARG B 1026 -35.49 6.03 31.96
N VAL B 1027 -34.85 6.86 32.76
CA VAL B 1027 -35.11 8.30 32.76
C VAL B 1027 -34.47 8.93 31.54
N ASP B 1028 -35.27 9.70 30.79
CA ASP B 1028 -34.86 10.44 29.59
C ASP B 1028 -34.29 9.52 28.52
N PHE B 1029 -34.87 8.34 28.40
CA PHE B 1029 -34.56 7.41 27.32
C PHE B 1029 -35.65 7.38 26.28
N CYS B 1030 -36.90 7.27 26.72
CA CYS B 1030 -38.06 7.29 25.86
C CYS B 1030 -38.73 8.65 25.88
N GLY B 1031 -37.94 9.71 25.91
CA GLY B 1031 -38.48 11.05 25.87
C GLY B 1031 -38.24 11.84 27.13
N LYS B 1032 -38.20 13.15 27.00
CA LYS B 1032 -37.96 14.05 28.13
C LYS B 1032 -39.21 14.16 28.98
N GLY B 1033 -39.25 13.42 30.07
CA GLY B 1033 -40.37 13.48 30.99
C GLY B 1033 -40.71 12.09 31.48
N TYR B 1034 -41.85 11.99 32.15
CA TYR B 1034 -42.34 10.69 32.58
C TYR B 1034 -42.98 10.01 31.39
N HIS B 1035 -42.44 8.88 30.98
CA HIS B 1035 -42.85 8.25 29.73
C HIS B 1035 -44.20 7.59 29.85
N LEU B 1036 -45.13 7.97 28.98
CA LEU B 1036 -46.42 7.28 28.88
C LEU B 1036 -46.42 6.20 27.82
N MET B 1037 -46.20 6.55 26.56
CA MET B 1037 -46.24 5.58 25.48
C MET B 1037 -45.48 6.16 24.31
N SER B 1038 -45.37 5.37 23.26
CA SER B 1038 -44.56 5.80 22.13
C SER B 1038 -45.10 5.16 20.86
N PHE B 1039 -44.92 5.87 19.74
CA PHE B 1039 -45.52 5.55 18.46
C PHE B 1039 -44.43 5.60 17.40
N PRO B 1040 -44.25 4.57 16.60
CA PRO B 1040 -43.24 4.62 15.55
C PRO B 1040 -43.80 5.13 14.24
N GLN B 1041 -42.92 5.75 13.47
CA GLN B 1041 -43.20 6.10 12.08
C GLN B 1041 -41.96 5.73 11.27
N SER B 1042 -42.15 5.42 9.99
CA SER B 1042 -40.99 5.15 9.17
C SER B 1042 -40.38 6.45 8.66
N ALA B 1043 -39.19 6.32 8.08
CA ALA B 1043 -38.45 7.43 7.50
C ALA B 1043 -37.43 6.84 6.54
N PRO B 1044 -36.93 7.63 5.58
CA PRO B 1044 -35.91 7.09 4.67
C PRO B 1044 -34.62 6.70 5.36
N HIS B 1045 -34.35 5.39 5.37
CA HIS B 1045 -33.20 4.76 6.04
C HIS B 1045 -33.17 5.09 7.52
N GLY B 1046 -34.31 4.99 8.18
CA GLY B 1046 -34.37 5.38 9.57
C GLY B 1046 -35.70 5.07 10.20
N VAL B 1047 -35.94 5.68 11.35
CA VAL B 1047 -37.19 5.50 12.07
C VAL B 1047 -37.41 6.73 12.94
N VAL B 1048 -38.67 7.08 13.15
CA VAL B 1048 -39.06 8.23 13.94
C VAL B 1048 -40.00 7.77 15.03
N PHE B 1049 -39.62 8.01 16.28
CA PHE B 1049 -40.48 7.73 17.41
C PHE B 1049 -41.18 9.02 17.84
N LEU B 1050 -42.38 8.88 18.37
CA LEU B 1050 -43.16 10.03 18.83
C LEU B 1050 -43.47 9.78 20.30
N HIS B 1051 -42.58 10.21 21.18
CA HIS B 1051 -42.63 9.83 22.58
C HIS B 1051 -43.67 10.66 23.31
N VAL B 1052 -44.82 10.06 23.59
CA VAL B 1052 -45.83 10.71 24.43
C VAL B 1052 -45.38 10.61 25.86
N THR B 1053 -45.00 11.73 26.47
CA THR B 1053 -44.54 11.76 27.84
C THR B 1053 -45.46 12.63 28.69
N TYR B 1054 -45.17 12.64 29.99
CA TYR B 1054 -45.91 13.38 31.01
C TYR B 1054 -44.97 14.37 31.64
N VAL B 1055 -45.32 15.65 31.62
CA VAL B 1055 -44.51 16.69 32.23
C VAL B 1055 -45.38 17.45 33.21
N PRO B 1056 -45.03 17.51 34.51
CA PRO B 1056 -45.87 18.24 35.47
C PRO B 1056 -45.66 19.73 35.35
N ALA B 1057 -46.78 20.46 35.29
CA ALA B 1057 -46.73 21.81 34.72
C ALA B 1057 -46.52 22.90 35.75
N GLN B 1058 -47.46 23.06 36.68
CA GLN B 1058 -47.47 24.22 37.55
C GLN B 1058 -47.68 23.81 38.99
N GLU B 1059 -46.93 24.42 39.89
CA GLU B 1059 -46.79 23.90 41.24
C GLU B 1059 -47.06 24.94 42.31
N LYS B 1060 -46.80 24.59 43.57
CA LYS B 1060 -47.17 25.45 44.68
C LYS B 1060 -46.31 25.09 45.88
N ASN B 1061 -45.78 26.11 46.55
CA ASN B 1061 -45.01 25.87 47.78
C ASN B 1061 -45.92 25.35 48.87
N PHE B 1062 -45.44 24.36 49.62
CA PHE B 1062 -46.21 23.70 50.66
C PHE B 1062 -45.34 23.45 51.88
N THR B 1063 -45.84 23.82 53.04
CA THR B 1063 -45.18 23.45 54.29
C THR B 1063 -45.31 21.95 54.48
N THR B 1064 -44.19 21.26 54.66
CA THR B 1064 -44.19 19.82 54.72
C THR B 1064 -43.47 19.35 55.98
N ALA B 1065 -43.54 18.04 56.20
CA ALA B 1065 -42.92 17.41 57.37
C ALA B 1065 -42.73 15.93 57.05
N PRO B 1066 -41.72 15.29 57.63
CA PRO B 1066 -41.57 13.85 57.44
C PRO B 1066 -42.68 13.01 58.06
N ALA B 1067 -42.99 13.22 59.34
CA ALA B 1067 -43.97 12.39 60.01
C ALA B 1067 -44.87 13.25 60.90
N ILE B 1068 -45.86 12.61 61.49
CA ILE B 1068 -46.83 13.24 62.37
C ILE B 1068 -46.75 12.57 63.73
N CYS B 1069 -46.56 13.37 64.78
CA CYS B 1069 -46.63 12.89 66.15
C CYS B 1069 -48.06 13.05 66.63
N HIS B 1070 -48.68 11.96 67.06
CA HIS B 1070 -50.10 11.98 67.41
C HIS B 1070 -50.32 11.83 68.91
N ASP B 1071 -49.89 10.72 69.49
CA ASP B 1071 -49.97 10.54 70.93
C ASP B 1071 -48.75 9.78 71.45
N GLY B 1072 -47.60 9.98 70.84
CA GLY B 1072 -46.46 9.13 71.06
C GLY B 1072 -46.21 8.15 69.94
N LYS B 1073 -47.01 8.20 68.89
CA LYS B 1073 -46.82 7.39 67.70
C LYS B 1073 -46.23 8.24 66.59
N ALA B 1074 -45.47 7.61 65.72
CA ALA B 1074 -44.93 8.26 64.54
C ALA B 1074 -45.72 7.77 63.34
N HIS B 1075 -46.35 8.69 62.61
CA HIS B 1075 -47.17 8.35 61.47
C HIS B 1075 -46.45 8.80 60.20
N PHE B 1076 -46.07 7.90 59.45
CA PHE B 1076 -45.41 8.10 58.18
C PHE B 1076 -46.38 7.85 57.04
N PRO B 1077 -46.25 8.56 55.91
CA PRO B 1077 -47.18 8.35 54.81
C PRO B 1077 -46.89 7.06 54.07
N ARG B 1078 -47.95 6.38 53.63
CA ARG B 1078 -47.76 5.22 52.79
C ARG B 1078 -47.38 5.63 51.37
N GLU B 1079 -48.28 6.35 50.70
CA GLU B 1079 -48.09 6.79 49.32
C GLU B 1079 -48.04 8.31 49.32
N GLY B 1080 -46.85 8.86 49.10
CA GLY B 1080 -46.76 10.29 48.95
C GLY B 1080 -46.20 11.01 50.15
N VAL B 1081 -46.59 12.27 50.31
CA VAL B 1081 -45.96 13.18 51.26
C VAL B 1081 -47.03 13.81 52.13
N PHE B 1082 -46.58 14.48 53.19
CA PHE B 1082 -47.43 15.28 54.05
C PHE B 1082 -47.31 16.74 53.65
N VAL B 1083 -48.42 17.35 53.27
CA VAL B 1083 -48.46 18.76 52.96
C VAL B 1083 -49.44 19.45 53.88
N SER B 1084 -49.38 20.78 53.90
CA SER B 1084 -50.31 21.57 54.68
C SER B 1084 -50.50 22.92 54.01
N ASN B 1085 -51.73 23.42 54.04
CA ASN B 1085 -52.00 24.75 53.52
C ASN B 1085 -51.87 25.84 54.58
N GLY B 1086 -51.10 25.58 55.64
CA GLY B 1086 -50.95 26.47 56.75
C GLY B 1086 -51.81 26.13 57.95
N THR B 1087 -52.94 25.47 57.74
CA THR B 1087 -53.90 25.21 58.81
C THR B 1087 -53.96 23.74 59.20
N HIS B 1088 -54.20 22.84 58.25
CA HIS B 1088 -54.38 21.44 58.55
C HIS B 1088 -53.47 20.63 57.62
N TRP B 1089 -52.93 19.54 58.14
CA TRP B 1089 -52.00 18.70 57.39
C TRP B 1089 -52.77 17.70 56.52
N PHE B 1090 -52.39 17.63 55.25
CA PHE B 1090 -53.01 16.75 54.28
C PHE B 1090 -51.97 15.81 53.70
N VAL B 1091 -52.41 14.64 53.25
CA VAL B 1091 -51.54 13.70 52.55
C VAL B 1091 -51.91 13.73 51.07
N THR B 1092 -50.92 13.59 50.20
CA THR B 1092 -51.14 13.77 48.78
C THR B 1092 -50.19 12.87 47.99
N GLN B 1093 -50.20 13.02 46.68
CA GLN B 1093 -49.27 12.32 45.80
C GLN B 1093 -47.96 13.08 45.74
N ARG B 1094 -47.07 12.70 44.86
CA ARG B 1094 -45.86 13.47 44.64
C ARG B 1094 -45.75 14.07 43.26
N ASN B 1095 -46.66 13.74 42.34
CA ASN B 1095 -46.65 14.32 41.02
C ASN B 1095 -47.92 15.06 40.67
N PHE B 1096 -48.93 15.03 41.54
CA PHE B 1096 -50.17 15.74 41.27
C PHE B 1096 -50.81 16.03 42.61
N TYR B 1097 -51.23 17.27 42.82
CA TYR B 1097 -51.70 17.69 44.13
C TYR B 1097 -53.11 17.19 44.36
N GLU B 1098 -53.28 16.41 45.43
CA GLU B 1098 -54.53 15.71 45.69
C GLU B 1098 -54.72 15.67 47.20
N PRO B 1099 -55.40 16.66 47.76
CA PRO B 1099 -55.50 16.76 49.22
C PRO B 1099 -56.41 15.68 49.77
N GLN B 1100 -55.93 14.98 50.79
CA GLN B 1100 -56.70 13.98 51.48
C GLN B 1100 -56.54 14.17 52.98
N ILE B 1101 -57.59 13.86 53.72
CA ILE B 1101 -57.53 13.94 55.17
C ILE B 1101 -56.76 12.74 55.69
N ILE B 1102 -55.85 12.98 56.63
CA ILE B 1102 -54.96 11.94 57.14
C ILE B 1102 -55.78 10.95 57.95
N THR B 1103 -56.00 9.77 57.39
CA THR B 1103 -56.70 8.71 58.09
C THR B 1103 -55.69 7.77 58.71
N THR B 1104 -56.18 6.69 59.30
CA THR B 1104 -55.33 5.57 59.69
C THR B 1104 -55.14 4.59 58.54
N ASP B 1105 -55.63 4.93 57.35
CA ASP B 1105 -55.44 4.13 56.16
C ASP B 1105 -54.50 4.76 55.16
N ASN B 1106 -54.32 6.07 55.20
CA ASN B 1106 -53.32 6.73 54.38
C ASN B 1106 -51.92 6.51 54.92
N THR B 1107 -51.79 6.26 56.22
CA THR B 1107 -50.52 6.25 56.93
C THR B 1107 -50.29 4.91 57.60
N PHE B 1108 -49.18 4.82 58.33
CA PHE B 1108 -48.87 3.63 59.12
C PHE B 1108 -48.00 4.03 60.30
N VAL B 1109 -48.24 3.39 61.43
CA VAL B 1109 -47.56 3.70 62.68
C VAL B 1109 -46.25 2.92 62.74
N SER B 1110 -45.17 3.59 63.11
CA SER B 1110 -43.88 2.93 63.24
C SER B 1110 -43.03 3.67 64.26
N GLY B 1111 -42.98 3.16 65.48
CA GLY B 1111 -42.03 3.62 66.49
C GLY B 1111 -42.64 4.67 67.40
N ASN B 1112 -41.93 5.77 67.59
CA ASN B 1112 -42.37 6.84 68.48
C ASN B 1112 -41.81 8.17 67.98
N CYS B 1113 -42.15 9.24 68.71
CA CYS B 1113 -41.94 10.59 68.19
C CYS B 1113 -40.51 11.08 68.38
N ASP B 1114 -39.82 10.67 69.44
CA ASP B 1114 -38.61 11.33 69.89
C ASP B 1114 -37.35 10.82 69.19
N VAL B 1115 -37.47 10.25 68.00
CA VAL B 1115 -36.33 9.83 67.19
C VAL B 1115 -36.25 10.65 65.92
N VAL B 1116 -37.40 10.82 65.24
CA VAL B 1116 -37.43 11.43 63.91
C VAL B 1116 -37.14 12.92 64.02
N ILE B 1117 -36.26 13.42 63.16
CA ILE B 1117 -35.87 14.81 63.17
C ILE B 1117 -36.84 15.58 62.27
N GLY B 1118 -37.79 16.28 62.88
CA GLY B 1118 -38.66 17.14 62.10
C GLY B 1118 -40.13 16.80 62.19
N ILE B 1119 -40.48 15.95 63.14
CA ILE B 1119 -41.86 15.50 63.29
C ILE B 1119 -42.70 16.61 63.91
N VAL B 1120 -43.96 16.71 63.48
CA VAL B 1120 -44.87 17.75 63.96
C VAL B 1120 -46.11 17.13 64.58
N ASN B 1121 -46.97 17.97 65.15
CA ASN B 1121 -48.17 17.55 65.85
C ASN B 1121 -49.40 17.84 65.00
N ASN B 1122 -50.19 16.81 64.70
CA ASN B 1122 -51.54 17.02 64.21
C ASN B 1122 -52.37 15.80 64.55
N THR B 1123 -53.67 16.02 64.71
CA THR B 1123 -54.63 14.93 64.86
C THR B 1123 -54.69 14.11 63.58
N VAL B 1124 -54.64 12.79 63.72
CA VAL B 1124 -54.89 11.87 62.63
C VAL B 1124 -56.31 11.36 62.76
N TYR B 1125 -57.09 11.55 61.71
CA TYR B 1125 -58.49 11.12 61.71
C TYR B 1125 -58.60 9.61 61.77
N ASP B 1126 -59.62 9.13 62.47
CA ASP B 1126 -59.88 7.71 62.58
C ASP B 1126 -61.16 7.38 61.83
N PRO B 1127 -61.13 6.49 60.85
CA PRO B 1127 -62.37 6.14 60.12
C PRO B 1127 -63.21 5.09 60.83
N LEU B 1128 -62.98 4.87 62.12
CA LEU B 1128 -63.79 3.94 62.90
C LEU B 1128 -64.52 4.58 64.08
N GLN B 1129 -64.14 5.78 64.51
CA GLN B 1129 -64.75 6.40 65.68
C GLN B 1129 -66.21 6.81 65.49
N PRO B 1130 -66.68 7.28 64.32
CA PRO B 1130 -68.13 7.33 64.13
C PRO B 1130 -68.74 6.02 63.66
N GLU B 1131 -67.92 5.03 63.27
CA GLU B 1131 -68.46 3.75 62.84
C GLU B 1131 -68.78 2.84 64.01
N LEU B 1132 -68.02 2.94 65.10
CA LEU B 1132 -68.28 2.16 66.31
C LEU B 1132 -69.57 2.59 66.99
N GLN C 1 69.78 0.56 14.76
CA GLN C 1 69.97 -0.18 15.99
C GLN C 1 68.81 -1.14 16.26
N CYS C 2 69.14 -2.35 16.73
CA CYS C 2 68.17 -3.38 17.02
C CYS C 2 68.43 -4.01 18.38
N VAL C 3 68.76 -3.17 19.37
CA VAL C 3 68.98 -3.60 20.74
C VAL C 3 67.97 -2.88 21.62
N ASN C 4 67.23 -3.65 22.41
CA ASN C 4 66.26 -3.08 23.34
C ASN C 4 66.46 -3.66 24.74
N LEU C 5 65.48 -3.43 25.62
CA LEU C 5 65.52 -3.96 26.98
C LEU C 5 65.35 -5.48 26.95
N THR C 6 65.72 -6.11 28.04
CA THR C 6 65.56 -7.56 28.14
C THR C 6 64.88 -8.00 29.43
N THR C 7 65.15 -7.32 30.55
CA THR C 7 64.83 -7.81 31.89
C THR C 7 63.38 -7.60 32.31
N ARG C 8 62.47 -7.28 31.38
CA ARG C 8 61.08 -7.12 31.76
C ARG C 8 60.42 -8.49 31.95
N THR C 9 59.34 -8.50 32.74
CA THR C 9 58.57 -9.71 33.00
C THR C 9 57.12 -9.47 32.59
N GLN C 10 56.62 -10.30 31.68
CA GLN C 10 55.30 -10.11 31.08
C GLN C 10 54.26 -10.82 31.93
N LEU C 11 53.38 -10.04 32.56
CA LEU C 11 52.40 -10.55 33.50
C LEU C 11 51.27 -11.29 32.77
N PRO C 12 50.58 -12.21 33.45
CA PRO C 12 49.43 -12.86 32.83
C PRO C 12 48.23 -11.91 32.80
N PRO C 13 47.38 -12.01 31.76
CA PRO C 13 46.34 -10.98 31.54
C PRO C 13 45.17 -11.03 32.51
N ALA C 14 45.32 -10.36 33.66
CA ALA C 14 44.23 -10.23 34.61
C ALA C 14 43.09 -9.39 34.03
N TYR C 15 41.89 -9.59 34.58
CA TYR C 15 40.68 -9.00 34.03
C TYR C 15 40.03 -8.06 35.03
N THR C 16 39.27 -7.12 34.49
CA THR C 16 38.40 -6.24 35.27
C THR C 16 37.22 -5.83 34.42
N ASN C 17 36.15 -5.37 35.08
CA ASN C 17 34.89 -5.05 34.41
C ASN C 17 34.80 -3.57 34.10
N SER C 18 34.63 -3.24 32.83
CA SER C 18 34.15 -1.93 32.43
C SER C 18 32.73 -1.79 32.94
N PHE C 19 32.52 -0.91 33.91
CA PHE C 19 31.19 -0.82 34.52
C PHE C 19 30.22 -0.13 33.58
N THR C 20 30.43 1.17 33.32
CA THR C 20 29.58 1.92 32.41
C THR C 20 30.41 2.85 31.53
N ARG C 21 31.62 2.46 31.17
CA ARG C 21 32.53 3.36 30.48
C ARG C 21 32.78 2.90 29.06
N GLY C 22 33.11 3.86 28.20
CA GLY C 22 33.36 3.58 26.80
C GLY C 22 32.33 4.17 25.88
N VAL C 23 31.73 5.28 26.30
CA VAL C 23 30.61 5.88 25.59
C VAL C 23 31.08 7.22 25.04
N TYR C 24 30.96 7.40 23.73
CA TYR C 24 31.37 8.63 23.07
C TYR C 24 30.19 9.27 22.36
N TYR C 25 30.48 10.40 21.70
CA TYR C 25 29.50 11.07 20.86
C TYR C 25 29.62 10.48 19.45
N PRO C 26 28.61 9.77 18.96
CA PRO C 26 28.78 9.00 17.73
C PRO C 26 28.94 9.84 16.47
N ASP C 27 28.51 11.09 16.46
CA ASP C 27 28.62 11.92 15.26
C ASP C 27 28.75 13.38 15.65
N LYS C 28 28.87 14.23 14.63
CA LYS C 28 29.12 15.66 14.80
C LYS C 28 27.82 16.46 14.96
N VAL C 29 26.73 15.84 15.35
CA VAL C 29 25.41 16.45 15.32
C VAL C 29 24.94 16.69 16.75
N PHE C 30 24.51 17.91 17.03
CA PHE C 30 24.00 18.25 18.36
C PHE C 30 22.56 17.78 18.53
N ARG C 31 22.27 17.25 19.72
CA ARG C 31 20.90 17.00 20.15
C ARG C 31 20.82 17.37 21.62
N SER C 32 19.61 17.52 22.14
CA SER C 32 19.44 17.87 23.54
C SER C 32 18.06 17.44 24.01
N SER C 33 18.00 16.97 25.26
CA SER C 33 16.79 16.60 25.99
C SER C 33 15.99 15.49 25.31
N VAL C 34 16.62 14.74 24.41
CA VAL C 34 15.97 13.64 23.71
C VAL C 34 16.59 12.36 24.22
N LEU C 35 16.11 11.23 23.72
CA LEU C 35 16.66 9.93 24.08
C LEU C 35 16.91 9.23 22.75
N HIS C 36 18.06 9.51 22.16
CA HIS C 36 18.35 9.00 20.83
C HIS C 36 18.93 7.59 20.91
N SER C 37 18.56 6.76 19.96
CA SER C 37 19.04 5.39 19.86
C SER C 37 19.91 5.25 18.62
N THR C 38 21.19 4.94 18.83
CA THR C 38 22.15 4.81 17.74
C THR C 38 22.73 3.40 17.74
N GLN C 39 23.41 3.08 16.64
CA GLN C 39 24.03 1.77 16.45
C GLN C 39 25.45 2.01 15.93
N ASP C 40 26.42 1.94 16.83
CA ASP C 40 27.79 2.26 16.52
C ASP C 40 28.69 1.34 17.35
N LEU C 41 29.96 1.24 16.95
CA LEU C 41 30.95 0.46 17.69
C LEU C 41 31.16 1.09 19.06
N PHE C 42 30.74 0.38 20.09
CA PHE C 42 30.73 0.86 21.46
C PHE C 42 31.38 -0.19 22.33
N LEU C 43 31.82 0.22 23.51
CA LEU C 43 32.31 -0.75 24.47
C LEU C 43 31.13 -1.35 25.20
N PRO C 44 30.94 -2.66 25.18
CA PRO C 44 29.78 -3.25 25.85
C PRO C 44 29.87 -3.11 27.36
N PHE C 45 28.73 -2.83 27.98
CA PHE C 45 28.70 -2.69 29.43
C PHE C 45 28.90 -4.05 30.09
N PHE C 46 29.59 -4.02 31.24
CA PHE C 46 29.99 -5.21 32.01
C PHE C 46 30.81 -6.15 31.14
N SER C 47 32.00 -5.67 30.77
CA SER C 47 32.90 -6.37 29.87
C SER C 47 34.25 -6.56 30.54
N ASN C 48 34.80 -7.78 30.43
CA ASN C 48 36.09 -8.10 30.99
C ASN C 48 37.18 -7.51 30.11
N VAL C 49 37.85 -6.47 30.61
CA VAL C 49 38.96 -5.87 29.90
C VAL C 49 40.25 -6.19 30.64
N THR C 50 41.35 -6.17 29.90
CA THR C 50 42.63 -6.61 30.44
C THR C 50 43.20 -5.57 31.38
N TRP C 51 43.81 -6.04 32.46
CA TRP C 51 44.40 -5.20 33.51
C TRP C 51 45.91 -5.27 33.34
N PHE C 52 46.44 -4.40 32.49
CA PHE C 52 47.87 -4.34 32.23
C PHE C 52 48.48 -3.22 33.06
N HIS C 53 49.74 -3.43 33.47
CA HIS C 53 50.45 -2.39 34.23
C HIS C 53 51.95 -2.59 34.09
N ALA C 54 52.67 -1.48 34.21
CA ALA C 54 54.13 -1.48 34.25
C ALA C 54 54.56 -0.72 35.49
N ILE C 55 55.26 -1.39 36.40
CA ILE C 55 55.53 -0.84 37.73
C ILE C 55 56.76 -1.54 38.29
N HIS C 56 57.42 -0.90 39.25
CA HIS C 56 58.61 -1.42 39.95
C HIS C 56 58.43 -2.82 40.54
N LYS C 64 59.95 -6.40 38.25
CA LYS C 64 60.26 -6.44 36.83
C LYS C 64 59.00 -6.40 35.98
N ARG C 65 57.90 -5.88 36.53
CA ARG C 65 56.64 -5.84 35.82
C ARG C 65 56.66 -4.71 34.81
N PHE C 66 56.75 -5.05 33.52
CA PHE C 66 56.94 -4.04 32.47
C PHE C 66 56.47 -4.65 31.16
N ASP C 67 55.49 -4.03 30.52
CA ASP C 67 54.90 -4.58 29.30
C ASP C 67 54.92 -3.56 28.17
N ASN C 68 55.37 -4.00 26.99
CA ASN C 68 55.01 -3.37 25.72
C ASN C 68 54.68 -4.46 24.72
N PRO C 69 53.52 -5.11 24.86
CA PRO C 69 53.19 -6.24 24.01
C PRO C 69 52.58 -5.77 22.69
N VAL C 70 52.40 -6.73 21.79
CA VAL C 70 51.83 -6.47 20.47
C VAL C 70 50.41 -7.05 20.49
N LEU C 71 49.42 -6.19 20.76
CA LEU C 71 48.01 -6.36 21.08
C LEU C 71 47.13 -6.14 19.86
N PRO C 72 46.15 -7.02 19.62
CA PRO C 72 45.31 -6.90 18.43
C PRO C 72 44.37 -5.70 18.47
N PHE C 73 43.86 -5.37 17.28
CA PHE C 73 43.07 -4.17 17.02
C PHE C 73 41.88 -4.58 16.14
N ASN C 74 41.10 -5.56 16.64
CA ASN C 74 40.06 -6.25 15.86
C ASN C 74 39.06 -5.31 15.19
N ASP C 75 38.39 -4.48 15.98
CA ASP C 75 37.47 -3.48 15.45
C ASP C 75 37.74 -2.09 15.98
N GLY C 76 38.51 -1.95 17.03
CA GLY C 76 38.74 -0.69 17.70
C GLY C 76 38.91 -1.02 19.16
N VAL C 77 39.71 -0.22 19.85
CA VAL C 77 40.07 -0.53 21.22
C VAL C 77 39.72 0.62 22.14
N TYR C 78 39.55 0.28 23.41
CA TYR C 78 39.44 1.20 24.51
C TYR C 78 40.82 1.35 25.15
N PHE C 79 41.03 2.45 25.87
CA PHE C 79 42.30 2.66 26.55
C PHE C 79 42.09 3.59 27.73
N ALA C 80 42.52 3.16 28.91
CA ALA C 80 42.35 3.97 30.11
C ALA C 80 43.58 3.85 30.98
N SER C 81 44.17 4.99 31.35
CA SER C 81 45.39 5.03 32.11
C SER C 81 45.13 5.65 33.49
N THR C 82 45.68 5.02 34.52
CA THR C 82 45.52 5.45 35.90
C THR C 82 46.82 6.12 36.34
N GLU C 83 46.96 7.40 36.01
CA GLU C 83 48.23 8.09 36.08
C GLU C 83 48.36 8.92 37.35
N LYS C 84 49.60 9.07 37.80
CA LYS C 84 49.97 10.02 38.84
C LYS C 84 51.02 11.00 38.38
N SER C 85 52.01 10.54 37.61
CA SER C 85 53.14 11.39 37.21
C SER C 85 53.34 11.41 35.70
N ASN C 86 52.29 11.10 34.94
CA ASN C 86 52.22 11.27 33.47
C ASN C 86 53.32 10.48 32.76
N ILE C 87 53.19 9.15 32.84
CA ILE C 87 54.22 8.27 32.30
C ILE C 87 53.81 7.63 30.97
N ILE C 88 52.54 7.66 30.62
CA ILE C 88 52.08 7.08 29.35
C ILE C 88 52.46 8.04 28.24
N ARG C 89 53.32 7.59 27.33
CA ARG C 89 53.86 8.47 26.30
C ARG C 89 53.02 8.46 25.02
N GLY C 90 52.86 7.31 24.40
CA GLY C 90 52.14 7.27 23.14
C GLY C 90 51.78 5.89 22.64
N TRP C 91 51.61 5.78 21.32
CA TRP C 91 51.09 4.57 20.70
C TRP C 91 51.79 4.31 19.38
N ILE C 92 51.81 3.04 18.98
CA ILE C 92 52.37 2.60 17.70
C ILE C 92 51.28 1.75 17.05
N PHE C 93 50.59 2.31 16.06
CA PHE C 93 49.47 1.64 15.41
C PHE C 93 49.94 1.14 14.05
N GLY C 94 49.86 -0.17 13.82
CA GLY C 94 50.33 -0.71 12.56
C GLY C 94 49.64 -2.00 12.18
N THR C 95 50.06 -2.55 11.03
CA THR C 95 49.56 -3.85 10.58
C THR C 95 50.56 -4.96 10.88
N THR C 96 51.76 -4.85 10.31
CA THR C 96 52.83 -5.82 10.55
C THR C 96 54.05 -5.18 11.17
N LEU C 97 54.03 -3.85 11.38
CA LEU C 97 55.02 -3.11 12.16
C LEU C 97 56.43 -3.23 11.58
N ASP C 98 56.56 -2.75 10.35
CA ASP C 98 57.82 -2.80 9.61
C ASP C 98 57.82 -1.63 8.63
N SER C 99 58.80 -1.61 7.72
CA SER C 99 58.86 -0.59 6.68
C SER C 99 58.04 -0.95 5.45
N LYS C 100 57.19 -1.97 5.52
CA LYS C 100 56.38 -2.35 4.37
C LYS C 100 55.03 -1.64 4.32
N THR C 101 54.53 -1.13 5.44
CA THR C 101 53.28 -0.40 5.46
C THR C 101 53.34 0.69 6.51
N GLN C 102 52.46 1.67 6.37
CA GLN C 102 52.51 2.89 7.17
C GLN C 102 52.05 2.59 8.59
N SER C 103 52.98 2.70 9.53
CA SER C 103 52.67 2.50 10.94
C SER C 103 52.33 3.84 11.58
N LEU C 104 51.09 3.99 12.04
CA LEU C 104 50.67 5.21 12.70
C LEU C 104 51.35 5.35 14.05
N LEU C 105 51.96 6.50 14.27
CA LEU C 105 52.77 6.79 15.45
C LEU C 105 52.25 8.06 16.08
N ILE C 106 51.64 7.94 17.25
CA ILE C 106 51.03 9.08 17.93
C ILE C 106 51.80 9.27 19.23
N VAL C 107 52.83 10.12 19.20
CA VAL C 107 53.71 10.31 20.34
C VAL C 107 53.41 11.65 20.99
N ASN C 108 54.03 11.87 22.15
CA ASN C 108 54.01 13.17 22.82
C ASN C 108 55.28 13.24 23.66
N ASN C 109 56.26 14.01 23.18
CA ASN C 109 57.54 14.14 23.87
C ASN C 109 57.57 15.35 24.81
N ALA C 110 56.43 15.68 25.42
CA ALA C 110 56.19 16.70 26.44
C ALA C 110 56.33 18.13 25.94
N THR C 111 56.60 18.34 24.65
CA THR C 111 56.65 19.67 24.08
C THR C 111 55.61 19.88 23.00
N ASN C 112 55.50 18.95 22.04
CA ASN C 112 54.50 19.01 20.99
C ASN C 112 53.97 17.61 20.73
N VAL C 113 52.64 17.50 20.59
CA VAL C 113 52.02 16.23 20.24
C VAL C 113 52.31 15.96 18.77
N VAL C 114 53.25 15.07 18.50
CA VAL C 114 53.71 14.76 17.16
C VAL C 114 53.00 13.50 16.69
N ILE C 115 52.47 13.52 15.46
CA ILE C 115 51.87 12.35 14.84
C ILE C 115 52.50 12.19 13.47
N LYS C 116 53.22 11.09 13.25
CA LYS C 116 53.86 10.80 11.98
C LYS C 116 53.39 9.44 11.47
N VAL C 117 53.06 9.38 10.19
CA VAL C 117 52.56 8.15 9.56
C VAL C 117 53.57 7.78 8.48
N CYS C 118 54.53 6.93 8.82
CA CYS C 118 55.58 6.55 7.90
C CYS C 118 55.74 5.04 7.93
N GLU C 119 56.61 4.54 7.05
CA GLU C 119 57.06 3.16 7.06
C GLU C 119 58.36 3.10 7.84
N PHE C 120 58.37 2.35 8.94
CA PHE C 120 59.35 2.54 10.00
C PHE C 120 60.50 1.54 9.96
N GLN C 121 61.64 2.00 10.47
CA GLN C 121 62.64 1.10 11.03
C GLN C 121 62.15 0.77 12.43
N PHE C 122 61.40 -0.31 12.54
CA PHE C 122 60.58 -0.58 13.71
C PHE C 122 61.42 -1.09 14.87
N CYS C 123 61.14 -0.55 16.06
CA CYS C 123 61.72 -1.05 17.30
C CYS C 123 60.72 -2.01 17.95
N ASN C 124 61.20 -3.21 18.29
CA ASN C 124 60.30 -4.27 18.76
C ASN C 124 59.70 -3.93 20.11
N ASP C 125 60.55 -3.74 21.13
CA ASP C 125 60.12 -3.29 22.46
C ASP C 125 60.79 -1.95 22.74
N PRO C 126 60.21 -0.85 22.26
CA PRO C 126 60.85 0.45 22.42
C PRO C 126 60.58 1.02 23.82
N PHE C 127 61.07 2.23 24.01
CA PHE C 127 60.91 2.97 25.25
C PHE C 127 61.17 4.44 24.94
N LEU C 128 60.91 5.29 25.93
CA LEU C 128 61.20 6.72 25.80
C LEU C 128 61.74 7.21 27.14
N GLY C 129 63.07 7.20 27.27
CA GLY C 129 63.71 7.51 28.54
C GLY C 129 64.00 8.99 28.71
N VAL C 130 64.28 9.35 29.96
CA VAL C 130 64.64 10.72 30.31
C VAL C 130 66.11 10.75 30.71
N TYR C 131 66.71 11.93 30.57
CA TYR C 131 68.17 12.07 30.70
C TYR C 131 68.49 13.53 30.96
N TYR C 132 69.70 13.76 31.52
CA TYR C 132 70.31 15.08 31.75
C TYR C 132 69.43 15.92 32.69
N HIS C 133 69.40 15.45 33.94
CA HIS C 133 68.54 16.03 34.97
C HIS C 133 69.25 17.01 35.90
N LYS C 134 70.58 17.05 35.88
CA LYS C 134 71.30 17.68 36.98
C LYS C 134 71.43 19.19 36.81
N ASN C 135 71.61 19.67 35.58
CA ASN C 135 71.86 21.09 35.34
C ASN C 135 71.03 21.53 34.14
N ASN C 136 69.97 22.31 34.40
CA ASN C 136 69.05 22.87 33.40
C ASN C 136 68.43 21.75 32.55
N LYS C 137 67.61 20.94 33.22
CA LYS C 137 67.05 19.75 32.58
C LYS C 137 66.02 20.09 31.51
N SER C 138 65.03 20.95 31.85
CA SER C 138 63.91 21.39 31.01
C SER C 138 62.97 20.28 30.52
N TRP C 139 63.23 19.04 30.94
CA TRP C 139 62.49 17.84 30.54
C TRP C 139 62.34 17.71 29.02
N MET C 140 63.46 17.79 28.32
CA MET C 140 63.49 17.59 26.88
C MET C 140 64.00 16.20 26.54
N GLU C 141 63.67 15.74 25.33
CA GLU C 141 63.98 14.38 24.91
C GLU C 141 65.20 14.41 24.00
N SER C 142 66.22 13.62 24.37
CA SER C 142 67.42 13.48 23.56
C SER C 142 67.62 12.08 22.99
N GLU C 143 67.02 11.05 23.60
CA GLU C 143 67.17 9.66 23.16
C GLU C 143 65.89 9.26 22.44
N PHE C 144 65.81 9.56 21.14
CA PHE C 144 64.69 9.13 20.33
C PHE C 144 64.78 7.62 20.13
N ARG C 145 64.09 6.87 20.99
CA ARG C 145 64.24 5.43 21.08
C ARG C 145 62.96 4.70 20.71
N VAL C 146 62.25 5.21 19.72
CA VAL C 146 61.13 4.50 19.13
C VAL C 146 61.41 4.05 17.70
N TYR C 147 62.36 4.69 17.01
CA TYR C 147 62.80 4.22 15.70
C TYR C 147 64.27 4.59 15.53
N SER C 148 64.97 3.75 14.77
CA SER C 148 66.37 4.01 14.45
C SER C 148 66.55 4.82 13.17
N SER C 149 65.53 4.85 12.31
CA SER C 149 65.48 5.71 11.14
C SER C 149 64.03 5.80 10.68
N ALA C 150 63.73 6.85 9.91
CA ALA C 150 62.39 7.04 9.37
C ALA C 150 62.51 7.85 8.09
N ASN C 151 61.94 7.33 7.00
CA ASN C 151 61.96 7.99 5.70
C ASN C 151 60.79 7.48 4.87
N ASN C 152 60.54 8.18 3.75
CA ASN C 152 59.49 7.87 2.77
C ASN C 152 58.12 7.87 3.45
N CYS C 153 57.75 9.08 3.89
CA CYS C 153 56.58 9.34 4.72
C CYS C 153 55.38 9.83 3.90
N THR C 154 54.20 9.71 4.50
CA THR C 154 52.95 10.14 3.88
C THR C 154 52.13 11.12 4.70
N PHE C 155 52.37 11.23 6.00
CA PHE C 155 51.60 12.14 6.82
C PHE C 155 52.41 12.58 8.03
N GLU C 156 52.22 13.84 8.43
CA GLU C 156 52.84 14.38 9.63
C GLU C 156 51.96 15.53 10.12
N TYR C 157 51.79 15.61 11.44
CA TYR C 157 50.88 16.60 12.01
C TYR C 157 51.31 16.90 13.44
N VAL C 158 51.15 18.15 13.85
CA VAL C 158 51.40 18.59 15.22
C VAL C 158 50.14 19.27 15.72
N SER C 159 49.49 18.65 16.70
CA SER C 159 48.28 19.22 17.29
C SER C 159 48.68 20.14 18.45
N GLN C 160 47.69 20.58 19.22
CA GLN C 160 47.93 21.51 20.30
C GLN C 160 48.32 20.74 21.56
N PRO C 161 49.53 20.91 22.07
CA PRO C 161 50.03 20.04 23.14
C PRO C 161 49.58 20.52 24.51
N PHE C 162 50.08 19.81 25.53
CA PHE C 162 49.98 20.22 26.92
C PHE C 162 51.36 20.02 27.56
N LEU C 163 51.62 20.77 28.62
CA LEU C 163 52.83 20.55 29.39
C LEU C 163 52.67 19.28 30.22
N MET C 164 53.62 18.36 30.08
CA MET C 164 53.49 17.01 30.63
C MET C 164 54.32 16.92 31.90
N ASP C 165 53.64 16.81 33.04
CA ASP C 165 54.27 16.85 34.35
C ASP C 165 55.05 15.57 34.61
N LEU C 166 56.34 15.56 34.27
CA LEU C 166 57.21 14.43 34.51
C LEU C 166 57.84 14.46 35.90
N GLU C 167 57.56 15.48 36.69
CA GLU C 167 57.91 15.48 38.10
C GLU C 167 57.02 14.48 38.84
N GLY C 168 57.62 13.68 39.71
CA GLY C 168 56.92 12.54 40.29
C GLY C 168 55.95 12.95 41.38
N LYS C 169 54.67 12.66 41.18
CA LYS C 169 53.67 12.76 42.24
C LYS C 169 53.43 11.38 42.83
N GLN C 170 53.21 11.32 44.14
CA GLN C 170 53.05 10.05 44.85
C GLN C 170 51.80 10.09 45.71
N GLY C 171 51.01 9.04 45.63
CA GLY C 171 49.78 8.94 46.41
C GLY C 171 48.78 8.02 45.70
N ASN C 172 47.51 8.42 45.76
CA ASN C 172 46.47 7.70 45.04
C ASN C 172 46.54 8.05 43.55
N PHE C 173 45.90 7.20 42.75
CA PHE C 173 45.72 7.48 41.32
C PHE C 173 44.75 8.64 41.18
N LYS C 174 45.28 9.83 40.90
CA LYS C 174 44.50 11.05 40.86
C LYS C 174 44.08 11.47 39.46
N ASN C 175 44.40 10.68 38.44
CA ASN C 175 44.05 11.01 37.07
C ASN C 175 43.61 9.76 36.34
N LEU C 176 42.63 9.91 35.45
CA LEU C 176 42.08 8.78 34.71
C LEU C 176 41.70 9.28 33.32
N ARG C 177 42.61 9.09 32.37
CA ARG C 177 42.32 9.41 30.98
C ARG C 177 41.58 8.26 30.34
N GLU C 178 40.76 8.58 29.33
CA GLU C 178 39.94 7.60 28.63
C GLU C 178 40.06 7.84 27.14
N PHE C 179 40.52 6.84 26.40
CA PHE C 179 40.91 6.99 25.00
C PHE C 179 40.26 5.89 24.18
N VAL C 180 39.44 6.28 23.21
CA VAL C 180 38.81 5.35 22.29
C VAL C 180 39.47 5.51 20.93
N PHE C 181 39.91 4.39 20.35
CA PHE C 181 40.68 4.37 19.12
C PHE C 181 39.88 3.59 18.08
N LYS C 182 39.66 4.19 16.91
CA LYS C 182 38.72 3.63 15.95
C LYS C 182 39.08 4.09 14.55
N ASN C 183 38.99 3.18 13.58
CA ASN C 183 39.45 3.46 12.22
C ASN C 183 38.50 2.78 11.23
N ILE C 184 37.52 3.53 10.73
CA ILE C 184 36.49 3.02 9.82
C ILE C 184 36.51 3.89 8.57
N ASP C 185 36.29 3.25 7.40
CA ASP C 185 36.08 3.90 6.10
C ASP C 185 37.30 4.72 5.66
N GLY C 186 38.49 4.21 5.99
CA GLY C 186 39.70 4.92 5.65
C GLY C 186 39.88 6.21 6.39
N TYR C 187 39.37 6.31 7.61
CA TYR C 187 39.37 7.58 8.32
C TYR C 187 39.52 7.27 9.81
N PHE C 188 40.72 7.48 10.32
CA PHE C 188 41.04 7.18 11.71
C PHE C 188 40.38 8.19 12.64
N LYS C 189 39.81 7.70 13.74
CA LYS C 189 39.08 8.54 14.69
C LYS C 189 39.56 8.26 16.10
N ILE C 190 39.83 9.33 16.85
CA ILE C 190 40.29 9.25 18.23
C ILE C 190 39.34 10.04 19.11
N TYR C 191 38.93 9.44 20.22
CA TYR C 191 37.98 10.00 21.16
C TYR C 191 38.65 10.08 22.52
N SER C 192 38.39 11.16 23.26
CA SER C 192 39.17 11.40 24.47
C SER C 192 38.36 12.13 25.53
N LYS C 193 38.73 11.91 26.78
CA LYS C 193 38.33 12.76 27.89
C LYS C 193 39.32 12.60 29.03
N HIS C 194 39.79 13.72 29.56
CA HIS C 194 40.59 13.75 30.78
C HIS C 194 39.68 14.06 31.96
N THR C 195 39.86 13.33 33.05
CA THR C 195 39.18 13.64 34.31
C THR C 195 39.99 13.20 35.51
N PRO C 196 40.08 14.02 36.56
CA PRO C 196 40.68 13.55 37.81
C PRO C 196 39.65 12.94 38.75
N ILE C 197 40.05 11.82 39.36
CA ILE C 197 39.20 11.06 40.27
C ILE C 197 40.04 10.66 41.49
N ASN C 198 39.40 9.92 42.39
CA ASN C 198 40.08 9.18 43.45
C ASN C 198 40.09 7.73 43.06
N LEU C 199 41.26 7.11 43.07
CA LEU C 199 41.35 5.74 42.59
C LEU C 199 42.48 4.99 43.28
N VAL C 200 42.15 3.79 43.78
CA VAL C 200 43.12 2.90 44.38
C VAL C 200 43.27 1.61 43.57
N ARG C 201 42.26 1.23 42.82
CA ARG C 201 42.15 -0.11 42.24
C ARG C 201 41.73 0.04 40.78
N ASP C 202 41.14 -1.03 40.23
CA ASP C 202 40.98 -1.21 38.79
C ASP C 202 40.17 -0.10 38.14
N LEU C 203 38.90 0.04 38.51
CA LEU C 203 38.05 1.08 37.94
C LEU C 203 37.08 1.62 38.98
N PRO C 204 36.72 2.89 38.90
CA PRO C 204 35.60 3.42 39.68
C PRO C 204 34.28 3.10 38.97
N GLN C 205 33.18 3.55 39.56
CA GLN C 205 31.84 3.20 39.11
C GLN C 205 31.01 4.47 38.91
N GLY C 206 31.11 5.05 37.72
CA GLY C 206 30.37 6.25 37.37
C GLY C 206 30.18 6.34 35.87
N PHE C 207 29.93 7.55 35.36
CA PHE C 207 29.67 7.71 33.94
C PHE C 207 30.24 9.03 33.48
N SER C 208 30.81 9.04 32.27
CA SER C 208 31.31 10.26 31.65
C SER C 208 31.40 10.03 30.14
N ALA C 209 31.08 11.08 29.38
CA ALA C 209 31.00 10.99 27.93
C ALA C 209 32.29 11.47 27.29
N LEU C 210 32.75 10.74 26.28
CA LEU C 210 34.02 11.05 25.61
C LEU C 210 33.75 11.87 24.36
N GLU C 211 34.33 13.06 24.31
CA GLU C 211 34.14 13.86 23.11
C GLU C 211 35.28 13.61 22.13
N PRO C 212 35.05 13.77 20.83
CA PRO C 212 36.13 13.59 19.84
C PRO C 212 37.19 14.66 19.96
N LEU C 213 38.43 14.21 20.13
CA LEU C 213 39.55 15.14 20.35
C LEU C 213 40.03 15.73 19.03
N VAL C 214 40.61 14.89 18.18
CA VAL C 214 41.05 15.29 16.84
C VAL C 214 40.68 14.18 15.87
N ASP C 215 41.09 14.34 14.62
CA ASP C 215 40.86 13.35 13.57
C ASP C 215 42.14 13.16 12.78
N LEU C 216 42.30 11.98 12.17
CA LEU C 216 43.47 11.67 11.36
C LEU C 216 43.02 11.04 10.04
N PRO C 217 42.85 11.86 9.00
CA PRO C 217 42.48 11.31 7.69
C PRO C 217 43.65 10.66 6.97
N ILE C 218 43.94 9.40 7.26
CA ILE C 218 45.09 8.70 6.71
C ILE C 218 44.72 7.41 5.97
N GLY C 219 43.86 6.59 6.57
CA GLY C 219 43.31 5.45 5.88
C GLY C 219 44.25 4.29 5.58
N ILE C 220 44.67 3.57 6.63
CA ILE C 220 45.50 2.38 6.50
C ILE C 220 45.00 1.35 7.51
N ASN C 221 45.14 0.07 7.18
CA ASN C 221 44.65 -0.95 8.11
C ASN C 221 45.61 -1.10 9.27
N ILE C 222 45.05 -1.26 10.47
CA ILE C 222 45.78 -1.43 11.71
C ILE C 222 45.19 -2.65 12.40
N THR C 223 46.00 -3.69 12.58
CA THR C 223 45.53 -4.88 13.27
C THR C 223 46.27 -5.22 14.54
N ARG C 224 47.43 -4.61 14.78
CA ARG C 224 48.21 -4.85 15.99
C ARG C 224 48.79 -3.53 16.47
N PHE C 225 49.01 -3.41 17.78
CA PHE C 225 49.57 -2.17 18.29
C PHE C 225 50.32 -2.40 19.60
N GLN C 226 50.94 -1.32 20.08
CA GLN C 226 51.73 -1.32 21.30
C GLN C 226 51.36 -0.07 22.09
N THR C 227 52.14 0.23 23.13
CA THR C 227 51.93 1.42 23.94
C THR C 227 53.27 1.88 24.48
N LEU C 228 53.57 3.16 24.29
CA LEU C 228 54.86 3.69 24.72
C LEU C 228 54.82 4.04 26.20
N LEU C 229 55.99 3.93 26.84
CA LEU C 229 56.16 4.20 28.26
C LEU C 229 57.35 5.13 28.44
N ALA C 230 57.64 5.48 29.69
CA ALA C 230 58.75 6.36 30.01
C ALA C 230 59.58 5.74 31.13
N LEU C 231 60.87 5.60 30.88
CA LEU C 231 61.81 5.05 31.85
C LEU C 231 62.51 6.18 32.58
N HIS C 232 62.61 6.07 33.90
CA HIS C 232 63.11 7.16 34.72
C HIS C 232 63.77 6.59 35.98
N ARG C 233 64.73 7.35 36.50
CA ARG C 233 65.40 7.00 37.75
C ARG C 233 65.97 8.28 38.35
N SER C 234 65.86 8.41 39.67
CA SER C 234 66.35 9.60 40.37
C SER C 234 67.87 9.67 40.38
N SER C 242 70.02 -0.35 28.45
CA SER C 242 69.68 0.54 29.54
C SER C 242 68.48 0.02 30.33
N SER C 243 68.63 -1.22 30.83
CA SER C 243 67.54 -1.93 31.50
C SER C 243 67.67 -1.88 33.02
N GLY C 244 68.16 -0.77 33.56
CA GLY C 244 68.28 -0.60 34.99
C GLY C 244 67.31 0.38 35.61
N TRP C 245 66.26 0.79 34.91
CA TRP C 245 65.33 1.80 35.37
C TRP C 245 63.95 1.17 35.53
N THR C 246 63.34 1.35 36.69
CA THR C 246 62.01 0.80 36.95
C THR C 246 60.94 1.70 36.32
N ALA C 247 59.68 1.30 36.50
CA ALA C 247 58.55 2.02 35.95
C ALA C 247 57.69 2.58 37.06
N GLY C 248 57.20 3.80 36.87
CA GLY C 248 56.33 4.42 37.84
C GLY C 248 54.95 3.78 37.89
N ALA C 249 54.23 4.08 38.95
CA ALA C 249 52.96 3.41 39.26
C ALA C 249 51.87 3.94 38.32
N ALA C 250 51.59 3.18 37.26
CA ALA C 250 50.52 3.49 36.33
C ALA C 250 50.12 2.22 35.60
N ALA C 251 48.82 2.11 35.31
CA ALA C 251 48.26 0.98 34.59
C ALA C 251 47.69 1.44 33.25
N TYR C 252 47.34 0.48 32.41
CA TYR C 252 46.65 0.78 31.17
C TYR C 252 45.76 -0.41 30.79
N TYR C 253 44.66 -0.12 30.11
CA TYR C 253 43.62 -1.10 29.84
C TYR C 253 43.42 -1.24 28.34
N VAL C 254 42.91 -2.40 27.92
CA VAL C 254 42.53 -2.64 26.53
C VAL C 254 41.13 -3.22 26.51
N GLY C 255 40.23 -2.59 25.77
CA GLY C 255 38.89 -3.11 25.61
C GLY C 255 38.40 -3.08 24.19
N TYR C 256 38.04 -4.24 23.64
CA TYR C 256 37.65 -4.33 22.24
C TYR C 256 36.25 -3.76 22.01
N LEU C 257 36.12 -2.97 20.95
CA LEU C 257 34.86 -2.34 20.61
C LEU C 257 34.02 -3.25 19.72
N GLN C 258 32.78 -3.46 20.11
CA GLN C 258 31.87 -4.35 19.42
C GLN C 258 30.67 -3.58 18.91
N PRO C 259 30.01 -4.03 17.84
CA PRO C 259 28.90 -3.24 17.28
C PRO C 259 27.62 -3.31 18.11
N ARG C 260 27.53 -2.46 19.12
CA ARG C 260 26.40 -2.43 20.02
C ARG C 260 25.32 -1.46 19.54
N THR C 261 24.29 -1.32 20.36
CA THR C 261 23.20 -0.37 20.14
C THR C 261 22.92 0.29 21.46
N PHE C 262 22.99 1.62 21.52
CA PHE C 262 22.77 2.35 22.75
C PHE C 262 21.60 3.31 22.64
N LEU C 263 20.79 3.40 23.69
CA LEU C 263 20.03 4.60 23.97
C LEU C 263 20.93 5.61 24.66
N LEU C 264 20.95 6.83 24.17
CA LEU C 264 21.83 7.86 24.71
C LEU C 264 20.99 8.95 25.33
N LYS C 265 21.16 9.17 26.62
CA LYS C 265 20.38 10.17 27.35
C LYS C 265 21.06 11.52 27.24
N TYR C 266 20.63 12.32 26.27
CA TYR C 266 21.08 13.69 26.13
C TYR C 266 20.35 14.58 27.12
N ASN C 267 21.09 15.38 27.87
CA ASN C 267 20.49 16.22 28.90
C ASN C 267 20.02 17.54 28.29
N GLU C 268 19.74 18.52 29.15
CA GLU C 268 19.30 19.83 28.70
C GLU C 268 20.40 20.58 27.98
N ASN C 269 21.64 20.47 28.47
CA ASN C 269 22.75 21.11 27.78
C ASN C 269 23.08 20.39 26.48
N GLY C 270 22.94 19.08 26.45
CA GLY C 270 23.23 18.32 25.24
C GLY C 270 24.33 17.30 25.42
N THR C 271 24.58 16.90 26.66
CA THR C 271 25.62 15.93 26.98
C THR C 271 25.00 14.61 27.40
N ILE C 272 25.77 13.54 27.24
CA ILE C 272 25.30 12.18 27.50
C ILE C 272 25.28 11.96 29.01
N THR C 273 24.09 11.90 29.59
CA THR C 273 23.96 11.62 31.02
C THR C 273 23.94 10.13 31.31
N ASP C 274 23.26 9.35 30.46
CA ASP C 274 23.10 7.93 30.71
C ASP C 274 23.12 7.19 29.38
N ALA C 275 23.51 5.92 29.44
CA ALA C 275 23.49 5.05 28.28
C ALA C 275 22.87 3.72 28.66
N VAL C 276 22.17 3.11 27.70
CA VAL C 276 21.49 1.84 27.90
C VAL C 276 21.97 0.87 26.82
N ASP C 277 22.60 -0.22 27.24
CA ASP C 277 23.11 -1.22 26.30
C ASP C 277 21.99 -2.17 25.93
N CYS C 278 21.56 -2.14 24.67
CA CYS C 278 20.32 -2.77 24.23
C CYS C 278 20.46 -4.26 23.98
N ALA C 279 21.56 -4.89 24.36
CA ALA C 279 21.66 -6.34 24.23
C ALA C 279 22.35 -6.98 25.41
N LEU C 280 22.51 -6.27 26.53
CA LEU C 280 23.18 -6.83 27.69
C LEU C 280 22.29 -7.85 28.39
N ASP C 281 21.16 -7.40 28.90
CA ASP C 281 20.20 -8.22 29.63
C ASP C 281 18.83 -7.92 29.03
N PRO C 282 17.82 -8.77 29.27
CA PRO C 282 16.50 -8.49 28.70
C PRO C 282 15.82 -7.24 29.26
N LEU C 283 16.16 -6.81 30.47
CA LEU C 283 15.58 -5.59 31.04
C LEU C 283 15.95 -4.36 30.21
N SER C 284 17.20 -4.28 29.79
CA SER C 284 17.58 -3.18 28.93
C SER C 284 17.07 -3.34 27.51
N GLU C 285 16.77 -4.57 27.07
CA GLU C 285 16.06 -4.73 25.81
C GLU C 285 14.65 -4.14 25.91
N THR C 286 14.00 -4.31 27.05
CA THR C 286 12.71 -3.68 27.27
C THR C 286 12.84 -2.16 27.30
N LYS C 287 13.89 -1.67 27.94
CA LYS C 287 14.17 -0.23 27.97
C LYS C 287 14.40 0.34 26.57
N CYS C 288 15.05 -0.44 25.71
CA CYS C 288 15.33 0.05 24.36
C CYS C 288 14.14 -0.09 23.43
N THR C 289 13.27 -1.08 23.67
CA THR C 289 12.04 -1.17 22.90
C THR C 289 11.08 -0.05 23.26
N LEU C 290 10.94 0.25 24.55
CA LEU C 290 10.03 1.31 24.98
C LEU C 290 10.57 2.72 24.74
N LYS C 291 11.86 2.85 24.40
CA LYS C 291 12.57 4.13 24.35
C LYS C 291 12.42 4.89 25.67
N SER C 292 12.82 4.23 26.75
CA SER C 292 12.69 4.80 28.07
C SER C 292 13.74 4.17 28.97
N PHE C 293 14.10 4.89 30.03
CA PHE C 293 14.95 4.31 31.04
C PHE C 293 14.14 3.69 32.18
N THR C 294 12.93 4.18 32.41
CA THR C 294 12.04 3.65 33.44
C THR C 294 10.99 2.79 32.76
N VAL C 295 11.01 1.49 33.05
CA VAL C 295 10.01 0.55 32.57
C VAL C 295 9.03 0.29 33.71
N GLU C 296 7.74 0.46 33.43
CA GLU C 296 6.70 0.24 34.41
C GLU C 296 6.28 -1.22 34.40
N LYS C 297 5.41 -1.56 35.33
CA LYS C 297 5.09 -2.95 35.62
C LYS C 297 4.23 -3.55 34.52
N GLY C 298 4.53 -4.77 34.14
CA GLY C 298 3.75 -5.48 33.15
C GLY C 298 4.62 -6.47 32.41
N ILE C 299 4.03 -7.09 31.39
CA ILE C 299 4.72 -8.01 30.50
C ILE C 299 4.89 -7.30 29.15
N TYR C 300 6.08 -7.42 28.59
CA TYR C 300 6.44 -6.69 27.37
C TYR C 300 7.04 -7.65 26.37
N GLN C 301 6.49 -7.70 25.17
CA GLN C 301 7.11 -8.42 24.08
C GLN C 301 8.16 -7.53 23.44
N THR C 302 9.42 -7.97 23.46
CA THR C 302 10.53 -7.17 22.94
C THR C 302 11.16 -7.81 21.72
N SER C 303 11.62 -9.05 21.84
CA SER C 303 12.38 -9.70 20.79
C SER C 303 11.58 -10.85 20.18
N ASN C 304 12.23 -11.55 19.26
CA ASN C 304 11.62 -12.66 18.55
C ASN C 304 12.64 -13.77 18.50
N PHE C 305 12.36 -14.88 19.16
CA PHE C 305 13.28 -16.01 19.14
C PHE C 305 13.17 -16.75 17.82
N ARG C 306 14.29 -17.26 17.34
CA ARG C 306 14.35 -17.89 16.03
C ARG C 306 15.56 -18.82 15.99
N VAL C 307 15.33 -20.10 15.76
CA VAL C 307 16.37 -21.10 15.88
C VAL C 307 17.25 -21.06 14.63
N GLN C 308 18.55 -20.83 14.83
CA GLN C 308 19.52 -20.89 13.76
C GLN C 308 19.70 -22.34 13.30
N PRO C 309 19.97 -22.56 12.01
CA PRO C 309 20.09 -23.93 11.52
C PRO C 309 21.41 -24.57 11.93
N THR C 310 21.47 -25.89 11.80
CA THR C 310 22.68 -26.63 12.16
C THR C 310 23.72 -26.57 11.05
N GLU C 311 23.40 -27.12 9.89
CA GLU C 311 24.36 -27.20 8.79
C GLU C 311 23.60 -27.32 7.48
N SER C 312 24.34 -27.32 6.38
CA SER C 312 23.76 -27.45 5.05
C SER C 312 23.68 -28.92 4.67
N ILE C 313 22.54 -29.33 4.13
CA ILE C 313 22.26 -30.72 3.79
C ILE C 313 21.82 -30.80 2.34
N VAL C 314 22.50 -31.64 1.55
CA VAL C 314 22.17 -31.86 0.14
C VAL C 314 21.91 -33.35 -0.06
N ARG C 315 20.77 -33.68 -0.65
CA ARG C 315 20.41 -35.07 -0.96
C ARG C 315 20.10 -35.16 -2.46
N PHE C 316 21.13 -35.37 -3.26
CA PHE C 316 20.98 -35.50 -4.71
C PHE C 316 20.79 -36.97 -5.10
N PRO C 317 19.89 -37.20 -6.04
CA PRO C 317 19.63 -38.56 -6.56
C PRO C 317 20.78 -39.01 -7.45
N ASN C 318 21.10 -40.30 -7.43
CA ASN C 318 22.18 -40.83 -8.26
C ASN C 318 21.85 -40.73 -9.75
N ILE C 319 22.86 -40.44 -10.57
CA ILE C 319 22.68 -40.35 -12.00
C ILE C 319 23.59 -41.37 -12.71
N THR C 320 23.00 -42.17 -13.58
CA THR C 320 23.75 -43.18 -14.34
C THR C 320 24.06 -42.74 -15.78
N ASN C 321 23.69 -41.51 -16.13
CA ASN C 321 23.91 -41.02 -17.48
C ASN C 321 24.90 -39.85 -17.58
N LEU C 322 25.85 -39.96 -18.50
CA LEU C 322 26.85 -38.93 -18.71
C LEU C 322 26.40 -38.01 -19.84
N CYS C 323 26.91 -36.79 -19.83
CA CYS C 323 26.46 -35.87 -20.86
C CYS C 323 27.18 -36.17 -22.18
N PRO C 324 26.50 -36.00 -23.32
CA PRO C 324 27.14 -36.29 -24.61
C PRO C 324 28.17 -35.25 -24.97
N PHE C 325 29.37 -35.40 -24.40
CA PHE C 325 30.49 -34.54 -24.75
C PHE C 325 31.07 -34.93 -26.10
N GLY C 326 30.86 -36.18 -26.53
CA GLY C 326 31.40 -36.63 -27.80
C GLY C 326 30.74 -36.01 -29.00
N GLU C 327 29.42 -35.80 -28.94
CA GLU C 327 28.69 -35.18 -30.04
C GLU C 327 29.03 -33.70 -30.19
N VAL C 328 29.57 -33.08 -29.14
CA VAL C 328 29.86 -31.66 -29.15
C VAL C 328 31.35 -31.38 -29.36
N PHE C 329 32.24 -32.28 -28.93
CA PHE C 329 33.68 -32.10 -29.02
C PHE C 329 34.41 -33.17 -29.81
N ASN C 330 34.00 -34.43 -29.69
CA ASN C 330 34.69 -35.55 -30.33
C ASN C 330 33.95 -36.09 -31.56
N ALA C 331 32.98 -35.35 -32.09
CA ALA C 331 32.30 -35.75 -33.32
C ALA C 331 32.92 -35.02 -34.50
N THR C 332 33.19 -35.78 -35.57
CA THR C 332 33.76 -35.17 -36.76
C THR C 332 32.70 -34.46 -37.59
N ARG C 333 31.46 -34.98 -37.61
CA ARG C 333 30.38 -34.44 -38.43
C ARG C 333 29.89 -33.12 -37.83
N PHE C 334 30.66 -32.06 -38.09
CA PHE C 334 30.29 -30.70 -37.75
C PHE C 334 30.05 -29.94 -39.05
N ALA C 335 28.80 -29.64 -39.34
CA ALA C 335 28.46 -28.90 -40.55
C ALA C 335 28.95 -27.45 -40.43
N SER C 336 29.08 -26.80 -41.57
CA SER C 336 29.67 -25.47 -41.64
C SER C 336 28.69 -24.42 -41.14
N VAL C 337 29.08 -23.14 -41.26
CA VAL C 337 28.27 -22.03 -40.79
C VAL C 337 27.10 -21.74 -41.73
N TYR C 338 27.00 -22.47 -42.84
CA TYR C 338 25.76 -22.59 -43.60
C TYR C 338 24.59 -23.00 -42.69
N ALA C 339 24.80 -24.03 -41.87
CA ALA C 339 23.81 -24.44 -40.87
C ALA C 339 24.54 -25.20 -39.77
N TRP C 340 24.47 -24.71 -38.54
CA TRP C 340 25.17 -25.35 -37.44
C TRP C 340 24.27 -26.42 -36.82
N ASN C 341 24.72 -27.03 -35.72
CA ASN C 341 24.07 -28.20 -35.14
C ASN C 341 24.07 -28.08 -33.64
N ARG C 342 22.88 -27.96 -33.04
CA ARG C 342 22.74 -27.85 -31.59
C ARG C 342 22.35 -29.19 -31.00
N LYS C 343 23.13 -29.64 -30.02
CA LYS C 343 22.97 -30.96 -29.42
C LYS C 343 22.15 -30.87 -28.14
N ARG C 344 21.69 -32.04 -27.68
CA ARG C 344 20.81 -32.16 -26.54
C ARG C 344 21.61 -32.43 -25.27
N ILE C 345 21.39 -31.61 -24.25
CA ILE C 345 21.97 -31.83 -22.92
C ILE C 345 20.80 -31.82 -21.93
N SER C 346 20.27 -33.00 -21.63
CA SER C 346 19.19 -33.16 -20.67
C SER C 346 19.31 -34.53 -20.03
N ASN C 347 19.10 -34.58 -18.71
CA ASN C 347 19.13 -35.80 -17.88
C ASN C 347 20.51 -36.47 -17.94
N CYS C 348 21.52 -35.76 -17.43
CA CYS C 348 22.88 -36.27 -17.40
C CYS C 348 23.67 -35.56 -16.29
N VAL C 349 24.99 -35.69 -16.33
CA VAL C 349 25.88 -35.24 -15.26
C VAL C 349 26.82 -34.17 -15.83
N ALA C 350 26.67 -32.94 -15.35
CA ALA C 350 27.40 -31.78 -15.90
C ALA C 350 28.84 -31.76 -15.40
N ASP C 351 29.63 -32.70 -15.91
CA ASP C 351 31.04 -32.83 -15.56
C ASP C 351 31.80 -31.75 -16.31
N TYR C 352 31.85 -30.56 -15.73
CA TYR C 352 32.36 -29.38 -16.41
C TYR C 352 33.77 -28.98 -15.99
N SER C 353 34.28 -29.51 -14.87
CA SER C 353 35.65 -29.21 -14.48
C SER C 353 36.65 -29.93 -15.37
N VAL C 354 36.29 -31.11 -15.89
CA VAL C 354 37.16 -31.84 -16.80
C VAL C 354 37.21 -31.16 -18.17
N LEU C 355 36.23 -30.32 -18.48
CA LEU C 355 36.30 -29.47 -19.66
C LEU C 355 37.34 -28.36 -19.51
N TYR C 356 37.67 -27.98 -18.28
CA TYR C 356 38.53 -26.84 -18.00
C TYR C 356 39.97 -27.22 -17.66
N ASN C 357 40.18 -28.16 -16.75
CA ASN C 357 41.55 -28.50 -16.35
C ASN C 357 42.29 -29.35 -17.38
N SER C 358 41.57 -29.92 -18.35
CA SER C 358 42.21 -30.58 -19.47
C SER C 358 42.63 -29.53 -20.51
N ALA C 359 43.87 -29.62 -20.97
CA ALA C 359 44.49 -28.60 -21.81
C ALA C 359 44.30 -28.86 -23.30
N SER C 360 43.19 -29.49 -23.69
CA SER C 360 42.92 -29.76 -25.09
C SER C 360 42.29 -28.58 -25.82
N PHE C 361 41.98 -27.49 -25.13
CA PHE C 361 41.31 -26.34 -25.73
C PHE C 361 42.21 -25.12 -25.70
N SER C 362 42.20 -24.36 -26.79
CA SER C 362 43.03 -23.17 -26.94
C SER C 362 42.22 -21.89 -27.01
N THR C 363 41.03 -21.93 -27.62
CA THR C 363 40.12 -20.78 -27.66
C THR C 363 39.01 -21.05 -26.66
N PHE C 364 39.06 -20.37 -25.51
CA PHE C 364 38.10 -20.64 -24.43
C PHE C 364 37.88 -19.34 -23.67
N LYS C 365 36.83 -18.62 -24.04
CA LYS C 365 36.49 -17.34 -23.42
C LYS C 365 35.07 -17.43 -22.89
N CYS C 366 34.87 -17.01 -21.64
CA CYS C 366 33.59 -17.17 -20.95
C CYS C 366 33.16 -15.79 -20.46
N TYR C 367 31.96 -15.36 -20.88
CA TYR C 367 31.57 -13.96 -20.80
C TYR C 367 30.57 -13.68 -19.69
N GLY C 368 29.53 -14.50 -19.57
CA GLY C 368 28.52 -14.29 -18.55
C GLY C 368 29.01 -14.63 -17.16
N VAL C 369 29.39 -15.89 -16.96
CA VAL C 369 29.87 -16.37 -15.68
C VAL C 369 31.25 -16.99 -15.85
N SER C 370 31.99 -17.08 -14.74
CA SER C 370 33.36 -17.59 -14.76
C SER C 370 33.35 -19.12 -14.88
N PRO C 371 34.26 -19.68 -15.68
CA PRO C 371 34.24 -21.14 -15.91
C PRO C 371 34.80 -21.97 -14.76
N THR C 372 35.36 -21.35 -13.72
CA THR C 372 35.96 -22.11 -12.65
C THR C 372 34.92 -22.82 -11.78
N LYS C 373 33.68 -22.34 -11.76
CA LYS C 373 32.63 -22.92 -10.93
C LYS C 373 31.44 -23.42 -11.74
N LEU C 374 31.64 -23.75 -13.02
CA LEU C 374 30.56 -24.32 -13.82
C LEU C 374 30.21 -25.74 -13.39
N ASN C 375 31.14 -26.46 -12.77
CA ASN C 375 30.83 -27.78 -12.25
C ASN C 375 29.95 -27.70 -11.01
N ASP C 376 29.91 -26.55 -10.34
CA ASP C 376 29.15 -26.44 -9.10
C ASP C 376 27.64 -26.43 -9.36
N LEU C 377 27.16 -25.43 -10.10
CA LEU C 377 25.73 -25.20 -10.24
C LEU C 377 25.19 -25.98 -11.43
N CYS C 378 24.12 -26.74 -11.21
CA CYS C 378 23.56 -27.63 -12.22
C CYS C 378 22.35 -26.98 -12.88
N PHE C 379 22.19 -27.24 -14.18
CA PHE C 379 21.37 -26.42 -15.06
C PHE C 379 20.24 -27.24 -15.68
N THR C 380 19.24 -26.54 -16.24
CA THR C 380 18.09 -27.19 -16.87
C THR C 380 18.40 -27.63 -18.30
N ASN C 381 18.68 -26.67 -19.17
CA ASN C 381 19.01 -26.93 -20.57
C ASN C 381 20.28 -26.17 -20.93
N VAL C 382 21.25 -26.90 -21.47
CA VAL C 382 22.54 -26.35 -21.85
C VAL C 382 22.67 -26.53 -23.36
N TYR C 383 22.85 -25.42 -24.08
CA TYR C 383 22.81 -25.41 -25.54
C TYR C 383 24.20 -25.11 -26.11
N ALA C 384 24.58 -25.87 -27.14
CA ALA C 384 25.90 -25.77 -27.74
C ALA C 384 25.76 -25.61 -29.24
N ASP C 385 26.28 -24.51 -29.78
CA ASP C 385 26.23 -24.23 -31.21
C ASP C 385 27.60 -24.49 -31.80
N SER C 386 27.74 -25.60 -32.54
CA SER C 386 29.02 -26.06 -33.05
C SER C 386 29.02 -25.98 -34.58
N PHE C 387 30.06 -25.34 -35.13
CA PHE C 387 30.15 -25.11 -36.57
C PHE C 387 31.62 -24.96 -36.95
N VAL C 388 31.87 -24.85 -38.26
CA VAL C 388 33.21 -24.75 -38.81
C VAL C 388 33.32 -23.46 -39.61
N ILE C 389 34.24 -22.58 -39.18
CA ILE C 389 34.53 -21.35 -39.89
C ILE C 389 36.03 -21.27 -40.16
N ARG C 390 36.42 -20.20 -40.84
CA ARG C 390 37.81 -19.91 -41.14
C ARG C 390 38.47 -19.29 -39.91
N GLY C 391 39.79 -19.48 -39.80
CA GLY C 391 40.48 -19.12 -38.57
C GLY C 391 40.62 -17.63 -38.32
N ASP C 392 40.60 -16.82 -39.38
CA ASP C 392 40.64 -15.38 -39.18
C ASP C 392 39.28 -14.77 -38.91
N GLU C 393 38.21 -15.57 -39.02
CA GLU C 393 36.85 -15.12 -38.78
C GLU C 393 36.37 -15.39 -37.36
N VAL C 394 37.28 -15.78 -36.46
CA VAL C 394 36.87 -16.17 -35.11
C VAL C 394 36.56 -14.93 -34.27
N ARG C 395 37.27 -13.83 -34.49
CA ARG C 395 37.15 -12.65 -33.64
C ARG C 395 35.94 -11.75 -33.97
N GLN C 396 34.93 -12.27 -34.66
CA GLN C 396 33.69 -11.54 -34.90
C GLN C 396 32.48 -12.25 -34.31
N ILE C 397 32.67 -13.25 -33.45
CA ILE C 397 31.56 -13.93 -32.79
C ILE C 397 31.30 -13.16 -31.51
N ALA C 398 30.55 -12.06 -31.64
CA ALA C 398 30.32 -11.17 -30.52
C ALA C 398 28.97 -10.50 -30.70
N PRO C 399 28.24 -10.23 -29.61
CA PRO C 399 26.93 -9.57 -29.75
C PRO C 399 27.08 -8.09 -30.07
N GLY C 400 26.30 -7.62 -31.02
CA GLY C 400 26.28 -6.23 -31.41
C GLY C 400 27.31 -5.84 -32.46
N GLN C 401 28.30 -6.68 -32.70
CA GLN C 401 29.37 -6.33 -33.63
C GLN C 401 28.93 -6.58 -35.08
N THR C 402 29.78 -6.14 -36.00
CA THR C 402 29.58 -6.34 -37.44
C THR C 402 30.70 -7.20 -38.00
N GLY C 403 30.62 -7.47 -39.30
CA GLY C 403 31.59 -8.28 -40.01
C GLY C 403 30.91 -9.37 -40.81
N LYS C 404 31.73 -10.27 -41.35
CA LYS C 404 31.20 -11.33 -42.20
C LYS C 404 30.44 -12.37 -41.39
N ILE C 405 30.96 -12.73 -40.22
CA ILE C 405 30.25 -13.67 -39.35
C ILE C 405 29.01 -13.01 -38.74
N ALA C 406 29.08 -11.71 -38.45
CA ALA C 406 28.06 -11.05 -37.65
C ALA C 406 26.95 -10.41 -38.49
N ASP C 407 26.93 -10.62 -39.80
CA ASP C 407 25.88 -10.01 -40.62
C ASP C 407 25.09 -11.01 -41.45
N TYR C 408 25.75 -12.00 -42.05
CA TYR C 408 25.14 -12.83 -43.07
C TYR C 408 24.70 -14.20 -42.58
N ASN C 409 25.40 -14.76 -41.60
CA ASN C 409 25.21 -16.16 -41.22
C ASN C 409 25.08 -16.43 -39.73
N TYR C 410 25.40 -15.48 -38.86
CA TYR C 410 25.34 -15.74 -37.43
C TYR C 410 25.13 -14.43 -36.68
N LYS C 411 24.51 -14.53 -35.50
CA LYS C 411 24.29 -13.38 -34.63
C LYS C 411 24.08 -13.87 -33.20
N LEU C 412 24.69 -13.15 -32.22
CA LEU C 412 24.59 -13.40 -30.79
C LEU C 412 23.67 -12.39 -30.10
N PRO C 413 23.04 -12.76 -28.99
CA PRO C 413 22.32 -11.79 -28.18
C PRO C 413 23.21 -11.15 -27.11
N ASP C 414 22.76 -9.99 -26.63
CA ASP C 414 23.54 -9.19 -25.69
C ASP C 414 23.56 -9.77 -24.28
N ASP C 415 22.63 -10.66 -23.94
CA ASP C 415 22.58 -11.30 -22.63
C ASP C 415 23.18 -12.70 -22.65
N PHE C 416 24.22 -12.92 -23.45
CA PHE C 416 24.76 -14.25 -23.67
C PHE C 416 25.61 -14.69 -22.49
N THR C 417 25.33 -15.89 -21.99
CA THR C 417 26.19 -16.56 -21.02
C THR C 417 26.68 -17.87 -21.61
N GLY C 418 27.78 -18.37 -21.06
CA GLY C 418 28.39 -19.58 -21.56
C GLY C 418 29.83 -19.36 -21.99
N CYS C 419 30.32 -20.20 -22.89
CA CYS C 419 31.71 -20.15 -23.32
C CYS C 419 31.79 -20.48 -24.80
N VAL C 420 32.77 -19.90 -25.48
CA VAL C 420 32.99 -20.11 -26.91
C VAL C 420 34.23 -20.99 -27.03
N ILE C 421 34.02 -22.26 -27.37
CA ILE C 421 35.06 -23.29 -27.28
C ILE C 421 35.51 -23.66 -28.69
N ALA C 422 36.82 -23.57 -28.93
CA ALA C 422 37.42 -24.12 -30.14
C ALA C 422 38.86 -24.52 -29.81
N TRP C 423 39.48 -25.24 -30.73
CA TRP C 423 40.84 -25.69 -30.54
C TRP C 423 41.49 -25.91 -31.90
N ASN C 424 42.77 -26.27 -31.88
CA ASN C 424 43.54 -26.49 -33.12
C ASN C 424 43.02 -27.74 -33.81
N SER C 425 42.30 -27.55 -34.91
CA SER C 425 41.66 -28.62 -35.66
C SER C 425 42.09 -28.57 -37.11
N ASN C 426 43.41 -28.48 -37.33
CA ASN C 426 43.95 -28.55 -38.68
C ASN C 426 43.95 -29.99 -39.21
N ASN C 427 44.18 -30.97 -38.33
CA ASN C 427 44.17 -32.38 -38.71
C ASN C 427 42.77 -32.96 -38.80
N LEU C 428 41.75 -32.23 -38.33
CA LEU C 428 40.43 -32.81 -38.13
C LEU C 428 39.46 -32.57 -39.27
N ASP C 429 39.66 -31.53 -40.07
CA ASP C 429 38.74 -31.22 -41.16
C ASP C 429 39.41 -31.01 -42.52
N SER C 430 40.72 -30.80 -42.56
CA SER C 430 41.37 -30.37 -43.80
C SER C 430 41.60 -31.54 -44.75
N LYS C 431 41.37 -31.29 -46.03
CA LYS C 431 41.57 -32.25 -47.12
C LYS C 431 42.74 -31.76 -47.97
N VAL C 432 43.31 -32.68 -48.76
CA VAL C 432 44.55 -32.42 -49.49
C VAL C 432 44.35 -31.33 -50.55
N GLY C 433 43.33 -31.50 -51.40
CA GLY C 433 43.02 -30.46 -52.35
C GLY C 433 42.18 -29.33 -51.79
N GLY C 434 41.71 -29.47 -50.55
CA GLY C 434 40.79 -28.52 -49.94
C GLY C 434 39.50 -29.26 -49.66
N ASN C 435 38.95 -29.06 -48.47
CA ASN C 435 37.71 -29.74 -48.09
C ASN C 435 36.55 -28.88 -48.57
N TYR C 436 36.31 -28.95 -49.88
CA TYR C 436 35.21 -28.25 -50.53
C TYR C 436 33.86 -28.93 -50.32
N ASN C 437 33.83 -30.02 -49.55
CA ASN C 437 32.59 -30.65 -49.15
C ASN C 437 31.88 -29.87 -48.05
N TYR C 438 32.58 -28.95 -47.38
CA TYR C 438 31.99 -28.04 -46.42
C TYR C 438 31.49 -26.82 -47.18
N LEU C 439 30.32 -26.96 -47.79
CA LEU C 439 29.70 -25.87 -48.54
C LEU C 439 29.13 -24.84 -47.57
N TYR C 440 29.25 -23.58 -47.96
CA TYR C 440 28.77 -22.49 -47.11
C TYR C 440 28.22 -21.40 -48.01
N ARG C 441 27.34 -20.57 -47.45
CA ARG C 441 26.80 -19.42 -48.15
C ARG C 441 27.59 -18.19 -47.74
N LEU C 442 28.24 -17.55 -48.71
CA LEU C 442 29.12 -16.43 -48.44
C LEU C 442 28.33 -15.16 -48.13
N PHE C 443 27.43 -14.77 -49.03
CA PHE C 443 26.72 -13.50 -48.94
C PHE C 443 25.24 -13.72 -48.61
N ARG C 444 24.58 -12.61 -48.29
CA ARG C 444 23.21 -12.59 -47.81
C ARG C 444 22.71 -11.16 -47.93
N LYS C 445 21.39 -10.99 -48.04
CA LYS C 445 20.76 -9.68 -48.18
C LYS C 445 21.01 -8.76 -46.99
N SER C 446 20.49 -9.13 -45.82
CA SER C 446 20.51 -8.22 -44.67
C SER C 446 21.04 -8.90 -43.41
N ASN C 447 20.92 -8.22 -42.27
CA ASN C 447 21.36 -8.79 -41.01
C ASN C 447 20.42 -9.90 -40.57
N LEU C 448 20.99 -11.01 -40.14
CA LEU C 448 20.22 -12.22 -39.86
C LEU C 448 19.62 -12.17 -38.46
N LYS C 449 18.47 -12.81 -38.31
CA LYS C 449 17.89 -12.99 -36.98
C LYS C 449 18.73 -14.03 -36.20
N PRO C 450 18.97 -13.79 -34.91
CA PRO C 450 19.83 -14.70 -34.15
C PRO C 450 19.14 -16.02 -33.84
N PHE C 451 19.97 -17.08 -33.75
CA PHE C 451 19.55 -18.48 -33.60
C PHE C 451 18.61 -18.92 -34.72
N GLU C 452 18.83 -18.39 -35.92
CA GLU C 452 18.06 -18.73 -37.11
C GLU C 452 19.05 -19.20 -38.18
N ARG C 453 19.14 -20.51 -38.36
CA ARG C 453 20.08 -21.08 -39.32
C ARG C 453 19.61 -20.79 -40.74
N ASP C 454 20.55 -20.72 -41.67
CA ASP C 454 20.28 -20.37 -43.05
C ASP C 454 20.08 -21.65 -43.85
N ILE C 455 18.84 -21.91 -44.26
CA ILE C 455 18.50 -23.07 -45.06
C ILE C 455 17.91 -22.71 -46.42
N SER C 456 17.71 -21.42 -46.70
CA SER C 456 17.09 -21.01 -47.94
C SER C 456 18.10 -21.04 -49.09
N THR C 457 17.58 -21.07 -50.31
CA THR C 457 18.37 -21.13 -51.54
C THR C 457 17.94 -20.01 -52.49
N GLU C 458 17.86 -18.78 -51.95
CA GLU C 458 17.37 -17.64 -52.71
C GLU C 458 18.55 -16.88 -53.33
N ILE C 459 18.32 -16.33 -54.52
CA ILE C 459 19.35 -15.61 -55.26
C ILE C 459 19.57 -14.24 -54.63
N TYR C 460 20.83 -13.89 -54.42
CA TYR C 460 21.20 -12.57 -53.90
C TYR C 460 21.07 -11.53 -55.01
N GLN C 461 19.86 -11.00 -55.16
CA GLN C 461 19.62 -9.95 -56.14
C GLN C 461 20.03 -8.60 -55.58
N ALA C 462 20.88 -7.88 -56.32
CA ALA C 462 21.40 -6.60 -55.87
C ALA C 462 20.60 -5.42 -56.44
N GLY C 463 20.34 -5.42 -57.74
CA GLY C 463 19.59 -4.35 -58.37
C GLY C 463 18.10 -4.62 -58.46
N SER C 464 17.48 -4.22 -59.57
CA SER C 464 16.06 -4.43 -59.79
C SER C 464 15.79 -5.34 -60.99
N THR C 465 16.81 -6.05 -61.46
CA THR C 465 16.65 -6.99 -62.56
C THR C 465 16.88 -8.41 -62.03
N PRO C 466 15.82 -9.20 -61.84
CA PRO C 466 15.98 -10.55 -61.31
C PRO C 466 16.53 -11.52 -62.35
N CYS C 467 16.84 -12.73 -61.88
CA CYS C 467 17.47 -13.74 -62.72
C CYS C 467 16.63 -15.00 -62.89
N ASN C 468 15.41 -15.03 -62.34
CA ASN C 468 14.46 -16.14 -62.42
C ASN C 468 15.03 -17.43 -61.82
N GLY C 469 15.90 -17.31 -60.81
CA GLY C 469 16.30 -18.43 -59.99
C GLY C 469 17.59 -19.13 -60.37
N VAL C 470 18.34 -18.62 -61.35
CA VAL C 470 19.53 -19.32 -61.84
C VAL C 470 20.76 -18.42 -61.73
N GLU C 471 21.90 -18.93 -62.16
CA GLU C 471 23.17 -18.21 -62.13
C GLU C 471 23.42 -17.51 -63.48
N GLY C 472 24.48 -16.71 -63.51
CA GLY C 472 24.83 -15.96 -64.70
C GLY C 472 25.31 -14.55 -64.44
N PHE C 473 25.11 -13.67 -65.42
CA PHE C 473 25.56 -12.28 -65.35
C PHE C 473 24.65 -11.49 -64.39
N ASN C 474 25.26 -10.94 -63.34
CA ASN C 474 24.56 -10.29 -62.22
C ASN C 474 23.50 -11.19 -61.60
N CYS C 475 23.85 -12.46 -61.41
CA CYS C 475 22.97 -13.47 -60.82
C CYS C 475 23.77 -14.11 -59.69
N TYR C 476 23.70 -13.52 -58.50
CA TYR C 476 24.59 -13.88 -57.40
C TYR C 476 23.99 -15.02 -56.60
N PHE C 477 24.57 -16.21 -56.74
CA PHE C 477 24.22 -17.37 -55.94
C PHE C 477 25.39 -17.65 -55.00
N PRO C 478 25.37 -17.13 -53.77
CA PRO C 478 26.59 -17.06 -52.96
C PRO C 478 26.95 -18.35 -52.23
N LEU C 479 26.39 -19.49 -52.60
CA LEU C 479 26.76 -20.76 -51.98
C LEU C 479 28.15 -21.15 -52.48
N GLN C 480 29.17 -20.78 -51.70
CA GLN C 480 30.56 -21.00 -52.05
C GLN C 480 31.05 -22.30 -51.40
N SER C 481 32.36 -22.49 -51.43
CA SER C 481 32.96 -23.73 -50.95
C SER C 481 34.26 -23.41 -50.23
N TYR C 482 34.45 -24.08 -49.09
CA TYR C 482 35.62 -23.86 -48.25
C TYR C 482 36.85 -24.54 -48.83
N GLY C 483 37.90 -23.76 -49.03
CA GLY C 483 39.17 -24.36 -49.38
C GLY C 483 39.96 -24.67 -48.12
N PHE C 484 39.81 -25.89 -47.62
CA PHE C 484 40.53 -26.31 -46.42
C PHE C 484 41.75 -27.15 -46.78
N GLN C 485 42.66 -26.50 -47.49
CA GLN C 485 43.96 -27.08 -47.77
C GLN C 485 44.81 -27.02 -46.51
N PRO C 486 45.64 -28.04 -46.24
CA PRO C 486 46.36 -28.07 -44.97
C PRO C 486 47.49 -27.06 -44.88
N THR C 487 48.00 -26.58 -46.01
CA THR C 487 49.11 -25.63 -46.04
C THR C 487 48.64 -24.18 -45.95
N ASN C 488 47.48 -23.93 -45.38
CA ASN C 488 46.96 -22.57 -45.26
C ASN C 488 47.62 -21.86 -44.07
N GLY C 489 47.20 -20.62 -43.83
CA GLY C 489 47.80 -19.80 -42.80
C GLY C 489 47.30 -20.14 -41.40
N VAL C 490 47.61 -19.24 -40.47
CA VAL C 490 47.12 -19.38 -39.11
C VAL C 490 45.69 -18.88 -38.98
N GLY C 491 45.21 -18.10 -39.94
CA GLY C 491 43.83 -17.64 -39.97
C GLY C 491 42.99 -18.22 -41.08
N TYR C 492 43.51 -19.18 -41.84
CA TYR C 492 42.77 -19.84 -42.91
C TYR C 492 42.56 -21.32 -42.58
N GLN C 493 42.31 -21.63 -41.30
CA GLN C 493 42.15 -23.00 -40.84
C GLN C 493 40.70 -23.29 -40.44
N PRO C 494 40.24 -24.52 -40.63
CA PRO C 494 38.94 -24.91 -40.07
C PRO C 494 39.02 -25.09 -38.56
N TYR C 495 38.16 -24.39 -37.83
CA TYR C 495 38.06 -24.53 -36.38
C TYR C 495 36.71 -25.08 -36.00
N ARG C 496 36.70 -26.03 -35.05
CA ARG C 496 35.47 -26.59 -34.50
C ARG C 496 34.95 -25.66 -33.40
N VAL C 497 34.40 -24.53 -33.83
CA VAL C 497 33.98 -23.47 -32.91
C VAL C 497 32.65 -23.89 -32.27
N VAL C 498 32.67 -24.13 -30.97
CA VAL C 498 31.49 -24.48 -30.20
C VAL C 498 31.04 -23.24 -29.44
N VAL C 499 29.77 -22.86 -29.60
CA VAL C 499 29.20 -21.73 -28.88
C VAL C 499 28.28 -22.32 -27.82
N LEU C 500 28.77 -22.43 -26.59
CA LEU C 500 28.04 -23.07 -25.51
C LEU C 500 27.22 -22.04 -24.75
N SER C 501 25.99 -22.43 -24.39
CA SER C 501 25.11 -21.57 -23.61
C SER C 501 24.25 -22.45 -22.72
N PHE C 502 23.69 -21.84 -21.68
CA PHE C 502 22.83 -22.57 -20.75
C PHE C 502 21.70 -21.67 -20.30
N GLU C 503 20.73 -22.27 -19.61
CA GLU C 503 19.62 -21.51 -19.04
C GLU C 503 19.08 -22.31 -17.84
N LEU C 504 19.47 -21.90 -16.65
CA LEU C 504 18.76 -22.26 -15.43
C LEU C 504 17.76 -21.13 -15.16
N LEU C 505 17.19 -21.10 -13.95
CA LEU C 505 16.55 -19.94 -13.33
C LEU C 505 15.21 -19.57 -13.97
N HIS C 506 14.59 -20.50 -14.68
CA HIS C 506 13.21 -20.36 -15.12
C HIS C 506 12.40 -21.63 -14.98
N ALA C 507 12.99 -22.72 -14.50
CA ALA C 507 12.42 -24.05 -14.61
C ALA C 507 13.21 -24.99 -13.70
N PRO C 508 12.63 -26.13 -13.33
CA PRO C 508 13.45 -27.18 -12.68
C PRO C 508 14.38 -27.84 -13.69
N ALA C 509 15.39 -28.52 -13.16
CA ALA C 509 16.54 -28.95 -13.94
C ALA C 509 16.61 -30.46 -14.08
N THR C 510 17.21 -30.90 -15.19
CA THR C 510 17.40 -32.30 -15.51
C THR C 510 18.86 -32.74 -15.46
N VAL C 511 19.80 -31.87 -15.81
CA VAL C 511 21.23 -32.18 -15.74
C VAL C 511 21.66 -31.76 -14.33
N CYS C 512 21.56 -32.66 -13.38
CA CYS C 512 22.04 -32.40 -12.03
C CYS C 512 22.77 -33.61 -11.49
N GLY C 513 23.09 -33.55 -10.20
CA GLY C 513 24.21 -34.25 -9.62
C GLY C 513 25.50 -34.20 -10.43
N PRO C 514 26.14 -33.00 -10.62
CA PRO C 514 27.48 -33.00 -11.23
C PRO C 514 28.57 -33.20 -10.19
N LYS C 515 28.26 -32.89 -8.93
CA LYS C 515 29.20 -33.10 -7.83
C LYS C 515 28.56 -33.91 -6.70
N LYS C 516 29.27 -34.00 -5.59
CA LYS C 516 28.90 -34.91 -4.52
C LYS C 516 27.82 -34.32 -3.62
N SER C 517 26.94 -35.18 -3.13
CA SER C 517 25.90 -34.82 -2.17
C SER C 517 26.42 -34.93 -0.75
N THR C 518 25.53 -34.68 0.21
CA THR C 518 25.80 -34.85 1.63
C THR C 518 24.85 -35.90 2.21
N ASN C 519 24.84 -36.03 3.53
CA ASN C 519 24.08 -37.06 4.22
C ASN C 519 22.84 -36.47 4.89
N LEU C 520 21.98 -37.38 5.34
CA LEU C 520 20.73 -37.02 5.98
C LEU C 520 20.95 -36.70 7.45
N VAL C 521 20.29 -35.64 7.94
CA VAL C 521 20.22 -35.32 9.35
C VAL C 521 18.75 -35.09 9.70
N LYS C 522 18.20 -35.94 10.56
CA LYS C 522 16.81 -35.82 10.96
C LYS C 522 16.71 -35.24 12.37
N ASN C 523 15.49 -34.80 12.71
CA ASN C 523 15.09 -34.33 14.04
C ASN C 523 15.91 -33.12 14.50
N LYS C 524 16.41 -32.34 13.55
CA LYS C 524 17.22 -31.17 13.86
C LYS C 524 16.87 -30.06 12.88
N CYS C 525 16.99 -28.82 13.35
CA CYS C 525 16.81 -27.67 12.47
C CYS C 525 18.00 -27.59 11.54
N VAL C 526 17.86 -28.14 10.34
CA VAL C 526 18.95 -28.15 9.37
C VAL C 526 18.57 -27.31 8.17
N ASN C 527 19.51 -27.15 7.25
CA ASN C 527 19.29 -26.41 6.02
C ASN C 527 19.36 -27.43 4.88
N PHE C 528 18.22 -27.72 4.28
CA PHE C 528 18.14 -28.72 3.24
C PHE C 528 18.26 -28.09 1.86
N ASN C 529 18.85 -28.83 0.94
CA ASN C 529 18.93 -28.44 -0.46
C ASN C 529 18.62 -29.66 -1.30
N PHE C 530 17.50 -29.62 -2.00
CA PHE C 530 17.10 -30.67 -2.92
C PHE C 530 17.36 -30.20 -4.35
N ASN C 531 16.83 -30.94 -5.33
CA ASN C 531 17.05 -30.62 -6.74
C ASN C 531 16.52 -29.25 -7.09
N GLY C 532 15.21 -29.06 -6.97
CA GLY C 532 14.63 -27.76 -7.25
C GLY C 532 14.30 -26.99 -5.99
N LEU C 533 13.96 -27.72 -4.94
CA LEU C 533 13.45 -27.12 -3.71
C LEU C 533 14.59 -26.83 -2.75
N THR C 534 14.59 -25.63 -2.20
CA THR C 534 15.50 -25.23 -1.14
C THR C 534 14.68 -24.88 0.10
N GLY C 535 15.34 -24.37 1.13
CA GLY C 535 14.67 -23.94 2.34
C GLY C 535 15.35 -24.45 3.58
N THR C 536 14.74 -24.13 4.72
CA THR C 536 15.28 -24.45 6.03
C THR C 536 14.15 -25.01 6.89
N GLY C 537 14.40 -26.11 7.58
CA GLY C 537 13.36 -26.68 8.43
C GLY C 537 13.86 -27.93 9.13
N VAL C 538 12.97 -28.48 9.96
CA VAL C 538 13.23 -29.71 10.68
C VAL C 538 12.68 -30.87 9.86
N LEU C 539 13.53 -31.84 9.55
CA LEU C 539 13.17 -32.93 8.65
C LEU C 539 12.76 -34.15 9.47
N THR C 540 11.55 -34.10 10.02
CA THR C 540 11.05 -35.22 10.80
C THR C 540 10.63 -36.36 9.87
N GLU C 541 10.41 -37.52 10.48
CA GLU C 541 9.96 -38.70 9.75
C GLU C 541 8.44 -38.70 9.69
N SER C 542 7.89 -38.99 8.53
CA SER C 542 6.46 -38.90 8.28
C SER C 542 5.82 -40.26 8.14
N ASN C 543 4.51 -40.28 8.31
CA ASN C 543 3.68 -41.45 8.07
C ASN C 543 2.79 -41.28 6.85
N LYS C 544 3.08 -40.27 6.01
CA LYS C 544 2.37 -40.08 4.77
C LYS C 544 2.84 -41.09 3.73
N LYS C 545 2.20 -41.08 2.57
CA LYS C 545 2.42 -42.11 1.56
C LYS C 545 2.11 -41.50 0.20
N PHE C 546 3.15 -41.12 -0.53
CA PHE C 546 2.94 -40.45 -1.81
C PHE C 546 2.49 -41.42 -2.88
N LEU C 547 1.94 -40.85 -3.96
CA LEU C 547 1.80 -41.58 -5.20
C LEU C 547 3.18 -41.86 -5.79
N PRO C 548 3.35 -42.97 -6.54
CA PRO C 548 4.71 -43.43 -6.89
C PRO C 548 5.54 -42.54 -7.83
N PHE C 549 5.04 -41.37 -8.20
CA PHE C 549 5.81 -40.41 -8.97
C PHE C 549 6.01 -39.09 -8.26
N GLN C 550 5.25 -38.81 -7.20
CA GLN C 550 5.20 -37.47 -6.63
C GLN C 550 6.45 -37.15 -5.83
N GLN C 551 6.91 -35.91 -5.96
CA GLN C 551 8.20 -35.46 -5.44
C GLN C 551 8.11 -34.82 -4.08
N PHE C 552 7.14 -33.93 -3.86
CA PHE C 552 6.99 -33.27 -2.57
C PHE C 552 5.51 -33.08 -2.27
N GLY C 553 5.23 -32.32 -1.22
CA GLY C 553 3.86 -32.12 -0.77
C GLY C 553 3.60 -30.66 -0.45
N ARG C 554 2.32 -30.33 -0.39
CA ARG C 554 1.88 -29.01 0.01
C ARG C 554 0.81 -29.13 1.08
N ASP C 555 0.44 -27.99 1.64
CA ASP C 555 -0.59 -27.90 2.65
C ASP C 555 -1.70 -27.01 2.09
N ILE C 556 -2.67 -26.68 2.93
CA ILE C 556 -3.76 -25.78 2.52
C ILE C 556 -3.22 -24.39 2.22
N ALA C 557 -2.19 -23.98 2.96
CA ALA C 557 -1.60 -22.66 2.87
C ALA C 557 -0.56 -22.53 1.75
N ASP C 558 -0.49 -23.52 0.85
CA ASP C 558 0.48 -23.59 -0.25
C ASP C 558 1.92 -23.55 0.28
N THR C 559 2.15 -24.19 1.41
CA THR C 559 3.46 -24.32 2.01
C THR C 559 3.92 -25.75 1.88
N THR C 560 5.21 -25.95 1.65
CA THR C 560 5.76 -27.30 1.52
C THR C 560 5.75 -27.96 2.89
N ASP C 561 4.82 -28.87 3.11
CA ASP C 561 4.72 -29.55 4.40
C ASP C 561 5.39 -30.92 4.41
N ALA C 562 5.71 -31.47 3.25
CA ALA C 562 6.32 -32.79 3.18
C ALA C 562 7.11 -32.91 1.90
N VAL C 563 8.16 -33.75 1.94
CA VAL C 563 8.95 -34.07 0.77
C VAL C 563 9.24 -35.56 0.74
N ARG C 564 9.65 -36.02 -0.43
CA ARG C 564 10.21 -37.34 -0.63
C ARG C 564 11.70 -37.16 -0.92
N ASP C 565 12.53 -37.98 -0.28
CA ASP C 565 13.96 -37.88 -0.49
C ASP C 565 14.32 -38.31 -1.90
N PRO C 566 15.12 -37.52 -2.62
CA PRO C 566 15.41 -37.87 -4.02
C PRO C 566 16.31 -39.08 -4.15
N GLN C 567 17.18 -39.33 -3.18
CA GLN C 567 18.16 -40.40 -3.33
C GLN C 567 17.57 -41.74 -2.96
N THR C 568 16.88 -41.81 -1.82
CA THR C 568 16.24 -43.02 -1.35
C THR C 568 14.74 -42.77 -1.21
N LEU C 569 13.95 -43.77 -1.59
CA LEU C 569 12.50 -43.62 -1.64
C LEU C 569 11.94 -43.67 -0.23
N GLU C 570 11.85 -42.50 0.39
CA GLU C 570 11.28 -42.35 1.73
C GLU C 570 10.64 -40.97 1.81
N ILE C 571 9.65 -40.84 2.70
CA ILE C 571 8.86 -39.62 2.80
C ILE C 571 9.26 -38.90 4.07
N LEU C 572 9.94 -37.78 3.93
CA LEU C 572 10.31 -36.93 5.06
C LEU C 572 9.13 -36.02 5.40
N ASP C 573 9.36 -35.02 6.25
CA ASP C 573 8.27 -34.17 6.71
C ASP C 573 8.85 -32.83 7.15
N ILE C 574 8.64 -31.79 6.36
CA ILE C 574 9.17 -30.47 6.68
C ILE C 574 8.27 -29.80 7.71
N THR C 575 8.84 -29.43 8.84
CA THR C 575 8.19 -28.62 9.86
C THR C 575 9.19 -27.52 10.21
N PRO C 576 8.77 -26.25 10.23
CA PRO C 576 9.73 -25.16 10.42
C PRO C 576 10.35 -25.15 11.81
N CYS C 577 11.47 -24.45 11.91
CA CYS C 577 12.22 -24.42 13.15
C CYS C 577 11.50 -23.58 14.20
N SER C 578 11.75 -23.90 15.47
CA SER C 578 10.89 -23.45 16.58
C SER C 578 11.11 -21.97 16.87
N PHE C 579 10.43 -21.14 16.10
CA PHE C 579 10.45 -19.71 16.34
C PHE C 579 9.33 -19.34 17.32
N GLY C 580 9.35 -18.09 17.77
CA GLY C 580 8.35 -17.61 18.68
C GLY C 580 8.78 -16.32 19.32
N GLY C 581 7.80 -15.62 19.90
CA GLY C 581 8.08 -14.35 20.53
C GLY C 581 8.75 -14.50 21.89
N VAL C 582 9.44 -13.44 22.29
CA VAL C 582 10.10 -13.37 23.60
C VAL C 582 9.45 -12.23 24.37
N SER C 583 8.86 -12.56 25.51
CA SER C 583 8.24 -11.57 26.36
C SER C 583 9.07 -11.40 27.62
N VAL C 584 9.12 -10.17 28.13
CA VAL C 584 9.89 -9.84 29.31
C VAL C 584 8.93 -9.44 30.41
N ILE C 585 8.73 -10.34 31.37
CA ILE C 585 7.87 -10.04 32.51
C ILE C 585 8.67 -9.23 33.52
N THR C 586 8.15 -8.08 33.90
CA THR C 586 8.87 -7.26 34.85
C THR C 586 7.90 -6.61 35.84
N PRO C 587 8.34 -6.43 37.08
CA PRO C 587 7.73 -5.39 37.91
C PRO C 587 8.29 -4.03 37.54
N GLY C 588 7.94 -2.99 38.28
CA GLY C 588 8.43 -1.67 37.94
C GLY C 588 9.92 -1.55 38.16
N THR C 589 10.58 -0.78 37.29
CA THR C 589 11.96 -0.37 37.55
C THR C 589 12.01 0.51 38.80
N ASN C 590 10.94 1.25 39.08
CA ASN C 590 10.74 1.96 40.33
C ASN C 590 10.45 1.02 41.50
N THR C 591 10.40 -0.29 41.29
CA THR C 591 10.28 -1.27 42.34
C THR C 591 11.49 -2.19 42.43
N SER C 592 11.91 -2.79 41.32
CA SER C 592 13.01 -3.74 41.34
C SER C 592 13.64 -3.86 39.96
N ASN C 593 14.63 -4.74 39.85
CA ASN C 593 15.27 -5.05 38.57
C ASN C 593 15.35 -6.55 38.31
N GLN C 594 14.71 -7.36 39.13
CA GLN C 594 14.60 -8.79 38.85
C GLN C 594 13.61 -8.99 37.71
N VAL C 595 13.95 -9.89 36.79
CA VAL C 595 13.27 -10.00 35.50
C VAL C 595 13.13 -11.46 35.11
N ALA C 596 11.91 -11.87 34.75
CA ALA C 596 11.66 -13.14 34.10
C ALA C 596 11.44 -12.93 32.61
N VAL C 597 11.54 -14.02 31.84
CA VAL C 597 11.50 -13.96 30.38
C VAL C 597 10.63 -15.10 29.86
N LEU C 598 9.62 -14.76 29.07
CA LEU C 598 8.69 -15.74 28.50
C LEU C 598 9.09 -16.09 27.08
N TYR C 599 9.12 -17.39 26.78
CA TYR C 599 9.39 -17.90 25.43
C TYR C 599 8.10 -18.46 24.86
N GLN C 600 7.40 -17.66 24.06
CA GLN C 600 6.06 -18.01 23.64
C GLN C 600 6.09 -19.12 22.59
N ASP C 601 5.14 -20.04 22.72
CA ASP C 601 4.76 -21.08 21.75
C ASP C 601 5.80 -22.21 21.64
N VAL C 602 6.96 -22.06 22.28
CA VAL C 602 7.98 -23.08 22.27
C VAL C 602 8.30 -23.45 23.71
N ASN C 603 8.88 -24.63 23.89
CA ASN C 603 9.24 -25.04 25.23
C ASN C 603 10.76 -25.07 25.39
N CYS C 604 11.21 -25.58 26.52
CA CYS C 604 12.54 -25.27 27.04
C CYS C 604 13.62 -26.12 26.37
N THR C 605 13.66 -26.11 25.03
CA THR C 605 14.70 -26.82 24.30
C THR C 605 16.02 -26.05 24.33
N GLU C 606 15.96 -24.72 24.33
CA GLU C 606 17.15 -23.91 24.09
C GLU C 606 18.10 -23.93 25.29
N VAL C 607 17.63 -23.40 26.43
CA VAL C 607 18.39 -23.01 27.64
C VAL C 607 19.82 -22.53 27.37
N ASN C 628 15.00 -22.71 37.84
CA ASN C 628 13.84 -21.83 37.68
C ASN C 628 13.38 -21.76 36.24
N VAL C 629 13.30 -22.91 35.59
CA VAL C 629 12.94 -23.01 34.18
C VAL C 629 11.78 -23.98 34.07
N PHE C 630 10.60 -23.46 33.74
CA PHE C 630 9.34 -24.18 33.86
C PHE C 630 8.50 -23.97 32.61
N GLN C 631 7.68 -24.96 32.28
CA GLN C 631 6.85 -24.91 31.08
C GLN C 631 5.41 -24.56 31.43
N THR C 632 4.84 -23.65 30.67
CA THR C 632 3.44 -23.27 30.74
C THR C 632 2.78 -23.63 29.41
N ARG C 633 1.47 -23.39 29.30
CA ARG C 633 0.87 -23.46 27.98
C ARG C 633 1.26 -22.25 27.14
N ALA C 634 1.54 -21.12 27.79
CA ALA C 634 2.06 -19.96 27.09
C ALA C 634 3.48 -20.19 26.59
N GLY C 635 4.23 -21.08 27.21
CA GLY C 635 5.53 -21.45 26.73
C GLY C 635 6.51 -21.59 27.87
N CYS C 636 7.78 -21.70 27.52
CA CYS C 636 8.84 -21.80 28.52
C CYS C 636 8.99 -20.48 29.23
N LEU C 637 9.38 -20.55 30.50
CA LEU C 637 9.39 -19.38 31.38
C LEU C 637 10.62 -19.46 32.25
N ILE C 638 11.62 -18.62 31.99
CA ILE C 638 12.88 -18.65 32.72
C ILE C 638 12.93 -17.45 33.66
N GLY C 639 13.50 -17.66 34.83
CA GLY C 639 13.60 -16.62 35.84
C GLY C 639 12.46 -16.56 36.83
N ALA C 640 11.45 -17.42 36.70
CA ALA C 640 10.30 -17.41 37.58
C ALA C 640 10.31 -18.64 38.47
N GLU C 641 9.59 -18.53 39.58
CA GLU C 641 9.62 -19.55 40.64
C GLU C 641 8.20 -20.05 40.88
N HIS C 642 7.94 -21.29 40.49
CA HIS C 642 6.59 -21.83 40.56
C HIS C 642 6.18 -22.11 41.99
N VAL C 643 4.96 -21.72 42.33
CA VAL C 643 4.44 -21.78 43.69
C VAL C 643 3.15 -22.59 43.68
N ASN C 644 3.01 -23.52 44.63
CA ASN C 644 1.77 -24.28 44.77
C ASN C 644 0.65 -23.54 45.46
N ASN C 645 0.82 -22.26 45.76
CA ASN C 645 -0.28 -21.44 46.24
C ASN C 645 -1.02 -20.87 45.04
N SER C 646 -1.96 -19.98 45.29
CA SER C 646 -2.71 -19.35 44.21
C SER C 646 -3.15 -17.98 44.68
N TYR C 647 -2.76 -16.95 43.96
CA TYR C 647 -2.96 -15.58 44.39
C TYR C 647 -3.87 -14.87 43.41
N GLU C 648 -4.23 -13.63 43.75
CA GLU C 648 -4.88 -12.75 42.80
C GLU C 648 -3.92 -12.46 41.64
N CYS C 649 -4.47 -12.35 40.44
CA CYS C 649 -3.62 -12.16 39.27
C CYS C 649 -3.02 -10.76 39.25
N ASP C 650 -1.72 -10.69 38.99
CA ASP C 650 -1.00 -9.42 38.98
C ASP C 650 -0.51 -9.06 37.59
N ILE C 651 0.31 -9.90 36.98
CA ILE C 651 0.77 -9.71 35.61
C ILE C 651 0.38 -10.98 34.85
N PRO C 652 -0.45 -10.90 33.82
CA PRO C 652 -0.86 -12.11 33.12
C PRO C 652 0.27 -12.67 32.27
N ILE C 653 0.27 -14.00 32.13
CA ILE C 653 1.18 -14.69 31.23
C ILE C 653 0.41 -15.40 30.12
N GLY C 654 -0.63 -16.13 30.50
CA GLY C 654 -1.46 -16.85 29.55
C GLY C 654 -1.91 -18.14 30.21
N ALA C 655 -3.09 -18.59 29.82
CA ALA C 655 -3.67 -19.89 30.19
C ALA C 655 -3.81 -20.06 31.70
N GLY C 656 -4.25 -19.01 32.37
CA GLY C 656 -4.53 -19.11 33.79
C GLY C 656 -3.32 -19.02 34.68
N ILE C 657 -2.21 -18.52 34.18
CA ILE C 657 -0.98 -18.40 34.95
C ILE C 657 -0.58 -16.94 34.99
N CYS C 658 -0.38 -16.42 36.19
CA CYS C 658 -0.09 -15.01 36.39
C CYS C 658 1.21 -14.86 37.16
N ALA C 659 2.01 -13.86 36.81
CA ALA C 659 3.27 -13.61 37.47
C ALA C 659 3.16 -12.43 38.43
N SER C 660 3.90 -12.49 39.52
CA SER C 660 3.82 -11.46 40.54
C SER C 660 5.16 -11.37 41.27
N TYR C 661 5.43 -10.18 41.79
CA TYR C 661 6.68 -9.91 42.48
C TYR C 661 6.42 -9.91 43.99
N GLN C 662 6.43 -11.11 44.56
CA GLN C 662 6.18 -11.32 45.97
C GLN C 662 7.52 -11.60 46.68
N THR C 663 7.44 -11.93 47.97
CA THR C 663 8.63 -12.31 48.72
C THR C 663 8.90 -13.80 48.57
N SER C 676 15.36 -10.58 48.84
CA SER C 676 14.51 -11.67 49.30
C SER C 676 13.28 -11.81 48.43
N GLN C 677 12.86 -10.70 47.80
CA GLN C 677 11.69 -10.67 46.95
C GLN C 677 12.07 -11.06 45.53
N SER C 678 11.53 -12.17 45.04
CA SER C 678 11.78 -12.66 43.69
C SER C 678 10.45 -12.89 42.99
N ILE C 679 10.54 -13.06 41.68
CA ILE C 679 9.34 -13.18 40.85
C ILE C 679 8.81 -14.60 40.92
N ILE C 680 7.53 -14.73 41.26
CA ILE C 680 6.87 -16.02 41.29
C ILE C 680 5.91 -16.12 40.12
N ALA C 681 5.56 -17.35 39.77
CA ALA C 681 4.59 -17.61 38.71
C ALA C 681 3.72 -18.78 39.15
N TYR C 682 2.42 -18.55 39.21
CA TYR C 682 1.50 -19.42 39.92
C TYR C 682 0.27 -19.63 39.04
N THR C 683 -0.77 -20.21 39.62
CA THR C 683 -2.05 -20.36 38.95
C THR C 683 -3.03 -19.36 39.54
N MET C 684 -3.78 -18.69 38.65
CA MET C 684 -4.66 -17.61 39.05
C MET C 684 -5.80 -18.10 39.95
N SER C 685 -6.06 -17.34 41.02
CA SER C 685 -7.16 -17.61 41.92
C SER C 685 -8.37 -16.81 41.48
N LEU C 686 -9.48 -17.49 41.21
CA LEU C 686 -10.66 -16.82 40.72
C LEU C 686 -11.44 -16.11 41.81
N GLY C 687 -11.15 -16.39 43.07
CA GLY C 687 -11.88 -15.75 44.15
C GLY C 687 -11.88 -16.65 45.38
N ALA C 688 -12.40 -16.09 46.46
CA ALA C 688 -12.50 -16.85 47.71
C ALA C 688 -13.62 -17.87 47.58
N GLU C 689 -13.32 -19.11 47.94
CA GLU C 689 -14.31 -20.17 47.85
C GLU C 689 -15.35 -20.01 48.94
N ASN C 690 -16.61 -20.27 48.59
CA ASN C 690 -17.70 -20.05 49.52
C ASN C 690 -18.76 -21.11 49.28
N SER C 691 -19.44 -21.50 50.36
CA SER C 691 -20.53 -22.46 50.30
C SER C 691 -21.73 -21.83 50.98
N VAL C 692 -22.64 -21.27 50.19
CA VAL C 692 -23.85 -20.67 50.74
C VAL C 692 -24.75 -21.77 51.26
N ALA C 693 -25.16 -21.65 52.52
CA ALA C 693 -26.12 -22.59 53.08
C ALA C 693 -27.45 -22.45 52.36
N TYR C 694 -28.14 -23.57 52.19
CA TYR C 694 -29.45 -23.57 51.58
C TYR C 694 -30.31 -24.57 52.31
N SER C 695 -31.58 -24.24 52.47
CA SER C 695 -32.50 -25.11 53.17
C SER C 695 -33.91 -24.82 52.69
N ASN C 696 -34.83 -25.73 53.02
CA ASN C 696 -36.25 -25.53 52.73
C ASN C 696 -36.87 -24.43 53.58
N ASN C 697 -36.21 -24.01 54.65
CA ASN C 697 -36.81 -23.15 55.65
C ASN C 697 -35.93 -21.99 56.10
N SER C 698 -34.74 -21.82 55.54
CA SER C 698 -33.78 -20.87 56.07
C SER C 698 -33.74 -19.65 55.17
N ILE C 699 -33.97 -18.48 55.74
CA ILE C 699 -33.81 -17.22 55.03
C ILE C 699 -32.89 -16.34 55.86
N ALA C 700 -32.09 -15.53 55.19
CA ALA C 700 -31.17 -14.62 55.85
C ALA C 700 -31.63 -13.19 55.57
N ILE C 701 -32.19 -12.55 56.59
CA ILE C 701 -32.62 -11.16 56.49
C ILE C 701 -31.52 -10.29 57.06
N PRO C 702 -31.14 -9.20 56.39
CA PRO C 702 -30.16 -8.28 56.97
C PRO C 702 -30.77 -7.49 58.10
N THR C 703 -29.94 -7.16 59.09
CA THR C 703 -30.38 -6.38 60.24
C THR C 703 -29.74 -5.01 60.30
N ASN C 704 -28.89 -4.67 59.33
CA ASN C 704 -28.18 -3.40 59.33
C ASN C 704 -27.73 -3.16 57.90
N PHE C 705 -27.04 -2.04 57.66
CA PHE C 705 -26.67 -1.68 56.30
C PHE C 705 -25.43 -0.81 56.30
N THR C 706 -25.04 -0.37 55.10
CA THR C 706 -23.82 0.39 54.90
C THR C 706 -23.98 1.21 53.63
N ILE C 707 -23.73 2.51 53.72
CA ILE C 707 -23.84 3.40 52.58
C ILE C 707 -22.49 3.40 51.87
N SER C 708 -22.38 2.67 50.78
CA SER C 708 -21.16 2.61 50.00
C SER C 708 -21.21 3.63 48.87
N VAL C 709 -20.14 4.40 48.71
CA VAL C 709 -20.05 5.42 47.67
C VAL C 709 -18.87 5.05 46.77
N THR C 710 -19.16 4.81 45.49
CA THR C 710 -18.26 4.17 44.56
C THR C 710 -17.96 5.13 43.42
N THR C 711 -16.82 4.96 42.76
CA THR C 711 -16.35 5.84 41.71
C THR C 711 -16.27 5.10 40.40
N GLU C 712 -16.93 5.62 39.36
CA GLU C 712 -16.71 5.16 38.00
C GLU C 712 -16.09 6.27 37.17
N ILE C 713 -15.11 5.94 36.36
CA ILE C 713 -14.38 6.92 35.58
C ILE C 713 -14.56 6.54 34.12
N LEU C 714 -15.24 7.40 33.36
CA LEU C 714 -15.46 7.13 31.94
C LEU C 714 -14.91 8.26 31.10
N PRO C 715 -14.22 7.95 30.00
CA PRO C 715 -13.80 9.02 29.08
C PRO C 715 -14.96 9.47 28.20
N VAL C 716 -15.03 10.77 27.98
CA VAL C 716 -16.08 11.39 27.18
C VAL C 716 -15.56 11.83 25.84
N SER C 717 -14.53 12.69 25.83
CA SER C 717 -14.02 13.22 24.58
C SER C 717 -12.56 12.82 24.42
N MET C 718 -12.04 13.09 23.24
CA MET C 718 -10.68 12.77 22.84
C MET C 718 -10.05 14.07 22.39
N THR C 719 -8.73 14.09 22.27
CA THR C 719 -8.03 15.29 21.83
C THR C 719 -8.32 15.58 20.37
N LYS C 720 -8.84 16.78 20.10
CA LYS C 720 -9.07 17.23 18.74
C LYS C 720 -7.73 17.47 18.07
N THR C 721 -7.64 17.12 16.80
CA THR C 721 -6.39 17.19 16.07
C THR C 721 -6.72 17.33 14.60
N SER C 722 -6.04 18.25 13.92
CA SER C 722 -6.07 18.31 12.47
C SER C 722 -4.65 18.35 11.97
N VAL C 723 -4.33 17.48 11.01
CA VAL C 723 -3.02 17.45 10.38
C VAL C 723 -3.15 18.02 8.99
N ASP C 724 -2.50 19.15 8.76
CA ASP C 724 -2.41 19.71 7.42
C ASP C 724 -1.52 18.80 6.59
N CYS C 725 -2.13 18.04 5.69
CA CYS C 725 -1.42 17.01 4.94
C CYS C 725 -0.39 17.57 3.98
N THR C 726 -0.60 18.78 3.46
CA THR C 726 0.37 19.35 2.53
C THR C 726 1.62 19.82 3.26
N MET C 727 1.45 20.40 4.46
CA MET C 727 2.60 20.75 5.28
C MET C 727 3.34 19.52 5.77
N TYR C 728 2.64 18.41 5.95
CA TYR C 728 3.27 17.22 6.49
C TYR C 728 4.07 16.49 5.43
N ILE C 729 3.48 16.28 4.26
CA ILE C 729 4.15 15.51 3.22
C ILE C 729 5.25 16.31 2.55
N CYS C 730 5.03 17.61 2.34
CA CYS C 730 5.92 18.46 1.54
C CYS C 730 6.21 19.74 2.33
N GLY C 731 7.26 19.73 3.13
CA GLY C 731 7.48 20.87 4.01
C GLY C 731 8.15 22.03 3.32
N ASP C 732 7.37 23.05 2.96
CA ASP C 732 7.82 24.23 2.21
C ASP C 732 8.50 23.85 0.90
N SER C 733 7.72 23.22 0.02
CA SER C 733 8.21 22.87 -1.29
C SER C 733 7.09 23.01 -2.29
N THR C 734 7.46 23.30 -3.54
CA THR C 734 6.49 23.52 -4.59
C THR C 734 6.56 22.47 -5.69
N GLU C 735 7.72 21.83 -5.88
CA GLU C 735 7.76 20.62 -6.69
C GLU C 735 7.00 19.49 -6.01
N CYS C 736 7.20 19.34 -4.70
CA CYS C 736 6.51 18.30 -3.95
C CYS C 736 5.02 18.58 -3.89
N SER C 737 4.62 19.84 -3.84
CA SER C 737 3.20 20.18 -3.83
C SER C 737 2.53 19.78 -5.14
N ASN C 738 3.24 19.94 -6.26
CA ASN C 738 2.66 19.60 -7.55
C ASN C 738 2.60 18.08 -7.75
N LEU C 739 3.64 17.38 -7.30
CA LEU C 739 3.59 15.92 -7.35
C LEU C 739 2.56 15.37 -6.39
N LEU C 740 2.23 16.10 -5.33
CA LEU C 740 1.12 15.72 -4.48
C LEU C 740 -0.22 16.02 -5.14
N LEU C 741 -0.30 17.09 -5.93
CA LEU C 741 -1.51 17.41 -6.68
C LEU C 741 -1.85 16.36 -7.72
N GLN C 742 -0.84 15.63 -8.21
CA GLN C 742 -1.11 14.52 -9.11
C GLN C 742 -1.93 13.39 -8.48
N TYR C 743 -1.91 13.24 -7.16
CA TYR C 743 -2.59 12.11 -6.52
C TYR C 743 -4.05 12.36 -6.21
N GLY C 744 -4.66 13.35 -6.83
CA GLY C 744 -6.09 13.53 -6.69
C GLY C 744 -6.46 14.21 -5.40
N SER C 745 -7.40 13.62 -4.67
CA SER C 745 -8.02 14.26 -3.52
C SER C 745 -7.86 13.42 -2.26
N PHE C 746 -6.64 12.93 -2.00
CA PHE C 746 -6.40 12.26 -0.72
C PHE C 746 -6.31 13.24 0.42
N CYS C 747 -5.64 14.37 0.18
CA CYS C 747 -5.42 15.38 1.22
C CYS C 747 -6.70 15.97 1.78
N THR C 748 -7.65 16.29 0.91
CA THR C 748 -8.93 16.80 1.37
C THR C 748 -9.76 15.71 2.04
N GLN C 749 -9.61 14.47 1.60
CA GLN C 749 -10.30 13.35 2.25
C GLN C 749 -9.82 13.14 3.68
N LEU C 750 -8.51 13.24 3.91
CA LEU C 750 -7.99 13.07 5.26
C LEU C 750 -8.34 14.24 6.15
N ASN C 751 -8.28 15.47 5.61
CA ASN C 751 -8.70 16.65 6.36
C ASN C 751 -10.17 16.58 6.74
N ARG C 752 -11.00 16.05 5.84
CA ARG C 752 -12.42 15.95 6.10
C ARG C 752 -12.73 14.90 7.15
N ALA C 753 -11.99 13.79 7.14
CA ALA C 753 -12.22 12.76 8.17
C ALA C 753 -11.79 13.24 9.54
N LEU C 754 -10.66 13.94 9.63
CA LEU C 754 -10.26 14.47 10.94
C LEU C 754 -11.17 15.59 11.41
N THR C 755 -11.75 16.36 10.49
CA THR C 755 -12.71 17.38 10.88
C THR C 755 -13.99 16.74 11.41
N GLY C 756 -14.41 15.63 10.81
CA GLY C 756 -15.56 14.91 11.34
C GLY C 756 -15.32 14.34 12.72
N ILE C 757 -14.09 13.84 12.97
CA ILE C 757 -13.72 13.38 14.31
C ILE C 757 -13.77 14.55 15.30
N ALA C 758 -13.15 15.68 14.95
CA ALA C 758 -13.10 16.82 15.86
C ALA C 758 -14.46 17.45 16.10
N VAL C 759 -15.41 17.29 15.21
CA VAL C 759 -16.78 17.75 15.50
C VAL C 759 -17.50 16.75 16.41
N GLU C 760 -17.26 15.45 16.21
CA GLU C 760 -17.81 14.45 17.13
C GLU C 760 -17.31 14.64 18.54
N GLN C 761 -16.07 15.12 18.69
CA GLN C 761 -15.50 15.23 20.03
C GLN C 761 -16.07 16.39 20.82
N ASP C 762 -16.82 17.30 20.18
CA ASP C 762 -17.60 18.29 20.91
C ASP C 762 -19.05 17.90 21.04
N LYS C 763 -19.57 17.12 20.08
CA LYS C 763 -20.90 16.53 20.24
C LYS C 763 -20.96 15.60 21.45
N ASN C 764 -19.85 14.91 21.75
CA ASN C 764 -19.82 14.02 22.90
C ASN C 764 -19.99 14.77 24.23
N THR C 765 -19.24 15.87 24.41
CA THR C 765 -19.37 16.62 25.66
C THR C 765 -20.68 17.39 25.72
N GLN C 766 -21.27 17.76 24.59
CA GLN C 766 -22.59 18.36 24.69
C GLN C 766 -23.68 17.33 24.96
N GLU C 767 -23.44 16.05 24.63
CA GLU C 767 -24.40 15.02 25.03
C GLU C 767 -24.29 14.70 26.50
N VAL C 768 -23.08 14.60 27.04
CA VAL C 768 -22.91 14.13 28.41
C VAL C 768 -23.30 15.20 29.40
N PHE C 769 -22.64 16.35 29.32
CA PHE C 769 -22.76 17.34 30.39
C PHE C 769 -23.99 18.21 30.23
N ALA C 770 -24.21 18.77 29.05
CA ALA C 770 -25.31 19.69 28.83
C ALA C 770 -26.66 18.99 28.79
N GLN C 771 -27.06 18.39 29.91
CA GLN C 771 -28.36 17.75 30.00
C GLN C 771 -29.44 18.75 30.31
N VAL C 772 -29.10 19.74 31.13
CA VAL C 772 -30.07 20.60 31.79
C VAL C 772 -29.82 22.04 31.34
N LYS C 773 -30.89 22.71 30.93
CA LYS C 773 -30.78 24.02 30.33
C LYS C 773 -30.66 25.12 31.38
N GLN C 774 -31.52 25.07 32.41
CA GLN C 774 -31.41 26.01 33.50
C GLN C 774 -30.15 25.72 34.31
N ILE C 775 -29.32 26.72 34.53
CA ILE C 775 -28.23 26.55 35.48
C ILE C 775 -28.77 26.78 36.88
N TYR C 776 -28.68 25.77 37.71
CA TYR C 776 -29.12 25.81 39.09
C TYR C 776 -27.94 26.19 39.97
N LYS C 777 -28.24 26.72 41.14
CA LYS C 777 -27.19 27.01 42.09
C LYS C 777 -27.71 26.76 43.50
N THR C 778 -26.83 26.31 44.34
CA THR C 778 -27.16 25.90 45.69
C THR C 778 -27.35 27.13 46.59
N PRO C 779 -28.28 27.07 47.54
CA PRO C 779 -28.49 28.21 48.44
C PRO C 779 -27.33 28.34 49.41
N PRO C 780 -27.10 29.53 49.97
CA PRO C 780 -25.94 29.70 50.86
C PRO C 780 -26.11 29.03 52.20
N ILE C 781 -27.35 28.92 52.70
CA ILE C 781 -27.60 28.23 53.96
C ILE C 781 -27.72 26.74 53.61
N LYS C 782 -26.67 25.98 53.92
CA LYS C 782 -26.60 24.57 53.55
C LYS C 782 -26.98 23.73 54.76
N ASP C 783 -28.27 23.39 54.84
CA ASP C 783 -28.81 22.47 55.84
C ASP C 783 -29.44 21.32 55.07
N PHE C 784 -28.70 20.22 54.95
CA PHE C 784 -29.10 19.08 54.11
C PHE C 784 -29.38 17.85 54.96
N GLY C 785 -29.99 18.05 56.13
CA GLY C 785 -30.33 16.95 57.01
C GLY C 785 -29.17 16.28 57.72
N GLY C 786 -27.97 16.79 57.55
CA GLY C 786 -26.78 16.18 58.13
C GLY C 786 -25.75 15.74 57.13
N PHE C 787 -26.03 15.79 55.84
CA PHE C 787 -25.05 15.33 54.87
C PHE C 787 -24.13 16.50 54.55
N ASN C 788 -22.85 16.21 54.47
CA ASN C 788 -21.85 17.24 54.18
C ASN C 788 -21.46 17.09 52.72
N PHE C 789 -21.81 18.09 51.91
CA PHE C 789 -21.56 18.10 50.48
C PHE C 789 -20.44 19.06 50.11
N SER C 790 -19.48 19.26 51.01
CA SER C 790 -18.47 20.29 50.78
C SER C 790 -17.42 19.85 49.78
N GLN C 791 -17.07 18.58 49.78
CA GLN C 791 -16.05 18.07 48.88
C GLN C 791 -16.44 18.15 47.40
N ILE C 792 -17.73 18.09 47.13
CA ILE C 792 -18.21 17.98 45.76
C ILE C 792 -18.80 19.29 45.25
N LEU C 793 -19.30 20.14 46.11
CA LEU C 793 -19.80 21.43 45.64
C LEU C 793 -18.63 22.40 45.47
N PRO C 794 -18.71 23.29 44.48
CA PRO C 794 -17.56 24.16 44.21
C PRO C 794 -17.41 25.22 45.29
N ASP C 795 -16.15 25.45 45.67
CA ASP C 795 -15.85 26.53 46.60
C ASP C 795 -15.47 27.75 45.80
N PRO C 796 -16.26 28.84 45.85
CA PRO C 796 -15.96 30.02 45.01
C PRO C 796 -14.78 30.85 45.49
N SER C 797 -14.14 30.48 46.60
CA SER C 797 -12.92 31.16 47.02
C SER C 797 -11.76 30.84 46.07
N LYS C 798 -11.78 29.68 45.44
CA LYS C 798 -10.81 29.36 44.41
C LYS C 798 -11.01 30.26 43.19
N PRO C 799 -9.93 30.54 42.43
CA PRO C 799 -10.10 31.26 41.15
C PRO C 799 -10.92 30.46 40.14
N SER C 800 -10.48 29.25 39.82
CA SER C 800 -11.32 28.33 39.05
C SER C 800 -12.38 27.78 39.97
N LYS C 801 -13.65 28.03 39.64
CA LYS C 801 -14.73 27.70 40.54
C LYS C 801 -15.11 26.24 40.33
N ARG C 802 -14.26 25.36 40.89
CA ARG C 802 -14.51 23.93 40.88
C ARG C 802 -14.22 23.36 42.26
N SER C 803 -14.56 22.10 42.45
CA SER C 803 -14.62 21.51 43.78
C SER C 803 -13.32 20.78 44.13
N PHE C 804 -13.23 20.32 45.39
CA PHE C 804 -12.03 19.66 45.90
C PHE C 804 -11.73 18.38 45.14
N ILE C 805 -12.76 17.55 44.91
CA ILE C 805 -12.53 16.28 44.23
C ILE C 805 -12.20 16.51 42.76
N GLU C 806 -12.84 17.50 42.12
CA GLU C 806 -12.43 17.88 40.76
C GLU C 806 -11.02 18.45 40.72
N ASP C 807 -10.63 19.19 41.75
CA ASP C 807 -9.28 19.75 41.78
C ASP C 807 -8.23 18.68 42.05
N LEU C 808 -8.61 17.58 42.72
CA LEU C 808 -7.72 16.43 42.81
C LEU C 808 -7.67 15.65 41.51
N LEU C 809 -8.81 15.55 40.82
CA LEU C 809 -8.87 14.81 39.56
C LEU C 809 -8.13 15.52 38.44
N PHE C 810 -8.11 16.85 38.43
CA PHE C 810 -7.36 17.56 37.40
C PHE C 810 -5.86 17.52 37.61
N ASN C 811 -5.37 16.92 38.68
CA ASN C 811 -3.94 16.85 38.94
C ASN C 811 -3.41 15.43 38.97
N LYS C 812 -4.21 14.45 38.55
CA LYS C 812 -3.75 13.08 38.43
C LYS C 812 -3.70 12.58 37.00
N VAL C 813 -4.15 13.39 36.04
CA VAL C 813 -4.03 13.09 34.62
C VAL C 813 -3.09 14.13 34.03
N THR C 814 -1.97 13.66 33.48
CA THR C 814 -0.97 14.57 32.95
C THR C 814 -1.08 14.71 31.44
N LYS C 841 3.95 19.03 15.31
CA LYS C 841 4.39 20.24 15.99
C LYS C 841 4.49 21.39 15.00
N PHE C 842 5.59 21.40 14.23
CA PHE C 842 5.80 22.37 13.17
C PHE C 842 5.48 21.79 11.81
N ASN C 843 4.91 20.59 11.77
CA ASN C 843 4.74 19.85 10.53
C ASN C 843 3.26 19.66 10.18
N GLY C 844 2.44 20.65 10.49
CA GLY C 844 1.02 20.55 10.22
C GLY C 844 0.22 19.89 11.32
N LEU C 845 0.88 19.28 12.30
CA LEU C 845 0.19 18.53 13.35
C LEU C 845 -0.31 19.51 14.39
N THR C 846 -1.46 20.11 14.10
CA THR C 846 -2.03 21.18 14.89
C THR C 846 -3.12 20.62 15.81
N VAL C 847 -3.05 20.95 17.08
CA VAL C 847 -4.04 20.54 18.08
C VAL C 847 -5.04 21.68 18.25
N LEU C 848 -6.29 21.39 18.07
CA LEU C 848 -7.39 22.32 18.20
C LEU C 848 -7.89 22.38 19.63
N PRO C 849 -8.42 23.51 20.09
CA PRO C 849 -8.97 23.57 21.44
C PRO C 849 -10.40 23.10 21.45
N PRO C 850 -10.90 22.58 22.56
CA PRO C 850 -12.29 22.16 22.61
C PRO C 850 -13.20 23.34 22.74
N LEU C 851 -14.48 23.11 22.45
CA LEU C 851 -15.45 24.20 22.47
C LEU C 851 -15.80 24.60 23.89
N LEU C 852 -16.14 23.63 24.74
CA LEU C 852 -16.45 23.90 26.13
C LEU C 852 -15.16 23.82 26.93
N THR C 853 -14.83 24.89 27.65
CA THR C 853 -13.62 24.90 28.45
C THR C 853 -13.83 24.11 29.72
N ASP C 854 -12.81 24.07 30.59
CA ASP C 854 -12.94 23.36 31.85
C ASP C 854 -13.88 24.08 32.81
N GLU C 855 -13.93 25.42 32.73
CA GLU C 855 -14.86 26.15 33.57
C GLU C 855 -16.31 25.92 33.15
N MET C 856 -16.55 25.71 31.86
CA MET C 856 -17.93 25.49 31.42
C MET C 856 -18.41 24.10 31.78
N ILE C 857 -17.51 23.12 31.71
CA ILE C 857 -17.85 21.77 32.16
C ILE C 857 -18.03 21.75 33.67
N ALA C 858 -17.23 22.52 34.41
CA ALA C 858 -17.40 22.62 35.85
C ALA C 858 -18.70 23.32 36.21
N GLN C 859 -19.14 24.29 35.41
CA GLN C 859 -20.43 24.93 35.65
C GLN C 859 -21.59 24.00 35.35
N TYR C 860 -21.48 23.20 34.29
CA TYR C 860 -22.52 22.20 33.99
C TYR C 860 -22.64 21.16 35.08
N THR C 861 -21.52 20.63 35.56
CA THR C 861 -21.62 19.62 36.61
C THR C 861 -22.01 20.22 37.94
N SER C 862 -21.69 21.50 38.19
CA SER C 862 -22.19 22.15 39.39
C SER C 862 -23.70 22.37 39.31
N ALA C 863 -24.22 22.66 38.10
CA ALA C 863 -25.65 22.78 37.92
C ALA C 863 -26.36 21.45 38.11
N LEU C 864 -25.80 20.39 37.52
CA LEU C 864 -26.36 19.05 37.69
C LEU C 864 -26.37 18.64 39.15
N LEU C 865 -25.29 18.93 39.86
CA LEU C 865 -25.19 18.54 41.25
C LEU C 865 -26.13 19.35 42.14
N ALA C 866 -26.28 20.66 41.87
CA ALA C 866 -27.18 21.46 42.69
C ALA C 866 -28.64 21.15 42.41
N GLY C 867 -28.97 20.75 41.19
CA GLY C 867 -30.32 20.29 40.93
C GLY C 867 -30.60 18.93 41.52
N THR C 868 -29.58 18.06 41.56
CA THR C 868 -29.73 16.74 42.16
C THR C 868 -29.92 16.84 43.67
N ILE C 869 -29.16 17.73 44.31
CA ILE C 869 -29.30 17.94 45.74
C ILE C 869 -30.64 18.58 46.06
N THR C 870 -30.94 19.70 45.40
CA THR C 870 -32.06 20.52 45.81
C THR C 870 -33.40 19.91 45.44
N SER C 871 -33.60 19.58 44.17
CA SER C 871 -34.87 19.02 43.71
C SER C 871 -34.88 17.50 43.68
N GLY C 872 -33.93 16.87 42.99
CA GLY C 872 -33.81 15.43 43.06
C GLY C 872 -33.93 14.70 41.75
N TRP C 873 -34.97 13.91 41.60
CA TRP C 873 -35.27 13.25 40.33
C TRP C 873 -36.22 14.07 39.48
N THR C 874 -36.59 15.27 39.94
CA THR C 874 -37.72 16.02 39.40
C THR C 874 -37.31 17.12 38.45
N PHE C 875 -36.03 17.43 38.31
CA PHE C 875 -35.62 18.53 37.45
C PHE C 875 -35.19 18.05 36.07
N GLY C 876 -34.94 16.76 35.91
CA GLY C 876 -34.69 16.18 34.62
C GLY C 876 -35.95 15.72 33.91
N ALA C 877 -37.11 15.97 34.50
CA ALA C 877 -38.40 15.58 33.96
C ALA C 877 -39.39 16.72 34.03
N GLY C 878 -38.91 17.93 33.79
CA GLY C 878 -39.79 19.09 33.87
C GLY C 878 -39.14 20.28 34.55
N ALA C 879 -39.79 20.80 35.58
CA ALA C 879 -39.28 21.96 36.30
C ALA C 879 -38.70 21.53 37.64
N ALA C 880 -37.83 22.38 38.19
CA ALA C 880 -37.19 22.11 39.46
C ALA C 880 -38.22 22.18 40.57
N LEU C 881 -38.66 21.02 41.04
CA LEU C 881 -39.63 20.89 42.11
C LEU C 881 -38.86 20.62 43.41
N GLN C 882 -38.84 21.59 44.30
CA GLN C 882 -37.95 21.56 45.45
C GLN C 882 -38.46 20.61 46.52
N ILE C 883 -37.57 19.79 47.07
CA ILE C 883 -37.88 18.79 48.09
C ILE C 883 -36.78 18.87 49.16
N PRO C 884 -37.08 18.75 50.45
CA PRO C 884 -36.01 18.62 51.45
C PRO C 884 -35.25 17.32 51.24
N PHE C 885 -33.98 17.31 51.65
CA PHE C 885 -33.10 16.21 51.24
C PHE C 885 -33.41 14.92 51.97
N ALA C 886 -33.81 15.02 53.24
CA ALA C 886 -34.22 13.83 53.96
C ALA C 886 -35.47 13.22 53.35
N MET C 887 -36.35 14.04 52.78
CA MET C 887 -37.49 13.44 52.10
C MET C 887 -37.11 12.86 50.74
N GLN C 888 -36.07 13.40 50.09
CA GLN C 888 -35.54 12.75 48.90
C GLN C 888 -35.03 11.37 49.23
N MET C 889 -34.31 11.23 50.34
CA MET C 889 -33.85 9.88 50.61
C MET C 889 -34.91 8.99 51.24
N ALA C 890 -35.98 9.56 51.77
CA ALA C 890 -37.12 8.72 52.09
C ALA C 890 -37.71 8.10 50.82
N TYR C 891 -37.89 8.92 49.78
CA TYR C 891 -38.36 8.39 48.50
C TYR C 891 -37.36 7.43 47.87
N ARG C 892 -36.07 7.71 48.05
CA ARG C 892 -35.06 6.86 47.44
C ARG C 892 -34.82 5.57 48.24
N PHE C 893 -35.21 5.51 49.51
CA PHE C 893 -35.29 4.22 50.17
C PHE C 893 -36.56 3.47 49.81
N ASN C 894 -37.66 4.18 49.56
CA ASN C 894 -38.85 3.51 49.03
C ASN C 894 -38.58 2.94 47.64
N GLY C 895 -37.68 3.55 46.88
CA GLY C 895 -37.36 3.04 45.57
C GLY C 895 -36.55 1.77 45.53
N ILE C 896 -35.92 1.38 46.65
CA ILE C 896 -35.20 0.12 46.71
C ILE C 896 -35.89 -0.88 47.62
N GLY C 897 -37.17 -0.67 47.90
CA GLY C 897 -37.92 -1.63 48.69
C GLY C 897 -37.65 -1.57 50.17
N VAL C 898 -37.35 -0.39 50.70
CA VAL C 898 -37.13 -0.19 52.12
C VAL C 898 -38.15 0.82 52.60
N THR C 899 -38.77 0.54 53.74
CA THR C 899 -39.73 1.47 54.33
C THR C 899 -38.99 2.72 54.78
N GLN C 900 -39.60 3.89 54.58
CA GLN C 900 -38.85 5.12 54.78
C GLN C 900 -38.70 5.53 56.25
N ASN C 901 -39.26 4.77 57.18
CA ASN C 901 -38.92 4.96 58.58
C ASN C 901 -37.48 4.58 58.87
N VAL C 902 -36.90 3.69 58.05
CA VAL C 902 -35.53 3.24 58.23
C VAL C 902 -34.56 4.39 58.02
N LEU C 903 -34.88 5.32 57.14
CA LEU C 903 -34.06 6.53 56.99
C LEU C 903 -34.16 7.41 58.22
N TYR C 904 -35.38 7.84 58.56
CA TYR C 904 -35.56 8.85 59.58
C TYR C 904 -35.18 8.38 60.96
N GLU C 905 -35.26 7.08 61.21
CA GLU C 905 -34.82 6.52 62.48
C GLU C 905 -33.35 6.15 62.47
N ASN C 906 -32.63 6.42 61.39
CA ASN C 906 -31.20 6.17 61.30
C ASN C 906 -30.50 7.31 60.58
N GLN C 907 -31.01 8.53 60.70
CA GLN C 907 -30.60 9.61 59.81
C GLN C 907 -29.18 10.08 60.09
N LYS C 908 -28.80 10.15 61.37
CA LYS C 908 -27.46 10.59 61.72
C LYS C 908 -26.42 9.54 61.34
N LEU C 909 -26.77 8.25 61.47
CA LEU C 909 -25.84 7.19 61.11
C LEU C 909 -25.62 7.13 59.61
N ILE C 910 -26.69 7.35 58.84
CA ILE C 910 -26.56 7.38 57.38
C ILE C 910 -25.77 8.59 56.94
N ALA C 911 -25.96 9.73 57.63
CA ALA C 911 -25.16 10.92 57.31
C ALA C 911 -23.69 10.70 57.62
N ASN C 912 -23.39 10.01 58.72
CA ASN C 912 -21.99 9.76 59.06
C ASN C 912 -21.36 8.76 58.10
N GLN C 913 -22.12 7.75 57.66
CA GLN C 913 -21.57 6.79 56.70
C GLN C 913 -21.34 7.42 55.34
N PHE C 914 -22.24 8.30 54.91
CA PHE C 914 -22.04 9.02 53.66
C PHE C 914 -20.83 9.94 53.73
N ASN C 915 -20.69 10.69 54.83
CA ASN C 915 -19.55 11.61 54.94
C ASN C 915 -18.23 10.85 55.07
N SER C 916 -18.24 9.72 55.77
CA SER C 916 -17.01 8.94 55.88
C SER C 916 -16.65 8.26 54.56
N ALA C 917 -17.64 7.89 53.75
CA ALA C 917 -17.31 7.31 52.46
C ALA C 917 -16.83 8.36 51.46
N ILE C 918 -17.35 9.59 51.55
CA ILE C 918 -16.78 10.71 50.79
C ILE C 918 -15.32 10.95 51.19
N GLY C 919 -15.03 10.89 52.49
CA GLY C 919 -13.66 11.03 52.93
C GLY C 919 -12.76 9.89 52.46
N LYS C 920 -13.29 8.67 52.42
CA LYS C 920 -12.52 7.55 51.88
C LYS C 920 -12.23 7.70 50.40
N ILE C 921 -13.16 8.30 49.64
CA ILE C 921 -12.90 8.54 48.22
C ILE C 921 -11.82 9.61 48.05
N GLN C 922 -11.90 10.68 48.86
CA GLN C 922 -10.91 11.75 48.77
C GLN C 922 -9.52 11.24 49.12
N ASP C 923 -9.41 10.38 50.12
CA ASP C 923 -8.12 9.82 50.47
C ASP C 923 -7.66 8.77 49.47
N SER C 924 -8.59 7.98 48.92
CA SER C 924 -8.22 6.97 47.93
C SER C 924 -7.80 7.58 46.61
N LEU C 925 -8.19 8.82 46.34
CA LEU C 925 -7.70 9.52 45.17
C LEU C 925 -6.45 10.34 45.46
N SER C 926 -6.31 10.89 46.67
CA SER C 926 -5.11 11.65 46.98
C SER C 926 -3.93 10.75 47.32
N SER C 927 -4.17 9.47 47.63
CA SER C 927 -3.07 8.54 47.89
C SER C 927 -2.51 7.97 46.59
N THR C 928 -3.34 7.26 45.84
CA THR C 928 -2.92 6.61 44.61
C THR C 928 -3.19 7.53 43.42
N ALA C 929 -2.18 7.67 42.55
CA ALA C 929 -2.27 8.53 41.38
C ALA C 929 -2.63 7.78 40.11
N SER C 930 -2.95 6.49 40.19
CA SER C 930 -3.26 5.70 39.02
C SER C 930 -4.71 5.25 38.97
N ALA C 931 -5.57 5.90 39.76
CA ALA C 931 -6.99 5.55 39.78
C ALA C 931 -7.73 6.04 38.54
N LEU C 932 -7.18 7.03 37.85
CA LEU C 932 -7.79 7.63 36.67
C LEU C 932 -7.22 7.05 35.39
N GLY C 933 -6.94 5.74 35.38
CA GLY C 933 -6.22 5.14 34.27
C GLY C 933 -7.03 5.02 33.00
N LYS C 934 -8.37 5.06 33.12
CA LYS C 934 -9.25 5.01 31.94
C LYS C 934 -8.99 6.17 30.99
N LEU C 935 -8.58 7.32 31.52
CA LEU C 935 -8.36 8.56 30.83
C LEU C 935 -6.92 8.72 30.37
N GLN C 936 -5.99 8.25 31.22
CA GLN C 936 -4.60 8.25 30.86
C GLN C 936 -4.31 7.27 29.73
N ASP C 937 -5.12 6.21 29.59
CA ASP C 937 -4.97 5.35 28.43
C ASP C 937 -5.29 6.09 27.14
N VAL C 938 -6.33 6.94 27.18
CA VAL C 938 -6.71 7.72 26.01
C VAL C 938 -5.62 8.72 25.66
N VAL C 939 -5.11 9.43 26.67
CA VAL C 939 -4.09 10.44 26.43
C VAL C 939 -2.80 9.81 25.92
N ASN C 940 -2.38 8.69 26.54
CA ASN C 940 -1.14 8.05 26.15
C ASN C 940 -1.24 7.40 24.78
N GLN C 941 -2.40 6.82 24.44
CA GLN C 941 -2.51 6.17 23.14
C GLN C 941 -2.59 7.20 22.01
N ASN C 942 -3.26 8.32 22.25
CA ASN C 942 -3.32 9.35 21.23
C ASN C 942 -1.95 10.02 21.05
N ALA C 943 -1.21 10.19 22.15
CA ALA C 943 0.13 10.76 22.03
C ALA C 943 1.11 9.80 21.38
N GLN C 944 0.96 8.48 21.61
CA GLN C 944 1.80 7.52 20.89
C GLN C 944 1.51 7.52 19.41
N ALA C 945 0.24 7.70 19.03
CA ALA C 945 -0.10 7.79 17.61
C ALA C 945 0.53 9.02 16.97
N LEU C 946 0.51 10.16 17.67
CA LEU C 946 1.16 11.34 17.12
C LEU C 946 2.68 11.21 17.07
N ASN C 947 3.28 10.53 18.05
CA ASN C 947 4.72 10.33 18.01
C ASN C 947 5.13 9.39 16.89
N THR C 948 4.30 8.39 16.61
CA THR C 948 4.53 7.52 15.46
C THR C 948 4.44 8.30 14.17
N LEU C 949 3.44 9.19 14.06
CA LEU C 949 3.28 9.99 12.85
C LEU C 949 4.46 10.93 12.64
N VAL C 950 5.04 11.45 13.72
CA VAL C 950 6.22 12.30 13.60
C VAL C 950 7.43 11.47 13.19
N LYS C 951 7.67 10.35 13.88
CA LYS C 951 8.85 9.54 13.60
C LYS C 951 8.80 8.83 12.25
N GLN C 952 7.65 8.81 11.56
CA GLN C 952 7.69 8.36 10.18
C GLN C 952 8.31 9.37 9.23
N LEU C 953 8.63 10.59 9.68
CA LEU C 953 9.25 11.56 8.79
C LEU C 953 10.72 11.28 8.54
N SER C 954 11.39 10.55 9.43
CA SER C 954 12.81 10.30 9.27
C SER C 954 13.09 8.99 8.55
N SER C 955 12.11 8.47 7.81
CA SER C 955 12.28 7.23 7.07
C SER C 955 12.61 7.53 5.62
N ASN C 956 13.44 6.67 5.02
CA ASN C 956 13.89 6.93 3.66
C ASN C 956 12.90 6.46 2.62
N PHE C 957 12.19 5.35 2.88
CA PHE C 957 11.14 4.81 2.02
C PHE C 957 11.66 4.45 0.63
N GLY C 958 12.95 4.13 0.53
CA GLY C 958 13.57 3.85 -0.75
C GLY C 958 14.24 5.02 -1.41
N ALA C 959 14.21 6.20 -0.80
CA ALA C 959 14.82 7.38 -1.40
C ALA C 959 16.25 7.54 -0.89
N ILE C 960 16.93 8.54 -1.43
CA ILE C 960 18.31 8.77 -1.06
C ILE C 960 18.40 9.41 0.32
N SER C 961 17.43 10.24 0.68
CA SER C 961 17.45 10.89 1.98
C SER C 961 16.03 11.16 2.43
N SER C 962 15.86 11.26 3.75
CA SER C 962 14.56 11.62 4.29
C SER C 962 14.26 13.09 4.10
N VAL C 963 15.29 13.92 4.06
CA VAL C 963 15.12 15.36 3.95
C VAL C 963 14.83 15.71 2.49
N LEU C 964 13.73 16.40 2.26
CA LEU C 964 13.34 16.77 0.89
C LEU C 964 14.32 17.77 0.27
N ASN C 965 14.90 18.65 1.07
CA ASN C 965 15.74 19.70 0.52
C ASN C 965 17.08 19.16 0.02
N ASP C 966 17.56 18.05 0.61
CA ASP C 966 18.73 17.39 0.06
C ASP C 966 18.46 16.83 -1.33
N ILE C 967 17.30 16.19 -1.50
CA ILE C 967 16.93 15.61 -2.78
C ILE C 967 16.67 16.71 -3.80
N LEU C 968 16.16 17.85 -3.35
CA LEU C 968 15.95 18.98 -4.26
C LEU C 968 17.26 19.64 -4.64
N SER C 969 18.23 19.71 -3.72
CA SER C 969 19.45 20.43 -3.98
C SER C 969 20.50 19.59 -4.70
N ARG C 970 20.40 18.26 -4.66
CA ARG C 970 21.47 17.44 -5.21
C ARG C 970 21.14 16.79 -6.54
N LEU C 971 19.90 16.87 -7.01
CA LEU C 971 19.52 16.08 -8.16
C LEU C 971 18.87 16.94 -9.24
N ASP C 972 18.80 16.38 -10.44
CA ASP C 972 18.10 17.00 -11.55
C ASP C 972 16.60 17.00 -11.29
N LYS C 973 15.88 17.84 -12.04
CA LYS C 973 14.44 17.95 -11.85
C LYS C 973 13.70 16.73 -12.37
N VAL C 974 14.37 15.92 -13.21
CA VAL C 974 13.81 14.64 -13.60
C VAL C 974 14.28 13.54 -12.65
N GLU C 975 15.51 13.67 -12.14
CA GLU C 975 16.08 12.64 -11.28
C GLU C 975 15.58 12.71 -9.85
N ALA C 976 15.20 13.90 -9.37
CA ALA C 976 14.74 14.04 -8.00
C ALA C 976 13.31 13.58 -7.81
N GLU C 977 12.48 13.62 -8.86
CA GLU C 977 11.08 13.30 -8.72
C GLU C 977 10.83 11.83 -8.42
N VAL C 978 11.78 10.94 -8.68
CA VAL C 978 11.60 9.53 -8.32
C VAL C 978 11.71 9.35 -6.81
N GLN C 979 12.75 9.94 -6.21
CA GLN C 979 12.89 9.91 -4.76
C GLN C 979 11.79 10.71 -4.07
N ILE C 980 11.36 11.81 -4.69
CA ILE C 980 10.26 12.57 -4.12
C ILE C 980 8.96 11.78 -4.20
N ASP C 981 8.76 10.98 -5.25
CA ASP C 981 7.59 10.12 -5.31
C ASP C 981 7.62 9.04 -4.25
N ARG C 982 8.81 8.49 -3.96
CA ARG C 982 8.91 7.50 -2.89
C ARG C 982 8.58 8.10 -1.53
N LEU C 983 9.09 9.29 -1.25
CA LEU C 983 8.79 9.96 0.02
C LEU C 983 7.31 10.34 0.12
N ILE C 984 6.70 10.79 -0.99
CA ILE C 984 5.29 11.15 -0.98
C ILE C 984 4.41 9.93 -0.76
N THR C 985 4.77 8.80 -1.38
CA THR C 985 4.00 7.58 -1.20
C THR C 985 4.08 7.06 0.23
N GLY C 986 5.27 7.08 0.83
CA GLY C 986 5.41 6.63 2.20
C GLY C 986 4.71 7.53 3.20
N ARG C 987 4.85 8.85 3.03
CA ARG C 987 4.21 9.76 3.98
C ARG C 987 2.70 9.77 3.83
N LEU C 988 2.20 9.52 2.63
CA LEU C 988 0.76 9.43 2.45
C LEU C 988 0.21 8.13 3.02
N GLN C 989 0.98 7.05 2.96
CA GLN C 989 0.59 5.83 3.65
C GLN C 989 0.56 6.04 5.17
N SER C 990 1.50 6.84 5.68
CA SER C 990 1.52 7.17 7.11
C SER C 990 0.29 7.96 7.52
N LEU C 991 -0.11 8.93 6.71
CA LEU C 991 -1.32 9.70 7.04
C LEU C 991 -2.57 8.85 6.93
N GLN C 992 -2.67 7.97 5.94
CA GLN C 992 -3.86 7.12 5.85
C GLN C 992 -3.95 6.16 7.04
N THR C 993 -2.80 5.66 7.50
CA THR C 993 -2.79 4.81 8.69
C THR C 993 -3.22 5.57 9.93
N TYR C 994 -2.73 6.81 10.08
CA TYR C 994 -3.09 7.60 11.25
C TYR C 994 -4.56 7.99 11.26
N VAL C 995 -5.12 8.32 10.09
CA VAL C 995 -6.51 8.72 10.05
C VAL C 995 -7.43 7.52 10.28
N THR C 996 -7.08 6.35 9.73
CA THR C 996 -7.87 5.15 9.97
C THR C 996 -7.85 4.75 11.45
N GLN C 997 -6.66 4.82 12.07
CA GLN C 997 -6.52 4.47 13.48
C GLN C 997 -7.30 5.43 14.37
N GLN C 998 -7.20 6.74 14.10
CA GLN C 998 -7.97 7.73 14.86
C GLN C 998 -9.46 7.57 14.65
N LEU C 999 -9.88 7.09 13.49
CA LEU C 999 -11.31 7.00 13.22
C LEU C 999 -11.92 5.83 13.99
N ILE C 1000 -11.18 4.72 14.07
CA ILE C 1000 -11.60 3.60 14.92
C ILE C 1000 -11.59 3.97 16.40
N ARG C 1001 -10.53 4.68 16.83
CA ARG C 1001 -10.43 5.11 18.22
C ARG C 1001 -11.53 6.12 18.57
N ALA C 1002 -11.94 6.94 17.60
CA ALA C 1002 -13.06 7.86 17.79
C ALA C 1002 -14.37 7.13 17.96
N ALA C 1003 -14.56 6.02 17.24
CA ALA C 1003 -15.75 5.20 17.44
C ALA C 1003 -15.80 4.61 18.85
N GLU C 1004 -14.64 4.21 19.38
CA GLU C 1004 -14.62 3.68 20.76
C GLU C 1004 -14.92 4.76 21.79
N ILE C 1005 -14.36 5.96 21.61
CA ILE C 1005 -14.64 7.07 22.52
C ILE C 1005 -16.11 7.48 22.45
N ARG C 1006 -16.72 7.41 21.26
CA ARG C 1006 -18.15 7.73 21.15
C ARG C 1006 -19.01 6.70 21.84
N ALA C 1007 -18.63 5.42 21.79
CA ALA C 1007 -19.40 4.42 22.50
C ALA C 1007 -19.35 4.64 23.99
N SER C 1008 -18.17 4.99 24.52
CA SER C 1008 -18.10 5.28 25.95
C SER C 1008 -18.78 6.60 26.31
N ALA C 1009 -18.82 7.56 25.38
CA ALA C 1009 -19.52 8.81 25.63
C ALA C 1009 -21.02 8.64 25.63
N ASN C 1010 -21.54 7.74 24.79
CA ASN C 1010 -22.95 7.40 24.84
C ASN C 1010 -23.30 6.67 26.12
N LEU C 1011 -22.39 5.82 26.60
CA LEU C 1011 -22.60 5.19 27.90
C LEU C 1011 -22.60 6.21 29.03
N ALA C 1012 -21.70 7.19 28.96
CA ALA C 1012 -21.63 8.20 30.03
C ALA C 1012 -22.82 9.14 29.98
N ALA C 1013 -23.36 9.40 28.80
CA ALA C 1013 -24.57 10.20 28.71
C ALA C 1013 -25.77 9.42 29.26
N THR C 1014 -25.79 8.10 29.06
CA THR C 1014 -26.84 7.28 29.63
C THR C 1014 -26.75 7.24 31.15
N LYS C 1015 -25.54 7.15 31.69
CA LYS C 1015 -25.40 7.18 33.14
C LYS C 1015 -25.65 8.55 33.73
N MET C 1016 -25.43 9.62 32.97
CA MET C 1016 -25.84 10.92 33.47
C MET C 1016 -27.35 11.04 33.49
N SER C 1017 -28.02 10.54 32.45
CA SER C 1017 -29.47 10.69 32.40
C SER C 1017 -30.19 9.76 33.34
N GLU C 1018 -29.59 8.63 33.70
CA GLU C 1018 -30.32 7.61 34.45
C GLU C 1018 -29.81 7.39 35.86
N CYS C 1019 -28.50 7.33 36.07
CA CYS C 1019 -28.00 7.19 37.43
C CYS C 1019 -28.08 8.51 38.18
N VAL C 1020 -27.73 9.61 37.52
CA VAL C 1020 -27.68 10.91 38.18
C VAL C 1020 -29.03 11.58 38.18
N LEU C 1021 -29.63 11.70 37.02
CA LEU C 1021 -30.81 12.54 36.82
C LEU C 1021 -32.09 11.86 37.27
N GLY C 1022 -32.01 10.58 37.63
CA GLY C 1022 -33.15 9.84 38.16
C GLY C 1022 -32.63 8.81 39.14
N GLN C 1023 -33.32 7.68 39.21
CA GLN C 1023 -32.88 6.56 40.02
C GLN C 1023 -33.12 5.27 39.26
N SER C 1024 -32.07 4.49 39.05
CA SER C 1024 -32.14 3.36 38.14
C SER C 1024 -32.37 2.07 38.90
N LYS C 1025 -33.29 1.25 38.41
CA LYS C 1025 -33.50 -0.09 38.92
C LYS C 1025 -32.60 -1.11 38.24
N ARG C 1026 -31.77 -0.69 37.29
CA ARG C 1026 -30.92 -1.60 36.56
C ARG C 1026 -29.79 -2.08 37.46
N VAL C 1027 -29.62 -3.38 37.56
CA VAL C 1027 -28.79 -3.98 38.59
C VAL C 1027 -27.33 -3.84 38.21
N ASP C 1028 -26.54 -3.24 39.10
CA ASP C 1028 -25.09 -3.04 38.98
C ASP C 1028 -24.74 -2.24 37.73
N PHE C 1029 -25.62 -1.32 37.35
CA PHE C 1029 -25.39 -0.31 36.33
C PHE C 1029 -24.91 0.98 36.93
N CYS C 1030 -25.40 1.31 38.12
CA CYS C 1030 -25.03 2.53 38.81
C CYS C 1030 -24.26 2.15 40.07
N GLY C 1031 -23.32 1.23 39.95
CA GLY C 1031 -22.51 0.84 41.09
C GLY C 1031 -23.04 -0.42 41.73
N LYS C 1032 -22.14 -1.17 42.37
CA LYS C 1032 -22.50 -2.44 42.97
C LYS C 1032 -23.33 -2.19 44.22
N GLY C 1033 -24.51 -2.80 44.27
CA GLY C 1033 -25.45 -2.58 45.35
C GLY C 1033 -26.76 -2.05 44.84
N TYR C 1034 -27.56 -1.49 45.72
CA TYR C 1034 -28.84 -0.88 45.34
C TYR C 1034 -28.61 0.61 45.21
N HIS C 1035 -28.87 1.16 44.03
CA HIS C 1035 -28.59 2.55 43.73
C HIS C 1035 -29.50 3.47 44.52
N LEU C 1036 -28.91 4.48 45.15
CA LEU C 1036 -29.68 5.54 45.81
C LEU C 1036 -29.57 6.86 45.07
N MET C 1037 -28.38 7.39 44.87
CA MET C 1037 -28.20 8.59 44.07
C MET C 1037 -26.79 8.61 43.53
N SER C 1038 -26.57 9.46 42.54
CA SER C 1038 -25.30 9.49 41.84
C SER C 1038 -24.93 10.93 41.56
N PHE C 1039 -23.63 11.20 41.50
CA PHE C 1039 -23.08 12.55 41.56
C PHE C 1039 -22.05 12.71 40.45
N PRO C 1040 -22.23 13.67 39.55
CA PRO C 1040 -21.22 13.87 38.50
C PRO C 1040 -20.07 14.74 38.97
N GLN C 1041 -18.86 14.38 38.54
CA GLN C 1041 -17.69 15.23 38.72
C GLN C 1041 -16.91 15.25 37.42
N SER C 1042 -16.34 16.38 37.08
CA SER C 1042 -15.61 16.51 35.84
C SER C 1042 -14.23 15.86 35.97
N ALA C 1043 -13.58 15.69 34.83
CA ALA C 1043 -12.27 15.06 34.73
C ALA C 1043 -11.68 15.45 33.39
N PRO C 1044 -10.36 15.35 33.21
CA PRO C 1044 -9.78 15.70 31.91
C PRO C 1044 -10.21 14.69 30.85
N HIS C 1045 -10.97 15.16 29.86
CA HIS C 1045 -11.52 14.35 28.77
C HIS C 1045 -12.38 13.21 29.30
N GLY C 1046 -13.26 13.52 30.24
CA GLY C 1046 -14.07 12.47 30.80
C GLY C 1046 -14.88 12.97 31.97
N VAL C 1047 -15.84 12.16 32.36
CA VAL C 1047 -16.72 12.43 33.49
C VAL C 1047 -16.46 11.35 34.52
N VAL C 1048 -16.77 11.64 35.77
CA VAL C 1048 -16.55 10.73 36.89
C VAL C 1048 -17.81 10.71 37.74
N PHE C 1049 -18.40 9.54 37.90
CA PHE C 1049 -19.64 9.40 38.63
C PHE C 1049 -19.36 8.86 40.03
N LEU C 1050 -19.95 9.48 41.03
CA LEU C 1050 -19.86 9.01 42.40
C LEU C 1050 -21.20 8.39 42.76
N HIS C 1051 -21.26 7.06 42.80
CA HIS C 1051 -22.52 6.34 42.98
C HIS C 1051 -22.75 6.05 44.46
N VAL C 1052 -23.74 6.70 45.05
CA VAL C 1052 -24.13 6.43 46.43
C VAL C 1052 -25.09 5.24 46.41
N THR C 1053 -24.68 4.11 46.96
CA THR C 1053 -25.48 2.90 46.90
C THR C 1053 -25.90 2.46 48.30
N TYR C 1054 -26.51 1.28 48.37
CA TYR C 1054 -27.02 0.71 49.61
C TYR C 1054 -26.60 -0.75 49.66
N VAL C 1055 -25.79 -1.10 50.65
CA VAL C 1055 -25.29 -2.47 50.80
C VAL C 1055 -25.81 -3.03 52.11
N PRO C 1056 -26.60 -4.11 52.10
CA PRO C 1056 -27.07 -4.70 53.35
C PRO C 1056 -25.95 -5.46 54.06
N ALA C 1057 -25.80 -5.22 55.36
CA ALA C 1057 -24.58 -5.59 56.06
C ALA C 1057 -24.70 -6.85 56.93
N GLN C 1058 -25.56 -6.83 57.93
CA GLN C 1058 -25.52 -7.81 59.02
C GLN C 1058 -26.66 -8.81 58.84
N GLU C 1059 -26.37 -9.93 58.20
CA GLU C 1059 -27.42 -10.93 58.02
C GLU C 1059 -27.59 -11.74 59.30
N LYS C 1060 -28.65 -12.55 59.31
CA LYS C 1060 -29.05 -13.30 60.50
C LYS C 1060 -30.00 -14.40 60.05
N ASN C 1061 -29.68 -15.65 60.37
CA ASN C 1061 -30.48 -16.77 59.90
C ASN C 1061 -31.82 -16.82 60.62
N PHE C 1062 -32.88 -17.05 59.83
CA PHE C 1062 -34.25 -17.07 60.31
C PHE C 1062 -34.96 -18.29 59.77
N THR C 1063 -36.06 -18.67 60.41
CA THR C 1063 -36.89 -19.75 59.93
C THR C 1063 -38.11 -19.16 59.25
N THR C 1064 -38.32 -19.52 58.01
CA THR C 1064 -39.35 -18.91 57.20
C THR C 1064 -40.37 -19.96 56.76
N ALA C 1065 -41.48 -19.48 56.21
CA ALA C 1065 -42.54 -20.35 55.74
C ALA C 1065 -43.34 -19.57 54.72
N PRO C 1066 -43.78 -20.20 53.63
CA PRO C 1066 -44.48 -19.44 52.58
C PRO C 1066 -45.86 -18.98 52.97
N ALA C 1067 -46.45 -19.47 54.05
CA ALA C 1067 -47.81 -19.10 54.40
C ALA C 1067 -48.04 -19.32 55.87
N ILE C 1068 -49.27 -19.03 56.29
CA ILE C 1068 -49.77 -19.28 57.64
C ILE C 1068 -51.13 -19.93 57.49
N CYS C 1069 -51.32 -21.08 58.13
CA CYS C 1069 -52.64 -21.69 58.21
C CYS C 1069 -53.27 -21.26 59.53
N HIS C 1070 -54.42 -20.60 59.44
CA HIS C 1070 -55.05 -19.97 60.60
C HIS C 1070 -56.34 -20.66 61.02
N ASP C 1071 -57.32 -20.71 60.12
CA ASP C 1071 -58.59 -21.39 60.38
C ASP C 1071 -59.02 -22.14 59.14
N GLY C 1072 -58.08 -22.85 58.52
CA GLY C 1072 -58.33 -23.46 57.24
C GLY C 1072 -58.13 -22.55 56.05
N LYS C 1073 -57.68 -21.32 56.28
CA LYS C 1073 -57.37 -20.37 55.23
C LYS C 1073 -55.86 -20.20 55.14
N ALA C 1074 -55.38 -19.83 53.97
CA ALA C 1074 -53.97 -19.54 53.77
C ALA C 1074 -53.75 -18.04 53.81
N HIS C 1075 -52.70 -17.62 54.51
CA HIS C 1075 -52.32 -16.22 54.65
C HIS C 1075 -50.97 -16.02 54.00
N PHE C 1076 -50.93 -15.25 52.94
CA PHE C 1076 -49.76 -14.86 52.21
C PHE C 1076 -49.40 -13.42 52.57
N PRO C 1077 -48.13 -13.05 52.68
CA PRO C 1077 -47.81 -11.67 53.02
C PRO C 1077 -48.12 -10.72 51.87
N ARG C 1078 -48.52 -9.50 52.23
CA ARG C 1078 -48.80 -8.50 51.20
C ARG C 1078 -47.52 -8.07 50.51
N GLU C 1079 -46.57 -7.53 51.27
CA GLU C 1079 -45.24 -7.28 50.73
C GLU C 1079 -44.26 -7.53 51.86
N GLY C 1080 -43.57 -8.65 51.80
CA GLY C 1080 -42.68 -9.05 52.88
C GLY C 1080 -42.47 -10.55 52.85
N VAL C 1081 -41.92 -11.05 53.95
CA VAL C 1081 -41.66 -12.47 54.09
C VAL C 1081 -41.89 -12.85 55.54
N PHE C 1082 -42.48 -14.03 55.76
CA PHE C 1082 -42.70 -14.53 57.11
C PHE C 1082 -41.39 -14.99 57.72
N VAL C 1083 -41.08 -14.51 58.92
CA VAL C 1083 -39.94 -15.00 59.68
C VAL C 1083 -40.41 -15.38 61.06
N SER C 1084 -39.61 -16.18 61.74
CA SER C 1084 -39.87 -16.59 63.11
C SER C 1084 -38.55 -16.71 63.85
N ASN C 1085 -38.46 -16.07 65.01
CA ASN C 1085 -37.23 -16.16 65.80
C ASN C 1085 -37.05 -17.50 66.47
N GLY C 1086 -38.11 -18.32 66.53
CA GLY C 1086 -38.06 -19.61 67.16
C GLY C 1086 -39.36 -19.92 67.88
N THR C 1087 -40.05 -18.87 68.32
CA THR C 1087 -41.31 -19.02 69.05
C THR C 1087 -42.49 -18.47 68.27
N HIS C 1088 -42.45 -17.21 67.89
CA HIS C 1088 -43.61 -16.52 67.32
C HIS C 1088 -43.28 -16.06 65.91
N TRP C 1089 -44.28 -16.14 65.02
CA TRP C 1089 -44.09 -15.81 63.62
C TRP C 1089 -44.33 -14.33 63.38
N PHE C 1090 -43.44 -13.72 62.63
CA PHE C 1090 -43.43 -12.30 62.30
C PHE C 1090 -43.44 -12.14 60.80
N VAL C 1091 -43.71 -10.92 60.34
CA VAL C 1091 -43.59 -10.57 58.94
C VAL C 1091 -42.70 -9.34 58.81
N THR C 1092 -41.76 -9.37 57.88
CA THR C 1092 -40.80 -8.30 57.72
C THR C 1092 -40.50 -8.12 56.24
N GLN C 1093 -40.16 -6.88 55.88
CA GLN C 1093 -39.74 -6.59 54.52
C GLN C 1093 -38.34 -7.15 54.31
N ARG C 1094 -38.00 -7.46 53.07
CA ARG C 1094 -36.90 -8.37 52.80
C ARG C 1094 -35.52 -7.74 52.91
N ASN C 1095 -35.39 -6.42 52.90
CA ASN C 1095 -34.06 -5.80 52.89
C ASN C 1095 -33.65 -5.20 54.23
N PHE C 1096 -34.46 -5.37 55.27
CA PHE C 1096 -34.14 -4.88 56.61
C PHE C 1096 -34.99 -5.68 57.57
N TYR C 1097 -34.42 -6.04 58.71
CA TYR C 1097 -35.17 -6.86 59.66
C TYR C 1097 -35.91 -5.96 60.63
N GLU C 1098 -37.19 -5.72 60.35
CA GLU C 1098 -38.08 -5.03 61.27
C GLU C 1098 -39.33 -5.88 61.43
N PRO C 1099 -39.51 -6.54 62.55
CA PRO C 1099 -40.63 -7.48 62.69
C PRO C 1099 -41.95 -6.77 62.88
N GLN C 1100 -42.98 -7.38 62.31
CA GLN C 1100 -44.35 -6.95 62.53
C GLN C 1100 -45.14 -8.15 63.01
N ILE C 1101 -45.96 -7.96 64.03
CA ILE C 1101 -46.87 -9.00 64.47
C ILE C 1101 -47.90 -9.23 63.37
N ILE C 1102 -48.07 -10.49 62.98
CA ILE C 1102 -48.84 -10.85 61.79
C ILE C 1102 -50.31 -10.54 62.05
N THR C 1103 -50.83 -9.51 61.38
CA THR C 1103 -52.22 -9.17 61.47
C THR C 1103 -52.89 -9.41 60.13
N THR C 1104 -54.21 -9.21 60.10
CA THR C 1104 -54.98 -9.45 58.87
C THR C 1104 -54.78 -8.36 57.83
N ASP C 1105 -54.03 -7.30 58.13
CA ASP C 1105 -53.71 -6.29 57.15
C ASP C 1105 -52.23 -6.29 56.75
N ASN C 1106 -51.40 -7.09 57.41
CA ASN C 1106 -50.09 -7.41 56.86
C ASN C 1106 -50.18 -8.47 55.77
N THR C 1107 -51.22 -9.28 55.80
CA THR C 1107 -51.31 -10.48 54.98
C THR C 1107 -52.50 -10.41 54.02
N PHE C 1108 -52.78 -11.55 53.40
CA PHE C 1108 -53.58 -11.59 52.18
C PHE C 1108 -54.14 -13.00 52.05
N VAL C 1109 -55.45 -13.16 52.22
CA VAL C 1109 -56.06 -14.48 52.27
C VAL C 1109 -56.35 -14.97 50.86
N SER C 1110 -55.90 -16.20 50.56
CA SER C 1110 -56.18 -16.81 49.26
C SER C 1110 -56.11 -18.32 49.39
N GLY C 1111 -57.26 -18.99 49.31
CA GLY C 1111 -57.27 -20.44 49.18
C GLY C 1111 -57.44 -21.18 50.48
N ASN C 1112 -56.79 -22.35 50.58
CA ASN C 1112 -56.92 -23.22 51.73
C ASN C 1112 -55.57 -23.82 52.07
N CYS C 1113 -55.52 -24.59 53.16
CA CYS C 1113 -54.29 -25.05 53.77
C CYS C 1113 -53.80 -26.37 53.22
N ASP C 1114 -54.13 -26.71 51.97
CA ASP C 1114 -53.83 -28.03 51.45
C ASP C 1114 -53.10 -28.03 50.10
N VAL C 1115 -52.74 -26.87 49.56
CA VAL C 1115 -52.07 -26.78 48.29
C VAL C 1115 -50.64 -26.25 48.45
N VAL C 1116 -50.44 -25.27 49.32
CA VAL C 1116 -49.14 -24.62 49.46
C VAL C 1116 -48.18 -25.56 50.19
N ILE C 1117 -47.01 -25.78 49.61
CA ILE C 1117 -46.05 -26.74 50.13
C ILE C 1117 -45.22 -26.03 51.19
N GLY C 1118 -45.62 -26.20 52.45
CA GLY C 1118 -44.83 -25.65 53.54
C GLY C 1118 -45.60 -24.71 54.43
N ILE C 1119 -46.93 -24.70 54.30
CA ILE C 1119 -47.77 -23.84 55.11
C ILE C 1119 -47.75 -24.32 56.55
N VAL C 1120 -47.60 -23.37 57.48
CA VAL C 1120 -47.43 -23.68 58.89
C VAL C 1120 -48.60 -23.09 59.68
N ASN C 1121 -48.65 -23.43 60.95
CA ASN C 1121 -49.77 -23.10 61.83
C ASN C 1121 -49.38 -22.00 62.80
N ASN C 1122 -50.05 -20.85 62.70
CA ASN C 1122 -49.99 -19.84 63.74
C ASN C 1122 -51.27 -19.02 63.68
N THR C 1123 -51.57 -18.32 64.78
CA THR C 1123 -52.72 -17.44 64.85
C THR C 1123 -52.38 -16.10 64.21
N VAL C 1124 -53.19 -15.69 63.24
CA VAL C 1124 -53.11 -14.33 62.71
C VAL C 1124 -53.88 -13.41 63.64
N TYR C 1125 -53.23 -12.33 64.07
CA TYR C 1125 -53.89 -11.34 64.91
C TYR C 1125 -54.96 -10.62 64.13
N ASP C 1126 -56.00 -10.20 64.84
CA ASP C 1126 -57.13 -9.50 64.25
C ASP C 1126 -57.35 -8.25 65.08
N PRO C 1127 -57.17 -7.05 64.53
CA PRO C 1127 -57.30 -5.84 65.34
C PRO C 1127 -58.73 -5.51 65.74
N LEU C 1128 -59.72 -6.09 65.06
CA LEU C 1128 -61.12 -5.87 65.43
C LEU C 1128 -61.54 -6.62 66.68
N GLN C 1129 -60.76 -7.62 67.09
CA GLN C 1129 -61.09 -8.45 68.25
C GLN C 1129 -60.91 -7.76 69.61
N PRO C 1130 -59.88 -6.87 69.85
CA PRO C 1130 -59.93 -6.09 71.09
C PRO C 1130 -60.72 -4.80 70.97
N GLU C 1131 -61.54 -4.67 69.95
CA GLU C 1131 -62.34 -3.47 69.74
C GLU C 1131 -63.83 -3.68 69.90
N LEU C 1132 -64.35 -4.83 69.49
CA LEU C 1132 -65.79 -5.07 69.56
C LEU C 1132 -66.23 -5.55 70.94
N GLN D 1 32.34 12.70 -70.56
CA GLN D 1 31.96 12.09 -69.30
C GLN D 1 33.14 12.09 -68.33
N LEU D 2 32.84 12.36 -67.06
CA LEU D 2 33.84 12.29 -66.01
C LEU D 2 34.26 10.84 -65.79
N GLN D 3 35.56 10.60 -65.80
CA GLN D 3 36.11 9.26 -65.69
C GLN D 3 37.17 9.23 -64.60
N LEU D 4 37.02 8.29 -63.66
CA LEU D 4 37.95 8.13 -62.54
C LEU D 4 38.37 6.66 -62.49
N VAL D 5 39.42 6.33 -63.23
CA VAL D 5 39.92 4.96 -63.30
C VAL D 5 41.09 4.82 -62.35
N GLU D 6 41.03 3.82 -61.46
CA GLU D 6 41.99 3.65 -60.39
C GLU D 6 42.93 2.49 -60.71
N SER D 7 44.16 2.60 -60.23
CA SER D 7 45.17 1.59 -60.50
C SER D 7 46.26 1.69 -59.44
N GLY D 8 46.95 0.58 -59.22
CA GLY D 8 48.05 0.54 -58.28
C GLY D 8 47.70 -0.10 -56.96
N GLY D 9 46.99 -1.23 -56.99
CA GLY D 9 46.61 -1.94 -55.80
C GLY D 9 47.15 -3.36 -55.78
N GLY D 10 46.93 -4.03 -54.64
CA GLY D 10 47.36 -5.41 -54.47
C GLY D 10 47.54 -5.84 -53.03
N LEU D 11 48.64 -6.54 -52.76
CA LEU D 11 48.96 -7.05 -51.43
C LEU D 11 50.22 -6.37 -50.92
N VAL D 12 50.31 -6.19 -49.60
CA VAL D 12 51.47 -5.54 -48.98
C VAL D 12 51.62 -6.07 -47.55
N GLN D 13 52.86 -6.05 -47.06
CA GLN D 13 53.22 -6.47 -45.73
C GLN D 13 52.91 -5.38 -44.71
N PRO D 14 52.77 -5.73 -43.43
CA PRO D 14 52.66 -4.69 -42.39
C PRO D 14 53.97 -3.93 -42.25
N GLY D 15 53.89 -2.61 -42.43
CA GLY D 15 55.04 -1.75 -42.42
C GLY D 15 55.54 -1.33 -43.78
N GLY D 16 54.96 -1.87 -44.86
CA GLY D 16 55.42 -1.60 -46.20
C GLY D 16 54.97 -0.25 -46.73
N SER D 17 55.00 -0.13 -48.06
CA SER D 17 54.69 1.12 -48.72
C SER D 17 53.93 0.83 -50.01
N LEU D 18 53.05 1.76 -50.39
CA LEU D 18 52.25 1.64 -51.60
C LEU D 18 52.06 3.02 -52.22
N ARG D 19 51.51 3.02 -53.43
CA ARG D 19 51.13 4.26 -54.10
C ARG D 19 49.93 4.00 -55.00
N LEU D 20 48.93 4.87 -54.92
CA LEU D 20 47.71 4.74 -55.70
C LEU D 20 47.65 5.80 -56.79
N SER D 21 46.90 5.49 -57.84
CA SER D 21 46.64 6.43 -58.92
C SER D 21 45.15 6.47 -59.21
N CYS D 22 44.72 7.53 -59.90
CA CYS D 22 43.31 7.73 -60.21
C CYS D 22 43.24 8.51 -61.51
N ALA D 23 43.04 7.81 -62.63
CA ALA D 23 43.04 8.41 -63.96
C ALA D 23 41.82 9.30 -64.11
N ALA D 24 42.03 10.60 -63.99
CA ALA D 24 40.95 11.57 -63.89
C ALA D 24 40.82 12.35 -65.18
N SER D 25 39.65 12.26 -65.81
CA SER D 25 39.34 13.02 -67.01
C SER D 25 37.88 13.42 -66.98
N GLY D 26 37.48 14.23 -67.96
CA GLY D 26 36.11 14.68 -68.07
C GLY D 26 35.77 15.91 -67.25
N PHE D 27 36.74 16.54 -66.60
CA PHE D 27 36.48 17.70 -65.77
C PHE D 27 37.74 18.54 -65.67
N THR D 28 37.54 19.81 -65.33
CA THR D 28 38.65 20.70 -64.98
C THR D 28 39.13 20.33 -63.58
N PHE D 29 40.42 20.01 -63.45
CA PHE D 29 40.88 19.24 -62.30
C PHE D 29 40.96 20.08 -61.03
N ASP D 30 41.33 21.36 -61.15
CA ASP D 30 41.36 22.20 -59.97
C ASP D 30 39.99 22.78 -59.61
N SER D 31 38.99 22.62 -60.48
CA SER D 31 37.64 23.05 -60.15
C SER D 31 36.95 22.08 -59.20
N HIS D 32 37.43 20.85 -59.13
CA HIS D 32 36.84 19.81 -58.28
C HIS D 32 37.83 19.43 -57.20
N ASP D 33 37.33 19.23 -55.99
CA ASP D 33 38.17 18.95 -54.84
C ASP D 33 38.32 17.45 -54.67
N MET D 34 39.56 16.98 -54.49
CA MET D 34 39.90 15.58 -54.66
C MET D 34 40.18 14.94 -53.32
N ALA D 35 39.74 13.69 -53.16
CA ALA D 35 39.89 13.00 -51.88
C ALA D 35 39.97 11.49 -52.10
N TRP D 36 40.58 10.81 -51.13
CA TRP D 36 40.77 9.36 -51.17
C TRP D 36 39.88 8.70 -50.14
N VAL D 37 39.20 7.63 -50.56
CA VAL D 37 38.15 6.98 -49.79
C VAL D 37 38.47 5.49 -49.69
N ARG D 38 38.38 4.93 -48.49
CA ARG D 38 38.51 3.50 -48.31
C ARG D 38 37.23 2.90 -47.75
N GLN D 39 37.04 1.60 -48.03
CA GLN D 39 35.88 0.85 -47.56
C GLN D 39 36.37 -0.50 -47.06
N PRO D 40 36.45 -0.71 -45.75
CA PRO D 40 36.92 -2.01 -45.24
C PRO D 40 35.88 -3.10 -45.43
N HIS D 41 36.36 -4.34 -45.33
CA HIS D 41 35.48 -5.50 -45.37
C HIS D 41 34.73 -5.60 -44.05
N GLY D 42 33.41 -5.51 -44.11
CA GLY D 42 32.59 -5.49 -42.93
C GLY D 42 32.30 -4.10 -42.39
N LYS D 43 32.73 -3.05 -43.09
CA LYS D 43 32.51 -1.68 -42.63
C LYS D 43 31.93 -0.85 -43.76
N GLY D 44 31.83 0.47 -43.54
CA GLY D 44 31.28 1.35 -44.55
C GLY D 44 32.33 2.23 -45.21
N LEU D 45 31.97 3.47 -45.51
CA LEU D 45 32.88 4.41 -46.15
C LEU D 45 33.73 5.13 -45.12
N GLU D 46 34.86 5.66 -45.59
CA GLU D 46 35.83 6.29 -44.70
C GLU D 46 36.73 7.21 -45.52
N TYR D 47 36.91 8.43 -45.03
CA TYR D 47 37.84 9.37 -45.66
C TYR D 47 39.20 9.26 -44.99
N ILE D 48 40.24 9.15 -45.81
CA ILE D 48 41.60 9.02 -45.33
C ILE D 48 42.51 10.14 -45.82
N ALA D 49 42.11 10.91 -46.83
CA ALA D 49 42.99 11.88 -47.44
C ALA D 49 42.16 12.94 -48.14
N THR D 50 42.54 14.20 -47.95
CA THR D 50 41.76 15.33 -48.43
C THR D 50 42.70 16.44 -48.87
N ILE D 51 42.53 16.92 -50.10
CA ILE D 51 43.32 18.02 -50.62
C ILE D 51 42.39 19.00 -51.32
N THR D 52 42.74 20.28 -51.26
CA THR D 52 41.86 21.36 -51.71
C THR D 52 41.95 21.53 -53.22
N SER D 53 41.43 22.66 -53.70
CA SER D 53 41.34 22.92 -55.13
C SER D 53 42.73 23.16 -55.74
N VAL D 54 43.50 24.09 -55.16
CA VAL D 54 44.83 24.38 -55.67
C VAL D 54 45.89 23.48 -55.04
N GLY D 55 45.51 22.55 -54.18
CA GLY D 55 46.48 21.63 -53.61
C GLY D 55 47.34 22.25 -52.53
N SER D 56 46.93 23.39 -51.97
CA SER D 56 47.72 24.08 -50.97
C SER D 56 47.48 23.57 -49.56
N ASN D 57 46.60 22.60 -49.36
CA ASN D 57 46.31 22.07 -48.04
C ASN D 57 46.13 20.56 -48.12
N THR D 58 46.94 19.83 -47.36
CA THR D 58 46.92 18.38 -47.31
C THR D 58 46.45 17.94 -45.94
N TYR D 59 45.32 17.21 -45.91
CA TYR D 59 44.63 16.88 -44.68
C TYR D 59 44.52 15.37 -44.54
N TYR D 60 44.65 14.88 -43.30
CA TYR D 60 44.77 13.45 -43.05
C TYR D 60 43.89 13.02 -41.89
N SER D 61 43.27 11.86 -42.03
CA SER D 61 42.54 11.24 -40.93
C SER D 61 43.51 10.83 -39.84
N ASP D 62 43.04 10.86 -38.59
CA ASP D 62 43.93 10.71 -37.44
C ASP D 62 44.55 9.31 -37.36
N SER D 63 43.86 8.30 -37.87
CA SER D 63 44.43 6.96 -37.92
C SER D 63 45.47 6.81 -39.02
N VAL D 64 45.55 7.74 -39.97
CA VAL D 64 46.52 7.67 -41.05
C VAL D 64 47.33 8.96 -41.13
N LYS D 65 47.23 9.80 -40.10
CA LYS D 65 47.94 11.07 -40.11
C LYS D 65 49.40 10.86 -39.74
N GLY D 66 50.29 11.51 -40.49
CA GLY D 66 51.72 11.37 -40.28
C GLY D 66 52.35 10.18 -40.96
N ARG D 67 51.58 9.40 -41.72
CA ARG D 67 52.10 8.24 -42.41
C ARG D 67 51.81 8.25 -43.89
N PHE D 68 50.66 8.74 -44.32
CA PHE D 68 50.35 8.77 -45.74
C PHE D 68 50.81 10.09 -46.35
N THR D 69 50.72 10.17 -47.68
CA THR D 69 51.18 11.35 -48.40
C THR D 69 50.28 11.55 -49.61
N ILE D 70 49.43 12.56 -49.55
CA ILE D 70 48.58 12.92 -50.68
C ILE D 70 49.31 13.96 -51.52
N SER D 71 49.10 13.88 -52.83
CA SER D 71 49.66 14.86 -53.76
C SER D 71 48.69 14.99 -54.93
N ARG D 72 49.15 15.59 -56.02
CA ARG D 72 48.33 15.82 -57.19
C ARG D 72 49.24 16.01 -58.40
N ASP D 73 48.63 16.06 -59.58
CA ASP D 73 49.34 16.27 -60.83
C ASP D 73 48.71 17.47 -61.53
N ASN D 74 49.50 18.52 -61.72
CA ASN D 74 49.01 19.76 -62.32
C ASN D 74 49.35 19.87 -63.80
N ALA D 75 49.74 18.79 -64.45
CA ALA D 75 49.99 18.76 -65.88
C ALA D 75 49.18 17.70 -66.60
N LYS D 76 49.01 16.53 -65.99
CA LYS D 76 48.22 15.46 -66.59
C LYS D 76 46.92 15.19 -65.85
N ASN D 77 46.69 15.87 -64.71
CA ASN D 77 45.43 15.90 -63.99
C ASN D 77 45.02 14.51 -63.50
N THR D 78 45.85 13.94 -62.64
CA THR D 78 45.67 12.58 -62.14
C THR D 78 45.99 12.58 -60.65
N LEU D 79 45.15 11.92 -59.86
CA LEU D 79 45.23 11.99 -58.40
C LEU D 79 46.08 10.85 -57.85
N TYR D 80 47.01 11.19 -56.94
CA TYR D 80 47.97 10.24 -56.40
C TYR D 80 47.96 10.26 -54.89
N LEU D 81 48.54 9.21 -54.31
CA LEU D 81 48.59 9.05 -52.85
C LEU D 81 49.71 8.08 -52.52
N GLN D 82 50.72 8.56 -51.80
CA GLN D 82 51.84 7.74 -51.39
C GLN D 82 51.57 7.24 -49.97
N MET D 83 51.22 5.96 -49.85
CA MET D 83 50.89 5.37 -48.57
C MET D 83 52.13 4.70 -47.99
N ASN D 84 52.54 5.15 -46.81
CA ASN D 84 53.74 4.65 -46.17
C ASN D 84 53.45 4.31 -44.72
N SER D 85 54.34 3.50 -44.14
CA SER D 85 54.24 2.98 -42.77
C SER D 85 52.91 2.27 -42.55
N LEU D 86 52.71 1.20 -43.32
CA LEU D 86 51.40 0.58 -43.40
C LEU D 86 51.11 -0.29 -42.19
N LYS D 87 49.83 -0.53 -41.97
CA LYS D 87 49.30 -1.22 -40.80
C LYS D 87 48.34 -2.31 -41.26
N PRO D 88 48.22 -3.41 -40.49
CA PRO D 88 47.41 -4.55 -40.95
C PRO D 88 45.92 -4.28 -41.03
N GLU D 89 45.40 -3.30 -40.29
CA GLU D 89 43.97 -3.03 -40.29
C GLU D 89 43.53 -2.15 -41.45
N ASP D 90 44.43 -1.77 -42.35
CA ASP D 90 44.12 -0.92 -43.48
C ASP D 90 43.58 -1.69 -44.69
N THR D 91 43.08 -2.91 -44.47
CA THR D 91 42.57 -3.75 -45.55
C THR D 91 41.23 -3.21 -46.03
N ALA D 92 41.21 -2.62 -47.22
CA ALA D 92 40.03 -1.92 -47.70
C ALA D 92 40.12 -1.73 -49.21
N MET D 93 38.95 -1.56 -49.82
CA MET D 93 38.86 -1.12 -51.21
C MET D 93 39.08 0.38 -51.25
N TYR D 94 40.22 0.82 -51.77
CA TYR D 94 40.58 2.23 -51.79
C TYR D 94 40.02 2.88 -53.04
N TYR D 95 39.01 3.73 -52.86
CA TYR D 95 38.31 4.40 -53.95
C TYR D 95 38.99 5.72 -54.31
N CYS D 96 38.27 6.53 -55.08
CA CYS D 96 38.75 7.85 -55.50
C CYS D 96 37.53 8.73 -55.70
N ALA D 97 37.42 9.79 -54.91
CA ALA D 97 36.25 10.65 -54.93
C ALA D 97 36.64 12.08 -55.30
N ALA D 98 35.67 12.81 -55.82
CA ALA D 98 35.87 14.18 -56.30
C ALA D 98 34.64 15.00 -55.97
N ASP D 99 34.83 16.08 -55.22
CA ASP D 99 33.71 16.93 -54.83
C ASP D 99 33.26 17.77 -56.03
N LEU D 100 31.98 18.14 -56.02
CA LEU D 100 31.44 19.01 -57.06
C LEU D 100 31.87 20.45 -56.86
N SER D 101 32.07 20.86 -55.60
CA SER D 101 32.46 22.22 -55.19
C SER D 101 31.47 23.27 -55.69
N THR D 102 30.20 23.01 -55.38
CA THR D 102 29.16 23.92 -55.75
C THR D 102 28.61 24.74 -54.58
N ALA D 103 29.07 25.97 -54.53
CA ALA D 103 28.59 27.01 -53.62
C ALA D 103 28.87 26.71 -52.14
N ASP D 104 29.82 25.80 -51.86
CA ASP D 104 30.46 25.55 -50.58
C ASP D 104 29.54 24.92 -49.54
N TRP D 105 28.25 24.75 -49.80
CA TRP D 105 27.38 24.04 -48.88
C TRP D 105 26.96 22.67 -49.37
N ARG D 106 26.91 22.45 -50.68
CA ARG D 106 26.63 21.14 -51.23
C ARG D 106 27.94 20.37 -51.38
N ALA D 107 27.88 19.07 -51.15
CA ALA D 107 29.03 18.18 -51.35
C ALA D 107 28.57 16.96 -52.13
N ASN D 108 28.95 16.90 -53.40
CA ASN D 108 28.67 15.73 -54.24
C ASN D 108 30.00 15.04 -54.54
N TRP D 109 30.29 13.98 -53.80
CA TRP D 109 31.53 13.26 -53.97
C TRP D 109 31.36 12.26 -55.11
N ALA D 110 31.96 12.57 -56.25
CA ALA D 110 31.92 11.69 -57.41
C ALA D 110 32.80 10.47 -57.16
N LYS D 111 32.19 9.40 -56.65
CA LYS D 111 32.93 8.22 -56.26
C LYS D 111 33.35 7.42 -57.48
N GLY D 112 34.61 6.99 -57.50
CA GLY D 112 35.11 6.23 -58.62
C GLY D 112 34.77 4.75 -58.57
N GLN D 113 35.75 3.90 -58.86
CA GLN D 113 35.57 2.46 -58.90
C GLN D 113 36.40 1.71 -57.88
N GLY D 114 37.56 2.24 -57.48
CA GLY D 114 38.37 1.65 -56.45
C GLY D 114 39.21 0.47 -56.87
N THR D 115 40.39 0.35 -56.29
CA THR D 115 41.27 -0.78 -56.51
C THR D 115 41.43 -1.55 -55.20
N GLN D 116 41.33 -2.88 -55.29
CA GLN D 116 41.30 -3.73 -54.11
C GLN D 116 42.69 -3.84 -53.51
N VAL D 117 42.82 -3.45 -52.24
CA VAL D 117 44.08 -3.57 -51.51
C VAL D 117 43.81 -4.37 -50.25
N THR D 118 44.61 -5.42 -50.05
CA THR D 118 44.56 -6.24 -48.85
C THR D 118 45.89 -6.13 -48.15
N VAL D 119 45.87 -5.89 -46.84
CA VAL D 119 47.11 -5.85 -46.06
C VAL D 119 47.13 -7.07 -45.15
N SER D 120 47.78 -8.14 -45.60
CA SER D 120 47.87 -9.37 -44.82
C SER D 120 49.28 -9.94 -44.95
N SER D 121 49.58 -10.89 -44.06
CA SER D 121 50.87 -11.54 -44.05
C SER D 121 50.78 -12.94 -43.44
N GLN E 1 51.56 -52.73 -44.35
CA GLN E 1 51.96 -52.04 -43.13
C GLN E 1 52.23 -50.56 -43.40
N LEU E 2 51.62 -49.70 -42.59
CA LEU E 2 51.81 -48.26 -42.70
C LEU E 2 53.17 -47.93 -42.08
N GLN E 3 54.21 -47.95 -42.90
CA GLN E 3 55.56 -47.57 -42.50
C GLN E 3 55.89 -46.22 -43.11
N LEU E 4 56.25 -45.26 -42.26
CA LEU E 4 56.66 -43.93 -42.69
C LEU E 4 58.04 -43.66 -42.10
N VAL E 5 59.07 -44.13 -42.79
CA VAL E 5 60.45 -43.93 -42.35
C VAL E 5 61.00 -42.70 -43.05
N GLU E 6 61.55 -41.78 -42.26
CA GLU E 6 62.05 -40.51 -42.77
C GLU E 6 63.55 -40.43 -42.55
N SER E 7 64.28 -39.96 -43.56
CA SER E 7 65.72 -39.81 -43.47
C SER E 7 66.13 -38.65 -44.38
N GLY E 8 67.44 -38.44 -44.50
CA GLY E 8 67.97 -37.34 -45.27
C GLY E 8 68.50 -36.18 -44.44
N GLY E 9 68.57 -36.33 -43.12
CA GLY E 9 69.01 -35.24 -42.27
C GLY E 9 70.50 -35.01 -42.33
N GLY E 10 70.91 -33.87 -41.78
CA GLY E 10 72.31 -33.50 -41.75
C GLY E 10 72.48 -32.04 -41.46
N LEU E 11 73.72 -31.67 -41.19
CA LEU E 11 74.06 -30.28 -40.89
C LEU E 11 73.99 -29.44 -42.15
N VAL E 12 73.41 -28.25 -42.03
CA VAL E 12 73.28 -27.33 -43.15
C VAL E 12 73.59 -25.91 -42.66
N GLN E 13 74.11 -25.09 -43.57
CA GLN E 13 74.34 -23.68 -43.30
C GLN E 13 73.03 -22.90 -43.38
N PRO E 14 72.96 -21.72 -42.75
CA PRO E 14 71.79 -20.86 -42.95
C PRO E 14 71.64 -20.40 -44.39
N GLY E 15 70.52 -20.76 -44.99
CA GLY E 15 70.29 -20.49 -46.40
C GLY E 15 70.73 -21.61 -47.32
N GLY E 16 70.76 -22.85 -46.83
CA GLY E 16 71.31 -23.96 -47.58
C GLY E 16 70.29 -24.71 -48.39
N SER E 17 70.62 -25.98 -48.68
CA SER E 17 69.78 -26.82 -49.51
C SER E 17 69.95 -28.27 -49.06
N LEU E 18 68.83 -28.94 -48.79
CA LEU E 18 68.83 -30.30 -48.29
C LEU E 18 67.85 -31.14 -49.11
N ARG E 19 67.74 -32.42 -48.75
CA ARG E 19 66.82 -33.32 -49.43
C ARG E 19 66.41 -34.41 -48.45
N LEU E 20 65.13 -34.44 -48.09
CA LEU E 20 64.59 -35.46 -47.21
C LEU E 20 64.26 -36.73 -48.00
N SER E 21 63.75 -37.74 -47.30
CA SER E 21 63.35 -38.99 -47.96
C SER E 21 62.29 -39.66 -47.10
N CYS E 22 61.02 -39.56 -47.52
CA CYS E 22 59.91 -40.23 -46.85
C CYS E 22 59.66 -41.57 -47.53
N ALA E 23 60.03 -42.65 -46.86
CA ALA E 23 59.65 -43.99 -47.31
C ALA E 23 58.17 -44.16 -47.00
N ALA E 24 57.33 -44.06 -48.03
CA ALA E 24 55.88 -44.11 -47.90
C ALA E 24 55.41 -45.43 -48.49
N SER E 25 55.27 -46.43 -47.61
CA SER E 25 54.90 -47.78 -48.02
C SER E 25 53.56 -48.15 -47.38
N GLY E 26 53.07 -49.34 -47.75
CA GLY E 26 51.76 -49.79 -47.34
C GLY E 26 50.63 -49.39 -48.27
N PHE E 27 50.86 -48.40 -49.14
CA PHE E 27 49.88 -47.93 -50.09
C PHE E 27 50.59 -47.24 -51.24
N THR E 28 49.93 -47.21 -52.38
CA THR E 28 50.44 -46.50 -53.54
C THR E 28 50.35 -44.99 -53.27
N PHE E 29 51.22 -44.22 -53.95
CA PHE E 29 51.36 -42.80 -53.68
C PHE E 29 50.08 -42.02 -53.97
N ASP E 30 49.35 -42.41 -55.02
CA ASP E 30 48.13 -41.72 -55.39
C ASP E 30 46.91 -42.19 -54.62
N SER E 31 47.00 -43.32 -53.93
CA SER E 31 45.87 -43.80 -53.14
C SER E 31 45.69 -42.96 -51.88
N HIS E 32 46.79 -42.56 -51.25
CA HIS E 32 46.75 -41.68 -50.08
C HIS E 32 47.78 -40.58 -50.29
N ASP E 33 47.31 -39.33 -50.36
CA ASP E 33 48.17 -38.21 -50.67
C ASP E 33 48.99 -37.81 -49.44
N MET E 34 50.21 -37.33 -49.69
CA MET E 34 51.20 -37.15 -48.65
C MET E 34 51.35 -35.68 -48.29
N ALA E 35 51.96 -35.44 -47.13
CA ALA E 35 52.28 -34.09 -46.67
C ALA E 35 53.47 -34.17 -45.73
N TRP E 36 54.23 -33.08 -45.67
CA TRP E 36 55.42 -33.00 -44.85
C TRP E 36 55.11 -32.22 -43.58
N VAL E 37 55.49 -32.79 -42.43
CA VAL E 37 55.20 -32.22 -41.11
C VAL E 37 56.53 -32.07 -40.38
N ARG E 38 56.73 -30.92 -39.74
CA ARG E 38 57.89 -30.71 -38.88
C ARG E 38 57.43 -30.40 -37.47
N GLN E 39 58.38 -30.47 -36.53
CA GLN E 39 58.10 -30.22 -35.11
C GLN E 39 59.36 -29.73 -34.43
N PRO E 40 59.53 -28.40 -34.27
CA PRO E 40 60.66 -27.88 -33.50
C PRO E 40 60.50 -28.07 -32.00
N HIS E 41 61.45 -27.54 -31.22
CA HIS E 41 61.40 -27.61 -29.76
C HIS E 41 60.31 -26.66 -29.26
N GLY E 42 59.15 -27.21 -28.96
CA GLY E 42 58.06 -26.43 -28.40
C GLY E 42 57.05 -25.90 -29.40
N LYS E 43 57.03 -26.45 -30.62
CA LYS E 43 56.07 -26.04 -31.63
C LYS E 43 55.31 -27.26 -32.13
N GLY E 44 54.19 -26.99 -32.81
CA GLY E 44 53.28 -28.04 -33.23
C GLY E 44 53.57 -28.62 -34.59
N LEU E 45 52.51 -28.90 -35.35
CA LEU E 45 52.62 -29.55 -36.64
C LEU E 45 52.43 -28.51 -37.74
N GLU E 46 53.33 -28.50 -38.72
CA GLU E 46 53.33 -27.50 -39.77
C GLU E 46 53.32 -28.20 -41.12
N TYR E 47 52.28 -27.96 -41.91
CA TYR E 47 52.20 -28.46 -43.28
C TYR E 47 53.03 -27.56 -44.18
N ILE E 48 54.09 -28.13 -44.76
CA ILE E 48 55.03 -27.34 -45.55
C ILE E 48 55.09 -27.76 -47.01
N ALA E 49 54.69 -28.98 -47.37
CA ALA E 49 54.65 -29.41 -48.77
C ALA E 49 53.61 -30.50 -48.90
N THR E 50 52.49 -30.17 -49.55
CA THR E 50 51.38 -31.09 -49.71
C THR E 50 51.04 -31.22 -51.20
N ILE E 51 51.01 -32.44 -51.70
CA ILE E 51 50.70 -32.71 -53.10
C ILE E 51 49.54 -33.69 -53.15
N THR E 52 48.77 -33.62 -54.24
CA THR E 52 47.61 -34.47 -54.46
C THR E 52 48.01 -35.74 -55.21
N SER E 53 47.02 -36.46 -55.72
CA SER E 53 47.24 -37.68 -56.47
C SER E 53 47.48 -37.46 -57.95
N VAL E 54 46.87 -36.43 -58.54
CA VAL E 54 46.88 -36.29 -59.99
C VAL E 54 48.17 -35.67 -60.51
N GLY E 55 48.92 -34.96 -59.69
CA GLY E 55 50.15 -34.32 -60.12
C GLY E 55 49.98 -32.93 -60.68
N SER E 56 48.79 -32.57 -61.16
CA SER E 56 48.52 -31.24 -61.67
C SER E 56 47.93 -30.31 -60.61
N ASN E 57 48.07 -30.65 -59.34
CA ASN E 57 47.62 -29.80 -58.23
C ASN E 57 48.75 -29.75 -57.21
N THR E 58 49.50 -28.65 -57.22
CA THR E 58 50.62 -28.43 -56.30
C THR E 58 50.43 -27.09 -55.60
N TYR E 59 50.49 -27.11 -54.27
CA TYR E 59 50.40 -25.89 -53.48
C TYR E 59 51.19 -26.09 -52.18
N TYR E 60 51.74 -24.99 -51.66
CA TYR E 60 52.65 -25.03 -50.53
C TYR E 60 52.18 -24.03 -49.48
N SER E 61 52.95 -23.90 -48.40
CA SER E 61 52.56 -23.03 -47.29
C SER E 61 52.97 -21.59 -47.60
N ASP E 62 52.95 -20.73 -46.58
CA ASP E 62 53.11 -19.30 -46.79
C ASP E 62 54.58 -18.91 -46.94
N SER E 63 55.40 -19.23 -45.95
CA SER E 63 56.79 -18.79 -45.97
C SER E 63 57.66 -19.58 -46.94
N VAL E 64 57.28 -20.83 -47.24
CA VAL E 64 58.05 -21.65 -48.16
C VAL E 64 57.65 -21.41 -49.61
N LYS E 65 56.69 -20.53 -49.85
CA LYS E 65 56.14 -20.28 -51.19
C LYS E 65 57.20 -19.57 -52.01
N GLY E 66 57.91 -20.34 -52.83
CA GLY E 66 59.11 -19.90 -53.51
C GLY E 66 60.37 -20.53 -53.01
N ARG E 67 60.31 -21.29 -51.91
CA ARG E 67 61.49 -21.97 -51.36
C ARG E 67 61.38 -23.48 -51.43
N PHE E 68 60.32 -24.07 -50.86
CA PHE E 68 60.16 -25.51 -50.91
C PHE E 68 59.39 -25.93 -52.16
N THR E 69 59.72 -27.12 -52.65
CA THR E 69 59.03 -27.71 -53.80
C THR E 69 59.08 -29.21 -53.65
N ILE E 70 57.92 -29.86 -53.73
CA ILE E 70 57.84 -31.30 -53.57
C ILE E 70 57.95 -31.96 -54.94
N SER E 71 58.66 -33.08 -54.99
CA SER E 71 58.78 -33.91 -56.18
C SER E 71 58.27 -35.30 -55.83
N ARG E 72 57.23 -35.73 -56.54
CA ARG E 72 56.54 -36.96 -56.19
C ARG E 72 57.23 -38.18 -56.81
N ASP E 73 56.81 -39.37 -56.36
CA ASP E 73 57.47 -40.62 -56.71
C ASP E 73 56.40 -41.71 -56.71
N ASN E 74 55.84 -41.98 -57.89
CA ASN E 74 54.77 -42.96 -58.03
C ASN E 74 55.28 -44.37 -58.30
N ALA E 75 56.58 -44.55 -58.49
CA ALA E 75 57.15 -45.86 -58.80
C ALA E 75 57.84 -46.48 -57.59
N LYS E 76 58.80 -45.77 -57.00
CA LYS E 76 59.50 -46.26 -55.82
C LYS E 76 58.70 -46.07 -54.54
N ASN E 77 57.69 -45.20 -54.57
CA ASN E 77 56.90 -44.79 -53.40
C ASN E 77 57.79 -44.26 -52.27
N THR E 78 58.83 -43.52 -52.65
CA THR E 78 59.79 -42.94 -51.72
C THR E 78 59.81 -41.44 -51.97
N LEU E 79 59.09 -40.69 -51.14
CA LEU E 79 58.92 -39.26 -51.36
C LEU E 79 60.14 -38.49 -50.87
N TYR E 80 60.86 -37.85 -51.80
CA TYR E 80 61.92 -36.93 -51.46
C TYR E 80 61.32 -35.54 -51.24
N LEU E 81 62.17 -34.56 -50.95
CA LEU E 81 61.71 -33.18 -50.83
C LEU E 81 62.88 -32.27 -51.23
N GLN E 82 62.90 -31.85 -52.50
CA GLN E 82 63.98 -31.04 -53.04
C GLN E 82 63.82 -29.60 -52.52
N MET E 83 64.73 -29.19 -51.64
CA MET E 83 64.61 -27.93 -50.93
C MET E 83 65.82 -27.05 -51.23
N ASN E 84 65.56 -25.74 -51.37
CA ASN E 84 66.60 -24.75 -51.64
C ASN E 84 66.32 -23.49 -50.82
N SER E 85 67.41 -22.81 -50.44
CA SER E 85 67.40 -21.51 -49.75
C SER E 85 66.64 -21.59 -48.42
N LEU E 86 67.22 -22.35 -47.50
CA LEU E 86 66.60 -22.64 -46.22
C LEU E 86 66.60 -21.41 -45.30
N LYS E 87 66.08 -21.60 -44.09
CA LYS E 87 66.01 -20.59 -43.04
C LYS E 87 66.48 -21.20 -41.73
N PRO E 88 67.10 -20.40 -40.85
CA PRO E 88 67.75 -20.98 -39.65
C PRO E 88 66.80 -21.52 -38.58
N GLU E 89 65.49 -21.34 -38.70
CA GLU E 89 64.56 -21.87 -37.71
C GLU E 89 64.12 -23.30 -38.02
N ASP E 90 64.74 -23.95 -39.00
CA ASP E 90 64.29 -25.24 -39.50
C ASP E 90 64.78 -26.42 -38.67
N THR E 91 65.28 -26.20 -37.46
CA THR E 91 65.70 -27.31 -36.60
C THR E 91 64.46 -27.95 -36.01
N ALA E 92 64.08 -29.11 -36.57
CA ALA E 92 62.80 -29.72 -36.21
C ALA E 92 62.88 -31.23 -36.46
N MET E 93 61.81 -31.92 -36.04
CA MET E 93 61.63 -33.35 -36.27
C MET E 93 60.67 -33.48 -37.46
N TYR E 94 61.19 -33.98 -38.59
CA TYR E 94 60.46 -33.92 -39.86
C TYR E 94 59.67 -35.21 -40.08
N TYR E 95 58.35 -35.14 -39.87
CA TYR E 95 57.43 -36.24 -40.06
C TYR E 95 56.98 -36.30 -41.52
N CYS E 96 55.94 -37.09 -41.80
CA CYS E 96 55.46 -37.27 -43.17
C CYS E 96 54.01 -37.71 -43.10
N ALA E 97 53.08 -36.82 -43.43
CA ALA E 97 51.67 -37.05 -43.21
C ALA E 97 51.04 -37.81 -44.37
N ALA E 98 49.86 -38.37 -44.12
CA ALA E 98 49.12 -39.13 -45.12
C ALA E 98 47.65 -39.15 -44.72
N ASP E 99 46.77 -38.93 -45.70
CA ASP E 99 45.34 -38.89 -45.45
C ASP E 99 44.74 -40.30 -45.44
N LEU E 100 43.41 -40.38 -45.42
CA LEU E 100 42.72 -41.66 -45.46
C LEU E 100 41.67 -41.67 -46.58
N SER E 101 41.08 -40.50 -46.84
CA SER E 101 39.90 -40.31 -47.70
C SER E 101 38.76 -41.24 -47.27
N THR E 102 38.27 -41.00 -46.05
CA THR E 102 37.16 -41.77 -45.49
C THR E 102 35.87 -41.24 -46.10
N ALA E 103 35.45 -41.88 -47.19
CA ALA E 103 34.22 -41.57 -47.94
C ALA E 103 34.18 -40.14 -48.47
N ASP E 104 35.37 -39.60 -48.80
CA ASP E 104 35.55 -38.33 -49.52
C ASP E 104 34.97 -37.12 -48.78
N TRP E 105 34.96 -37.15 -47.45
CA TRP E 105 34.52 -35.99 -46.68
C TRP E 105 35.44 -35.63 -45.53
N ARG E 106 36.44 -36.45 -45.21
CA ARG E 106 37.43 -36.09 -44.20
C ARG E 106 38.74 -36.77 -44.56
N ALA E 107 39.83 -36.24 -43.99
CA ALA E 107 41.18 -36.74 -44.25
C ALA E 107 41.91 -36.87 -42.92
N ASN E 108 42.00 -38.08 -42.40
CA ASN E 108 42.74 -38.36 -41.17
C ASN E 108 44.23 -38.36 -41.48
N TRP E 109 44.94 -37.35 -40.98
CA TRP E 109 46.35 -37.17 -41.30
C TRP E 109 47.20 -38.13 -40.48
N ALA E 110 47.67 -39.19 -41.12
CA ALA E 110 48.51 -40.20 -40.46
C ALA E 110 49.90 -39.62 -40.26
N LYS E 111 50.22 -39.25 -39.02
CA LYS E 111 51.51 -38.64 -38.71
C LYS E 111 52.63 -39.68 -38.80
N GLY E 112 53.76 -39.27 -39.35
CA GLY E 112 54.88 -40.16 -39.58
C GLY E 112 55.68 -40.45 -38.34
N GLN E 113 56.95 -40.80 -38.55
CA GLN E 113 57.85 -41.16 -37.46
C GLN E 113 58.86 -40.07 -37.12
N GLY E 114 59.32 -39.30 -38.11
CA GLY E 114 60.11 -38.12 -37.82
C GLY E 114 61.61 -38.28 -37.91
N THR E 115 62.22 -37.62 -38.88
CA THR E 115 63.67 -37.48 -38.94
C THR E 115 64.07 -36.12 -38.39
N GLN E 116 65.27 -36.04 -37.83
CA GLN E 116 65.74 -34.85 -37.14
C GLN E 116 66.82 -34.17 -37.96
N VAL E 117 66.69 -32.86 -38.16
CA VAL E 117 67.66 -32.05 -38.87
C VAL E 117 68.09 -30.92 -37.95
N THR E 118 69.41 -30.79 -37.74
CA THR E 118 69.96 -29.75 -36.88
C THR E 118 70.46 -28.61 -37.77
N VAL E 119 69.68 -27.53 -37.84
CA VAL E 119 70.01 -26.36 -38.63
C VAL E 119 70.58 -25.32 -37.68
N SER E 120 71.88 -25.06 -37.76
CA SER E 120 72.55 -24.14 -36.85
C SER E 120 73.66 -23.41 -37.61
N SER E 121 74.30 -22.48 -36.92
CA SER E 121 75.41 -21.72 -37.49
C SER E 121 76.61 -21.72 -36.55
#